data_2BP7
#
_entry.id   2BP7
#
_cell.length_a   156.866
_cell.length_b   156.866
_cell.length_c   619.605
_cell.angle_alpha   90.00
_cell.angle_beta   90.00
_cell.angle_gamma   120.00
#
_symmetry.space_group_name_H-M   'P 61 2 2'
#
loop_
_entity.id
_entity.type
_entity.pdbx_description
1 polymer '2-OXOISOVALERATE DEHYDROGENASE ALPHA SUBUNIT'
2 polymer '2-OXOISOVALERATE DEHYDROGENASE BETA SUBUNIT'
3 water water
#
loop_
_entity_poly.entity_id
_entity_poly.type
_entity_poly.pdbx_seq_one_letter_code
_entity_poly.pdbx_strand_id
1 'polypeptide(L)'
;MNEYAPLRLHVPEPTGRPGCQTDFSYLRLNDAGQARKPPVDVDAADTADLSYSLVRVLDEQGDAQGPWAEDIDPQILRQG
MRAMLKTRIFDSRMVVAQRQKKMSFYMQSLGEEAIGSGQALALNRTDMCFPTYRQQSILMARDVSLVEMICQLLSNERDP
LKGRQLPIMYSVREAGFFTISGNLATQFVQAVGWAMASAIKGDTKIASAWIGDGATAESDFHTALTFAHVYRAPVILNVV
NNQWAISTFQAIAGGESTTFAGRGVGCGIASLRVDGNDFVAVYAASRWAAERARRGLGPSLIEWVTYRAGPHSTSDDPSK
YRPADDWSHFPLGDPIARLKQHLIKIGHWSEEEHQATTAEFEAAVIAAQKEAEQYGTLANGHIPSAASMFEDVYKEMPDH
LRRQRQELGV
;
A,C,E,G
2 'polypeptide(L)'
;MATTTMTMIQALRSAMDVMLERDDNVVVYGQDVGYFGGVFRCTEGLQTKYGKSRVFDAPISESGIVGTAVGMGAYGLRPV
VEIQFADYFYPASDQIVSEMARLRYRSAGEFIAPLTLRMPCGGGIYGGQTHSQSPEAMFTQVCGLRTVMPSNPYDAKGLL
IASIECDDPVIFLEPKRLYNGPFDGHHDRPVTPWSKHPHSAVPDGYYTVPLDKAAITRPGNDVSVLTYGTTVYVAQVAAE
ESGVDAEVIDLRSLWPLDLDTIVESVKKTGRCVVVHEATRTCGFGAELVSLVQEHCFHHLEAPIERVTGWDTPYPHAQEW
AYFPGPSRVGAALKKVMEV
;
B,D,F,H
#
# COMPACT_ATOMS: atom_id res chain seq x y z
N ASN A 2 10.44 11.78 4.53
CA ASN A 2 10.06 12.24 3.15
C ASN A 2 10.28 11.18 2.10
N GLU A 3 11.54 11.00 1.71
CA GLU A 3 11.89 10.08 0.66
C GLU A 3 11.22 8.75 0.96
N TYR A 4 11.51 8.19 2.13
CA TYR A 4 11.03 6.86 2.45
C TYR A 4 9.77 6.83 3.28
N ALA A 5 8.86 5.93 2.91
CA ALA A 5 7.65 5.68 3.67
C ALA A 5 8.01 5.03 5.00
N PRO A 6 7.20 5.29 6.02
CA PRO A 6 7.35 4.59 7.30
C PRO A 6 7.36 3.08 7.08
N LEU A 7 8.31 2.40 7.71
CA LEU A 7 8.36 0.93 7.64
C LEU A 7 7.15 0.38 8.38
N ARG A 8 6.58 -0.74 7.91
CA ARG A 8 5.51 -1.39 8.67
C ARG A 8 5.80 -2.84 9.06
N LEU A 9 5.54 -3.18 10.32
CA LEU A 9 5.69 -4.55 10.79
C LEU A 9 4.66 -5.45 10.12
N HIS A 10 5.13 -6.55 9.54
CA HIS A 10 4.25 -7.50 8.90
C HIS A 10 3.88 -8.61 9.87
N VAL A 11 2.60 -8.89 10.00
CA VAL A 11 2.15 -10.00 10.85
C VAL A 11 1.20 -10.87 10.05
N PRO A 12 1.60 -12.10 9.78
CA PRO A 12 0.77 -13.03 9.00
C PRO A 12 -0.53 -13.40 9.71
N GLU A 13 -1.59 -13.55 8.92
CA GLU A 13 -2.90 -13.95 9.43
C GLU A 13 -3.45 -15.08 8.55
N PRO A 14 -4.07 -16.10 9.16
CA PRO A 14 -4.76 -17.12 8.38
C PRO A 14 -5.96 -16.51 7.68
N THR A 15 -6.23 -16.93 6.44
CA THR A 15 -7.35 -16.35 5.70
C THR A 15 -8.71 -16.62 6.37
N GLY A 16 -8.83 -17.74 7.08
CA GLY A 16 -10.08 -18.11 7.74
C GLY A 16 -10.07 -17.99 9.26
N ARG A 17 -11.04 -17.24 9.79
CA ARG A 17 -11.24 -17.11 11.22
C ARG A 17 -12.65 -17.59 11.57
N PRO A 18 -13.00 -17.69 12.86
CA PRO A 18 -14.34 -18.10 13.24
C PRO A 18 -15.36 -17.23 12.52
N GLY A 19 -16.26 -17.86 11.76
CA GLY A 19 -17.28 -17.14 11.01
C GLY A 19 -16.90 -16.79 9.57
N CYS A 20 -15.76 -17.31 9.11
CA CYS A 20 -15.36 -17.18 7.72
C CYS A 20 -15.15 -18.55 7.10
N GLN A 21 -14.51 -18.53 5.94
CA GLN A 21 -14.10 -19.74 5.27
C GLN A 21 -12.63 -19.55 4.93
N THR A 22 -11.84 -20.59 5.16
CA THR A 22 -10.43 -20.55 4.81
C THR A 22 -10.25 -20.68 3.29
N ASP A 23 -9.33 -19.86 2.75
CA ASP A 23 -8.92 -19.94 1.36
C ASP A 23 -7.66 -20.79 1.27
N PHE A 24 -7.85 -22.07 0.99
CA PHE A 24 -6.75 -23.04 0.98
C PHE A 24 -5.87 -22.93 -0.25
N SER A 25 -5.91 -21.78 -0.92
CA SER A 25 -5.11 -21.54 -2.12
C SER A 25 -3.63 -21.61 -1.83
N TYR A 26 -3.25 -21.15 -0.65
CA TYR A 26 -1.84 -21.09 -0.23
C TYR A 26 -1.13 -22.44 -0.26
N LEU A 27 -1.87 -23.54 -0.11
CA LEU A 27 -1.29 -24.87 -0.21
C LEU A 27 -0.80 -25.02 -1.63
N ARG A 28 0.52 -25.12 -1.84
CA ARG A 28 1.01 -25.29 -3.21
C ARG A 28 0.69 -26.72 -3.67
N LEU A 29 -0.52 -26.93 -4.20
CA LEU A 29 -0.99 -28.28 -4.49
C LEU A 29 -0.72 -28.74 -5.92
N ASN A 30 -0.50 -30.04 -6.09
CA ASN A 30 -0.34 -30.66 -7.40
C ASN A 30 -1.34 -31.79 -7.62
N ASP A 31 -1.59 -32.10 -8.88
CA ASP A 31 -2.48 -33.20 -9.22
C ASP A 31 -1.75 -34.51 -9.05
N ALA A 32 -2.50 -35.55 -8.71
CA ALA A 32 -1.91 -36.87 -8.53
C ALA A 32 -1.11 -37.28 -9.75
N GLY A 33 0.09 -37.81 -9.53
CA GLY A 33 0.92 -38.32 -10.61
C GLY A 33 1.79 -37.29 -11.31
N GLN A 34 1.56 -36.01 -11.03
CA GLN A 34 2.31 -34.94 -11.68
C GLN A 34 3.77 -34.91 -11.22
N ALA A 35 3.99 -35.09 -9.93
CA ALA A 35 5.35 -35.06 -9.37
C ALA A 35 6.11 -36.33 -9.72
N ARG A 36 7.32 -36.17 -10.23
CA ARG A 36 8.17 -37.29 -10.65
C ARG A 36 8.82 -37.98 -9.45
N LYS A 37 9.23 -39.24 -9.65
CA LYS A 37 9.90 -40.02 -8.63
C LYS A 37 11.37 -40.11 -8.97
N PRO A 38 12.20 -39.39 -8.22
CA PRO A 38 13.64 -39.36 -8.48
C PRO A 38 14.30 -40.65 -8.05
N PRO A 39 15.50 -40.92 -8.57
CA PRO A 39 16.28 -42.06 -8.11
C PRO A 39 16.68 -41.82 -6.66
N VAL A 40 16.87 -42.90 -5.90
CA VAL A 40 17.22 -42.79 -4.49
C VAL A 40 18.57 -42.08 -4.30
N ASP A 41 19.39 -42.03 -5.34
CA ASP A 41 20.69 -41.38 -5.24
C ASP A 41 20.70 -39.94 -5.78
N VAL A 42 19.52 -39.36 -5.96
CA VAL A 42 19.38 -37.99 -6.46
C VAL A 42 20.21 -36.99 -5.62
N ASP A 43 20.83 -36.03 -6.28
CA ASP A 43 21.50 -34.95 -5.55
C ASP A 43 20.47 -34.03 -4.91
N ALA A 44 20.75 -33.60 -3.69
CA ALA A 44 19.87 -32.70 -2.95
C ALA A 44 19.47 -31.48 -3.76
N ALA A 45 20.42 -30.95 -4.53
CA ALA A 45 20.15 -29.77 -5.34
C ALA A 45 19.11 -30.04 -6.42
N ASP A 46 19.10 -31.24 -6.97
CA ASP A 46 18.11 -31.59 -8.00
C ASP A 46 16.73 -31.82 -7.42
N THR A 47 16.59 -31.64 -6.11
CA THR A 47 15.33 -31.93 -5.47
C THR A 47 14.54 -30.64 -5.22
N ALA A 48 15.08 -29.53 -5.74
CA ALA A 48 14.54 -28.20 -5.44
C ALA A 48 13.10 -28.01 -5.89
N ASP A 49 12.78 -28.48 -7.10
CA ASP A 49 11.44 -28.37 -7.65
C ASP A 49 10.44 -29.19 -6.85
N LEU A 50 10.84 -30.41 -6.49
CA LEU A 50 9.97 -31.31 -5.75
C LEU A 50 9.67 -30.77 -4.36
N SER A 51 10.58 -29.98 -3.81
CA SER A 51 10.35 -29.35 -2.52
C SER A 51 9.28 -28.27 -2.61
N TYR A 52 8.98 -27.81 -3.82
CA TYR A 52 7.94 -26.80 -4.03
C TYR A 52 6.72 -27.31 -4.79
N SER A 53 6.61 -28.62 -4.93
CA SER A 53 5.40 -29.22 -5.49
C SER A 53 4.74 -30.18 -4.50
N LEU A 54 4.07 -31.20 -5.02
CA LEU A 54 3.38 -32.16 -4.18
C LEU A 54 3.38 -33.56 -4.78
N VAL A 55 3.95 -34.51 -4.05
CA VAL A 55 3.91 -35.91 -4.44
C VAL A 55 2.56 -36.46 -4.01
N ARG A 56 1.80 -36.95 -4.99
CA ARG A 56 0.45 -37.45 -4.74
C ARG A 56 0.12 -38.61 -5.68
N VAL A 57 -0.50 -39.65 -5.14
CA VAL A 57 -0.79 -40.83 -5.94
C VAL A 57 -2.29 -40.94 -6.26
N LEU A 58 -3.12 -40.83 -5.24
CA LEU A 58 -4.55 -41.07 -5.38
C LEU A 58 -5.30 -39.82 -5.86
N ASP A 59 -6.04 -39.98 -6.95
CA ASP A 59 -6.79 -38.86 -7.53
C ASP A 59 -8.17 -38.71 -6.89
N GLU A 60 -8.94 -37.75 -7.39
CA GLU A 60 -10.28 -37.47 -6.86
C GLU A 60 -11.22 -38.66 -7.03
N GLN A 61 -10.86 -39.58 -7.92
CA GLN A 61 -11.66 -40.79 -8.11
C GLN A 61 -11.13 -41.98 -7.33
N GLY A 62 -9.99 -41.79 -6.67
CA GLY A 62 -9.35 -42.87 -5.92
C GLY A 62 -8.52 -43.83 -6.77
N ASP A 63 -8.17 -43.41 -7.98
CA ASP A 63 -7.25 -44.18 -8.83
C ASP A 63 -5.82 -43.76 -8.55
N ALA A 64 -4.92 -44.74 -8.53
CA ALA A 64 -3.50 -44.49 -8.33
C ALA A 64 -2.87 -44.01 -9.63
N GLN A 65 -2.23 -42.84 -9.59
CA GLN A 65 -1.62 -42.24 -10.77
C GLN A 65 -0.13 -42.01 -10.57
N GLY A 66 0.62 -42.10 -11.66
CA GLY A 66 2.01 -41.65 -11.67
C GLY A 66 3.07 -42.59 -11.15
N PRO A 67 4.32 -42.13 -11.18
CA PRO A 67 5.48 -42.96 -10.88
C PRO A 67 5.57 -43.44 -9.44
N TRP A 68 4.92 -42.74 -8.51
CA TRP A 68 4.92 -43.20 -7.12
C TRP A 68 3.96 -44.36 -6.91
N ALA A 69 3.20 -44.70 -7.96
CA ALA A 69 2.20 -45.76 -7.85
C ALA A 69 2.73 -47.16 -8.15
N GLU A 70 4.03 -47.30 -8.29
CA GLU A 70 4.59 -48.62 -8.57
C GLU A 70 5.01 -49.40 -7.33
N ASP A 71 5.00 -50.72 -7.49
CA ASP A 71 5.32 -51.67 -6.43
C ASP A 71 4.56 -51.36 -5.13
N ILE A 72 3.24 -51.49 -5.17
CA ILE A 72 2.43 -51.22 -3.97
C ILE A 72 1.63 -52.47 -3.62
N ASP A 73 2.01 -53.14 -2.55
CA ASP A 73 1.37 -54.37 -2.14
C ASP A 73 0.02 -54.07 -1.47
N PRO A 74 -1.07 -54.57 -2.04
CA PRO A 74 -2.39 -54.39 -1.47
C PRO A 74 -2.44 -54.76 0.01
N GLN A 75 -1.67 -55.80 0.39
CA GLN A 75 -1.60 -56.23 1.78
C GLN A 75 -1.06 -55.15 2.71
N ILE A 76 -0.06 -54.41 2.25
CA ILE A 76 0.51 -53.31 3.04
C ILE A 76 -0.53 -52.21 3.24
N LEU A 77 -1.30 -51.94 2.18
CA LEU A 77 -2.38 -50.97 2.25
C LEU A 77 -3.46 -51.39 3.23
N ARG A 78 -3.77 -52.68 3.24
CA ARG A 78 -4.78 -53.19 4.16
C ARG A 78 -4.29 -53.06 5.60
N GLN A 79 -3.00 -53.34 5.81
CA GLN A 79 -2.39 -53.10 7.10
C GLN A 79 -2.41 -51.61 7.43
N GLY A 80 -2.28 -50.78 6.41
CA GLY A 80 -2.38 -49.33 6.54
C GLY A 80 -3.75 -48.88 7.00
N MET A 81 -4.80 -49.35 6.32
CA MET A 81 -6.18 -49.03 6.70
C MET A 81 -6.46 -49.51 8.12
N ARG A 82 -6.07 -50.76 8.40
CA ARG A 82 -6.17 -51.31 9.75
C ARG A 82 -5.50 -50.39 10.77
N ALA A 83 -4.29 -49.93 10.46
CA ALA A 83 -3.54 -49.04 11.35
C ALA A 83 -4.21 -47.68 11.54
N MET A 84 -4.72 -47.13 10.45
CA MET A 84 -5.39 -45.82 10.50
C MET A 84 -6.69 -45.90 11.30
N LEU A 85 -7.49 -46.93 11.02
CA LEU A 85 -8.75 -47.14 11.73
C LEU A 85 -8.51 -47.29 13.22
N LYS A 86 -7.57 -48.16 13.58
CA LYS A 86 -7.20 -48.37 14.97
C LYS A 86 -6.86 -47.05 15.65
N THR A 87 -6.04 -46.24 14.98
CA THR A 87 -5.57 -44.98 15.54
C THR A 87 -6.73 -44.04 15.83
N ARG A 88 -7.60 -43.87 14.85
CA ARG A 88 -8.73 -42.96 14.99
C ARG A 88 -9.71 -43.39 16.07
N ILE A 89 -10.05 -44.68 16.07
CA ILE A 89 -10.96 -45.24 17.08
C ILE A 89 -10.35 -45.15 18.48
N PHE A 90 -9.05 -45.45 18.60
CA PHE A 90 -8.35 -45.29 19.87
C PHE A 90 -8.47 -43.85 20.35
N ASP A 91 -8.20 -42.91 19.45
CA ASP A 91 -8.24 -41.49 19.78
C ASP A 91 -9.59 -41.07 20.30
N SER A 92 -10.65 -41.36 19.55
CA SER A 92 -12.02 -41.00 19.92
C SER A 92 -12.38 -41.53 21.30
N ARG A 93 -12.06 -42.80 21.53
CA ARG A 93 -12.32 -43.46 22.80
C ARG A 93 -11.56 -42.81 23.95
N MET A 94 -10.33 -42.42 23.68
CA MET A 94 -9.50 -41.78 24.69
C MET A 94 -9.97 -40.36 24.99
N VAL A 95 -10.65 -39.74 24.02
CA VAL A 95 -11.24 -38.42 24.23
C VAL A 95 -12.47 -38.53 25.15
N VAL A 96 -13.25 -39.60 24.96
CA VAL A 96 -14.37 -39.89 25.84
C VAL A 96 -13.87 -40.09 27.27
N ALA A 97 -12.94 -41.02 27.44
CA ALA A 97 -12.36 -41.32 28.75
C ALA A 97 -11.82 -40.07 29.43
N GLN A 98 -11.31 -39.13 28.62
CA GLN A 98 -10.81 -37.87 29.14
C GLN A 98 -11.93 -37.03 29.76
N ARG A 99 -13.07 -36.98 29.08
CA ARG A 99 -14.23 -36.21 29.54
C ARG A 99 -14.86 -36.83 30.75
N GLN A 100 -14.82 -38.16 30.81
CA GLN A 100 -15.37 -38.88 31.94
C GLN A 100 -14.38 -38.86 33.10
N LYS A 101 -13.37 -38.00 32.98
CA LYS A 101 -12.35 -37.79 34.01
C LYS A 101 -11.60 -39.07 34.39
N LYS A 102 -11.61 -40.07 33.51
CA LYS A 102 -10.84 -41.29 33.71
C LYS A 102 -9.37 -41.03 33.38
N MET A 103 -9.14 -40.04 32.51
CA MET A 103 -7.79 -39.66 32.11
C MET A 103 -7.64 -38.15 32.27
N SER A 104 -6.41 -37.68 32.44
CA SER A 104 -6.18 -36.27 32.74
C SER A 104 -6.07 -35.35 31.52
N PHE A 105 -5.78 -35.92 30.35
CA PHE A 105 -5.37 -35.13 29.21
C PHE A 105 -5.16 -36.04 28.01
N TYR A 106 -5.54 -35.57 26.83
CA TYR A 106 -5.27 -36.34 25.62
C TYR A 106 -5.10 -35.48 24.39
N MET A 107 -4.41 -36.02 23.39
CA MET A 107 -4.23 -35.32 22.12
C MET A 107 -4.55 -36.26 20.98
N GLN A 108 -5.55 -35.90 20.19
CA GLN A 108 -5.91 -36.66 19.00
C GLN A 108 -4.92 -36.42 17.87
N SER A 109 -4.96 -37.32 16.90
CA SER A 109 -4.22 -37.14 15.66
C SER A 109 -5.21 -37.22 14.50
N LEU A 110 -6.46 -36.85 14.77
CA LEU A 110 -7.54 -36.91 13.79
C LEU A 110 -7.11 -36.26 12.49
N GLY A 111 -7.17 -37.03 11.42
CA GLY A 111 -6.78 -36.55 10.10
C GLY A 111 -5.34 -36.77 9.71
N GLU A 112 -4.51 -37.20 10.67
CA GLU A 112 -3.07 -37.39 10.40
C GLU A 112 -2.66 -38.85 10.48
N GLU A 113 -3.63 -39.75 10.61
CA GLU A 113 -3.38 -41.16 10.83
C GLU A 113 -2.53 -41.83 9.74
N ALA A 114 -2.55 -41.29 8.54
CA ALA A 114 -1.82 -41.91 7.42
C ALA A 114 -0.32 -41.78 7.54
N ILE A 115 0.16 -40.60 7.93
CA ILE A 115 1.59 -40.29 7.96
C ILE A 115 2.39 -41.27 8.82
N GLY A 116 2.17 -41.23 10.13
CA GLY A 116 2.88 -42.12 11.05
C GLY A 116 2.80 -43.59 10.65
N SER A 117 1.58 -44.06 10.45
CA SER A 117 1.34 -45.46 10.09
C SER A 117 2.00 -45.84 8.77
N GLY A 118 2.01 -44.90 7.83
CA GLY A 118 2.61 -45.12 6.51
C GLY A 118 4.11 -45.30 6.56
N GLN A 119 4.80 -44.40 7.25
CA GLN A 119 6.25 -44.52 7.39
C GLN A 119 6.62 -45.74 8.22
N ALA A 120 5.87 -45.98 9.29
CA ALA A 120 6.07 -47.15 10.15
C ALA A 120 6.13 -48.45 9.36
N LEU A 121 5.20 -48.62 8.41
CA LEU A 121 5.14 -49.84 7.63
C LEU A 121 6.20 -49.92 6.52
N ALA A 122 6.87 -48.80 6.27
CA ALA A 122 7.97 -48.76 5.29
C ALA A 122 9.33 -49.03 5.94
N LEU A 123 9.42 -48.84 7.25
CA LEU A 123 10.65 -49.07 7.98
C LEU A 123 10.65 -50.47 8.58
N ASN A 124 11.73 -50.80 9.28
CA ASN A 124 11.79 -52.04 10.04
C ASN A 124 11.50 -51.70 11.49
N ARG A 125 11.08 -52.68 12.27
CA ARG A 125 10.81 -52.48 13.68
C ARG A 125 12.05 -51.93 14.40
N THR A 126 13.23 -52.31 13.91
CA THR A 126 14.50 -51.92 14.53
C THR A 126 14.95 -50.50 14.16
N ASP A 127 14.37 -49.92 13.12
CA ASP A 127 14.59 -48.51 12.81
C ASP A 127 13.88 -47.68 13.86
N MET A 128 14.65 -47.00 14.71
CA MET A 128 14.05 -46.22 15.80
C MET A 128 13.45 -44.91 15.28
N CYS A 129 12.18 -44.69 15.62
CA CYS A 129 11.53 -43.42 15.35
C CYS A 129 11.69 -42.48 16.53
N PHE A 130 11.77 -41.18 16.25
CA PHE A 130 11.78 -40.15 17.28
C PHE A 130 10.53 -39.31 17.09
N PRO A 131 9.43 -39.74 17.70
CA PRO A 131 8.14 -39.12 17.46
C PRO A 131 7.88 -37.91 18.37
N THR A 132 6.89 -37.10 17.98
CA THR A 132 6.32 -36.12 18.87
C THR A 132 5.15 -36.78 19.59
N TYR A 133 4.33 -35.99 20.25
CA TYR A 133 3.16 -36.51 20.95
C TYR A 133 2.01 -36.89 20.00
N ARG A 134 2.20 -36.63 18.70
CA ARG A 134 1.16 -36.88 17.70
C ARG A 134 1.50 -37.97 16.67
N GLN A 135 2.33 -38.94 17.03
CA GLN A 135 2.58 -40.04 16.09
C GLN A 135 2.17 -41.41 16.63
N GLN A 136 1.11 -41.41 17.43
CA GLN A 136 0.57 -42.64 18.01
C GLN A 136 0.23 -43.67 16.95
N SER A 137 -0.04 -43.20 15.73
CA SER A 137 -0.31 -44.09 14.60
C SER A 137 0.85 -45.05 14.34
N ILE A 138 2.07 -44.67 14.72
CA ILE A 138 3.23 -45.57 14.64
C ILE A 138 3.06 -46.75 15.60
N LEU A 139 2.67 -46.47 16.84
CA LEU A 139 2.45 -47.53 17.82
C LEU A 139 1.37 -48.50 17.35
N MET A 140 0.34 -47.96 16.71
CA MET A 140 -0.75 -48.75 16.13
C MET A 140 -0.33 -49.55 14.91
N ALA A 141 0.56 -48.99 14.09
CA ALA A 141 1.08 -49.73 12.95
C ALA A 141 2.03 -50.83 13.40
N ARG A 142 2.61 -50.66 14.58
CA ARG A 142 3.58 -51.63 15.11
C ARG A 142 2.97 -52.55 16.16
N ASP A 143 1.65 -52.47 16.30
CA ASP A 143 0.86 -53.39 17.13
C ASP A 143 1.32 -53.44 18.60
N VAL A 144 1.50 -52.26 19.19
CA VAL A 144 1.87 -52.14 20.60
C VAL A 144 0.64 -52.46 21.46
N SER A 145 0.86 -53.01 22.65
CA SER A 145 -0.23 -53.31 23.58
C SER A 145 -1.02 -52.04 23.91
N LEU A 146 -2.33 -52.08 23.66
CA LEU A 146 -3.21 -50.97 24.00
C LEU A 146 -3.38 -50.89 25.51
N VAL A 147 -3.43 -52.06 26.13
CA VAL A 147 -3.57 -52.15 27.59
C VAL A 147 -2.45 -51.34 28.24
N GLU A 148 -1.23 -51.59 27.78
CA GLU A 148 -0.07 -50.89 28.30
C GLU A 148 -0.07 -49.41 27.92
N MET A 149 -0.61 -49.08 26.74
CA MET A 149 -0.74 -47.67 26.36
C MET A 149 -1.75 -46.91 27.24
N ILE A 150 -2.94 -47.49 27.42
CA ILE A 150 -3.98 -46.86 28.24
C ILE A 150 -3.54 -46.74 29.69
N CYS A 151 -2.78 -47.73 30.15
CA CYS A 151 -2.21 -47.69 31.49
C CYS A 151 -1.37 -46.43 31.72
N GLN A 152 -0.46 -46.14 30.79
CA GLN A 152 0.35 -44.93 30.89
C GLN A 152 -0.56 -43.70 30.88
N LEU A 153 -1.54 -43.74 29.98
CA LEU A 153 -2.56 -42.70 29.91
C LEU A 153 -3.27 -42.50 31.24
N LEU A 154 -3.40 -43.57 32.01
CA LEU A 154 -4.08 -43.49 33.30
C LEU A 154 -3.13 -43.21 34.45
N SER A 155 -1.83 -43.42 34.24
CA SER A 155 -0.84 -43.39 35.31
C SER A 155 -1.18 -44.40 36.40
N ASN A 156 -1.37 -45.64 35.97
CA ASN A 156 -1.79 -46.76 36.80
C ASN A 156 -0.72 -47.31 37.69
N GLU A 157 -1.12 -48.25 38.55
CA GLU A 157 -0.17 -49.19 39.15
C GLU A 157 0.49 -50.04 38.05
N ARG A 158 -0.09 -50.02 36.85
CA ARG A 158 0.38 -50.81 35.72
C ARG A 158 1.10 -49.96 34.67
N ASP A 159 1.17 -48.65 34.90
CA ASP A 159 1.87 -47.72 34.01
C ASP A 159 3.34 -48.14 33.85
N PRO A 160 3.78 -48.35 32.62
CA PRO A 160 5.18 -48.68 32.35
C PRO A 160 6.17 -47.60 32.80
N LEU A 161 5.71 -46.36 32.88
CA LEU A 161 6.55 -45.26 33.31
C LEU A 161 6.30 -44.88 34.76
N LYS A 162 5.58 -45.77 35.46
CA LYS A 162 5.36 -45.66 36.91
C LYS A 162 4.84 -44.28 37.32
N GLY A 163 3.95 -43.72 36.48
CA GLY A 163 3.30 -42.45 36.78
C GLY A 163 4.19 -41.23 36.68
N ARG A 164 5.42 -41.41 36.21
CA ARG A 164 6.38 -40.32 36.14
C ARG A 164 6.09 -39.31 35.03
N GLN A 165 5.18 -39.67 34.13
CA GLN A 165 5.03 -38.91 32.90
C GLN A 165 3.58 -38.55 32.58
N LEU A 166 3.39 -37.32 32.11
CA LEU A 166 2.10 -36.83 31.64
C LEU A 166 1.55 -37.78 30.58
N PRO A 167 0.24 -38.04 30.59
CA PRO A 167 -0.38 -38.95 29.62
C PRO A 167 0.03 -38.61 28.18
N ILE A 168 0.17 -39.66 27.36
CA ILE A 168 0.58 -39.60 25.93
C ILE A 168 2.08 -39.47 25.67
N MET A 169 2.84 -39.03 26.66
CA MET A 169 4.29 -38.97 26.53
C MET A 169 4.88 -40.39 26.60
N TYR A 170 4.49 -41.24 25.66
CA TYR A 170 4.82 -42.67 25.68
C TYR A 170 6.31 -42.92 25.55
N SER A 171 6.72 -44.15 25.87
CA SER A 171 8.10 -44.61 25.65
C SER A 171 8.09 -46.10 25.37
N VAL A 172 8.40 -46.49 24.13
CA VAL A 172 8.37 -47.91 23.76
C VAL A 172 9.60 -48.31 22.96
N ARG A 173 10.68 -48.59 23.67
CA ARG A 173 11.93 -48.95 23.01
C ARG A 173 11.77 -50.20 22.15
N GLU A 174 11.02 -51.17 22.66
CA GLU A 174 10.85 -52.46 21.98
C GLU A 174 10.10 -52.31 20.65
N ALA A 175 9.36 -51.21 20.49
CA ALA A 175 8.66 -50.94 19.23
C ALA A 175 9.34 -49.85 18.39
N GLY A 176 10.56 -49.47 18.78
CA GLY A 176 11.29 -48.42 18.08
C GLY A 176 10.61 -47.07 18.21
N PHE A 177 10.19 -46.76 19.42
CA PHE A 177 9.44 -45.55 19.72
C PHE A 177 10.09 -44.87 20.92
N PHE A 178 10.84 -43.82 20.62
CA PHE A 178 11.70 -43.17 21.61
C PHE A 178 10.91 -42.34 22.59
N THR A 179 11.33 -42.37 23.85
CA THR A 179 10.66 -41.63 24.92
C THR A 179 10.27 -40.22 24.48
N ILE A 180 8.98 -39.91 24.59
CA ILE A 180 8.49 -38.60 24.22
C ILE A 180 8.78 -37.57 25.31
N SER A 181 9.24 -36.39 24.89
CA SER A 181 9.49 -35.29 25.81
C SER A 181 8.53 -34.14 25.53
N GLY A 182 8.22 -33.40 26.60
CA GLY A 182 7.36 -32.22 26.49
C GLY A 182 8.00 -31.10 25.72
N ASN A 183 9.33 -30.99 25.81
CA ASN A 183 10.07 -29.95 25.13
C ASN A 183 10.14 -30.20 23.63
N LEU A 184 9.63 -29.24 22.85
CA LEU A 184 9.48 -29.41 21.41
C LEU A 184 10.82 -29.48 20.67
N ALA A 185 10.82 -30.20 19.55
CA ALA A 185 11.96 -30.26 18.63
C ALA A 185 13.20 -31.04 19.09
N THR A 186 13.43 -31.12 20.40
CA THR A 186 14.61 -31.78 20.97
C THR A 186 14.93 -33.13 20.30
N GLN A 187 13.87 -33.90 20.05
CA GLN A 187 13.98 -35.23 19.44
C GLN A 187 14.53 -35.20 18.02
N PHE A 188 14.30 -34.10 17.31
CA PHE A 188 14.74 -33.98 15.92
C PHE A 188 16.27 -34.05 15.83
N VAL A 189 16.96 -33.41 16.76
CA VAL A 189 18.42 -33.52 16.83
C VAL A 189 18.83 -34.93 17.28
N GLN A 190 18.22 -35.37 18.38
CA GLN A 190 18.52 -36.66 18.97
C GLN A 190 18.43 -37.79 17.96
N ALA A 191 17.47 -37.66 17.04
CA ALA A 191 17.32 -38.61 15.95
C ALA A 191 18.59 -38.67 15.11
N VAL A 192 19.06 -37.50 14.67
CA VAL A 192 20.26 -37.43 13.83
C VAL A 192 21.44 -38.15 14.49
N GLY A 193 21.65 -37.90 15.77
CA GLY A 193 22.71 -38.55 16.54
C GLY A 193 22.58 -40.06 16.58
N TRP A 194 21.36 -40.55 16.83
CA TRP A 194 21.08 -41.98 16.80
C TRP A 194 21.53 -42.58 15.47
N ALA A 195 21.24 -41.86 14.39
CA ALA A 195 21.68 -42.25 13.06
C ALA A 195 23.20 -42.20 12.92
N MET A 196 23.81 -41.14 13.45
CA MET A 196 25.27 -41.00 13.44
C MET A 196 25.89 -42.20 14.18
N ALA A 197 25.27 -42.58 15.29
CA ALA A 197 25.72 -43.73 16.08
C ALA A 197 25.67 -44.99 15.24
N SER A 198 24.50 -45.24 14.64
CA SER A 198 24.33 -46.35 13.73
C SER A 198 25.40 -46.35 12.64
N ALA A 199 25.76 -45.16 12.15
CA ALA A 199 26.80 -45.03 11.14
C ALA A 199 28.21 -45.32 11.70
N ILE A 200 28.45 -44.91 12.94
CA ILE A 200 29.75 -45.06 13.56
C ILE A 200 30.08 -46.55 13.79
N LYS A 201 29.06 -47.31 14.17
CA LYS A 201 29.20 -48.73 14.42
C LYS A 201 29.03 -49.58 13.17
N GLY A 202 28.85 -48.93 12.01
CA GLY A 202 28.69 -49.66 10.75
C GLY A 202 27.48 -50.57 10.73
N ASP A 203 26.41 -50.13 11.39
CA ASP A 203 25.13 -50.82 11.44
C ASP A 203 24.38 -50.63 10.11
N THR A 204 23.15 -51.14 10.05
CA THR A 204 22.26 -50.84 8.93
C THR A 204 20.91 -50.32 9.40
N LYS A 205 20.84 -49.90 10.66
CA LYS A 205 19.61 -49.32 11.20
C LYS A 205 19.55 -47.83 10.88
N ILE A 206 18.35 -47.32 10.59
CA ILE A 206 18.19 -45.89 10.32
C ILE A 206 17.25 -45.25 11.33
N ALA A 207 17.28 -43.92 11.39
CA ALA A 207 16.47 -43.17 12.35
C ALA A 207 15.38 -42.37 11.65
N SER A 208 14.19 -42.34 12.26
CA SER A 208 13.04 -41.63 11.73
C SER A 208 12.67 -40.47 12.63
N ALA A 209 12.88 -39.25 12.15
CA ALA A 209 12.64 -38.05 12.95
C ALA A 209 11.25 -37.45 12.69
N TRP A 210 10.66 -36.85 13.73
CA TRP A 210 9.33 -36.23 13.59
C TRP A 210 9.28 -34.86 14.25
N ILE A 211 8.62 -33.92 13.56
CA ILE A 211 8.44 -32.56 14.05
C ILE A 211 7.25 -31.95 13.34
N GLY A 212 6.55 -31.04 14.03
CA GLY A 212 5.43 -30.33 13.42
C GLY A 212 5.85 -29.02 12.79
N ASP A 213 4.92 -28.41 12.05
CA ASP A 213 5.12 -27.14 11.37
C ASP A 213 5.58 -26.04 12.34
N GLY A 214 4.80 -25.85 13.40
CA GLY A 214 5.11 -24.84 14.40
C GLY A 214 6.48 -25.08 14.99
N ALA A 215 6.79 -26.33 15.27
CA ALA A 215 8.02 -26.67 15.95
C ALA A 215 9.28 -26.46 15.10
N THR A 216 9.12 -26.33 13.79
CA THR A 216 10.27 -26.09 12.90
C THR A 216 11.00 -24.80 13.24
N ALA A 217 10.30 -23.86 13.86
CA ALA A 217 10.88 -22.59 14.29
C ALA A 217 11.86 -22.76 15.44
N GLU A 218 11.67 -23.83 16.22
CA GLU A 218 12.57 -24.13 17.34
C GLU A 218 13.98 -24.42 16.84
N SER A 219 14.98 -24.05 17.64
CA SER A 219 16.37 -24.04 17.19
C SER A 219 16.93 -25.42 16.85
N ASP A 220 16.43 -26.44 17.52
CA ASP A 220 16.88 -27.81 17.27
C ASP A 220 16.51 -28.34 15.87
N PHE A 221 15.55 -27.69 15.21
CA PHE A 221 15.20 -28.06 13.84
C PHE A 221 16.36 -27.82 12.89
N HIS A 222 16.96 -26.64 13.02
CA HIS A 222 18.08 -26.23 12.20
C HIS A 222 19.31 -27.05 12.55
N THR A 223 19.53 -27.23 13.84
CA THR A 223 20.59 -28.07 14.34
C THR A 223 20.57 -29.44 13.67
N ALA A 224 19.40 -30.08 13.74
CA ALA A 224 19.19 -31.38 13.10
C ALA A 224 19.59 -31.40 11.62
N LEU A 225 19.05 -30.47 10.83
CA LEU A 225 19.37 -30.41 9.39
C LEU A 225 20.86 -30.28 9.15
N THR A 226 21.49 -29.37 9.89
CA THR A 226 22.91 -29.11 9.73
C THR A 226 23.74 -30.37 10.01
N PHE A 227 23.52 -30.99 11.18
CA PHE A 227 24.25 -32.20 11.53
C PHE A 227 23.98 -33.36 10.59
N ALA A 228 22.72 -33.53 10.23
CA ALA A 228 22.32 -34.56 9.29
C ALA A 228 23.02 -34.36 7.95
N HIS A 229 23.15 -33.10 7.53
CA HIS A 229 23.83 -32.81 6.27
C HIS A 229 25.35 -32.92 6.37
N VAL A 230 25.94 -32.36 7.41
CA VAL A 230 27.39 -32.40 7.60
C VAL A 230 27.90 -33.85 7.60
N TYR A 231 27.20 -34.73 8.29
CA TYR A 231 27.69 -36.09 8.50
C TYR A 231 27.02 -37.15 7.63
N ARG A 232 26.14 -36.73 6.73
CA ARG A 232 25.45 -37.68 5.84
C ARG A 232 24.80 -38.78 6.71
N ALA A 233 24.05 -38.34 7.71
CA ALA A 233 23.48 -39.26 8.69
C ALA A 233 22.24 -39.98 8.16
N PRO A 234 22.14 -41.27 8.40
CA PRO A 234 20.97 -42.05 7.96
C PRO A 234 19.69 -41.71 8.75
N VAL A 235 19.12 -40.54 8.49
CA VAL A 235 17.88 -40.11 9.12
C VAL A 235 16.82 -39.83 8.06
N ILE A 236 15.56 -40.09 8.37
CA ILE A 236 14.46 -39.51 7.62
C ILE A 236 13.93 -38.36 8.48
N LEU A 237 14.11 -37.14 8.00
CA LEU A 237 13.63 -35.95 8.72
C LEU A 237 12.20 -35.62 8.28
N ASN A 238 11.24 -35.83 9.17
CA ASN A 238 9.84 -35.63 8.85
C ASN A 238 9.28 -34.36 9.46
N VAL A 239 8.75 -33.49 8.61
CA VAL A 239 8.02 -32.32 9.06
C VAL A 239 6.55 -32.55 8.77
N VAL A 240 5.74 -32.64 9.83
CA VAL A 240 4.30 -32.79 9.65
C VAL A 240 3.63 -31.42 9.64
N ASN A 241 3.30 -30.95 8.44
CA ASN A 241 2.65 -29.66 8.27
C ASN A 241 1.13 -29.82 8.35
N ASN A 242 0.59 -29.65 9.55
CA ASN A 242 -0.85 -29.77 9.74
C ASN A 242 -1.56 -28.41 9.69
N GLN A 243 -0.85 -27.41 9.18
CA GLN A 243 -1.32 -26.02 9.06
C GLN A 243 -1.45 -25.29 10.40
N TRP A 244 -1.34 -26.00 11.51
CA TRP A 244 -1.54 -25.34 12.80
C TRP A 244 -0.55 -25.73 13.90
N ALA A 245 -0.32 -24.75 14.77
CA ALA A 245 0.47 -24.94 15.99
C ALA A 245 -0.36 -24.35 17.13
N ILE A 246 -1.18 -25.20 17.76
CA ILE A 246 -2.24 -24.74 18.68
C ILE A 246 -3.18 -23.77 17.95
N SER A 247 -2.99 -22.47 18.18
CA SER A 247 -3.85 -21.45 17.57
C SER A 247 -3.18 -20.77 16.40
N THR A 248 -1.88 -21.01 16.25
CA THR A 248 -1.09 -20.29 15.26
C THR A 248 -1.09 -20.99 13.90
N PHE A 249 -1.43 -20.22 12.88
CA PHE A 249 -1.43 -20.70 11.50
C PHE A 249 0.02 -20.85 11.04
N GLN A 250 0.26 -21.84 10.18
CA GLN A 250 1.62 -22.18 9.74
C GLN A 250 2.39 -21.01 9.12
N ALA A 251 1.67 -19.97 8.72
CA ALA A 251 2.32 -18.78 8.19
C ALA A 251 3.17 -18.04 9.22
N ILE A 252 2.81 -18.10 10.49
CA ILE A 252 3.60 -17.41 11.51
C ILE A 252 4.85 -18.23 11.86
N ALA A 253 4.85 -19.50 11.46
CA ALA A 253 6.03 -20.34 11.65
C ALA A 253 7.06 -20.15 10.54
N GLY A 254 6.72 -19.38 9.52
CA GLY A 254 7.62 -19.13 8.42
C GLY A 254 7.23 -19.82 7.14
N GLY A 255 5.95 -20.16 7.02
CA GLY A 255 5.44 -20.90 5.86
C GLY A 255 4.85 -20.07 4.74
N GLU A 256 4.77 -18.75 4.96
CA GLU A 256 4.21 -17.83 3.98
C GLU A 256 5.13 -17.73 2.77
N SER A 257 4.59 -18.10 1.60
CA SER A 257 5.35 -18.08 0.33
C SER A 257 6.51 -19.09 0.28
N THR A 258 6.57 -19.98 1.27
CA THR A 258 7.64 -20.97 1.37
C THR A 258 7.07 -22.34 1.71
N THR A 259 7.89 -23.38 1.56
CA THR A 259 7.55 -24.72 2.02
C THR A 259 8.57 -25.11 3.07
N PHE A 260 8.24 -26.09 3.91
CA PHE A 260 9.19 -26.59 4.87
C PHE A 260 10.15 -27.58 4.23
N ALA A 261 9.67 -28.25 3.19
CA ALA A 261 10.53 -29.09 2.40
C ALA A 261 11.73 -28.29 1.88
N GLY A 262 11.44 -27.07 1.44
CA GLY A 262 12.44 -26.17 0.86
C GLY A 262 13.65 -25.94 1.74
N ARG A 263 13.42 -25.97 3.05
CA ARG A 263 14.50 -25.76 4.02
C ARG A 263 15.50 -26.92 4.03
N GLY A 264 15.07 -28.08 3.55
CA GLY A 264 15.97 -29.22 3.43
C GLY A 264 16.96 -29.02 2.31
N VAL A 265 16.45 -28.61 1.15
CA VAL A 265 17.27 -28.30 -0.01
C VAL A 265 18.28 -27.21 0.33
N GLY A 266 17.82 -26.21 1.07
CA GLY A 266 18.65 -25.09 1.52
C GLY A 266 19.84 -25.55 2.34
N CYS A 267 19.64 -26.59 3.16
CA CYS A 267 20.75 -27.19 3.89
C CYS A 267 21.34 -28.40 3.14
N GLY A 268 21.05 -28.52 1.85
CA GLY A 268 21.62 -29.58 1.03
C GLY A 268 21.19 -30.99 1.40
N ILE A 269 19.92 -31.13 1.76
CA ILE A 269 19.33 -32.44 2.02
C ILE A 269 18.23 -32.69 1.00
N ALA A 270 18.26 -33.85 0.36
CA ALA A 270 17.20 -34.22 -0.57
C ALA A 270 15.85 -34.11 0.14
N SER A 271 14.93 -33.36 -0.45
CA SER A 271 13.66 -33.06 0.20
C SER A 271 12.46 -33.33 -0.68
N LEU A 272 11.39 -33.82 -0.06
CA LEU A 272 10.13 -34.10 -0.75
C LEU A 272 8.99 -33.43 -0.02
N ARG A 273 7.96 -33.06 -0.76
CA ARG A 273 6.75 -32.50 -0.18
C ARG A 273 5.61 -33.41 -0.61
N VAL A 274 4.99 -34.07 0.36
CA VAL A 274 4.03 -35.12 0.03
C VAL A 274 2.65 -34.88 0.63
N ASP A 275 1.63 -35.32 -0.12
CA ASP A 275 0.26 -35.35 0.34
C ASP A 275 0.18 -36.25 1.57
N GLY A 276 -0.06 -35.63 2.73
CA GLY A 276 -0.10 -36.35 3.99
C GLY A 276 -1.32 -37.23 4.18
N ASN A 277 -2.34 -37.03 3.36
CA ASN A 277 -3.56 -37.80 3.46
C ASN A 277 -3.68 -38.85 2.36
N ASP A 278 -2.60 -39.06 1.63
CA ASP A 278 -2.55 -40.08 0.60
C ASP A 278 -1.67 -41.23 1.09
N PHE A 279 -2.31 -42.26 1.66
CA PHE A 279 -1.54 -43.34 2.27
C PHE A 279 -0.55 -43.97 1.32
N VAL A 280 -0.96 -44.18 0.07
CA VAL A 280 -0.06 -44.75 -0.93
C VAL A 280 1.18 -43.88 -1.08
N ALA A 281 0.99 -42.57 -1.20
CA ALA A 281 2.11 -41.64 -1.31
C ALA A 281 2.97 -41.62 -0.05
N VAL A 282 2.33 -41.71 1.12
CA VAL A 282 3.06 -41.74 2.38
C VAL A 282 3.96 -42.97 2.47
N TYR A 283 3.43 -44.13 2.11
CA TYR A 283 4.23 -45.35 2.09
C TYR A 283 5.36 -45.23 1.09
N ALA A 284 5.00 -44.86 -0.15
CA ALA A 284 5.96 -44.78 -1.25
C ALA A 284 7.07 -43.77 -0.98
N ALA A 285 6.73 -42.59 -0.48
CA ALA A 285 7.73 -41.59 -0.14
C ALA A 285 8.62 -42.10 0.98
N SER A 286 7.99 -42.67 2.01
CA SER A 286 8.73 -43.17 3.16
C SER A 286 9.67 -44.31 2.76
N ARG A 287 9.19 -45.21 1.91
CA ARG A 287 10.01 -46.31 1.43
C ARG A 287 11.28 -45.81 0.75
N TRP A 288 11.11 -44.79 -0.09
CA TRP A 288 12.18 -44.17 -0.83
C TRP A 288 13.21 -43.54 0.10
N ALA A 289 12.73 -42.79 1.07
CA ALA A 289 13.59 -42.12 2.04
C ALA A 289 14.40 -43.14 2.86
N ALA A 290 13.74 -44.21 3.27
CA ALA A 290 14.38 -45.29 4.00
C ALA A 290 15.44 -45.97 3.15
N GLU A 291 15.13 -46.19 1.89
CA GLU A 291 16.04 -46.85 0.97
C GLU A 291 17.28 -46.00 0.70
N ARG A 292 17.05 -44.70 0.48
CA ARG A 292 18.14 -43.73 0.35
C ARG A 292 19.05 -43.82 1.58
N ALA A 293 18.43 -43.78 2.75
CA ALA A 293 19.15 -43.83 4.01
C ALA A 293 19.89 -45.15 4.23
N ARG A 294 19.20 -46.28 4.03
CA ARG A 294 19.82 -47.57 4.32
C ARG A 294 20.99 -47.88 3.38
N ARG A 295 21.00 -47.25 2.21
CA ARG A 295 22.07 -47.45 1.23
C ARG A 295 23.26 -46.51 1.48
N GLY A 296 23.19 -45.74 2.56
CA GLY A 296 24.25 -44.76 2.87
C GLY A 296 24.30 -43.59 1.90
N LEU A 297 23.20 -43.32 1.23
CA LEU A 297 23.15 -42.21 0.26
C LEU A 297 22.76 -40.90 0.93
N GLY A 298 22.46 -40.96 2.23
CA GLY A 298 22.26 -39.75 3.00
C GLY A 298 20.84 -39.50 3.49
N PRO A 299 20.68 -38.43 4.27
CA PRO A 299 19.41 -38.12 4.90
C PRO A 299 18.38 -37.65 3.90
N SER A 300 17.13 -37.58 4.35
CA SER A 300 16.05 -37.07 3.52
C SER A 300 15.15 -36.21 4.39
N LEU A 301 14.59 -35.16 3.80
CA LEU A 301 13.58 -34.37 4.48
C LEU A 301 12.26 -34.57 3.76
N ILE A 302 11.19 -34.75 4.52
CA ILE A 302 9.86 -34.82 3.93
C ILE A 302 8.89 -33.91 4.67
N GLU A 303 8.27 -33.02 3.91
CA GLU A 303 7.18 -32.22 4.43
C GLU A 303 5.88 -32.93 4.12
N TRP A 304 5.18 -33.37 5.16
CA TRP A 304 3.88 -33.99 4.98
C TRP A 304 2.80 -32.90 5.06
N VAL A 305 2.14 -32.66 3.94
CA VAL A 305 1.07 -31.66 3.88
C VAL A 305 -0.23 -32.31 4.30
N THR A 306 -0.77 -31.88 5.44
CA THR A 306 -2.02 -32.43 5.97
C THR A 306 -2.76 -31.34 6.73
N TYR A 307 -3.78 -31.73 7.49
CA TYR A 307 -4.55 -30.76 8.26
C TYR A 307 -4.89 -31.30 9.64
N ARG A 308 -4.70 -30.49 10.67
CA ARG A 308 -5.02 -30.90 12.04
C ARG A 308 -6.52 -30.84 12.26
N ALA A 309 -7.19 -31.95 11.97
CA ALA A 309 -8.66 -32.00 11.95
C ALA A 309 -9.31 -31.74 13.30
N GLY A 310 -8.69 -32.20 14.39
CA GLY A 310 -9.29 -32.07 15.71
C GLY A 310 -8.70 -30.95 16.53
N PRO A 311 -9.18 -30.81 17.77
CA PRO A 311 -8.66 -29.80 18.67
C PRO A 311 -7.19 -30.08 18.92
N HIS A 312 -6.44 -29.04 19.26
CA HIS A 312 -5.03 -29.21 19.50
C HIS A 312 -4.77 -30.23 20.62
N SER A 313 -5.58 -30.18 21.66
CA SER A 313 -5.52 -31.11 22.77
C SER A 313 -6.91 -31.14 23.40
N THR A 314 -7.08 -31.88 24.48
CA THR A 314 -8.37 -31.87 25.16
C THR A 314 -8.58 -30.58 25.97
N SER A 315 -7.60 -29.70 25.97
CA SER A 315 -7.70 -28.40 26.63
C SER A 315 -7.97 -27.29 25.62
N ASP A 316 -8.14 -27.67 24.36
CA ASP A 316 -8.21 -26.70 23.26
C ASP A 316 -9.61 -26.53 22.67
N ASP A 317 -9.90 -25.32 22.21
CA ASP A 317 -11.13 -25.06 21.47
C ASP A 317 -10.78 -24.32 20.19
N PRO A 318 -10.80 -25.04 19.07
CA PRO A 318 -10.36 -24.50 17.78
C PRO A 318 -11.33 -23.47 17.24
N SER A 319 -12.57 -23.56 17.68
CA SER A 319 -13.64 -22.68 17.21
C SER A 319 -13.39 -21.23 17.63
N LYS A 320 -12.41 -21.01 18.50
CA LYS A 320 -12.05 -19.66 18.91
C LYS A 320 -11.02 -19.00 17.98
N TYR A 321 -10.43 -19.76 17.05
CA TYR A 321 -9.40 -19.19 16.19
C TYR A 321 -9.46 -19.63 14.73
N ARG A 322 -10.28 -20.63 14.44
CA ARG A 322 -10.45 -21.08 13.05
C ARG A 322 -11.91 -21.47 12.78
N PRO A 323 -12.31 -21.47 11.52
CA PRO A 323 -13.67 -21.88 11.14
C PRO A 323 -14.00 -23.29 11.66
N ALA A 324 -15.24 -23.48 12.09
CA ALA A 324 -15.66 -24.78 12.63
C ALA A 324 -15.70 -25.88 11.57
N ASP A 325 -15.98 -25.51 10.33
CA ASP A 325 -16.19 -26.47 9.25
C ASP A 325 -14.91 -26.74 8.48
N ASP A 326 -13.77 -26.32 9.03
CA ASP A 326 -12.55 -26.22 8.25
C ASP A 326 -12.08 -27.52 7.59
N TRP A 327 -12.28 -28.63 8.28
CA TRP A 327 -11.83 -29.91 7.76
C TRP A 327 -12.54 -30.31 6.46
N SER A 328 -13.86 -30.08 6.42
CA SER A 328 -14.66 -30.32 5.22
C SER A 328 -14.06 -29.65 3.99
N HIS A 329 -13.43 -28.50 4.19
CA HIS A 329 -12.91 -27.70 3.09
C HIS A 329 -11.49 -28.02 2.67
N PHE A 330 -10.81 -28.84 3.46
CA PHE A 330 -9.42 -29.13 3.17
C PHE A 330 -9.26 -29.99 1.92
N PRO A 331 -8.60 -29.44 0.90
CA PRO A 331 -8.56 -30.07 -0.43
C PRO A 331 -8.05 -31.51 -0.44
N LEU A 332 -7.28 -31.90 0.57
CA LEU A 332 -6.69 -33.24 0.61
C LEU A 332 -7.53 -34.25 1.42
N GLY A 333 -8.69 -33.82 1.90
CA GLY A 333 -9.70 -34.72 2.46
C GLY A 333 -9.33 -35.50 3.70
N ASP A 334 -9.79 -36.74 3.76
CA ASP A 334 -9.54 -37.61 4.91
C ASP A 334 -8.78 -38.84 4.45
N PRO A 335 -7.63 -39.09 5.06
CA PRO A 335 -6.78 -40.24 4.72
C PRO A 335 -7.56 -41.55 4.70
N ILE A 336 -8.29 -41.85 5.77
CA ILE A 336 -9.07 -43.08 5.83
C ILE A 336 -10.11 -43.11 4.71
N ALA A 337 -10.83 -42.00 4.54
CA ALA A 337 -11.83 -41.89 3.48
C ALA A 337 -11.25 -42.12 2.08
N ARG A 338 -10.03 -41.61 1.84
CA ARG A 338 -9.42 -41.69 0.52
C ARG A 338 -8.88 -43.06 0.19
N LEU A 339 -8.26 -43.71 1.18
CA LEU A 339 -7.75 -45.07 0.96
C LEU A 339 -8.92 -46.03 0.80
N LYS A 340 -9.96 -45.83 1.60
CA LYS A 340 -11.14 -46.67 1.54
C LYS A 340 -11.67 -46.71 0.12
N GLN A 341 -11.88 -45.53 -0.46
CA GLN A 341 -12.35 -45.42 -1.83
C GLN A 341 -11.42 -46.18 -2.78
N HIS A 342 -10.13 -45.92 -2.66
CA HIS A 342 -9.14 -46.51 -3.53
C HIS A 342 -9.10 -48.02 -3.40
N LEU A 343 -9.01 -48.49 -2.17
CA LEU A 343 -8.85 -49.90 -1.87
C LEU A 343 -10.07 -50.72 -2.31
N ILE A 344 -11.26 -50.12 -2.20
CA ILE A 344 -12.48 -50.76 -2.72
C ILE A 344 -12.44 -50.83 -4.24
N LYS A 345 -12.04 -49.73 -4.88
CA LYS A 345 -12.05 -49.65 -6.35
C LYS A 345 -11.16 -50.70 -7.01
N ILE A 346 -10.11 -51.11 -6.30
CA ILE A 346 -9.18 -52.10 -6.84
C ILE A 346 -9.43 -53.49 -6.30
N GLY A 347 -10.49 -53.64 -5.52
CA GLY A 347 -10.95 -54.94 -5.05
C GLY A 347 -10.10 -55.60 -3.98
N HIS A 348 -9.83 -54.86 -2.90
CA HIS A 348 -9.08 -55.37 -1.74
C HIS A 348 -9.62 -54.77 -0.46
N TRP A 349 -10.89 -54.41 -0.50
CA TRP A 349 -11.59 -53.80 0.61
C TRP A 349 -13.04 -53.67 0.17
N SER A 350 -13.93 -53.47 1.13
CA SER A 350 -15.35 -53.40 0.86
C SER A 350 -16.01 -52.77 2.08
N GLU A 351 -17.22 -52.25 1.93
CA GLU A 351 -17.96 -51.70 3.07
C GLU A 351 -18.02 -52.72 4.20
N GLU A 352 -18.08 -53.99 3.81
CA GLU A 352 -18.24 -55.11 4.69
C GLU A 352 -17.05 -55.26 5.63
N GLU A 353 -15.85 -55.42 5.06
CA GLU A 353 -14.62 -55.44 5.84
C GLU A 353 -14.46 -54.17 6.64
N HIS A 354 -14.77 -53.05 6.00
CA HIS A 354 -14.62 -51.77 6.62
C HIS A 354 -15.45 -51.67 7.89
N GLN A 355 -16.71 -52.06 7.78
CA GLN A 355 -17.64 -52.02 8.91
C GLN A 355 -17.22 -53.06 9.95
N ALA A 356 -16.71 -54.20 9.47
CA ALA A 356 -16.19 -55.22 10.37
C ALA A 356 -14.96 -54.75 11.14
N THR A 357 -13.97 -54.22 10.40
CA THR A 357 -12.72 -53.74 10.98
C THR A 357 -12.99 -52.67 12.02
N THR A 358 -13.91 -51.77 11.69
CA THR A 358 -14.34 -50.75 12.61
C THR A 358 -14.87 -51.41 13.88
N ALA A 359 -15.74 -52.40 13.71
CA ALA A 359 -16.34 -53.11 14.83
C ALA A 359 -15.30 -53.72 15.76
N GLU A 360 -14.29 -54.41 15.21
CA GLU A 360 -13.32 -55.11 16.05
C GLU A 360 -12.44 -54.18 16.88
N PHE A 361 -11.99 -53.08 16.28
CA PHE A 361 -11.16 -52.11 17.00
C PHE A 361 -11.95 -51.39 18.10
N GLU A 362 -13.24 -51.19 17.86
CA GLU A 362 -14.14 -50.68 18.90
C GLU A 362 -14.15 -51.63 20.08
N ALA A 363 -14.26 -52.93 19.80
CA ALA A 363 -14.29 -53.94 20.83
C ALA A 363 -12.95 -54.05 21.56
N ALA A 364 -11.88 -54.10 20.77
CA ALA A 364 -10.51 -54.22 21.27
C ALA A 364 -10.15 -53.08 22.22
N VAL A 365 -10.46 -51.84 21.83
CA VAL A 365 -10.17 -50.68 22.67
C VAL A 365 -11.02 -50.70 23.93
N ILE A 366 -12.29 -51.09 23.80
CA ILE A 366 -13.19 -51.13 24.94
C ILE A 366 -12.71 -52.17 25.96
N ALA A 367 -12.32 -53.34 25.44
CA ALA A 367 -11.76 -54.40 26.26
C ALA A 367 -10.46 -53.93 26.89
N ALA A 368 -9.60 -53.34 26.07
CA ALA A 368 -8.33 -52.80 26.53
C ALA A 368 -8.51 -51.76 27.63
N GLN A 369 -9.48 -50.88 27.45
CA GLN A 369 -9.73 -49.85 28.45
C GLN A 369 -10.16 -50.52 29.75
N LYS A 370 -10.95 -51.59 29.62
CA LYS A 370 -11.41 -52.34 30.78
C LYS A 370 -10.29 -53.11 31.48
N GLU A 371 -9.42 -53.74 30.70
CA GLU A 371 -8.24 -54.43 31.26
C GLU A 371 -7.35 -53.43 31.99
N ALA A 372 -7.29 -52.20 31.49
CA ALA A 372 -6.44 -51.17 32.05
C ALA A 372 -6.98 -50.57 33.35
N GLU A 373 -8.28 -50.27 33.38
CA GLU A 373 -8.87 -49.67 34.57
C GLU A 373 -8.92 -50.61 35.77
N GLN A 374 -8.79 -51.91 35.50
CA GLN A 374 -8.58 -52.93 36.55
C GLN A 374 -7.46 -52.46 37.47
N TYR A 375 -6.52 -51.71 36.91
CA TYR A 375 -5.29 -51.35 37.61
C TYR A 375 -5.24 -49.92 38.07
N GLY A 376 -6.41 -49.32 38.28
CA GLY A 376 -6.45 -47.97 38.81
C GLY A 376 -6.84 -46.93 37.78
N THR A 377 -7.12 -45.73 38.28
CA THR A 377 -7.63 -44.63 37.48
C THR A 377 -7.29 -43.34 38.20
N LEU A 378 -7.87 -42.23 37.74
CA LEU A 378 -7.73 -40.95 38.43
C LEU A 378 -8.39 -40.93 39.81
N ALA A 379 -9.61 -41.47 39.90
CA ALA A 379 -10.38 -41.47 41.14
C ALA A 379 -9.77 -42.44 42.15
N ASN A 380 -9.82 -43.73 41.81
CA ASN A 380 -9.07 -44.75 42.51
C ASN A 380 -7.70 -44.16 42.81
N GLY A 381 -7.36 -44.09 44.09
CA GLY A 381 -6.02 -43.68 44.50
C GLY A 381 -4.98 -44.66 43.99
N HIS A 382 -5.44 -45.68 43.26
CA HIS A 382 -4.60 -46.76 42.75
C HIS A 382 -3.59 -46.28 41.71
N ILE A 383 -2.44 -45.84 42.19
CA ILE A 383 -1.35 -45.37 41.34
C ILE A 383 -0.04 -46.02 41.78
N PRO A 384 1.03 -45.81 41.02
CA PRO A 384 2.36 -46.32 41.38
C PRO A 384 2.78 -45.72 42.70
N SER A 385 3.62 -46.45 43.42
CA SER A 385 4.07 -46.04 44.74
C SER A 385 4.82 -44.71 44.67
N ALA A 386 4.80 -43.99 45.79
CA ALA A 386 5.45 -42.70 45.92
C ALA A 386 6.95 -42.85 46.08
N ALA A 387 7.37 -44.06 46.44
CA ALA A 387 8.78 -44.36 46.63
C ALA A 387 9.44 -44.78 45.33
N SER A 388 8.64 -45.16 44.33
CA SER A 388 9.20 -45.36 43.01
C SER A 388 9.45 -44.00 42.33
N MET A 389 9.10 -42.93 43.03
CA MET A 389 9.27 -41.57 42.52
C MET A 389 10.75 -41.15 42.51
N PHE A 390 11.56 -41.73 43.40
CA PHE A 390 12.97 -41.34 43.54
C PHE A 390 13.90 -42.22 42.71
N GLU A 391 13.38 -43.33 42.19
CA GLU A 391 14.17 -44.25 41.39
C GLU A 391 14.44 -43.71 40.01
N ASP A 392 15.51 -44.20 39.40
CA ASP A 392 15.85 -43.92 38.00
C ASP A 392 16.22 -42.48 37.68
N VAL A 393 16.28 -41.62 38.70
CA VAL A 393 16.81 -40.27 38.51
C VAL A 393 18.27 -40.40 38.12
N TYR A 394 18.96 -41.28 38.85
CA TYR A 394 20.33 -41.70 38.55
C TYR A 394 20.34 -43.22 38.46
N LYS A 395 21.41 -43.80 37.94
CA LYS A 395 21.47 -45.26 37.85
C LYS A 395 21.28 -45.89 39.22
N GLU A 396 22.03 -45.41 40.21
CA GLU A 396 21.79 -45.87 41.57
C GLU A 396 21.33 -44.69 42.41
N MET A 397 20.27 -44.90 43.17
CA MET A 397 19.68 -43.84 43.96
C MET A 397 20.71 -43.29 44.96
N PRO A 398 21.15 -42.05 44.72
CA PRO A 398 22.18 -41.43 45.56
C PRO A 398 21.70 -41.11 46.95
N ASP A 399 22.65 -40.88 47.86
CA ASP A 399 22.38 -40.66 49.27
C ASP A 399 21.27 -39.64 49.57
N HIS A 400 21.33 -38.46 48.97
CA HIS A 400 20.29 -37.45 49.25
C HIS A 400 18.91 -37.93 48.85
N LEU A 401 18.84 -38.67 47.75
CA LEU A 401 17.57 -39.27 47.35
C LEU A 401 17.16 -40.37 48.32
N ARG A 402 18.13 -41.14 48.81
CA ARG A 402 17.88 -42.14 49.85
C ARG A 402 17.25 -41.47 51.07
N ARG A 403 17.81 -40.33 51.48
CA ARG A 403 17.31 -39.58 52.64
C ARG A 403 15.91 -39.08 52.40
N GLN A 404 15.72 -38.46 51.23
CA GLN A 404 14.43 -37.89 50.87
C GLN A 404 13.34 -38.96 50.79
N ARG A 405 13.71 -40.16 50.33
CA ARG A 405 12.76 -41.27 50.29
C ARG A 405 12.36 -41.71 51.70
N GLN A 406 13.33 -41.87 52.60
CA GLN A 406 13.05 -42.24 53.99
C GLN A 406 12.23 -41.15 54.68
N GLU A 407 12.43 -39.91 54.22
CA GLU A 407 11.70 -38.76 54.73
C GLU A 407 10.23 -38.71 54.27
N LEU A 408 9.75 -39.78 53.66
CA LEU A 408 8.38 -39.79 53.12
C LEU A 408 7.58 -41.03 53.50
N ALA B 2 53.22 -48.23 34.23
CA ALA B 2 54.23 -47.26 34.74
C ALA B 2 53.61 -45.88 35.00
N THR B 3 54.42 -44.84 34.85
CA THR B 3 54.02 -43.47 35.18
C THR B 3 54.75 -42.47 34.28
N THR B 4 54.10 -41.34 34.05
CA THR B 4 54.68 -40.25 33.28
C THR B 4 54.27 -38.95 33.95
N THR B 5 55.14 -37.95 33.88
CA THR B 5 54.82 -36.63 34.39
C THR B 5 53.97 -35.89 33.37
N MET B 6 52.76 -35.52 33.77
CA MET B 6 51.82 -34.89 32.87
C MET B 6 51.31 -33.55 33.38
N THR B 7 50.90 -32.68 32.46
CA THR B 7 50.13 -31.48 32.82
C THR B 7 48.65 -31.88 32.88
N MET B 8 47.79 -30.97 33.35
CA MET B 8 46.36 -31.23 33.35
C MET B 8 45.92 -31.57 31.92
N ILE B 9 46.38 -30.79 30.96
CA ILE B 9 46.08 -31.03 29.55
C ILE B 9 46.43 -32.45 29.14
N GLN B 10 47.65 -32.88 29.46
CA GLN B 10 48.12 -34.20 29.07
C GLN B 10 47.39 -35.31 29.83
N ALA B 11 46.98 -35.01 31.06
CA ALA B 11 46.25 -35.97 31.88
C ALA B 11 44.88 -36.26 31.30
N LEU B 12 44.14 -35.19 30.98
CA LEU B 12 42.81 -35.31 30.40
C LEU B 12 42.89 -36.02 29.07
N ARG B 13 43.88 -35.61 28.26
CA ARG B 13 44.14 -36.26 26.99
C ARG B 13 44.37 -37.75 27.17
N SER B 14 45.17 -38.11 28.18
CA SER B 14 45.44 -39.51 28.47
C SER B 14 44.17 -40.26 28.85
N ALA B 15 43.39 -39.67 29.76
CA ALA B 15 42.13 -40.27 30.17
C ALA B 15 41.27 -40.63 28.96
N MET B 16 41.12 -39.68 28.05
CA MET B 16 40.38 -39.92 26.82
C MET B 16 41.04 -41.00 25.95
N ASP B 17 42.37 -41.03 25.92
CA ASP B 17 43.11 -42.04 25.14
C ASP B 17 42.88 -43.45 25.68
N VAL B 18 42.84 -43.55 27.02
CA VAL B 18 42.64 -44.82 27.71
C VAL B 18 41.24 -45.37 27.44
N MET B 19 40.24 -44.53 27.70
CA MET B 19 38.83 -44.94 27.56
C MET B 19 38.46 -45.14 26.09
N LEU B 20 39.05 -44.33 25.22
CA LEU B 20 38.89 -44.50 23.78
C LEU B 20 39.34 -45.89 23.36
N GLU B 21 40.30 -46.45 24.10
CA GLU B 21 40.84 -47.78 23.83
C GLU B 21 40.05 -48.86 24.58
N ARG B 22 39.71 -48.56 25.83
CA ARG B 22 39.02 -49.49 26.72
C ARG B 22 37.67 -49.93 26.18
N ASP B 23 36.89 -48.97 25.70
CA ASP B 23 35.48 -49.16 25.33
C ASP B 23 35.22 -48.71 23.90
N ASP B 24 34.85 -49.68 23.04
CA ASP B 24 34.54 -49.44 21.63
C ASP B 24 33.47 -48.37 21.39
N ASN B 25 32.54 -48.25 22.34
CA ASN B 25 31.44 -47.30 22.23
C ASN B 25 31.80 -45.86 22.56
N VAL B 26 32.99 -45.65 23.12
CA VAL B 26 33.44 -44.31 23.46
C VAL B 26 33.75 -43.52 22.19
N VAL B 27 33.21 -42.31 22.12
CA VAL B 27 33.42 -41.41 20.99
C VAL B 27 33.72 -40.02 21.53
N VAL B 28 34.66 -39.32 20.87
CA VAL B 28 35.00 -37.97 21.30
C VAL B 28 34.76 -36.98 20.16
N TYR B 29 33.91 -35.98 20.39
CA TYR B 29 33.74 -34.93 19.40
C TYR B 29 33.41 -33.57 20.01
N GLY B 30 33.41 -32.55 19.15
CA GLY B 30 33.24 -31.17 19.58
C GLY B 30 34.00 -30.27 18.63
N GLN B 31 33.93 -28.96 18.89
CA GLN B 31 34.53 -27.96 18.02
C GLN B 31 36.05 -27.98 18.08
N ASP B 32 36.67 -28.18 16.92
CA ASP B 32 38.12 -28.17 16.76
C ASP B 32 38.82 -29.30 17.50
N VAL B 33 38.01 -30.24 17.99
CA VAL B 33 38.49 -31.37 18.78
C VAL B 33 39.25 -32.41 17.96
N GLY B 34 38.88 -32.55 16.69
CA GLY B 34 39.41 -33.59 15.82
C GLY B 34 40.84 -33.43 15.34
N TYR B 35 41.00 -33.02 14.08
CA TYR B 35 42.31 -32.86 13.44
C TYR B 35 43.26 -31.99 14.26
N PHE B 36 42.78 -30.80 14.61
CA PHE B 36 43.57 -29.80 15.31
C PHE B 36 43.89 -30.20 16.75
N GLY B 37 43.09 -31.10 17.31
CA GLY B 37 43.33 -31.62 18.65
C GLY B 37 42.92 -30.69 19.77
N GLY B 38 42.00 -29.77 19.46
CA GLY B 38 41.42 -28.90 20.48
C GLY B 38 42.20 -27.61 20.68
N VAL B 39 41.47 -26.51 20.89
CA VAL B 39 42.10 -25.21 21.15
C VAL B 39 42.93 -25.23 22.43
N PHE B 40 42.88 -26.33 23.17
CA PHE B 40 43.72 -26.48 24.36
C PHE B 40 44.63 -27.71 24.34
N ARG B 41 44.83 -28.30 23.17
CA ARG B 41 45.68 -29.49 23.01
C ARG B 41 45.11 -30.75 23.66
N CYS B 42 44.03 -30.61 24.43
CA CYS B 42 43.47 -31.72 25.21
C CYS B 42 43.09 -32.96 24.41
N THR B 43 43.01 -32.86 23.09
CA THR B 43 42.65 -34.01 22.26
C THR B 43 43.65 -34.30 21.14
N GLU B 44 44.87 -33.79 21.31
CA GLU B 44 45.94 -33.96 20.31
C GLU B 44 46.19 -35.43 20.00
N GLY B 45 46.34 -35.72 18.71
CA GLY B 45 46.71 -37.05 18.27
C GLY B 45 45.64 -38.10 18.36
N LEU B 46 44.57 -37.84 19.12
CA LEU B 46 43.52 -38.84 19.30
C LEU B 46 42.88 -39.26 17.99
N GLN B 47 42.52 -38.30 17.14
CA GLN B 47 41.93 -38.65 15.85
C GLN B 47 42.89 -39.47 15.01
N THR B 48 44.16 -39.07 14.97
CA THR B 48 45.15 -39.83 14.21
C THR B 48 45.16 -41.27 14.68
N LYS B 49 45.13 -41.46 15.99
CA LYS B 49 45.27 -42.78 16.58
C LYS B 49 44.04 -43.66 16.41
N TYR B 50 42.84 -43.08 16.50
CA TYR B 50 41.62 -43.88 16.53
C TYR B 50 40.71 -43.76 15.30
N GLY B 51 40.94 -42.74 14.47
CA GLY B 51 40.15 -42.55 13.25
C GLY B 51 39.03 -41.53 13.40
N LYS B 52 38.61 -40.94 12.28
CA LYS B 52 37.61 -39.87 12.27
C LYS B 52 36.26 -40.35 12.80
N SER B 53 35.95 -41.63 12.57
CA SER B 53 34.71 -42.21 13.08
C SER B 53 34.59 -42.19 14.61
N ARG B 54 35.70 -41.99 15.31
CA ARG B 54 35.70 -42.05 16.77
C ARG B 54 36.00 -40.70 17.40
N VAL B 55 36.94 -39.97 16.82
CA VAL B 55 37.24 -38.61 17.27
C VAL B 55 37.10 -37.68 16.08
N PHE B 56 36.17 -36.72 16.16
CA PHE B 56 35.92 -35.84 15.02
C PHE B 56 35.52 -34.40 15.35
N ASP B 57 35.70 -33.53 14.36
CA ASP B 57 35.36 -32.11 14.46
C ASP B 57 33.86 -31.92 14.31
N ALA B 58 33.31 -30.95 15.03
CA ALA B 58 31.87 -30.70 15.01
C ALA B 58 31.56 -29.27 14.57
N PRO B 59 30.36 -29.04 14.03
CA PRO B 59 29.92 -27.69 13.69
C PRO B 59 29.81 -26.85 14.96
N ILE B 60 29.83 -25.52 14.82
CA ILE B 60 29.67 -24.69 16.01
C ILE B 60 28.22 -24.65 16.47
N SER B 61 27.82 -25.70 17.19
CA SER B 61 26.46 -25.83 17.68
C SER B 61 26.44 -26.65 18.94
N GLU B 62 26.31 -25.97 20.08
CA GLU B 62 26.32 -26.62 21.38
C GLU B 62 25.13 -27.54 21.60
N SER B 63 23.93 -27.07 21.27
CA SER B 63 22.73 -27.91 21.39
C SER B 63 22.80 -29.05 20.38
N GLY B 64 23.42 -28.80 19.24
CA GLY B 64 23.67 -29.84 18.26
C GLY B 64 24.59 -30.91 18.80
N ILE B 65 25.68 -30.47 19.41
CA ILE B 65 26.67 -31.36 20.00
C ILE B 65 26.07 -32.23 21.11
N VAL B 66 25.41 -31.58 22.06
CA VAL B 66 24.81 -32.30 23.19
C VAL B 66 23.62 -33.14 22.73
N GLY B 67 22.80 -32.56 21.83
CA GLY B 67 21.62 -33.25 21.31
C GLY B 67 21.93 -34.53 20.58
N THR B 68 22.84 -34.47 19.62
CA THR B 68 23.27 -35.67 18.88
C THR B 68 23.85 -36.70 19.84
N ALA B 69 24.64 -36.22 20.79
CA ALA B 69 25.21 -37.09 21.82
C ALA B 69 24.13 -37.86 22.58
N VAL B 70 23.04 -37.17 22.92
CA VAL B 70 21.92 -37.81 23.60
C VAL B 70 21.35 -38.93 22.73
N GLY B 71 21.21 -38.67 21.44
CA GLY B 71 20.78 -39.68 20.49
C GLY B 71 21.76 -40.83 20.35
N MET B 72 23.05 -40.50 20.33
CA MET B 72 24.12 -41.50 20.28
C MET B 72 24.07 -42.41 21.50
N GLY B 73 23.81 -41.82 22.65
CA GLY B 73 23.67 -42.56 23.91
C GLY B 73 22.49 -43.50 23.88
N ALA B 74 21.36 -43.00 23.39
CA ALA B 74 20.14 -43.78 23.28
C ALA B 74 20.36 -45.04 22.45
N TYR B 75 21.22 -44.92 21.46
CA TYR B 75 21.61 -46.05 20.63
C TYR B 75 22.51 -47.01 21.42
N GLY B 76 23.43 -46.47 22.21
CA GLY B 76 24.27 -47.28 23.06
C GLY B 76 25.74 -46.93 23.04
N LEU B 77 26.06 -45.74 22.55
CA LEU B 77 27.43 -45.25 22.60
C LEU B 77 27.69 -44.50 23.90
N ARG B 78 28.95 -44.12 24.10
CA ARG B 78 29.39 -43.44 25.30
C ARG B 78 30.11 -42.16 24.87
N PRO B 79 29.33 -41.12 24.56
CA PRO B 79 29.88 -39.90 24.00
C PRO B 79 30.56 -39.01 25.02
N VAL B 80 31.84 -38.76 24.78
CA VAL B 80 32.59 -37.76 25.51
C VAL B 80 32.68 -36.55 24.59
N VAL B 81 31.94 -35.51 24.92
CA VAL B 81 31.78 -34.40 24.00
C VAL B 81 32.28 -33.12 24.65
N GLU B 82 32.75 -32.18 23.85
CA GLU B 82 33.39 -30.98 24.40
C GLU B 82 32.66 -29.68 24.02
N ILE B 83 32.71 -28.70 24.93
CA ILE B 83 32.27 -27.35 24.62
C ILE B 83 33.41 -26.38 24.94
N GLN B 84 33.94 -25.72 23.89
CA GLN B 84 35.17 -24.93 23.99
C GLN B 84 35.39 -24.12 25.26
N PHE B 85 34.35 -23.42 25.72
CA PHE B 85 34.43 -22.72 26.98
C PHE B 85 33.15 -22.95 27.74
N ALA B 86 33.26 -23.07 29.05
CA ALA B 86 32.06 -23.22 29.88
C ALA B 86 31.07 -22.09 29.60
N ASP B 87 31.58 -20.92 29.20
CA ASP B 87 30.73 -19.74 28.97
C ASP B 87 29.79 -19.91 27.79
N TYR B 88 30.04 -20.93 26.97
CA TYR B 88 29.23 -21.15 25.77
C TYR B 88 28.35 -22.41 25.83
N PHE B 89 28.06 -22.90 27.03
CA PHE B 89 27.19 -24.07 27.18
C PHE B 89 25.72 -23.70 26.99
N TYR B 90 25.42 -22.43 27.24
CA TYR B 90 24.03 -21.96 27.34
C TYR B 90 23.08 -22.38 26.22
N PRO B 91 23.52 -22.32 24.96
CA PRO B 91 22.68 -22.78 23.85
C PRO B 91 22.32 -24.25 23.95
N ALA B 92 23.01 -25.00 24.79
CA ALA B 92 22.72 -26.42 24.99
C ALA B 92 21.90 -26.67 26.24
N SER B 93 21.57 -25.59 26.95
CA SER B 93 20.81 -25.67 28.19
C SER B 93 19.63 -26.65 28.10
N ASP B 94 18.84 -26.51 27.05
CA ASP B 94 17.62 -27.30 26.85
C ASP B 94 17.94 -28.78 26.75
N GLN B 95 18.87 -29.12 25.86
CA GLN B 95 19.31 -30.51 25.72
C GLN B 95 19.90 -31.03 27.04
N ILE B 96 20.58 -30.16 27.77
CA ILE B 96 21.20 -30.56 29.02
C ILE B 96 20.18 -30.82 30.14
N VAL B 97 19.33 -29.84 30.44
CA VAL B 97 18.36 -29.96 31.52
C VAL B 97 17.13 -30.79 31.12
N SER B 98 16.55 -30.47 29.98
CA SER B 98 15.30 -31.11 29.56
C SER B 98 15.43 -32.54 29.04
N GLU B 99 16.63 -32.91 28.56
CA GLU B 99 16.79 -34.23 27.94
C GLU B 99 17.85 -35.11 28.61
N MET B 100 19.11 -34.67 28.57
CA MET B 100 20.21 -35.47 29.11
C MET B 100 19.97 -35.88 30.57
N ALA B 101 19.51 -34.93 31.39
CA ALA B 101 19.30 -35.19 32.82
C ALA B 101 18.10 -36.08 33.12
N ARG B 102 17.09 -36.04 32.25
CA ARG B 102 15.80 -36.69 32.54
C ARG B 102 15.50 -37.94 31.70
N LEU B 103 16.44 -38.28 30.82
CA LEU B 103 16.28 -39.40 29.89
C LEU B 103 16.02 -40.74 30.60
N ARG B 104 16.80 -41.02 31.64
CA ARG B 104 16.64 -42.24 32.42
C ARG B 104 15.32 -42.25 33.20
N TYR B 105 15.06 -41.15 33.93
CA TYR B 105 13.86 -41.05 34.75
C TYR B 105 12.58 -41.20 33.97
N ARG B 106 12.46 -40.44 32.88
CA ARG B 106 11.20 -40.37 32.15
C ARG B 106 10.90 -41.58 31.27
N SER B 107 11.91 -42.43 31.03
CA SER B 107 11.71 -43.65 30.26
C SER B 107 11.68 -44.89 31.15
N ALA B 108 11.73 -44.65 32.46
CA ALA B 108 11.85 -45.73 33.44
C ALA B 108 13.04 -46.64 33.13
N GLY B 109 14.13 -46.01 32.70
CA GLY B 109 15.38 -46.72 32.42
C GLY B 109 15.51 -47.28 31.02
N GLU B 110 14.47 -47.17 30.20
CA GLU B 110 14.51 -47.74 28.84
C GLU B 110 15.65 -47.16 28.01
N PHE B 111 15.79 -45.85 28.07
CA PHE B 111 16.87 -45.15 27.39
C PHE B 111 17.72 -44.44 28.44
N ILE B 112 19.03 -44.44 28.22
CA ILE B 112 19.94 -43.78 29.15
C ILE B 112 20.87 -42.81 28.42
N ALA B 113 21.51 -41.92 29.18
CA ALA B 113 22.45 -40.99 28.60
C ALA B 113 23.79 -40.98 29.33
N PRO B 114 24.60 -42.00 29.09
CA PRO B 114 25.92 -42.08 29.68
C PRO B 114 26.89 -41.14 28.97
N LEU B 115 26.63 -39.83 29.06
CA LEU B 115 27.44 -38.83 28.37
C LEU B 115 28.37 -38.12 29.33
N THR B 116 29.43 -37.55 28.78
CA THR B 116 30.32 -36.66 29.53
C THR B 116 30.50 -35.38 28.74
N LEU B 117 30.25 -34.25 29.39
CA LEU B 117 30.50 -32.97 28.76
C LEU B 117 31.67 -32.29 29.44
N ARG B 118 32.80 -32.24 28.74
CA ARG B 118 33.94 -31.50 29.25
C ARG B 118 33.76 -30.03 28.88
N MET B 119 33.81 -29.16 29.87
CA MET B 119 33.77 -27.72 29.61
C MET B 119 34.84 -27.01 30.43
N PRO B 120 35.87 -26.49 29.76
CA PRO B 120 36.90 -25.67 30.41
C PRO B 120 36.29 -24.44 31.07
N CYS B 121 36.62 -24.23 32.33
CA CYS B 121 35.95 -23.19 33.11
C CYS B 121 36.96 -22.34 33.87
N GLY B 122 36.44 -21.42 34.66
CA GLY B 122 37.27 -20.63 35.57
C GLY B 122 37.93 -19.41 34.96
N GLY B 123 38.32 -18.47 35.82
CA GLY B 123 38.98 -17.24 35.39
C GLY B 123 40.43 -17.15 35.83
N GLY B 124 40.89 -15.92 36.01
CA GLY B 124 42.26 -15.66 36.41
C GLY B 124 43.22 -15.69 35.24
N ILE B 125 42.72 -15.48 34.03
CA ILE B 125 43.59 -15.48 32.85
C ILE B 125 43.33 -14.32 31.89
N TYR B 126 42.75 -13.24 32.40
CA TYR B 126 42.35 -12.11 31.56
C TYR B 126 41.40 -12.57 30.45
N GLY B 127 40.54 -13.53 30.80
CA GLY B 127 39.57 -14.08 29.87
C GLY B 127 38.47 -13.11 29.50
N GLY B 128 38.03 -12.31 30.47
CA GLY B 128 36.95 -11.36 30.23
C GLY B 128 35.60 -11.96 30.59
N GLN B 129 34.55 -11.51 29.91
CA GLN B 129 33.19 -11.92 30.27
C GLN B 129 32.80 -13.30 29.77
N THR B 130 33.27 -13.68 28.59
CA THR B 130 32.87 -14.96 28.01
C THR B 130 34.03 -15.95 27.82
N HIS B 131 35.10 -15.79 28.58
CA HIS B 131 36.19 -16.75 28.52
C HIS B 131 36.54 -17.29 29.89
N SER B 132 35.71 -16.98 30.89
CA SER B 132 36.12 -17.23 32.28
C SER B 132 35.06 -17.44 33.36
N GLN B 133 33.79 -17.63 33.01
CA GLN B 133 32.79 -17.83 34.07
C GLN B 133 32.77 -19.24 34.66
N SER B 134 32.13 -19.39 35.82
CA SER B 134 32.07 -20.65 36.55
C SER B 134 30.61 -21.05 36.78
N PRO B 135 30.04 -21.76 35.81
CA PRO B 135 28.61 -22.03 35.79
C PRO B 135 28.17 -23.31 36.50
N GLU B 136 28.94 -23.78 37.49
CA GLU B 136 28.62 -25.04 38.16
C GLU B 136 27.23 -25.04 38.81
N ALA B 137 26.82 -23.87 39.32
CA ALA B 137 25.49 -23.71 39.92
C ALA B 137 24.36 -23.81 38.89
N MET B 138 24.69 -23.62 37.62
CA MET B 138 23.71 -23.85 36.57
C MET B 138 23.46 -25.35 36.37
N PHE B 139 24.34 -26.21 36.88
CA PHE B 139 24.19 -27.65 36.71
C PHE B 139 23.85 -28.42 37.98
N THR B 140 24.49 -28.05 39.09
CA THR B 140 24.26 -28.76 40.36
C THR B 140 22.78 -28.80 40.71
N GLN B 141 22.05 -27.78 40.28
CA GLN B 141 20.61 -27.69 40.57
C GLN B 141 19.73 -28.58 39.67
N VAL B 142 20.34 -29.23 38.69
CA VAL B 142 19.57 -30.05 37.77
C VAL B 142 19.55 -31.50 38.26
N CYS B 143 18.38 -31.94 38.70
CA CYS B 143 18.19 -33.33 39.09
C CYS B 143 18.51 -34.25 37.93
N GLY B 144 19.39 -35.22 38.18
CA GLY B 144 19.76 -36.19 37.15
C GLY B 144 21.15 -35.97 36.60
N LEU B 145 21.76 -34.84 36.94
CA LEU B 145 23.12 -34.54 36.52
C LEU B 145 24.12 -34.78 37.63
N ARG B 146 25.39 -34.86 37.25
CA ARG B 146 26.48 -35.10 38.17
C ARG B 146 27.64 -34.18 37.76
N THR B 147 27.98 -33.24 38.63
CA THR B 147 29.00 -32.24 38.31
C THR B 147 30.33 -32.52 39.02
N VAL B 148 31.41 -32.50 38.26
CA VAL B 148 32.75 -32.84 38.76
C VAL B 148 33.80 -31.82 38.29
N MET B 149 34.77 -31.50 39.15
CA MET B 149 35.86 -30.58 38.81
C MET B 149 37.17 -30.99 39.50
N PRO B 150 38.17 -31.38 38.72
CA PRO B 150 39.48 -31.73 39.25
C PRO B 150 40.34 -30.51 39.59
N SER B 151 41.46 -30.73 40.28
CA SER B 151 42.37 -29.63 40.64
C SER B 151 43.84 -29.94 40.33
N ASN B 152 44.11 -31.15 39.84
CA ASN B 152 45.47 -31.58 39.53
C ASN B 152 45.45 -32.71 38.51
N PRO B 153 46.55 -32.88 37.77
CA PRO B 153 46.64 -33.91 36.74
C PRO B 153 46.18 -35.30 37.18
N TYR B 154 46.66 -35.78 38.32
CA TYR B 154 46.30 -37.13 38.79
C TYR B 154 44.79 -37.30 38.89
N ASP B 155 44.15 -36.40 39.66
CA ASP B 155 42.72 -36.43 39.82
C ASP B 155 42.01 -36.13 38.50
N ALA B 156 42.63 -35.30 37.66
CA ALA B 156 42.06 -34.97 36.36
C ALA B 156 41.88 -36.21 35.49
N LYS B 157 42.90 -37.06 35.42
CA LYS B 157 42.78 -38.28 34.64
C LYS B 157 41.80 -39.27 35.28
N GLY B 158 41.98 -39.50 36.56
CA GLY B 158 41.18 -40.48 37.31
C GLY B 158 39.70 -40.13 37.37
N LEU B 159 39.42 -38.88 37.73
CA LEU B 159 38.05 -38.39 37.75
C LEU B 159 37.42 -38.37 36.36
N LEU B 160 38.22 -38.11 35.33
CA LEU B 160 37.68 -38.15 33.97
C LEU B 160 37.33 -39.56 33.54
N ILE B 161 38.25 -40.51 33.73
CA ILE B 161 37.97 -41.91 33.41
C ILE B 161 36.74 -42.37 34.16
N ALA B 162 36.71 -42.10 35.47
CA ALA B 162 35.56 -42.41 36.31
C ALA B 162 34.29 -41.81 35.74
N SER B 163 34.38 -40.55 35.32
CA SER B 163 33.23 -39.83 34.81
C SER B 163 32.69 -40.45 33.53
N ILE B 164 33.58 -40.78 32.60
CA ILE B 164 33.18 -41.37 31.33
C ILE B 164 32.47 -42.70 31.55
N GLU B 165 32.97 -43.48 32.51
CA GLU B 165 32.43 -44.79 32.82
C GLU B 165 31.10 -44.74 33.56
N CYS B 166 30.87 -43.66 34.31
CA CYS B 166 29.61 -43.49 35.02
C CYS B 166 28.46 -43.50 34.03
N ASP B 167 27.36 -44.16 34.39
CA ASP B 167 26.22 -44.24 33.50
C ASP B 167 25.29 -43.04 33.62
N ASP B 168 25.54 -42.18 34.61
CA ASP B 168 24.81 -40.94 34.73
C ASP B 168 25.52 -39.88 33.90
N PRO B 169 24.78 -38.89 33.39
CA PRO B 169 25.40 -37.80 32.62
C PRO B 169 26.31 -36.97 33.51
N VAL B 170 27.52 -36.72 33.04
CA VAL B 170 28.49 -35.97 33.82
C VAL B 170 28.90 -34.66 33.15
N ILE B 171 28.70 -33.56 33.88
CA ILE B 171 29.26 -32.27 33.50
C ILE B 171 30.67 -32.22 34.09
N PHE B 172 31.67 -32.35 33.23
CA PHE B 172 33.06 -32.35 33.66
C PHE B 172 33.71 -30.99 33.45
N LEU B 173 33.80 -30.21 34.53
CA LEU B 173 34.35 -28.86 34.45
C LEU B 173 35.85 -28.86 34.64
N GLU B 174 36.57 -28.22 33.73
CA GLU B 174 38.03 -28.18 33.79
C GLU B 174 38.52 -26.75 33.98
N PRO B 175 39.24 -26.47 35.06
CA PRO B 175 39.79 -25.13 35.29
C PRO B 175 41.00 -24.87 34.40
N LYS B 176 40.81 -24.04 33.35
CA LYS B 176 41.88 -23.77 32.38
C LYS B 176 43.06 -23.03 33.00
N ARG B 177 42.79 -22.37 34.12
CA ARG B 177 43.81 -21.74 34.93
C ARG B 177 44.81 -22.78 35.44
N LEU B 178 44.33 -24.00 35.66
CA LEU B 178 45.18 -25.07 36.16
C LEU B 178 45.69 -25.99 35.05
N TYR B 179 45.45 -25.62 33.79
CA TYR B 179 45.85 -26.47 32.67
C TYR B 179 47.36 -26.75 32.64
N ASN B 180 48.17 -25.71 32.78
CA ASN B 180 49.62 -25.84 32.60
C ASN B 180 50.41 -26.01 33.90
N GLY B 181 49.81 -25.56 35.01
CA GLY B 181 50.44 -25.63 36.31
C GLY B 181 49.47 -25.14 37.38
N PRO B 182 49.78 -25.41 38.64
CA PRO B 182 48.96 -24.94 39.75
C PRO B 182 48.99 -23.43 39.83
N PHE B 183 48.01 -22.83 40.49
CA PHE B 183 47.90 -21.38 40.53
C PHE B 183 47.25 -20.94 41.83
N ASP B 184 47.96 -20.13 42.59
CA ASP B 184 47.53 -19.77 43.94
C ASP B 184 46.86 -18.42 44.03
N GLY B 185 46.91 -17.64 42.95
CA GLY B 185 46.31 -16.31 42.93
C GLY B 185 47.34 -15.19 42.96
N HIS B 186 48.61 -15.59 42.96
CA HIS B 186 49.72 -14.64 42.93
C HIS B 186 50.23 -14.47 41.49
N HIS B 187 49.78 -13.41 40.82
CA HIS B 187 50.22 -13.12 39.46
C HIS B 187 51.57 -12.42 39.44
N ASP B 188 51.97 -11.91 40.60
CA ASP B 188 53.29 -11.31 40.76
C ASP B 188 54.37 -12.35 40.49
N ARG B 189 54.23 -13.51 41.14
CA ARG B 189 55.18 -14.61 40.99
C ARG B 189 54.80 -15.44 39.75
N PRO B 190 55.64 -15.41 38.71
CA PRO B 190 55.38 -16.18 37.50
C PRO B 190 55.12 -17.66 37.81
N VAL B 191 54.20 -18.26 37.07
CA VAL B 191 53.68 -19.58 37.39
C VAL B 191 54.59 -20.72 36.91
N THR B 192 54.72 -21.73 37.76
CA THR B 192 55.53 -22.91 37.51
C THR B 192 54.73 -24.03 36.85
N PRO B 193 55.38 -24.86 36.04
CA PRO B 193 54.73 -25.99 35.37
C PRO B 193 54.33 -27.11 36.33
N TRP B 194 53.68 -28.15 35.82
CA TRP B 194 53.23 -29.22 36.70
C TRP B 194 54.36 -30.13 37.16
N SER B 195 55.37 -30.25 36.32
CA SER B 195 56.49 -31.13 36.59
C SER B 195 57.23 -30.80 37.89
N LYS B 196 57.14 -29.54 38.32
CA LYS B 196 57.81 -29.13 39.54
C LYS B 196 56.91 -29.19 40.75
N HIS B 197 55.84 -29.99 40.67
CA HIS B 197 54.81 -29.97 41.71
C HIS B 197 54.23 -31.34 42.08
N PRO B 198 53.66 -31.47 43.27
CA PRO B 198 53.04 -32.73 43.68
C PRO B 198 51.78 -33.02 42.87
N HIS B 199 51.60 -34.29 42.51
CA HIS B 199 50.43 -34.82 41.76
C HIS B 199 50.51 -34.70 40.24
N SER B 200 51.70 -34.52 39.69
CA SER B 200 51.84 -34.52 38.22
C SER B 200 52.27 -35.90 37.74
N ALA B 201 52.62 -36.74 38.69
CA ALA B 201 52.94 -38.14 38.43
C ALA B 201 51.65 -38.87 38.08
N VAL B 202 51.49 -39.16 36.80
CA VAL B 202 50.26 -39.75 36.29
C VAL B 202 50.53 -41.13 35.70
N PRO B 203 49.82 -42.16 36.18
CA PRO B 203 49.89 -43.50 35.59
C PRO B 203 49.49 -43.51 34.12
N ASP B 204 50.19 -44.27 33.30
CA ASP B 204 49.97 -44.25 31.85
C ASP B 204 48.69 -44.93 31.43
N GLY B 205 48.37 -46.04 32.09
CA GLY B 205 47.21 -46.85 31.72
C GLY B 205 45.92 -46.44 32.39
N TYR B 206 45.09 -47.44 32.69
CA TYR B 206 43.76 -47.22 33.26
C TYR B 206 43.79 -47.11 34.78
N TYR B 207 42.97 -46.20 35.31
CA TYR B 207 42.75 -46.08 36.76
C TYR B 207 41.65 -45.05 37.03
N THR B 208 41.11 -45.04 38.24
CA THR B 208 40.02 -44.12 38.56
C THR B 208 40.21 -43.41 39.89
N VAL B 209 39.57 -42.26 40.02
CA VAL B 209 39.42 -41.61 41.32
C VAL B 209 37.93 -41.61 41.60
N PRO B 210 37.54 -42.27 42.68
CA PRO B 210 36.12 -42.51 42.97
C PRO B 210 35.31 -41.22 43.03
N LEU B 211 34.13 -41.23 42.41
CA LEU B 211 33.22 -40.09 42.51
C LEU B 211 32.66 -40.02 43.92
N ASP B 212 32.07 -38.88 44.26
CA ASP B 212 31.46 -38.69 45.58
C ASP B 212 32.47 -38.76 46.72
N LYS B 213 33.74 -38.54 46.41
CA LYS B 213 34.77 -38.59 47.44
C LYS B 213 35.70 -37.39 47.41
N ALA B 214 35.54 -36.53 48.41
CA ALA B 214 36.32 -35.32 48.57
C ALA B 214 37.74 -35.65 48.99
N ALA B 215 38.60 -34.65 49.00
CA ALA B 215 40.00 -34.85 49.38
C ALA B 215 40.54 -33.74 50.26
N ILE B 216 41.04 -34.14 51.42
CA ILE B 216 41.65 -33.21 52.36
C ILE B 216 43.04 -32.88 51.84
N THR B 217 43.23 -31.65 51.41
CA THR B 217 44.51 -31.22 50.86
C THR B 217 45.46 -30.80 51.98
N ARG B 218 44.95 -29.97 52.89
CA ARG B 218 45.72 -29.51 54.03
C ARG B 218 44.93 -29.79 55.30
N PRO B 219 45.38 -30.78 56.08
CA PRO B 219 44.72 -31.14 57.33
C PRO B 219 44.88 -30.01 58.32
N GLY B 220 43.80 -29.65 59.00
CA GLY B 220 43.81 -28.56 59.96
C GLY B 220 42.80 -28.80 61.06
N ASN B 221 42.79 -27.92 62.06
CA ASN B 221 41.89 -28.06 63.20
C ASN B 221 41.12 -26.79 63.48
N ASP B 222 41.61 -25.69 62.92
CA ASP B 222 41.04 -24.37 63.17
C ASP B 222 39.74 -24.11 62.40
N VAL B 223 39.80 -24.25 61.07
CA VAL B 223 38.67 -23.99 60.18
C VAL B 223 38.59 -25.05 59.07
N SER B 224 37.38 -25.49 58.76
CA SER B 224 37.15 -26.32 57.58
C SER B 224 36.96 -25.40 56.38
N VAL B 225 37.67 -25.67 55.29
CA VAL B 225 37.53 -24.84 54.10
C VAL B 225 37.05 -25.69 52.94
N LEU B 226 35.81 -25.42 52.52
CA LEU B 226 35.19 -26.16 51.42
C LEU B 226 35.44 -25.43 50.12
N THR B 227 36.09 -26.10 49.18
CA THR B 227 36.44 -25.49 47.92
C THR B 227 36.77 -26.53 46.86
N TYR B 228 37.09 -26.04 45.66
CA TYR B 228 37.40 -26.88 44.52
C TYR B 228 38.06 -26.04 43.44
N GLY B 229 38.70 -26.71 42.49
CA GLY B 229 39.32 -26.03 41.35
C GLY B 229 40.52 -25.17 41.73
N THR B 230 40.63 -24.02 41.07
CA THR B 230 41.76 -23.11 41.30
C THR B 230 41.82 -22.63 42.75
N THR B 231 40.67 -22.44 43.37
CA THR B 231 40.64 -21.93 44.75
C THR B 231 41.19 -22.92 45.80
N VAL B 232 41.47 -24.16 45.40
CA VAL B 232 42.10 -25.13 46.30
C VAL B 232 43.51 -24.65 46.65
N TYR B 233 44.29 -24.36 45.61
CA TYR B 233 45.63 -23.82 45.79
C TYR B 233 45.62 -22.43 46.39
N VAL B 234 44.55 -21.67 46.15
CA VAL B 234 44.39 -20.36 46.77
C VAL B 234 44.18 -20.53 48.27
N ALA B 235 43.30 -21.45 48.66
CA ALA B 235 43.05 -21.71 50.07
C ALA B 235 44.31 -22.20 50.78
N GLN B 236 45.08 -23.05 50.11
CA GLN B 236 46.30 -23.60 50.67
C GLN B 236 47.30 -22.50 51.02
N VAL B 237 47.68 -21.71 50.01
CA VAL B 237 48.61 -20.61 50.20
C VAL B 237 48.08 -19.62 51.24
N ALA B 238 46.81 -19.28 51.12
CA ALA B 238 46.17 -18.37 52.07
C ALA B 238 46.19 -18.92 53.49
N ALA B 239 46.07 -20.24 53.65
CA ALA B 239 46.12 -20.85 54.98
C ALA B 239 47.47 -20.64 55.62
N GLU B 240 48.52 -20.71 54.78
CA GLU B 240 49.88 -20.56 55.22
C GLU B 240 50.22 -19.11 55.59
N GLU B 241 49.64 -18.17 54.85
CA GLU B 241 49.89 -16.75 55.06
C GLU B 241 49.14 -16.20 56.27
N SER B 242 47.92 -16.69 56.47
CA SER B 242 47.12 -16.33 57.64
C SER B 242 47.70 -16.91 58.91
N GLY B 243 48.36 -18.05 58.79
CA GLY B 243 48.83 -18.80 59.95
C GLY B 243 47.78 -19.80 60.40
N VAL B 244 46.51 -19.42 60.25
CA VAL B 244 45.36 -20.25 60.59
C VAL B 244 45.53 -21.71 60.10
N ASP B 245 45.39 -22.65 61.03
CA ASP B 245 45.49 -24.08 60.71
C ASP B 245 44.18 -24.55 60.10
N ALA B 246 43.95 -24.17 58.85
CA ALA B 246 42.71 -24.49 58.16
C ALA B 246 42.78 -25.82 57.41
N GLU B 247 41.72 -26.60 57.55
CA GLU B 247 41.58 -27.86 56.83
C GLU B 247 41.01 -27.56 55.45
N VAL B 248 41.76 -27.90 54.40
CA VAL B 248 41.36 -27.60 53.03
C VAL B 248 40.80 -28.85 52.36
N ILE B 249 39.53 -28.79 52.00
CA ILE B 249 38.85 -29.92 51.36
C ILE B 249 38.59 -29.61 49.89
N ASP B 250 39.08 -30.47 49.01
CA ASP B 250 38.77 -30.39 47.60
C ASP B 250 37.61 -31.34 47.30
N LEU B 251 36.40 -30.78 47.19
CA LEU B 251 35.20 -31.59 47.01
C LEU B 251 35.29 -32.55 45.84
N ARG B 252 36.03 -32.13 44.80
CA ARG B 252 36.23 -32.95 43.61
C ARG B 252 34.92 -33.25 42.87
N SER B 253 33.99 -33.89 43.56
CA SER B 253 32.64 -34.07 43.03
C SER B 253 31.74 -33.01 43.63
N LEU B 254 31.29 -32.08 42.81
CA LEU B 254 30.44 -30.97 43.27
C LEU B 254 29.07 -31.45 43.73
N TRP B 255 28.33 -32.08 42.84
CA TRP B 255 27.06 -32.69 43.22
C TRP B 255 26.71 -33.85 42.29
N PRO B 256 26.37 -35.00 42.85
CA PRO B 256 26.36 -35.26 44.29
C PRO B 256 27.74 -35.14 44.92
N LEU B 257 27.78 -34.79 46.20
CA LEU B 257 29.07 -34.58 46.88
C LEU B 257 29.37 -35.58 47.98
N ASP B 258 30.58 -35.48 48.51
CA ASP B 258 31.00 -36.28 49.64
C ASP B 258 30.53 -35.60 50.93
N LEU B 259 29.27 -35.81 51.30
CA LEU B 259 28.68 -35.14 52.46
C LEU B 259 29.38 -35.48 53.78
N ASP B 260 29.78 -36.75 53.94
CA ASP B 260 30.41 -37.19 55.18
C ASP B 260 31.72 -36.50 55.47
N THR B 261 32.64 -36.51 54.51
CA THR B 261 33.94 -35.84 54.67
C THR B 261 33.76 -34.39 55.12
N ILE B 262 32.79 -33.71 54.53
CA ILE B 262 32.49 -32.32 54.89
C ILE B 262 32.03 -32.22 56.34
N VAL B 263 30.95 -32.92 56.66
CA VAL B 263 30.36 -32.87 58.00
C VAL B 263 31.39 -33.26 59.04
N GLU B 264 32.19 -34.28 58.73
CA GLU B 264 33.26 -34.71 59.63
C GLU B 264 34.25 -33.58 59.95
N SER B 265 34.67 -32.83 58.93
CA SER B 265 35.63 -31.74 59.13
C SER B 265 35.08 -30.59 59.96
N VAL B 266 33.87 -30.14 59.64
CA VAL B 266 33.26 -29.00 60.33
C VAL B 266 32.89 -29.41 61.75
N LYS B 267 32.50 -30.67 61.91
CA LYS B 267 32.12 -31.22 63.22
C LYS B 267 33.31 -31.15 64.20
N LYS B 268 34.49 -31.52 63.71
CA LYS B 268 35.73 -31.42 64.47
C LYS B 268 36.12 -29.95 64.68
N THR B 269 36.17 -29.21 63.57
CA THR B 269 36.59 -27.83 63.55
C THR B 269 35.69 -26.90 64.34
N GLY B 270 34.45 -26.76 63.91
CA GLY B 270 33.52 -25.82 64.53
C GLY B 270 33.30 -24.53 63.75
N ARG B 271 33.91 -24.43 62.58
CA ARG B 271 33.74 -23.27 61.71
C ARG B 271 34.17 -23.58 60.29
N CYS B 272 33.51 -22.96 59.31
CA CYS B 272 33.89 -23.20 57.93
C CYS B 272 33.73 -22.02 56.99
N VAL B 273 34.58 -22.01 55.96
CA VAL B 273 34.58 -20.98 54.94
C VAL B 273 34.49 -21.63 53.57
N VAL B 274 33.49 -21.23 52.79
CA VAL B 274 33.30 -21.76 51.44
C VAL B 274 33.97 -20.83 50.41
N VAL B 275 34.76 -21.40 49.50
CA VAL B 275 35.46 -20.58 48.52
C VAL B 275 35.29 -21.09 47.10
N HIS B 276 34.76 -20.24 46.22
CA HIS B 276 34.66 -20.54 44.78
C HIS B 276 34.74 -19.29 43.89
N GLU B 277 35.20 -19.46 42.66
CA GLU B 277 35.30 -18.34 41.72
C GLU B 277 33.93 -17.81 41.34
N ALA B 278 32.94 -18.69 41.25
CA ALA B 278 31.60 -18.31 40.84
C ALA B 278 31.05 -17.13 41.65
N THR B 279 30.15 -16.37 41.04
CA THR B 279 29.51 -15.22 41.68
C THR B 279 28.79 -15.64 42.97
N ARG B 280 28.62 -14.71 43.90
CA ARG B 280 28.00 -15.04 45.20
C ARG B 280 26.57 -15.58 45.14
N THR B 281 25.63 -14.71 44.83
CA THR B 281 24.21 -15.04 44.94
C THR B 281 23.79 -16.29 44.21
N CYS B 282 23.19 -17.22 44.95
CA CYS B 282 22.67 -18.49 44.41
C CYS B 282 23.70 -19.35 43.72
N GLY B 283 24.98 -19.10 44.02
CA GLY B 283 26.06 -19.96 43.55
C GLY B 283 26.00 -21.30 44.26
N PHE B 284 26.97 -22.15 43.99
CA PHE B 284 27.06 -23.46 44.64
C PHE B 284 27.34 -23.33 46.14
N GLY B 285 28.05 -22.26 46.51
CA GLY B 285 28.39 -22.00 47.91
C GLY B 285 27.20 -21.98 48.85
N ALA B 286 26.06 -21.52 48.35
CA ALA B 286 24.86 -21.39 49.17
C ALA B 286 24.28 -22.73 49.60
N GLU B 287 24.40 -23.73 48.72
CA GLU B 287 23.98 -25.08 49.02
C GLU B 287 24.92 -25.68 50.06
N LEU B 288 26.21 -25.46 49.86
CA LEU B 288 27.24 -25.88 50.82
C LEU B 288 27.01 -25.25 52.19
N VAL B 289 26.75 -23.94 52.22
CA VAL B 289 26.42 -23.26 53.45
C VAL B 289 25.17 -23.87 54.09
N SER B 290 24.16 -24.13 53.26
CA SER B 290 22.90 -24.70 53.75
C SER B 290 23.07 -26.10 54.30
N LEU B 291 23.95 -26.87 53.67
CA LEU B 291 24.18 -28.25 54.09
C LEU B 291 24.91 -28.31 55.43
N VAL B 292 25.97 -27.53 55.56
CA VAL B 292 26.74 -27.45 56.80
C VAL B 292 25.81 -27.00 57.93
N GLN B 293 25.07 -25.93 57.69
CA GLN B 293 24.15 -25.38 58.67
C GLN B 293 23.15 -26.43 59.15
N GLU B 294 22.71 -27.29 58.24
CA GLU B 294 21.72 -28.32 58.55
C GLU B 294 22.30 -29.42 59.44
N HIS B 295 23.54 -29.81 59.17
CA HIS B 295 24.15 -30.98 59.81
C HIS B 295 25.20 -30.64 60.89
N CYS B 296 25.60 -29.38 60.98
CA CYS B 296 26.68 -28.97 61.89
C CYS B 296 26.34 -27.71 62.68
N PHE B 297 25.07 -27.58 63.05
CA PHE B 297 24.54 -26.35 63.63
C PHE B 297 25.05 -26.13 65.05
N HIS B 298 24.94 -27.17 65.86
CA HIS B 298 25.34 -27.09 67.26
C HIS B 298 26.85 -27.05 67.42
N HIS B 299 27.57 -27.74 66.52
CA HIS B 299 29.02 -27.73 66.54
C HIS B 299 29.61 -26.49 65.88
N LEU B 300 28.77 -25.49 65.65
CA LEU B 300 29.21 -24.33 64.88
C LEU B 300 29.59 -23.19 65.82
N GLU B 301 30.88 -22.86 65.84
CA GLU B 301 31.44 -21.86 66.77
C GLU B 301 31.41 -20.44 66.21
N ALA B 302 30.87 -20.26 65.00
CA ALA B 302 30.84 -18.96 64.29
C ALA B 302 30.03 -19.05 63.00
N PRO B 303 29.60 -17.91 62.44
CA PRO B 303 28.84 -17.90 61.18
C PRO B 303 29.68 -18.43 60.02
N ILE B 304 29.06 -19.23 59.16
CA ILE B 304 29.71 -19.76 57.97
C ILE B 304 29.97 -18.62 56.99
N GLU B 305 31.24 -18.46 56.60
CA GLU B 305 31.63 -17.42 55.66
C GLU B 305 31.79 -18.00 54.27
N ARG B 306 31.74 -17.13 53.26
CA ARG B 306 32.03 -17.55 51.90
C ARG B 306 32.70 -16.47 51.07
N VAL B 307 33.90 -16.80 50.59
CA VAL B 307 34.69 -15.92 49.75
C VAL B 307 34.53 -16.40 48.31
N THR B 308 33.86 -15.57 47.52
CA THR B 308 33.54 -15.91 46.15
C THR B 308 33.80 -14.72 45.24
N GLY B 309 33.56 -14.90 43.95
CA GLY B 309 33.60 -13.79 42.99
C GLY B 309 32.43 -12.85 43.24
N TRP B 310 32.60 -11.59 42.86
CA TRP B 310 31.55 -10.60 43.08
C TRP B 310 30.33 -10.86 42.21
N ASP B 311 29.17 -10.36 42.63
CA ASP B 311 27.96 -10.48 41.84
C ASP B 311 28.00 -9.55 40.63
N THR B 312 28.86 -9.90 39.69
CA THR B 312 29.16 -9.04 38.56
C THR B 312 29.72 -9.92 37.45
N PRO B 313 29.49 -9.57 36.19
CA PRO B 313 30.07 -10.30 35.08
C PRO B 313 31.59 -10.17 35.09
N TYR B 314 32.27 -11.24 34.68
CA TYR B 314 33.73 -11.30 34.79
C TYR B 314 34.40 -10.21 33.96
N PRO B 315 35.08 -9.28 34.63
CA PRO B 315 35.73 -8.17 33.95
C PRO B 315 37.10 -8.56 33.42
N HIS B 316 37.70 -7.66 32.65
CA HIS B 316 39.01 -7.90 32.04
C HIS B 316 40.13 -7.18 32.78
N ALA B 317 40.04 -5.86 32.81
CA ALA B 317 41.06 -5.02 33.44
C ALA B 317 41.10 -5.21 34.94
N GLN B 318 39.94 -5.37 35.57
CA GLN B 318 39.86 -5.51 37.03
C GLN B 318 40.04 -6.96 37.51
N GLU B 319 40.57 -7.82 36.62
CA GLU B 319 40.79 -9.24 36.88
C GLU B 319 41.11 -9.59 38.34
N TRP B 320 42.21 -9.03 38.85
CA TRP B 320 42.72 -9.40 40.18
C TRP B 320 41.97 -8.76 41.32
N ALA B 321 41.12 -7.80 41.01
CA ALA B 321 40.22 -7.26 42.01
C ALA B 321 38.95 -8.11 42.05
N TYR B 322 38.74 -8.93 41.02
CA TYR B 322 37.58 -9.81 41.00
C TYR B 322 37.90 -11.16 41.63
N PHE B 323 38.79 -11.90 40.99
CA PHE B 323 39.20 -13.24 41.39
C PHE B 323 39.55 -13.28 42.88
N PRO B 324 38.95 -14.20 43.61
CA PRO B 324 39.23 -14.36 45.03
C PRO B 324 40.63 -14.91 45.24
N GLY B 325 41.55 -14.02 45.60
CA GLY B 325 42.95 -14.38 45.77
C GLY B 325 43.32 -14.72 47.20
N PRO B 326 44.59 -15.06 47.42
CA PRO B 326 45.09 -15.45 48.73
C PRO B 326 44.83 -14.39 49.80
N SER B 327 44.93 -13.11 49.43
CA SER B 327 44.66 -12.01 50.34
C SER B 327 43.20 -12.02 50.77
N ARG B 328 42.29 -11.93 49.81
CA ARG B 328 40.85 -11.86 50.09
C ARG B 328 40.31 -13.11 50.80
N VAL B 329 40.86 -14.27 50.45
CA VAL B 329 40.52 -15.51 51.16
C VAL B 329 41.09 -15.47 52.57
N GLY B 330 42.35 -15.06 52.67
CA GLY B 330 43.06 -14.97 53.94
C GLY B 330 42.31 -14.18 54.99
N ALA B 331 41.80 -13.01 54.59
CA ALA B 331 41.03 -12.16 55.48
C ALA B 331 39.85 -12.91 56.11
N ALA B 332 39.20 -13.76 55.33
CA ALA B 332 38.05 -14.53 55.80
C ALA B 332 38.46 -15.60 56.82
N LEU B 333 39.65 -16.17 56.65
CA LEU B 333 40.17 -17.15 57.58
C LEU B 333 40.44 -16.50 58.95
N LYS B 334 40.84 -15.24 58.93
CA LYS B 334 41.01 -14.48 60.15
C LYS B 334 39.66 -14.10 60.72
N LYS B 335 38.74 -13.73 59.84
CA LYS B 335 37.40 -13.30 60.25
C LYS B 335 36.62 -14.40 60.98
N VAL B 336 36.71 -15.64 60.50
CA VAL B 336 36.01 -16.75 61.17
C VAL B 336 36.63 -17.10 62.50
N MET B 337 37.94 -17.00 62.59
CA MET B 337 38.65 -17.35 63.81
C MET B 337 38.44 -16.31 64.92
N GLU B 338 37.61 -15.31 64.65
CA GLU B 338 37.42 -14.21 65.59
C GLU B 338 36.27 -14.44 66.57
N VAL B 339 36.50 -13.97 67.80
CA VAL B 339 35.54 -14.09 68.89
C VAL B 339 34.68 -12.82 68.96
N ASN C 2 24.06 -58.59 5.28
CA ASN C 2 24.25 -59.23 3.93
C ASN C 2 23.84 -58.30 2.77
N GLU C 3 22.61 -57.78 2.83
CA GLU C 3 21.99 -57.06 1.71
C GLU C 3 22.45 -55.60 1.64
N TYR C 4 22.63 -54.98 2.79
CA TYR C 4 23.07 -53.59 2.88
C TYR C 4 24.47 -53.51 3.41
N ALA C 5 25.32 -52.78 2.70
CA ALA C 5 26.69 -52.54 3.14
C ALA C 5 26.67 -51.70 4.41
N PRO C 6 27.58 -51.96 5.34
CA PRO C 6 27.60 -51.21 6.60
C PRO C 6 27.65 -49.71 6.36
N LEU C 7 26.75 -48.97 7.01
CA LEU C 7 26.77 -47.51 6.96
C LEU C 7 28.08 -46.95 7.50
N ARG C 8 28.53 -45.83 6.95
CA ARG C 8 29.71 -45.15 7.49
C ARG C 8 29.46 -43.70 7.85
N LEU C 9 29.94 -43.28 9.02
CA LEU C 9 29.89 -41.87 9.39
C LEU C 9 30.70 -41.10 8.37
N HIS C 10 30.21 -39.94 7.98
CA HIS C 10 30.90 -39.13 7.00
C HIS C 10 31.42 -37.86 7.65
N VAL C 11 32.72 -37.62 7.51
CA VAL C 11 33.33 -36.44 8.09
C VAL C 11 34.11 -35.68 7.02
N PRO C 12 33.65 -34.46 6.71
CA PRO C 12 34.26 -33.66 5.68
C PRO C 12 35.65 -33.21 6.07
N GLU C 13 36.52 -33.12 5.07
CA GLU C 13 37.89 -32.66 5.27
C GLU C 13 38.29 -31.65 4.21
N PRO C 14 39.00 -30.60 4.64
CA PRO C 14 39.56 -29.63 3.71
C PRO C 14 40.53 -30.34 2.79
N THR C 15 40.45 -30.06 1.48
CA THR C 15 41.37 -30.66 0.54
C THR C 15 42.81 -30.31 0.94
N GLY C 16 43.00 -29.10 1.47
CA GLY C 16 44.33 -28.64 1.84
C GLY C 16 44.67 -28.84 3.31
N ARG C 17 45.78 -29.53 3.56
CA ARG C 17 46.36 -29.64 4.90
C ARG C 17 47.81 -29.14 4.87
N PRO C 18 48.41 -28.88 6.03
CA PRO C 18 49.80 -28.43 6.10
C PRO C 18 50.74 -29.37 5.35
N GLY C 19 51.57 -28.82 4.47
CA GLY C 19 52.47 -29.61 3.65
C GLY C 19 51.83 -30.04 2.33
N CYS C 20 50.65 -29.50 2.04
CA CYS C 20 50.00 -29.76 0.77
C CYS C 20 49.49 -28.47 0.14
N GLN C 21 48.64 -28.63 -0.86
CA GLN C 21 48.09 -27.51 -1.60
C GLN C 21 46.56 -27.61 -1.63
N THR C 22 45.87 -26.52 -1.28
CA THR C 22 44.41 -26.50 -1.28
C THR C 22 43.85 -26.51 -2.69
N ASP C 23 42.77 -27.27 -2.88
CA ASP C 23 42.10 -27.34 -4.17
C ASP C 23 40.84 -26.48 -4.14
N PHE C 24 40.99 -25.20 -4.52
CA PHE C 24 39.92 -24.22 -4.36
C PHE C 24 38.75 -24.39 -5.33
N SER C 25 38.59 -25.60 -5.84
CA SER C 25 37.50 -25.90 -6.76
C SER C 25 36.14 -25.84 -6.06
N TYR C 26 36.11 -26.20 -4.78
CA TYR C 26 34.87 -26.26 -4.01
C TYR C 26 34.11 -24.94 -3.99
N LEU C 27 34.84 -23.83 -4.13
CA LEU C 27 34.21 -22.53 -4.28
C LEU C 27 33.54 -22.50 -5.65
N ARG C 28 32.21 -22.59 -5.71
CA ARG C 28 31.55 -22.41 -7.00
C ARG C 28 31.74 -20.95 -7.35
N LEU C 29 32.62 -20.69 -8.32
CA LEU C 29 32.87 -19.30 -8.71
C LEU C 29 32.29 -18.97 -10.07
N ASN C 30 32.17 -17.67 -10.34
CA ASN C 30 31.63 -17.17 -11.59
C ASN C 30 32.52 -16.06 -12.09
N ASP C 31 32.53 -15.83 -13.39
CA ASP C 31 33.32 -14.73 -13.92
C ASP C 31 32.62 -13.40 -13.67
N ALA C 32 33.41 -12.34 -13.63
CA ALA C 32 32.88 -11.00 -13.41
C ALA C 32 31.77 -10.68 -14.41
N GLY C 33 30.71 -10.07 -13.91
CA GLY C 33 29.59 -9.66 -14.75
C GLY C 33 28.69 -10.80 -15.20
N GLN C 34 29.06 -12.03 -14.84
CA GLN C 34 28.29 -13.20 -15.23
C GLN C 34 26.90 -13.20 -14.59
N ALA C 35 26.85 -12.97 -13.27
CA ALA C 35 25.58 -12.93 -12.55
C ALA C 35 24.78 -11.67 -12.84
N ARG C 36 23.46 -11.82 -12.95
CA ARG C 36 22.56 -10.70 -13.23
C ARG C 36 22.28 -9.84 -11.99
N LYS C 37 21.64 -8.69 -12.21
CA LYS C 37 21.21 -7.84 -11.10
C LYS C 37 19.68 -7.80 -11.07
N PRO C 38 19.08 -8.53 -10.14
CA PRO C 38 17.62 -8.60 -10.06
C PRO C 38 17.05 -7.29 -9.55
N PRO C 39 15.76 -7.09 -9.73
CA PRO C 39 15.07 -5.90 -9.23
C PRO C 39 15.05 -5.89 -7.71
N VAL C 40 14.91 -4.73 -7.10
CA VAL C 40 14.82 -4.64 -5.65
C VAL C 40 13.55 -5.30 -5.12
N ASP C 41 12.57 -5.53 -6.00
CA ASP C 41 11.32 -6.19 -5.60
C ASP C 41 11.28 -7.68 -5.95
N VAL C 42 12.38 -8.22 -6.46
CA VAL C 42 12.44 -9.64 -6.84
C VAL C 42 11.91 -10.52 -5.70
N ASP C 43 11.11 -11.53 -6.03
CA ASP C 43 10.61 -12.46 -5.03
C ASP C 43 11.75 -13.36 -4.54
N ALA C 44 11.74 -13.69 -3.26
CA ALA C 44 12.76 -14.55 -2.66
C ALA C 44 13.01 -15.83 -3.46
N ALA C 45 11.93 -16.48 -3.89
CA ALA C 45 12.04 -17.73 -4.65
C ALA C 45 12.85 -17.54 -5.93
N ASP C 46 12.69 -16.39 -6.58
CA ASP C 46 13.39 -16.14 -7.83
C ASP C 46 14.84 -15.72 -7.61
N THR C 47 15.38 -16.03 -6.45
CA THR C 47 16.73 -15.65 -6.12
C THR C 47 17.62 -16.89 -5.98
N ALA C 48 17.03 -18.06 -6.19
CA ALA C 48 17.72 -19.36 -5.99
C ALA C 48 19.04 -19.48 -6.76
N ASP C 49 19.01 -19.23 -8.07
CA ASP C 49 20.21 -19.29 -8.90
C ASP C 49 21.28 -18.43 -8.27
N LEU C 50 20.88 -17.21 -7.90
CA LEU C 50 21.81 -16.25 -7.36
C LEU C 50 22.45 -16.72 -6.05
N SER C 51 21.75 -17.59 -5.32
CA SER C 51 22.31 -18.14 -4.09
C SER C 51 23.40 -19.18 -4.38
N TYR C 52 23.45 -19.69 -5.60
CA TYR C 52 24.45 -20.69 -5.97
C TYR C 52 25.44 -20.19 -7.02
N SER C 53 25.50 -18.87 -7.21
CA SER C 53 26.46 -18.27 -8.14
C SER C 53 27.30 -17.20 -7.44
N LEU C 54 27.82 -16.24 -8.20
CA LEU C 54 28.68 -15.22 -7.61
C LEU C 54 28.54 -13.86 -8.27
N VAL C 55 27.98 -12.90 -7.55
CA VAL C 55 27.95 -11.53 -8.04
C VAL C 55 29.35 -10.95 -7.91
N ARG C 56 29.95 -10.59 -9.04
CA ARG C 56 31.31 -10.07 -9.04
C ARG C 56 31.51 -9.06 -10.18
N VAL C 57 32.15 -7.94 -9.86
CA VAL C 57 32.32 -6.85 -10.83
C VAL C 57 33.71 -6.80 -11.47
N LEU C 58 34.76 -6.73 -10.66
CA LEU C 58 36.13 -6.55 -11.15
C LEU C 58 36.72 -7.85 -11.64
N ASP C 59 37.09 -7.90 -12.91
CA ASP C 59 37.64 -9.11 -13.48
C ASP C 59 39.13 -9.27 -13.16
N GLU C 60 39.76 -10.23 -13.83
CA GLU C 60 41.17 -10.54 -13.63
C GLU C 60 42.08 -9.34 -13.90
N GLN C 61 41.74 -8.55 -14.91
CA GLN C 61 42.57 -7.42 -15.32
C GLN C 61 42.17 -6.13 -14.61
N GLY C 62 41.14 -6.20 -13.78
CA GLY C 62 40.72 -5.03 -13.01
C GLY C 62 39.68 -4.16 -13.67
N ASP C 63 39.17 -4.59 -14.83
CA ASP C 63 38.08 -3.89 -15.49
C ASP C 63 36.73 -4.32 -14.91
N ALA C 64 35.80 -3.37 -14.80
CA ALA C 64 34.47 -3.66 -14.29
C ALA C 64 33.60 -4.28 -15.38
N GLN C 65 32.85 -5.32 -15.03
CA GLN C 65 31.92 -5.94 -15.97
C GLN C 65 30.52 -6.01 -15.37
N GLY C 66 29.52 -6.15 -16.24
CA GLY C 66 28.18 -6.53 -15.82
C GLY C 66 27.33 -5.45 -15.17
N PRO C 67 26.07 -5.81 -14.92
CA PRO C 67 25.07 -4.87 -14.40
C PRO C 67 25.39 -4.35 -13.02
N TRP C 68 26.22 -5.07 -12.26
CA TRP C 68 26.55 -4.59 -10.92
C TRP C 68 27.55 -3.44 -10.94
N ALA C 69 28.08 -3.15 -12.13
CA ALA C 69 29.05 -2.08 -12.30
C ALA C 69 28.41 -0.71 -12.50
N GLU C 70 27.10 -0.68 -12.72
CA GLU C 70 26.38 0.56 -13.00
C GLU C 70 26.36 1.54 -11.83
N ASP C 71 26.39 2.83 -12.15
CA ASP C 71 26.27 3.93 -11.16
C ASP C 71 27.17 3.70 -9.94
N ILE C 72 28.48 3.87 -10.13
CA ILE C 72 29.44 3.69 -9.05
C ILE C 72 30.34 4.93 -8.94
N ASP C 73 30.02 5.81 -8.00
CA ASP C 73 30.76 7.04 -7.78
C ASP C 73 32.19 6.74 -7.32
N PRO C 74 33.19 7.14 -8.12
CA PRO C 74 34.60 6.92 -7.78
C PRO C 74 35.00 7.50 -6.42
N GLN C 75 34.31 8.55 -5.98
CA GLN C 75 34.56 9.11 -4.66
C GLN C 75 34.29 8.10 -3.54
N ILE C 76 33.29 7.25 -3.75
CA ILE C 76 32.96 6.19 -2.80
C ILE C 76 34.03 5.11 -2.79
N LEU C 77 34.51 4.73 -3.97
CA LEU C 77 35.60 3.78 -4.07
C LEU C 77 36.84 4.30 -3.35
N ARG C 78 37.06 5.60 -3.45
CA ARG C 78 38.16 6.27 -2.76
C ARG C 78 38.04 6.08 -1.26
N GLN C 79 36.86 6.43 -0.71
CA GLN C 79 36.57 6.23 0.71
C GLN C 79 36.75 4.76 1.08
N GLY C 80 36.36 3.88 0.17
CA GLY C 80 36.58 2.44 0.33
C GLY C 80 38.04 2.08 0.49
N MET C 81 38.86 2.53 -0.48
CA MET C 81 40.29 2.33 -0.42
C MET C 81 40.87 2.93 0.86
N ARG C 82 40.43 4.15 1.19
CA ARG C 82 40.85 4.79 2.43
C ARG C 82 40.45 3.96 3.65
N ALA C 83 39.26 3.37 3.61
CA ALA C 83 38.77 2.54 4.72
C ALA C 83 39.51 1.21 4.87
N MET C 84 39.74 0.50 3.76
CA MET C 84 40.42 -0.80 3.82
C MET C 84 41.86 -0.69 4.33
N LEU C 85 42.61 0.28 3.78
CA LEU C 85 44.00 0.49 4.17
C LEU C 85 44.12 0.84 5.64
N LYS C 86 43.32 1.81 6.09
CA LYS C 86 43.29 2.20 7.49
C LYS C 86 43.08 0.97 8.38
N THR C 87 42.06 0.18 8.04
CA THR C 87 41.78 -1.09 8.72
C THR C 87 43.00 -2.00 8.77
N ARG C 88 43.57 -2.32 7.60
CA ARG C 88 44.70 -3.24 7.54
C ARG C 88 45.88 -2.75 8.36
N ILE C 89 46.19 -1.46 8.23
CA ILE C 89 47.33 -0.88 8.91
C ILE C 89 47.11 -0.94 10.42
N PHE C 90 45.92 -0.49 10.83
CA PHE C 90 45.51 -0.64 12.20
C PHE C 90 45.67 -2.08 12.66
N ASP C 91 45.15 -3.03 11.88
CA ASP C 91 45.29 -4.43 12.23
C ASP C 91 46.75 -4.79 12.49
N SER C 92 47.62 -4.52 11.52
CA SER C 92 49.05 -4.82 11.66
C SER C 92 49.60 -4.29 12.99
N ARG C 93 49.35 -3.01 13.22
CA ARG C 93 49.82 -2.33 14.42
C ARG C 93 49.43 -3.03 15.71
N MET C 94 48.18 -3.47 15.79
CA MET C 94 47.66 -4.03 17.02
C MET C 94 48.24 -5.41 17.33
N VAL C 95 48.50 -6.17 16.28
CA VAL C 95 49.16 -7.48 16.41
C VAL C 95 50.52 -7.30 17.09
N VAL C 96 51.26 -6.30 16.61
CA VAL C 96 52.56 -5.94 17.15
C VAL C 96 52.45 -5.53 18.62
N ALA C 97 51.55 -4.58 18.92
CA ALA C 97 51.36 -4.17 20.31
C ALA C 97 50.90 -5.35 21.17
N GLN C 98 50.43 -6.40 20.51
CA GLN C 98 50.01 -7.60 21.19
C GLN C 98 51.24 -8.41 21.62
N ARG C 99 52.16 -8.62 20.67
CA ARG C 99 53.43 -9.29 20.96
C ARG C 99 54.17 -8.57 22.07
N GLN C 100 54.38 -7.27 21.89
CA GLN C 100 55.14 -6.46 22.84
C GLN C 100 54.41 -6.33 24.17
N LYS C 101 53.34 -7.12 24.32
CA LYS C 101 52.62 -7.25 25.58
C LYS C 101 51.92 -5.95 25.99
N LYS C 102 51.76 -5.04 25.04
CA LYS C 102 51.04 -3.79 25.28
C LYS C 102 49.53 -4.04 25.29
N MET C 103 49.11 -5.04 24.51
CA MET C 103 47.71 -5.44 24.45
C MET C 103 47.53 -6.89 24.87
N SER C 104 46.40 -7.18 25.51
CA SER C 104 46.04 -8.52 25.95
C SER C 104 45.80 -9.50 24.80
N PHE C 105 44.95 -9.11 23.85
CA PHE C 105 44.41 -10.01 22.82
C PHE C 105 44.00 -9.22 21.58
N TYR C 106 44.20 -9.78 20.40
CA TYR C 106 43.70 -9.12 19.18
C TYR C 106 43.30 -10.11 18.08
N MET C 107 42.27 -9.75 17.31
CA MET C 107 41.92 -10.52 16.12
C MET C 107 42.01 -9.65 14.88
N GLN C 108 42.71 -10.14 13.87
CA GLN C 108 42.83 -9.44 12.60
C GLN C 108 41.62 -9.68 11.71
N SER C 109 41.53 -8.87 10.66
CA SER C 109 40.56 -9.07 9.61
C SER C 109 41.25 -9.05 8.23
N LEU C 110 42.54 -9.42 8.23
CA LEU C 110 43.35 -9.49 7.01
C LEU C 110 42.62 -10.23 5.90
N GLY C 111 42.44 -9.56 4.76
CA GLY C 111 41.80 -10.16 3.60
C GLY C 111 40.29 -9.97 3.52
N GLU C 112 39.71 -9.38 4.57
CA GLU C 112 38.25 -9.19 4.64
C GLU C 112 37.85 -7.72 4.77
N GLU C 113 38.83 -6.83 4.62
CA GLU C 113 38.64 -5.40 4.85
C GLU C 113 37.54 -4.76 3.98
N ALA C 114 37.28 -5.34 2.82
CA ALA C 114 36.32 -4.77 1.88
C ALA C 114 34.86 -4.87 2.34
N ILE C 115 34.55 -5.94 3.05
CA ILE C 115 33.16 -6.28 3.35
C ILE C 115 32.46 -5.29 4.28
N GLY C 116 33.00 -5.13 5.49
CA GLY C 116 32.39 -4.24 6.46
C GLY C 116 32.37 -2.81 5.96
N SER C 117 33.53 -2.35 5.50
CA SER C 117 33.69 -1.01 4.93
C SER C 117 32.73 -0.82 3.77
N GLY C 118 32.75 -1.76 2.83
CA GLY C 118 31.83 -1.74 1.68
C GLY C 118 30.40 -1.48 2.11
N GLN C 119 29.86 -2.36 2.96
CA GLN C 119 28.48 -2.20 3.39
C GLN C 119 28.28 -0.94 4.21
N ALA C 120 29.24 -0.64 5.08
CA ALA C 120 29.16 0.56 5.90
C ALA C 120 28.92 1.81 5.05
N LEU C 121 29.62 1.89 3.92
CA LEU C 121 29.48 3.02 3.02
C LEU C 121 28.16 3.05 2.27
N ALA C 122 27.50 1.90 2.17
CA ALA C 122 26.20 1.83 1.50
C ALA C 122 25.05 2.16 2.45
N LEU C 123 25.33 2.16 3.75
CA LEU C 123 24.30 2.40 4.75
C LEU C 123 24.33 3.84 5.27
N ASN C 124 23.32 4.18 6.07
CA ASN C 124 23.35 5.43 6.81
C ASN C 124 23.98 5.21 8.17
N ARG C 125 24.57 6.26 8.72
CA ARG C 125 25.21 6.18 10.03
C ARG C 125 24.22 5.74 11.10
N THR C 126 22.95 6.06 10.90
CA THR C 126 21.89 5.66 11.83
C THR C 126 21.44 4.21 11.64
N ASP C 127 21.76 3.60 10.51
CA ASP C 127 21.49 2.17 10.34
C ASP C 127 22.44 1.40 11.24
N MET C 128 21.90 0.83 12.33
CA MET C 128 22.74 0.12 13.31
C MET C 128 23.21 -1.22 12.77
N CYS C 129 24.50 -1.48 12.99
CA CYS C 129 25.12 -2.74 12.61
C CYS C 129 25.25 -3.64 13.82
N PHE C 130 25.00 -4.94 13.60
CA PHE C 130 25.17 -5.94 14.63
C PHE C 130 26.35 -6.82 14.22
N PRO C 131 27.55 -6.34 14.55
CA PRO C 131 28.77 -6.93 14.02
C PRO C 131 29.28 -8.08 14.88
N THR C 132 30.18 -8.87 14.32
CA THR C 132 30.99 -9.79 15.10
C THR C 132 32.25 -9.04 15.51
N TYR C 133 33.21 -9.74 16.09
CA TYR C 133 34.51 -9.18 16.45
C TYR C 133 35.37 -8.85 15.22
N ARG C 134 34.93 -9.28 14.03
CA ARG C 134 35.72 -9.11 12.81
C ARG C 134 35.23 -8.04 11.83
N GLN C 135 34.46 -7.07 12.28
CA GLN C 135 34.05 -6.02 11.35
C GLN C 135 34.52 -4.63 11.77
N GLN C 136 35.75 -4.57 12.29
CA GLN C 136 36.38 -3.29 12.66
C GLN C 136 36.46 -2.36 11.46
N SER C 137 36.45 -2.94 10.25
CA SER C 137 36.38 -2.14 9.04
C SER C 137 35.15 -1.21 9.08
N ILE C 138 34.04 -1.70 9.62
CA ILE C 138 32.83 -0.87 9.75
C ILE C 138 33.14 0.37 10.58
N LEU C 139 33.82 0.17 11.71
CA LEU C 139 34.22 1.29 12.57
C LEU C 139 35.15 2.22 11.82
N MET C 140 35.99 1.65 10.98
CA MET C 140 36.96 2.45 10.23
C MET C 140 36.30 3.27 9.13
N ALA C 141 35.30 2.70 8.48
CA ALA C 141 34.59 3.39 7.39
C ALA C 141 33.65 4.48 7.91
N ARG C 142 33.44 4.51 9.22
CA ARG C 142 32.60 5.53 9.83
C ARG C 142 33.44 6.49 10.67
N ASP C 143 34.76 6.40 10.46
CA ASP C 143 35.76 7.29 11.06
C ASP C 143 35.57 7.46 12.57
N VAL C 144 35.66 6.33 13.28
CA VAL C 144 35.61 6.33 14.74
C VAL C 144 36.98 6.68 15.29
N SER C 145 37.02 7.46 16.36
CA SER C 145 38.27 7.80 17.02
C SER C 145 39.13 6.56 17.29
N LEU C 146 40.31 6.51 16.67
CA LEU C 146 41.27 5.43 16.92
C LEU C 146 41.69 5.40 18.37
N VAL C 147 41.82 6.58 18.97
CA VAL C 147 42.27 6.69 20.36
C VAL C 147 41.36 5.90 21.29
N GLU C 148 40.05 6.03 21.08
CA GLU C 148 39.09 5.31 21.91
C GLU C 148 39.06 3.82 21.59
N MET C 149 39.26 3.47 20.33
CA MET C 149 39.33 2.06 19.94
C MET C 149 40.51 1.40 20.67
N ILE C 150 41.68 1.99 20.54
CA ILE C 150 42.92 1.51 21.17
C ILE C 150 42.80 1.51 22.69
N CYS C 151 42.21 2.56 23.25
CA CYS C 151 42.02 2.62 24.69
C CYS C 151 41.25 1.40 25.19
N GLN C 152 40.18 1.04 24.47
CA GLN C 152 39.43 -0.18 24.78
C GLN C 152 40.35 -1.40 24.62
N LEU C 153 41.14 -1.43 23.56
CA LEU C 153 42.09 -2.50 23.36
C LEU C 153 43.10 -2.61 24.51
N LEU C 154 43.24 -1.53 25.28
CA LEU C 154 44.22 -1.49 26.36
C LEU C 154 43.61 -1.61 27.75
N SER C 155 42.31 -1.34 27.87
CA SER C 155 41.67 -1.29 29.19
C SER C 155 42.27 -0.18 30.04
N ASN C 156 42.51 0.97 29.40
CA ASN C 156 43.03 2.17 30.03
C ASN C 156 42.10 2.75 31.08
N GLU C 157 42.60 3.74 31.82
CA GLU C 157 41.76 4.58 32.65
C GLU C 157 40.73 5.25 31.75
N ARG C 158 40.94 5.11 30.45
CA ARG C 158 40.18 5.83 29.44
C ARG C 158 39.32 4.92 28.57
N ASP C 159 39.34 3.61 28.86
CA ASP C 159 38.47 2.67 28.15
C ASP C 159 37.03 3.13 28.30
N PRO C 160 36.35 3.33 27.17
CA PRO C 160 34.93 3.70 27.20
C PRO C 160 34.05 2.63 27.87
N LEU C 161 34.52 1.39 27.86
CA LEU C 161 33.80 0.30 28.50
C LEU C 161 34.38 0.00 29.89
N LYS C 162 35.23 0.90 30.36
CA LYS C 162 35.75 0.86 31.74
C LYS C 162 36.41 -0.47 32.06
N GLY C 163 37.13 -1.00 31.07
CA GLY C 163 37.83 -2.27 31.20
C GLY C 163 36.97 -3.46 31.56
N ARG C 164 35.66 -3.36 31.34
CA ARG C 164 34.74 -4.46 31.67
C ARG C 164 34.76 -5.54 30.61
N GLN C 165 35.36 -5.26 29.48
CA GLN C 165 35.17 -6.08 28.30
C GLN C 165 36.50 -6.34 27.61
N LEU C 166 36.71 -7.59 27.23
CA LEU C 166 37.91 -8.03 26.53
C LEU C 166 38.21 -7.17 25.29
N PRO C 167 39.49 -6.88 25.07
CA PRO C 167 39.94 -6.18 23.87
C PRO C 167 39.17 -6.60 22.62
N ILE C 168 38.88 -5.63 21.74
CA ILE C 168 38.12 -5.80 20.47
C ILE C 168 36.61 -5.93 20.62
N MET C 169 36.13 -6.22 21.82
CA MET C 169 34.70 -6.37 22.04
C MET C 169 34.10 -4.97 22.14
N TYR C 170 34.28 -4.19 21.07
CA TYR C 170 33.93 -2.76 21.02
C TYR C 170 32.44 -2.52 21.20
N SER C 171 32.08 -1.27 21.45
CA SER C 171 30.68 -0.84 21.48
C SER C 171 30.60 0.65 21.21
N VAL C 172 30.01 1.02 20.09
CA VAL C 172 29.95 2.42 19.70
C VAL C 172 28.56 2.78 19.17
N ARG C 173 27.65 3.13 20.09
CA ARG C 173 26.27 3.45 19.71
C ARG C 173 26.20 4.60 18.70
N GLU C 174 26.95 5.67 18.95
CA GLU C 174 27.00 6.81 18.02
C GLU C 174 27.45 6.42 16.61
N ALA C 175 28.25 5.38 16.48
CA ALA C 175 28.72 4.92 15.18
C ALA C 175 27.79 3.90 14.53
N GLY C 176 26.65 3.63 15.17
CA GLY C 176 25.73 2.59 14.70
C GLY C 176 26.35 1.20 14.74
N PHE C 177 27.12 0.95 15.79
CA PHE C 177 27.91 -0.26 15.95
C PHE C 177 27.54 -0.86 17.30
N PHE C 178 26.67 -1.88 17.26
CA PHE C 178 26.11 -2.49 18.46
C PHE C 178 27.13 -3.29 19.28
N THR C 179 27.05 -3.15 20.61
CA THR C 179 27.97 -3.82 21.54
C THR C 179 28.25 -5.30 21.21
N ILE C 180 29.53 -5.59 20.95
CA ILE C 180 29.96 -6.95 20.64
C ILE C 180 29.93 -7.84 21.88
N SER C 181 29.49 -9.08 21.69
CA SER C 181 29.54 -10.11 22.72
C SER C 181 30.34 -11.30 22.21
N GLY C 182 31.14 -11.89 23.10
CA GLY C 182 31.92 -13.08 22.76
C GLY C 182 31.05 -14.24 22.29
N ASN C 183 29.85 -14.33 22.85
CA ASN C 183 28.88 -15.37 22.49
C ASN C 183 28.51 -15.27 21.03
N LEU C 184 28.83 -16.31 20.25
CA LEU C 184 28.61 -16.31 18.82
C LEU C 184 27.14 -16.29 18.43
N ALA C 185 26.85 -15.66 17.29
CA ALA C 185 25.54 -15.67 16.63
C ALA C 185 24.43 -14.85 17.30
N THR C 186 24.51 -14.65 18.62
CA THR C 186 23.42 -13.97 19.35
C THR C 186 22.99 -12.64 18.72
N GLN C 187 23.93 -11.93 18.11
CA GLN C 187 23.66 -10.61 17.53
C GLN C 187 22.81 -10.67 16.26
N PHE C 188 22.84 -11.80 15.56
CA PHE C 188 22.09 -11.97 14.31
C PHE C 188 20.59 -11.87 14.54
N VAL C 189 20.10 -12.56 15.57
CA VAL C 189 18.70 -12.46 15.97
C VAL C 189 18.41 -11.06 16.46
N GLN C 190 19.32 -10.53 17.28
CA GLN C 190 19.17 -9.20 17.85
C GLN C 190 18.96 -8.13 16.77
N ALA C 191 19.72 -8.25 15.67
CA ALA C 191 19.58 -7.34 14.54
C ALA C 191 18.16 -7.37 14.01
N VAL C 192 17.63 -8.56 13.79
CA VAL C 192 16.27 -8.73 13.28
C VAL C 192 15.25 -8.04 14.19
N GLY C 193 15.47 -8.14 15.50
CA GLY C 193 14.57 -7.53 16.49
C GLY C 193 14.61 -6.03 16.39
N TRP C 194 15.82 -5.51 16.21
CA TRP C 194 16.04 -4.08 16.05
C TRP C 194 15.31 -3.55 14.82
N ALA C 195 15.32 -4.35 13.74
CA ALA C 195 14.58 -4.01 12.53
C ALA C 195 13.09 -4.04 12.78
N MET C 196 12.63 -5.07 13.50
CA MET C 196 11.23 -5.19 13.86
C MET C 196 10.78 -3.93 14.62
N ALA C 197 11.65 -3.43 15.50
CA ALA C 197 11.38 -2.21 16.25
C ALA C 197 11.22 -1.01 15.32
N SER C 198 12.19 -0.84 14.42
CA SER C 198 12.15 0.23 13.42
C SER C 198 10.86 0.18 12.61
N ALA C 199 10.47 -1.04 12.23
CA ALA C 199 9.20 -1.25 11.53
C ALA C 199 8.01 -0.93 12.42
N ILE C 200 8.10 -1.28 13.70
CA ILE C 200 6.98 -1.06 14.62
C ILE C 200 6.69 0.43 14.81
N LYS C 201 7.72 1.24 14.78
CA LYS C 201 7.55 2.67 15.02
C LYS C 201 7.43 3.51 13.75
N GLY C 202 7.25 2.85 12.61
CA GLY C 202 7.13 3.56 11.33
C GLY C 202 8.36 4.40 11.01
N ASP C 203 9.52 3.89 11.42
CA ASP C 203 10.79 4.54 11.19
C ASP C 203 11.30 4.18 9.78
N THR C 204 12.52 4.59 9.44
CA THR C 204 13.13 4.24 8.14
C THR C 204 14.55 3.71 8.27
N LYS C 205 14.99 3.47 9.50
CA LYS C 205 16.33 2.91 9.73
C LYS C 205 16.31 1.40 9.49
N ILE C 206 17.44 0.84 9.07
CA ILE C 206 17.54 -0.61 8.91
C ILE C 206 18.66 -1.21 9.77
N ALA C 207 18.57 -2.51 10.00
CA ALA C 207 19.58 -3.22 10.78
C ALA C 207 20.55 -3.94 9.85
N SER C 208 21.82 -3.92 10.21
CA SER C 208 22.84 -4.64 9.45
C SER C 208 23.41 -5.74 10.34
N ALA C 209 23.10 -6.99 9.98
CA ALA C 209 23.47 -8.16 10.78
C ALA C 209 24.68 -8.87 10.21
N TRP C 210 25.54 -9.41 11.07
CA TRP C 210 26.76 -10.07 10.62
C TRP C 210 27.00 -11.40 11.32
N ILE C 211 27.62 -12.34 10.60
CA ILE C 211 27.91 -13.65 11.15
C ILE C 211 28.93 -14.35 10.24
N GLY C 212 29.74 -15.23 10.82
CA GLY C 212 30.71 -16.01 10.04
C GLY C 212 30.17 -17.37 9.63
N ASP C 213 30.84 -17.98 8.66
CA ASP C 213 30.54 -19.33 8.18
C ASP C 213 30.31 -20.32 9.32
N GLY C 214 31.26 -20.38 10.25
CA GLY C 214 31.19 -21.28 11.39
C GLY C 214 29.97 -21.02 12.24
N ALA C 215 29.71 -19.76 12.54
CA ALA C 215 28.59 -19.39 13.40
C ALA C 215 27.21 -19.61 12.80
N THR C 216 27.13 -19.90 11.50
CA THR C 216 25.82 -20.20 10.88
C THR C 216 25.23 -21.49 11.44
N ALA C 217 26.08 -22.36 11.97
CA ALA C 217 25.62 -23.61 12.56
C ALA C 217 24.96 -23.39 13.92
N GLU C 218 25.20 -22.22 14.51
CA GLU C 218 24.62 -21.86 15.79
C GLU C 218 23.12 -21.59 15.63
N SER C 219 22.37 -21.86 16.68
CA SER C 219 20.91 -21.84 16.60
C SER C 219 20.31 -20.46 16.33
N ASP C 220 20.95 -19.41 16.84
CA ASP C 220 20.47 -18.05 16.60
C ASP C 220 20.56 -17.63 15.12
N PHE C 221 21.30 -18.37 14.31
CA PHE C 221 21.33 -18.12 12.88
C PHE C 221 19.96 -18.40 12.27
N HIS C 222 19.43 -19.58 12.57
CA HIS C 222 18.16 -20.01 12.04
C HIS C 222 17.01 -19.20 12.62
N THR C 223 17.18 -18.79 13.87
CA THR C 223 16.17 -17.97 14.52
C THR C 223 16.03 -16.63 13.79
N ALA C 224 17.17 -16.07 13.40
CA ALA C 224 17.19 -14.78 12.72
C ALA C 224 16.49 -14.84 11.36
N LEU C 225 16.85 -15.81 10.52
CA LEU C 225 16.21 -15.97 9.21
C LEU C 225 14.71 -16.12 9.38
N THR C 226 14.29 -17.03 10.26
CA THR C 226 12.89 -17.27 10.54
C THR C 226 12.16 -15.97 10.87
N PHE C 227 12.64 -15.26 11.89
CA PHE C 227 12.00 -14.00 12.30
C PHE C 227 12.07 -12.91 11.23
N ALA C 228 13.22 -12.79 10.58
CA ALA C 228 13.36 -11.85 9.48
C ALA C 228 12.31 -12.14 8.41
N HIS C 229 12.07 -13.42 8.14
CA HIS C 229 11.09 -13.81 7.14
C HIS C 229 9.67 -13.61 7.61
N VAL C 230 9.36 -14.18 8.78
CA VAL C 230 7.99 -14.17 9.30
C VAL C 230 7.43 -12.75 9.32
N TYR C 231 8.23 -11.78 9.76
CA TYR C 231 7.75 -10.41 9.90
C TYR C 231 8.24 -9.46 8.82
N ARG C 232 8.90 -10.00 7.79
CA ARG C 232 9.39 -9.16 6.69
C ARG C 232 10.15 -7.96 7.24
N ALA C 233 11.14 -8.24 8.08
CA ALA C 233 11.86 -7.18 8.78
C ALA C 233 12.92 -6.56 7.87
N PRO C 234 13.06 -5.25 7.97
CA PRO C 234 14.10 -4.52 7.25
C PRO C 234 15.51 -4.83 7.76
N VAL C 235 15.99 -6.04 7.49
CA VAL C 235 17.34 -6.41 7.88
C VAL C 235 18.17 -6.78 6.67
N ILE C 236 19.45 -6.45 6.71
CA ILE C 236 20.43 -7.09 5.86
C ILE C 236 21.14 -8.15 6.70
N LEU C 237 21.02 -9.40 6.26
CA LEU C 237 21.62 -10.52 6.97
C LEU C 237 22.92 -10.95 6.29
N ASN C 238 24.04 -10.67 6.94
CA ASN C 238 25.36 -10.89 6.33
C ASN C 238 26.08 -12.12 6.87
N VAL C 239 26.30 -13.08 6.00
CA VAL C 239 27.13 -14.24 6.33
C VAL C 239 28.50 -14.02 5.73
N VAL C 240 29.52 -13.98 6.59
CA VAL C 240 30.89 -13.81 6.10
C VAL C 240 31.58 -15.17 6.00
N ASN C 241 31.55 -15.76 4.81
CA ASN C 241 32.22 -17.04 4.58
C ASN C 241 33.69 -16.83 4.25
N ASN C 242 34.53 -16.96 5.27
CA ASN C 242 35.98 -16.86 5.09
C ASN C 242 36.63 -18.23 4.98
N GLN C 243 35.79 -19.24 4.79
CA GLN C 243 36.20 -20.64 4.68
C GLN C 243 36.59 -21.28 6.01
N TRP C 244 36.79 -20.48 7.05
CA TRP C 244 37.30 -21.02 8.30
C TRP C 244 36.62 -20.54 9.58
N ALA C 245 36.65 -21.44 10.56
CA ALA C 245 36.24 -21.17 11.92
C ALA C 245 37.31 -21.76 12.85
N ILE C 246 38.24 -20.90 13.26
CA ILE C 246 39.47 -21.32 13.93
C ILE C 246 40.19 -22.37 13.07
N SER C 247 40.08 -23.64 13.44
CA SER C 247 40.76 -24.70 12.70
C SER C 247 39.80 -25.43 11.77
N THR C 248 38.52 -25.06 11.82
CA THR C 248 37.47 -25.82 11.14
C THR C 248 37.13 -25.26 9.76
N PHE C 249 37.35 -26.09 8.75
CA PHE C 249 36.97 -25.78 7.37
C PHE C 249 35.46 -25.65 7.25
N GLN C 250 35.01 -24.75 6.36
CA GLN C 250 33.58 -24.44 6.23
C GLN C 250 32.72 -25.65 5.85
N ALA C 251 33.35 -26.74 5.41
CA ALA C 251 32.59 -27.93 5.06
C ALA C 251 31.93 -28.58 6.28
N ILE C 252 32.57 -28.45 7.43
CA ILE C 252 32.01 -28.94 8.68
C ILE C 252 30.89 -28.03 9.19
N ALA C 253 30.86 -26.79 8.69
CA ALA C 253 29.77 -25.89 9.01
C ALA C 253 28.53 -26.25 8.19
N GLY C 254 28.71 -27.11 7.20
CA GLY C 254 27.62 -27.56 6.34
C GLY C 254 27.65 -26.96 4.94
N GLY C 255 28.85 -26.57 4.51
CA GLY C 255 29.05 -25.93 3.21
C GLY C 255 29.22 -26.89 2.06
N GLU C 256 29.54 -28.16 2.37
CA GLU C 256 29.77 -29.18 1.35
C GLU C 256 28.60 -29.28 0.38
N SER C 257 28.87 -29.05 -0.89
CA SER C 257 27.86 -29.08 -1.96
C SER C 257 26.70 -28.10 -1.78
N THR C 258 26.84 -27.14 -0.87
CA THR C 258 25.78 -26.16 -0.67
C THR C 258 26.37 -24.76 -0.67
N THR C 259 25.52 -23.76 -0.48
CA THR C 259 25.98 -22.42 -0.20
C THR C 259 25.26 -21.89 1.03
N PHE C 260 25.81 -20.88 1.67
CA PHE C 260 25.16 -20.26 2.82
C PHE C 260 24.06 -19.34 2.35
N ALA C 261 24.27 -18.72 1.19
CA ALA C 261 23.24 -17.93 0.56
C ALA C 261 22.00 -18.80 0.33
N GLY C 262 22.23 -20.07 0.01
CA GLY C 262 21.15 -21.04 -0.23
C GLY C 262 20.16 -21.16 0.92
N ARG C 263 20.65 -20.96 2.14
CA ARG C 263 19.81 -21.12 3.33
C ARG C 263 18.81 -19.98 3.52
N GLY C 264 19.07 -18.85 2.85
CA GLY C 264 18.15 -17.72 2.88
C GLY C 264 16.95 -17.94 1.99
N VAL C 265 17.22 -18.40 0.76
CA VAL C 265 16.20 -18.82 -0.18
C VAL C 265 15.29 -19.83 0.51
N GLY C 266 15.91 -20.76 1.23
CA GLY C 266 15.18 -21.80 1.94
C GLY C 266 14.17 -21.27 2.94
N CYS C 267 14.50 -20.19 3.63
CA CYS C 267 13.55 -19.58 4.56
C CYS C 267 12.81 -18.39 3.95
N GLY C 268 12.78 -18.33 2.61
CA GLY C 268 12.02 -17.29 1.90
C GLY C 268 12.57 -15.88 2.00
N ILE C 269 13.90 -15.79 1.95
CA ILE C 269 14.59 -14.51 1.96
C ILE C 269 15.43 -14.41 0.69
N ALA C 270 15.27 -13.31 -0.03
CA ALA C 270 16.06 -13.05 -1.24
C ALA C 270 17.53 -13.08 -0.89
N SER C 271 18.32 -13.81 -1.68
CA SER C 271 19.69 -14.09 -1.30
C SER C 271 20.70 -13.86 -2.42
N LEU C 272 21.80 -13.22 -2.08
CA LEU C 272 22.91 -13.06 -2.99
C LEU C 272 24.15 -13.73 -2.43
N ARG C 273 24.98 -14.25 -3.32
CA ARG C 273 26.31 -14.71 -2.98
C ARG C 273 27.27 -13.86 -3.80
N VAL C 274 28.10 -13.09 -3.10
CA VAL C 274 28.90 -12.04 -3.72
C VAL C 274 30.39 -12.21 -3.43
N ASP C 275 31.21 -11.88 -4.43
CA ASP C 275 32.66 -11.81 -4.27
C ASP C 275 32.99 -10.88 -3.10
N GLY C 276 33.51 -11.46 -2.03
CA GLY C 276 33.79 -10.69 -0.84
C GLY C 276 35.05 -9.86 -0.93
N ASN C 277 35.85 -10.07 -1.98
CA ASN C 277 37.06 -9.30 -2.14
C ASN C 277 36.97 -8.36 -3.32
N ASP C 278 35.76 -8.17 -3.83
CA ASP C 278 35.50 -7.17 -4.84
C ASP C 278 34.73 -6.02 -4.22
N PHE C 279 35.43 -4.95 -3.88
CA PHE C 279 34.82 -3.82 -3.17
C PHE C 279 33.61 -3.24 -3.90
N VAL C 280 33.74 -3.04 -5.20
CA VAL C 280 32.64 -2.53 -6.04
C VAL C 280 31.44 -3.44 -5.88
N ALA C 281 31.67 -4.76 -6.01
CA ALA C 281 30.60 -5.73 -5.86
C ALA C 281 30.01 -5.68 -4.46
N VAL C 282 30.86 -5.58 -3.44
CA VAL C 282 30.41 -5.44 -2.05
C VAL C 282 29.53 -4.21 -1.91
N TYR C 283 29.98 -3.06 -2.44
CA TYR C 283 29.22 -1.83 -2.36
C TYR C 283 27.90 -1.97 -3.11
N ALA C 284 27.96 -2.53 -4.32
CA ALA C 284 26.77 -2.66 -5.15
C ALA C 284 25.74 -3.60 -4.54
N ALA C 285 26.19 -4.71 -3.99
CA ALA C 285 25.29 -5.67 -3.37
C ALA C 285 24.67 -5.09 -2.10
N SER C 286 25.51 -4.41 -1.32
CA SER C 286 25.06 -3.80 -0.08
C SER C 286 24.02 -2.72 -0.31
N ARG C 287 24.23 -1.88 -1.31
CA ARG C 287 23.27 -0.83 -1.66
C ARG C 287 21.91 -1.42 -2.02
N TRP C 288 21.95 -2.45 -2.87
CA TRP C 288 20.76 -3.18 -3.31
C TRP C 288 19.93 -3.66 -2.14
N ALA C 289 20.57 -4.39 -1.23
CA ALA C 289 19.93 -4.94 -0.04
C ALA C 289 19.38 -3.84 0.85
N ALA C 290 20.17 -2.79 1.05
CA ALA C 290 19.74 -1.66 1.87
C ALA C 290 18.49 -1.02 1.27
N GLU C 291 18.53 -0.79 -0.04
CA GLU C 291 17.41 -0.15 -0.73
C GLU C 291 16.19 -1.05 -0.68
N ARG C 292 16.39 -2.35 -0.91
CA ARG C 292 15.31 -3.32 -0.79
C ARG C 292 14.67 -3.21 0.60
N ALA C 293 15.51 -3.18 1.63
CA ALA C 293 15.00 -3.12 3.00
C ALA C 293 14.29 -1.79 3.29
N ARG C 294 14.93 -0.69 2.91
CA ARG C 294 14.41 0.64 3.23
C ARG C 294 13.10 0.93 2.50
N ARG C 295 12.95 0.37 1.30
CA ARG C 295 11.70 0.50 0.54
C ARG C 295 10.57 -0.29 1.20
N GLY C 296 10.91 -1.20 2.11
CA GLY C 296 9.92 -2.05 2.76
C GLY C 296 9.59 -3.26 1.92
N LEU C 297 10.55 -3.76 1.17
CA LEU C 297 10.35 -4.93 0.30
C LEU C 297 10.89 -6.22 0.93
N GLY C 298 11.53 -6.09 2.08
CA GLY C 298 11.94 -7.27 2.84
C GLY C 298 13.41 -7.41 3.12
N PRO C 299 13.74 -8.40 3.96
CA PRO C 299 15.10 -8.68 4.35
C PRO C 299 15.91 -9.28 3.21
N SER C 300 17.23 -9.28 3.36
CA SER C 300 18.12 -9.86 2.37
C SER C 300 19.20 -10.66 3.06
N LEU C 301 19.60 -11.77 2.46
CA LEU C 301 20.76 -12.52 2.93
C LEU C 301 21.89 -12.43 1.93
N ILE C 302 23.03 -11.94 2.38
CA ILE C 302 24.21 -11.95 1.53
C ILE C 302 25.31 -12.83 2.12
N GLU C 303 25.74 -13.79 1.31
CA GLU C 303 26.92 -14.57 1.63
C GLU C 303 28.12 -13.96 0.93
N TRP C 304 29.01 -13.39 1.74
CA TRP C 304 30.26 -12.82 1.25
C TRP C 304 31.33 -13.91 1.17
N VAL C 305 31.71 -14.27 -0.07
CA VAL C 305 32.76 -15.26 -0.27
C VAL C 305 34.13 -14.59 -0.19
N THR C 306 34.89 -14.90 0.85
CA THR C 306 36.23 -14.34 1.04
C THR C 306 37.16 -15.37 1.69
N TYR C 307 38.29 -14.91 2.24
CA TYR C 307 39.24 -15.80 2.88
C TYR C 307 39.87 -15.17 4.12
N ARG C 308 39.89 -15.92 5.23
CA ARG C 308 40.53 -15.47 6.45
C ARG C 308 42.05 -15.64 6.31
N ALA C 309 42.67 -14.61 5.74
CA ALA C 309 44.11 -14.63 5.43
C ALA C 309 45.03 -14.73 6.66
N GLY C 310 44.64 -14.08 7.75
CA GLY C 310 45.46 -14.08 8.96
C GLY C 310 45.13 -15.21 9.91
N PRO C 311 45.86 -15.27 11.02
CA PRO C 311 45.53 -16.16 12.13
C PRO C 311 44.11 -15.92 12.62
N HIS C 312 43.48 -16.95 13.17
CA HIS C 312 42.19 -16.77 13.81
C HIS C 312 42.26 -15.63 14.81
N SER C 313 43.33 -15.64 15.61
CA SER C 313 43.57 -14.63 16.63
C SER C 313 45.05 -14.60 16.93
N THR C 314 45.46 -13.80 17.91
CA THR C 314 46.84 -13.77 18.35
C THR C 314 47.24 -15.09 19.00
N SER C 315 46.27 -15.79 19.59
CA SER C 315 46.51 -17.10 20.18
C SER C 315 46.57 -18.21 19.13
N ASP C 316 46.20 -17.91 17.89
CA ASP C 316 46.12 -18.94 16.86
C ASP C 316 47.39 -19.08 16.02
N ASP C 317 47.58 -20.26 15.43
CA ASP C 317 48.70 -20.54 14.55
C ASP C 317 48.13 -21.39 13.40
N PRO C 318 47.74 -20.73 12.32
CA PRO C 318 47.05 -21.37 11.20
C PRO C 318 47.89 -22.44 10.54
N SER C 319 49.21 -22.32 10.70
CA SER C 319 50.12 -23.27 10.09
C SER C 319 49.98 -24.68 10.67
N LYS C 320 49.15 -24.84 11.70
CA LYS C 320 48.93 -26.16 12.29
C LYS C 320 47.76 -26.95 11.68
N TYR C 321 47.02 -26.36 10.74
CA TYR C 321 45.85 -27.06 10.15
C TYR C 321 45.58 -26.78 8.68
N ARG C 322 46.21 -25.74 8.13
CA ARG C 322 46.07 -25.45 6.71
C ARG C 322 47.42 -25.08 6.09
N PRO C 323 47.55 -25.23 4.78
CA PRO C 323 48.75 -24.79 4.07
C PRO C 323 49.14 -23.35 4.44
N ALA C 324 50.44 -23.10 4.64
CA ALA C 324 50.91 -21.79 5.09
C ALA C 324 50.75 -20.70 4.03
N ASP C 325 50.74 -21.12 2.76
CA ASP C 325 50.71 -20.25 1.59
C ASP C 325 49.34 -20.25 0.94
N ASP C 326 48.30 -20.49 1.75
CA ASP C 326 46.97 -20.71 1.21
C ASP C 326 46.40 -19.47 0.53
N TRP C 327 46.58 -18.30 1.16
CA TRP C 327 46.04 -17.05 0.64
C TRP C 327 46.54 -16.71 -0.75
N SER C 328 47.80 -17.01 -1.01
CA SER C 328 48.43 -16.78 -2.31
C SER C 328 47.61 -17.38 -3.45
N HIS C 329 46.87 -18.45 -3.17
CA HIS C 329 46.19 -19.20 -4.21
C HIS C 329 44.69 -18.98 -4.24
N PHE C 330 44.21 -18.20 -3.28
CA PHE C 330 42.80 -17.90 -3.24
C PHE C 330 42.38 -17.14 -4.49
N PRO C 331 41.47 -17.72 -5.26
CA PRO C 331 41.11 -17.21 -6.59
C PRO C 331 40.57 -15.77 -6.60
N LEU C 332 40.12 -15.29 -5.45
CA LEU C 332 39.58 -13.93 -5.37
C LEU C 332 40.61 -12.92 -4.85
N GLY C 333 41.84 -13.37 -4.64
CA GLY C 333 42.96 -12.49 -4.31
C GLY C 333 42.81 -11.55 -3.12
N ASP C 334 43.42 -10.37 -3.24
CA ASP C 334 43.44 -9.39 -2.17
C ASP C 334 42.51 -8.22 -2.51
N PRO C 335 41.55 -7.96 -1.64
CA PRO C 335 40.62 -6.85 -1.84
C PRO C 335 41.35 -5.54 -2.11
N ILE C 336 42.28 -5.16 -1.23
CA ILE C 336 43.05 -3.93 -1.43
C ILE C 336 43.77 -3.97 -2.79
N ALA C 337 44.49 -5.06 -3.05
CA ALA C 337 45.20 -5.20 -4.33
C ALA C 337 44.27 -4.99 -5.53
N ARG C 338 43.09 -5.60 -5.47
CA ARG C 338 42.16 -5.59 -6.60
C ARG C 338 41.50 -4.24 -6.82
N LEU C 339 41.05 -3.61 -5.74
CA LEU C 339 40.49 -2.28 -5.85
C LEU C 339 41.54 -1.32 -6.39
N LYS C 340 42.77 -1.45 -5.88
CA LYS C 340 43.92 -0.65 -6.31
C LYS C 340 44.13 -0.71 -7.82
N GLN C 341 44.18 -1.92 -8.36
CA GLN C 341 44.38 -2.08 -9.78
C GLN C 341 43.29 -1.38 -10.58
N HIS C 342 42.04 -1.56 -10.15
CA HIS C 342 40.88 -0.96 -10.84
C HIS C 342 40.88 0.56 -10.72
N LEU C 343 41.16 1.05 -9.51
CA LEU C 343 41.06 2.46 -9.22
C LEU C 343 42.13 3.26 -9.95
N ILE C 344 43.29 2.64 -10.19
CA ILE C 344 44.36 3.23 -10.99
C ILE C 344 43.98 3.23 -12.47
N LYS C 345 43.49 2.09 -12.95
CA LYS C 345 43.22 1.89 -14.38
C LYS C 345 42.16 2.85 -14.90
N ILE C 346 41.23 3.26 -14.05
CA ILE C 346 40.21 4.23 -14.46
C ILE C 346 40.62 5.66 -14.12
N GLY C 347 41.77 5.79 -13.48
CA GLY C 347 42.36 7.09 -13.18
C GLY C 347 41.70 7.84 -12.04
N HIS C 348 41.61 7.19 -10.89
CA HIS C 348 41.19 7.86 -9.66
C HIS C 348 42.06 7.36 -8.49
N TRP C 349 43.24 6.87 -8.86
CA TRP C 349 44.23 6.35 -7.91
C TRP C 349 45.61 6.23 -8.58
N SER C 350 46.66 6.13 -7.76
CA SER C 350 48.04 6.05 -8.24
C SER C 350 48.95 5.49 -7.16
N GLU C 351 50.06 4.86 -7.57
CA GLU C 351 51.08 4.38 -6.63
C GLU C 351 51.42 5.47 -5.64
N GLU C 352 51.38 6.71 -6.14
CA GLU C 352 51.64 7.90 -5.36
C GLU C 352 50.63 8.03 -4.21
N GLU C 353 49.35 8.15 -4.55
CA GLU C 353 48.29 8.28 -3.53
C GLU C 353 48.25 7.09 -2.59
N HIS C 354 48.58 5.92 -3.14
CA HIS C 354 48.70 4.70 -2.36
C HIS C 354 49.74 4.85 -1.25
N GLN C 355 50.98 5.07 -1.67
CA GLN C 355 52.10 5.21 -0.75
C GLN C 355 51.87 6.31 0.29
N ALA C 356 51.27 7.42 -0.14
CA ALA C 356 50.99 8.54 0.76
C ALA C 356 49.93 8.15 1.78
N THR C 357 48.86 7.51 1.29
CA THR C 357 47.72 7.13 2.12
C THR C 357 48.15 6.09 3.15
N THR C 358 49.00 5.16 2.73
CA THR C 358 49.64 4.24 3.65
C THR C 358 50.39 5.04 4.70
N ALA C 359 51.28 5.90 4.24
CA ALA C 359 52.12 6.71 5.12
C ALA C 359 51.29 7.48 6.15
N GLU C 360 50.20 8.10 5.71
CA GLU C 360 49.41 8.92 6.63
C GLU C 360 48.69 8.09 7.68
N PHE C 361 48.23 6.90 7.31
CA PHE C 361 47.53 6.05 8.27
C PHE C 361 48.49 5.44 9.28
N GLU C 362 49.66 4.99 8.80
CA GLU C 362 50.74 4.56 9.68
C GLU C 362 51.01 5.62 10.74
N ALA C 363 51.11 6.88 10.29
CA ALA C 363 51.27 8.01 11.19
C ALA C 363 50.09 8.12 12.16
N ALA C 364 48.88 8.03 11.61
CA ALA C 364 47.67 8.21 12.40
C ALA C 364 47.53 7.18 13.53
N VAL C 365 47.85 5.92 13.22
CA VAL C 365 47.77 4.87 14.22
C VAL C 365 48.84 5.06 15.31
N ILE C 366 50.08 5.31 14.86
CA ILE C 366 51.21 5.50 15.76
C ILE C 366 50.93 6.65 16.74
N ALA C 367 50.31 7.70 16.22
CA ALA C 367 49.97 8.86 17.02
C ALA C 367 48.92 8.49 18.06
N ALA C 368 47.83 7.89 17.60
CA ALA C 368 46.74 7.47 18.46
C ALA C 368 47.20 6.48 19.51
N GLN C 369 48.09 5.56 19.10
CA GLN C 369 48.66 4.60 20.03
C GLN C 369 49.44 5.34 21.12
N LYS C 370 50.25 6.32 20.72
CA LYS C 370 50.93 7.17 21.70
C LYS C 370 49.92 7.92 22.57
N GLU C 371 48.90 8.46 21.92
CA GLU C 371 47.83 9.19 22.60
C GLU C 371 47.11 8.32 23.63
N ALA C 372 46.82 7.08 23.27
CA ALA C 372 46.06 6.16 24.12
C ALA C 372 46.88 5.63 25.30
N GLU C 373 48.12 5.24 25.04
CA GLU C 373 49.02 4.70 26.07
C GLU C 373 49.30 5.70 27.18
N GLN C 374 49.23 7.00 26.84
CA GLN C 374 49.30 8.07 27.83
C GLN C 374 48.29 7.86 28.97
N TYR C 375 47.31 6.97 28.74
CA TYR C 375 46.31 6.70 29.76
C TYR C 375 46.42 5.31 30.40
N GLY C 376 47.38 4.51 29.95
CA GLY C 376 47.67 3.24 30.61
C GLY C 376 48.10 2.10 29.72
N THR C 377 48.42 0.97 30.35
CA THR C 377 48.79 -0.25 29.64
C THR C 377 48.47 -1.46 30.53
N LEU C 378 48.85 -2.65 30.05
CA LEU C 378 48.85 -3.86 30.85
C LEU C 378 49.84 -3.67 32.00
N ALA C 379 51.07 -3.28 31.63
CA ALA C 379 52.17 -3.05 32.57
C ALA C 379 51.82 -1.97 33.59
N ASN C 380 51.49 -0.76 33.11
CA ASN C 380 50.93 0.26 33.98
C ASN C 380 49.69 -0.29 34.66
N GLY C 381 49.60 -0.10 35.97
CA GLY C 381 48.37 -0.39 36.69
C GLY C 381 47.32 0.67 36.37
N HIS C 382 47.57 1.48 35.35
CA HIS C 382 46.62 2.51 34.94
C HIS C 382 45.48 1.90 34.18
N ILE C 383 44.43 1.64 34.94
CA ILE C 383 43.26 0.94 34.45
C ILE C 383 42.07 1.59 35.13
N PRO C 384 40.86 1.23 34.73
CA PRO C 384 39.66 1.77 35.34
C PRO C 384 39.54 1.33 36.78
N SER C 385 38.77 2.09 37.56
CA SER C 385 38.63 1.83 38.98
C SER C 385 37.96 0.49 39.28
N ALA C 386 38.24 -0.03 40.46
CA ALA C 386 37.57 -1.23 40.94
C ALA C 386 36.14 -0.92 41.37
N ALA C 387 35.88 0.31 41.80
CA ALA C 387 34.54 0.73 42.22
C ALA C 387 33.57 0.81 41.03
N SER C 388 34.13 0.99 39.83
CA SER C 388 33.34 1.02 38.60
C SER C 388 32.88 -0.39 38.20
N MET C 389 33.64 -1.40 38.64
CA MET C 389 33.33 -2.81 38.39
C MET C 389 31.89 -3.20 38.75
N PHE C 390 31.28 -2.48 39.69
CA PHE C 390 29.92 -2.82 40.13
C PHE C 390 28.85 -1.91 39.52
N GLU C 391 29.26 -0.90 38.77
CA GLU C 391 28.27 -0.01 38.18
C GLU C 391 27.72 -0.59 36.90
N ASP C 392 26.48 -0.21 36.57
CA ASP C 392 25.81 -0.62 35.33
C ASP C 392 25.40 -2.09 35.28
N VAL C 393 25.58 -2.83 36.37
CA VAL C 393 25.08 -4.19 36.44
C VAL C 393 23.56 -4.08 36.46
N TYR C 394 23.07 -3.12 37.23
CA TYR C 394 21.68 -2.71 37.18
C TYR C 394 21.68 -1.21 36.98
N LYS C 395 20.53 -0.62 36.69
CA LYS C 395 20.46 0.84 36.52
C LYS C 395 20.87 1.53 37.81
N GLU C 396 20.33 1.06 38.94
CA GLU C 396 20.72 1.59 40.25
C GLU C 396 21.43 0.52 41.03
N MET C 397 22.65 0.83 41.47
CA MET C 397 23.45 -0.08 42.27
C MET C 397 22.61 -0.61 43.44
N PRO C 398 22.25 -1.88 43.34
CA PRO C 398 21.37 -2.49 44.32
C PRO C 398 22.13 -2.78 45.59
N ASP C 399 21.43 -2.66 46.71
CA ASP C 399 21.92 -3.00 48.03
C ASP C 399 23.12 -3.99 48.09
N HIS C 400 22.97 -5.16 47.49
CA HIS C 400 23.97 -6.23 47.64
C HIS C 400 25.31 -5.89 46.99
N LEU C 401 25.28 -5.17 45.88
CA LEU C 401 26.50 -4.70 45.24
C LEU C 401 27.11 -3.53 46.00
N ARG C 402 26.24 -2.73 46.60
CA ARG C 402 26.67 -1.66 47.49
C ARG C 402 27.57 -2.23 48.59
N ARG C 403 27.10 -3.31 49.21
CA ARG C 403 27.88 -4.04 50.22
C ARG C 403 29.14 -4.62 49.61
N GLN C 404 29.02 -5.18 48.41
CA GLN C 404 30.16 -5.79 47.75
C GLN C 404 31.24 -4.77 47.33
N ARG C 405 30.83 -3.59 46.90
CA ARG C 405 31.80 -2.51 46.65
C ARG C 405 32.39 -1.97 47.95
N GLN C 406 31.55 -1.72 48.94
CA GLN C 406 32.00 -1.24 50.24
C GLN C 406 33.05 -2.18 50.85
N GLU C 407 32.87 -3.47 50.62
CA GLU C 407 33.77 -4.50 51.16
C GLU C 407 35.07 -4.65 50.34
N LEU C 408 35.52 -3.58 49.70
CA LEU C 408 36.68 -3.68 48.81
C LEU C 408 37.71 -2.56 49.00
N ALA D 2 -11.42 3.66 40.41
CA ALA D 2 -12.33 2.64 41.01
C ALA D 2 -11.64 1.28 41.19
N THR D 3 -12.44 0.24 41.42
CA THR D 3 -11.93 -1.09 41.73
C THR D 3 -12.79 -2.18 41.06
N THR D 4 -12.13 -3.19 40.51
CA THR D 4 -12.85 -4.36 39.98
C THR D 4 -12.33 -5.65 40.62
N THR D 5 -13.25 -6.58 40.84
CA THR D 5 -12.89 -7.93 41.27
C THR D 5 -12.27 -8.67 40.10
N MET D 6 -11.04 -9.14 40.28
CA MET D 6 -10.31 -9.79 39.20
C MET D 6 -9.60 -11.05 39.69
N THR D 7 -9.42 -12.01 38.78
CA THR D 7 -8.53 -13.14 39.04
C THR D 7 -7.10 -12.69 38.73
N MET D 8 -6.12 -13.56 39.04
CA MET D 8 -4.72 -13.29 38.69
C MET D 8 -4.58 -13.07 37.17
N ILE D 9 -5.24 -13.93 36.39
CA ILE D 9 -5.28 -13.79 34.94
C ILE D 9 -5.77 -12.41 34.55
N GLN D 10 -6.91 -12.00 35.11
CA GLN D 10 -7.51 -10.69 34.80
C GLN D 10 -6.64 -9.53 35.27
N ALA D 11 -6.01 -9.69 36.43
CA ALA D 11 -5.11 -8.65 36.94
C ALA D 11 -3.89 -8.48 36.06
N LEU D 12 -3.31 -9.60 35.62
CA LEU D 12 -2.15 -9.56 34.75
C LEU D 12 -2.54 -8.94 33.41
N ARG D 13 -3.69 -9.38 32.88
CA ARG D 13 -4.20 -8.86 31.62
C ARG D 13 -4.41 -7.35 31.71
N SER D 14 -4.90 -6.90 32.86
CA SER D 14 -5.11 -5.49 33.11
C SER D 14 -3.79 -4.72 33.16
N ALA D 15 -2.79 -5.30 33.82
CA ALA D 15 -1.48 -4.67 33.94
C ALA D 15 -0.89 -4.37 32.55
N MET D 16 -0.96 -5.34 31.65
CA MET D 16 -0.51 -5.14 30.27
C MET D 16 -1.40 -4.12 29.54
N ASP D 17 -2.71 -4.19 29.77
CA ASP D 17 -3.65 -3.23 29.18
C ASP D 17 -3.32 -1.81 29.61
N VAL D 18 -3.05 -1.63 30.90
CA VAL D 18 -2.66 -0.33 31.44
C VAL D 18 -1.36 0.17 30.79
N MET D 19 -0.30 -0.63 30.85
CA MET D 19 1.02 -0.19 30.38
C MET D 19 1.10 -0.04 28.86
N LEU D 20 0.37 -0.90 28.16
CA LEU D 20 0.24 -0.84 26.71
C LEU D 20 -0.31 0.52 26.31
N GLU D 21 -1.29 1.00 27.08
CA GLU D 21 -1.87 2.32 26.92
C GLU D 21 -0.94 3.44 27.40
N ARG D 22 -0.27 3.20 28.53
CA ARG D 22 0.49 4.24 29.21
C ARG D 22 1.80 4.57 28.51
N ASP D 23 2.37 3.60 27.79
CA ASP D 23 3.67 3.78 27.14
C ASP D 23 3.61 3.26 25.71
N ASP D 24 3.87 4.17 24.76
CA ASP D 24 3.86 3.85 23.33
C ASP D 24 4.86 2.77 22.95
N ASN D 25 5.98 2.74 23.66
CA ASN D 25 7.07 1.79 23.40
C ASN D 25 6.79 0.36 23.86
N VAL D 26 5.83 0.21 24.77
CA VAL D 26 5.49 -1.11 25.29
C VAL D 26 4.94 -1.98 24.17
N VAL D 27 5.44 -3.22 24.12
CA VAL D 27 5.02 -4.20 23.12
C VAL D 27 4.81 -5.53 23.82
N VAL D 28 3.85 -6.31 23.34
CA VAL D 28 3.58 -7.61 23.92
C VAL D 28 3.52 -8.66 22.82
N TYR D 29 4.33 -9.70 22.95
CA TYR D 29 4.25 -10.83 22.04
C TYR D 29 4.77 -12.12 22.63
N GLY D 30 4.56 -13.20 21.89
CA GLY D 30 4.92 -14.55 22.31
C GLY D 30 4.01 -15.52 21.58
N GLN D 31 4.07 -16.79 21.97
CA GLN D 31 3.28 -17.82 21.30
C GLN D 31 1.82 -17.78 21.71
N ASP D 32 0.96 -17.60 20.71
CA ASP D 32 -0.50 -17.55 20.87
C ASP D 32 -0.97 -16.36 21.70
N VAL D 33 -0.07 -15.41 21.93
CA VAL D 33 -0.36 -14.23 22.74
C VAL D 33 -1.32 -13.29 22.02
N GLY D 34 -1.25 -13.26 20.69
CA GLY D 34 -2.01 -12.29 19.88
C GLY D 34 -3.51 -12.55 19.77
N TYR D 35 -3.94 -12.94 18.57
CA TYR D 35 -5.36 -13.15 18.25
C TYR D 35 -6.11 -13.94 19.30
N PHE D 36 -5.60 -15.12 19.63
CA PHE D 36 -6.23 -16.06 20.54
C PHE D 36 -6.29 -15.54 21.97
N GLY D 37 -5.36 -14.66 22.34
CA GLY D 37 -5.34 -14.06 23.67
C GLY D 37 -4.57 -14.83 24.72
N GLY D 38 -3.76 -15.79 24.26
CA GLY D 38 -2.90 -16.56 25.16
C GLY D 38 -3.58 -17.79 25.70
N VAL D 39 -2.83 -18.89 25.83
CA VAL D 39 -3.40 -20.15 26.31
C VAL D 39 -3.99 -20.06 27.72
N PHE D 40 -3.67 -18.99 28.45
CA PHE D 40 -4.20 -18.78 29.79
C PHE D 40 -5.10 -17.55 29.89
N ARG D 41 -5.58 -17.07 28.75
CA ARG D 41 -6.44 -15.87 28.65
C ARG D 41 -5.73 -14.57 29.04
N CYS D 42 -4.45 -14.65 29.40
CA CYS D 42 -3.74 -13.50 29.97
C CYS D 42 -3.59 -12.27 29.05
N THR D 43 -3.83 -12.43 27.75
CA THR D 43 -3.73 -11.29 26.83
C THR D 43 -4.98 -11.10 25.95
N GLU D 44 -6.11 -11.66 26.39
CA GLU D 44 -7.37 -11.53 25.66
C GLU D 44 -7.67 -10.09 25.30
N GLY D 45 -8.10 -9.88 24.06
CA GLY D 45 -8.52 -8.56 23.61
C GLY D 45 -7.44 -7.50 23.44
N LEU D 46 -6.23 -7.77 23.92
CA LEU D 46 -5.16 -6.78 23.83
C LEU D 46 -4.76 -6.45 22.40
N GLN D 47 -4.77 -7.47 21.53
CA GLN D 47 -4.48 -7.26 20.12
C GLN D 47 -5.61 -6.49 19.46
N THR D 48 -6.85 -6.87 19.74
CA THR D 48 -8.03 -6.18 19.21
C THR D 48 -7.99 -4.70 19.56
N LYS D 49 -7.55 -4.40 20.77
CA LYS D 49 -7.57 -3.03 21.27
C LYS D 49 -6.40 -2.18 20.76
N TYR D 50 -5.21 -2.75 20.70
CA TYR D 50 -4.03 -1.96 20.35
C TYR D 50 -3.43 -2.23 18.97
N GLY D 51 -3.98 -3.20 18.26
CA GLY D 51 -3.49 -3.50 16.91
C GLY D 51 -2.34 -4.49 16.88
N LYS D 52 -2.18 -5.12 15.70
CA LYS D 52 -1.17 -6.14 15.46
C LYS D 52 0.26 -5.72 15.79
N SER D 53 0.61 -4.47 15.48
CA SER D 53 1.99 -3.99 15.66
C SER D 53 2.41 -3.81 17.12
N ARG D 54 1.47 -3.91 18.05
CA ARG D 54 1.79 -3.72 19.45
C ARG D 54 1.66 -5.05 20.19
N VAL D 55 0.69 -5.85 19.78
CA VAL D 55 0.43 -7.15 20.37
C VAL D 55 0.30 -8.15 19.24
N PHE D 56 1.16 -9.16 19.20
CA PHE D 56 1.12 -10.14 18.11
C PHE D 56 1.59 -11.55 18.47
N ASP D 57 1.17 -12.52 17.66
CA ASP D 57 1.63 -13.90 17.81
C ASP D 57 3.06 -14.03 17.33
N ALA D 58 3.79 -14.96 17.94
CA ALA D 58 5.17 -15.22 17.55
C ALA D 58 5.34 -16.67 17.10
N PRO D 59 6.45 -16.97 16.43
CA PRO D 59 6.79 -18.36 16.09
C PRO D 59 7.17 -19.14 17.34
N ILE D 60 7.27 -20.47 17.26
CA ILE D 60 7.74 -21.22 18.42
C ILE D 60 9.27 -21.18 18.49
N SER D 61 9.79 -20.08 19.00
CA SER D 61 11.23 -19.94 19.22
C SER D 61 11.48 -19.00 20.39
N GLU D 62 11.75 -19.60 21.54
CA GLU D 62 11.96 -18.85 22.77
C GLU D 62 13.20 -17.98 22.65
N SER D 63 14.27 -18.53 22.09
CA SER D 63 15.49 -17.74 21.86
C SER D 63 15.20 -16.60 20.89
N GLY D 64 14.34 -16.86 19.91
CA GLY D 64 13.93 -15.85 18.95
C GLY D 64 13.12 -14.75 19.58
N ILE D 65 12.16 -15.16 20.39
CA ILE D 65 11.29 -14.24 21.12
C ILE D 65 12.10 -13.29 22.01
N VAL D 66 12.96 -13.86 22.86
CA VAL D 66 13.81 -13.08 23.76
C VAL D 66 14.87 -12.31 22.97
N GLY D 67 15.47 -12.97 21.99
CA GLY D 67 16.51 -12.38 21.15
C GLY D 67 16.09 -11.15 20.37
N THR D 68 14.97 -11.26 19.66
CA THR D 68 14.38 -10.09 19.01
C THR D 68 14.01 -9.02 20.04
N ALA D 69 13.51 -9.46 21.20
CA ALA D 69 13.18 -8.50 22.25
C ALA D 69 14.39 -7.67 22.66
N VAL D 70 15.54 -8.32 22.80
CA VAL D 70 16.80 -7.67 23.14
C VAL D 70 17.15 -6.60 22.09
N GLY D 71 16.93 -6.93 20.83
CA GLY D 71 17.15 -5.98 19.74
C GLY D 71 16.19 -4.81 19.80
N MET D 72 14.91 -5.11 20.08
CA MET D 72 13.88 -4.08 20.19
C MET D 72 14.24 -3.11 21.31
N GLY D 73 14.73 -3.65 22.42
CA GLY D 73 15.15 -2.85 23.57
C GLY D 73 16.34 -2.00 23.23
N ALA D 74 17.26 -2.58 22.46
CA ALA D 74 18.42 -1.83 21.97
C ALA D 74 17.95 -0.60 21.19
N TYR D 75 16.91 -0.78 20.39
CA TYR D 75 16.30 0.30 19.63
C TYR D 75 15.66 1.32 20.57
N GLY D 76 14.96 0.84 21.58
CA GLY D 76 14.34 1.73 22.57
C GLY D 76 12.91 1.41 22.92
N LEU D 77 12.47 0.21 22.55
CA LEU D 77 11.15 -0.24 22.94
C LEU D 77 11.19 -0.91 24.30
N ARG D 78 10.01 -1.23 24.83
CA ARG D 78 9.84 -1.83 26.13
C ARG D 78 9.04 -3.11 25.97
N PRO D 79 9.70 -4.20 25.55
CA PRO D 79 9.02 -5.43 25.24
C PRO D 79 8.60 -6.22 26.48
N VAL D 80 7.31 -6.52 26.57
CA VAL D 80 6.81 -7.46 27.56
C VAL D 80 6.50 -8.75 26.81
N VAL D 81 7.40 -9.72 26.92
CA VAL D 81 7.31 -10.91 26.09
C VAL D 81 6.96 -12.14 26.93
N GLU D 82 6.37 -13.16 26.31
CA GLU D 82 5.88 -14.33 27.05
C GLU D 82 6.49 -15.66 26.60
N ILE D 83 6.64 -16.58 27.56
CA ILE D 83 7.03 -17.95 27.26
C ILE D 83 5.98 -18.87 27.86
N GLN D 84 5.34 -19.69 27.02
CA GLN D 84 4.13 -20.41 27.43
C GLN D 84 4.20 -21.06 28.80
N PHE D 85 5.32 -21.72 29.07
CA PHE D 85 5.55 -22.36 30.35
C PHE D 85 6.99 -22.10 30.73
N ALA D 86 7.22 -21.77 32.00
CA ALA D 86 8.58 -21.58 32.50
C ALA D 86 9.43 -22.79 32.13
N ASP D 87 8.79 -23.95 32.08
CA ASP D 87 9.41 -25.20 31.64
C ASP D 87 10.10 -25.07 30.28
N TYR D 88 9.73 -24.07 29.50
CA TYR D 88 10.27 -23.96 28.14
C TYR D 88 11.16 -22.74 27.90
N PHE D 89 11.69 -22.14 28.97
CA PHE D 89 12.59 -21.01 28.81
C PHE D 89 13.95 -21.44 28.26
N TYR D 90 14.32 -22.68 28.51
CA TYR D 90 15.67 -23.19 28.27
C TYR D 90 16.31 -22.81 26.93
N PRO D 91 15.62 -23.00 25.82
CA PRO D 91 16.17 -22.61 24.52
C PRO D 91 16.59 -21.15 24.48
N ALA D 92 16.09 -20.35 25.41
CA ALA D 92 16.44 -18.92 25.45
C ALA D 92 17.46 -18.59 26.54
N SER D 93 18.05 -19.62 27.14
CA SER D 93 19.02 -19.45 28.22
C SER D 93 20.17 -18.54 27.79
N ASP D 94 20.71 -18.78 26.60
CA ASP D 94 21.81 -18.00 26.06
C ASP D 94 21.43 -16.54 25.88
N GLN D 95 20.27 -16.29 25.27
CA GLN D 95 19.77 -14.94 25.11
C GLN D 95 19.48 -14.29 26.45
N ILE D 96 18.99 -15.08 27.41
CA ILE D 96 18.70 -14.53 28.74
C ILE D 96 19.98 -14.18 29.50
N VAL D 97 20.87 -15.16 29.65
CA VAL D 97 22.07 -14.97 30.47
C VAL D 97 23.14 -14.16 29.76
N SER D 98 23.52 -14.57 28.56
CA SER D 98 24.66 -13.97 27.88
C SER D 98 24.36 -12.61 27.23
N GLU D 99 23.09 -12.25 27.09
CA GLU D 99 22.74 -11.03 26.38
C GLU D 99 21.89 -10.05 27.19
N MET D 100 20.69 -10.48 27.58
CA MET D 100 19.75 -9.59 28.26
C MET D 100 20.31 -9.06 29.58
N ALA D 101 20.94 -9.94 30.35
CA ALA D 101 21.42 -9.58 31.71
C ALA D 101 22.70 -8.75 31.72
N ARG D 102 23.50 -8.85 30.67
CA ARG D 102 24.80 -8.17 30.65
C ARG D 102 24.83 -6.95 29.72
N LEU D 103 23.70 -6.68 29.07
CA LEU D 103 23.64 -5.66 28.02
C LEU D 103 24.06 -4.26 28.51
N ARG D 104 23.52 -3.86 29.66
CA ARG D 104 23.86 -2.56 30.24
C ARG D 104 25.33 -2.54 30.68
N TYR D 105 25.73 -3.55 31.43
CA TYR D 105 27.08 -3.65 31.97
C TYR D 105 28.15 -3.62 30.89
N ARG D 106 28.05 -4.51 29.92
CA ARG D 106 29.11 -4.66 28.92
C ARG D 106 29.18 -3.48 27.95
N SER D 107 28.11 -2.70 27.89
CA SER D 107 28.06 -1.56 26.99
C SER D 107 28.27 -0.24 27.74
N ALA D 108 28.42 -0.35 29.07
CA ALA D 108 28.54 0.81 29.94
C ALA D 108 27.39 1.80 29.72
N GLY D 109 26.18 1.26 29.63
CA GLY D 109 24.99 2.10 29.56
C GLY D 109 24.59 2.56 28.16
N GLU D 110 25.44 2.33 27.16
CA GLU D 110 25.07 2.68 25.79
C GLU D 110 23.78 1.96 25.38
N PHE D 111 23.72 0.66 25.67
CA PHE D 111 22.53 -0.13 25.35
C PHE D 111 21.93 -0.76 26.61
N ILE D 112 20.60 -0.74 26.69
CA ILE D 112 19.87 -1.31 27.82
C ILE D 112 18.85 -2.33 27.34
N ALA D 113 18.41 -3.19 28.26
CA ALA D 113 17.37 -4.16 27.97
C ALA D 113 16.24 -4.08 29.00
N PRO D 114 15.35 -3.10 28.82
CA PRO D 114 14.22 -2.94 29.73
C PRO D 114 13.11 -3.93 29.39
N LEU D 115 13.45 -5.22 29.42
CA LEU D 115 12.52 -6.27 29.00
C LEU D 115 11.80 -6.90 30.19
N THR D 116 10.72 -7.59 29.87
CA THR D 116 9.97 -8.37 30.84
C THR D 116 9.60 -9.70 30.19
N LEU D 117 9.98 -10.80 30.83
CA LEU D 117 9.50 -12.11 30.38
C LEU D 117 8.56 -12.66 31.41
N ARG D 118 7.30 -12.81 31.03
CA ARG D 118 6.34 -13.50 31.87
C ARG D 118 6.43 -14.99 31.55
N MET D 119 6.65 -15.80 32.57
CA MET D 119 6.62 -17.24 32.42
C MET D 119 5.75 -17.82 33.52
N PRO D 120 4.63 -18.44 33.14
CA PRO D 120 3.81 -19.18 34.08
C PRO D 120 4.60 -20.36 34.64
N CYS D 121 4.57 -20.53 35.94
CA CYS D 121 5.36 -21.55 36.61
C CYS D 121 4.54 -22.31 37.64
N GLY D 122 5.18 -23.28 38.28
CA GLY D 122 4.59 -23.98 39.42
C GLY D 122 3.76 -25.21 39.07
N GLY D 123 3.64 -26.11 40.04
CA GLY D 123 2.90 -27.35 39.86
C GLY D 123 1.58 -27.37 40.61
N GLY D 124 1.15 -28.55 41.01
CA GLY D 124 -0.12 -28.69 41.73
C GLY D 124 -1.29 -28.81 40.78
N ILE D 125 -1.02 -29.10 39.51
CA ILE D 125 -2.07 -29.17 38.49
C ILE D 125 -1.99 -30.39 37.57
N TYR D 126 -1.35 -31.45 38.03
CA TYR D 126 -1.10 -32.64 37.19
C TYR D 126 -0.40 -32.24 35.89
N GLY D 127 0.56 -31.33 36.02
CA GLY D 127 1.33 -30.82 34.91
C GLY D 127 2.39 -31.77 34.42
N GLY D 128 3.02 -32.50 35.33
CA GLY D 128 4.08 -33.43 34.96
C GLY D 128 5.40 -32.70 34.76
N GLN D 129 6.30 -33.31 34.00
CA GLN D 129 7.68 -32.82 33.93
C GLN D 129 7.86 -31.46 33.24
N THR D 130 7.09 -31.22 32.17
CA THR D 130 7.31 -30.03 31.35
C THR D 130 6.16 -29.02 31.39
N HIS D 131 5.31 -29.11 32.41
CA HIS D 131 4.21 -28.17 32.56
C HIS D 131 4.14 -27.57 33.96
N SER D 132 5.14 -27.84 34.80
CA SER D 132 5.03 -27.47 36.22
C SER D 132 6.30 -27.13 37.01
N GLN D 133 7.46 -27.04 36.35
CA GLN D 133 8.69 -26.78 37.11
C GLN D 133 8.88 -25.32 37.51
N SER D 134 9.64 -25.11 38.58
CA SER D 134 9.90 -23.78 39.12
C SER D 134 11.39 -23.50 39.02
N PRO D 135 11.79 -22.80 37.97
CA PRO D 135 13.19 -22.58 37.67
C PRO D 135 13.75 -21.24 38.14
N GLU D 136 13.22 -20.72 39.25
CA GLU D 136 13.66 -19.40 39.71
C GLU D 136 15.16 -19.33 40.03
N ALA D 137 15.72 -20.47 40.45
CA ALA D 137 17.14 -20.55 40.76
C ALA D 137 18.00 -20.47 39.50
N MET D 138 17.41 -20.74 38.34
CA MET D 138 18.12 -20.57 37.08
C MET D 138 18.19 -19.09 36.68
N PHE D 139 17.58 -18.20 37.47
CA PHE D 139 17.59 -16.77 37.18
C PHE D 139 18.20 -15.93 38.28
N THR D 140 17.91 -16.26 39.53
CA THR D 140 18.44 -15.48 40.65
C THR D 140 19.98 -15.43 40.63
N GLN D 141 20.61 -16.50 40.15
CA GLN D 141 22.06 -16.58 40.09
C GLN D 141 22.67 -15.78 38.94
N VAL D 142 21.81 -15.21 38.10
CA VAL D 142 22.29 -14.42 36.98
C VAL D 142 22.46 -12.98 37.40
N CYS D 143 23.71 -12.52 37.41
CA CYS D 143 24.01 -11.14 37.71
C CYS D 143 23.48 -10.26 36.60
N GLY D 144 22.58 -9.35 36.96
CA GLY D 144 21.97 -8.47 35.99
C GLY D 144 20.46 -8.62 35.86
N LEU D 145 19.92 -9.76 36.30
CA LEU D 145 18.48 -10.01 36.19
C LEU D 145 17.74 -9.66 37.47
N ARG D 146 16.42 -9.57 37.35
CA ARG D 146 15.54 -9.28 38.49
C ARG D 146 14.39 -10.30 38.43
N THR D 147 14.23 -11.05 39.51
CA THR D 147 13.22 -12.10 39.57
C THR D 147 12.08 -11.73 40.53
N VAL D 148 10.85 -11.81 40.03
CA VAL D 148 9.65 -11.42 40.77
C VAL D 148 8.55 -12.47 40.59
N MET D 149 7.83 -12.78 41.67
CA MET D 149 6.70 -13.71 41.62
C MET D 149 5.59 -13.26 42.57
N PRO D 150 4.43 -12.88 42.01
CA PRO D 150 3.29 -12.48 42.81
C PRO D 150 2.55 -13.67 43.39
N SER D 151 1.67 -13.43 44.35
CA SER D 151 0.89 -14.51 44.94
C SER D 151 -0.61 -14.19 45.02
N ASN D 152 -1.02 -13.06 44.43
CA ASN D 152 -2.42 -12.64 44.39
C ASN D 152 -2.71 -11.54 43.35
N PRO D 153 -3.95 -11.43 42.90
CA PRO D 153 -4.34 -10.46 41.86
C PRO D 153 -3.82 -9.05 42.09
N TYR D 154 -4.05 -8.47 43.26
CA TYR D 154 -3.58 -7.12 43.54
C TYR D 154 -2.08 -7.03 43.30
N ASP D 155 -1.34 -7.89 44.00
CA ASP D 155 0.11 -7.93 43.86
C ASP D 155 0.51 -8.24 42.42
N ALA D 156 -0.25 -9.11 41.77
CA ALA D 156 0.03 -9.53 40.40
C ALA D 156 0.08 -8.33 39.45
N LYS D 157 -0.92 -7.46 39.53
CA LYS D 157 -0.96 -6.29 38.67
C LYS D 157 0.09 -5.28 39.09
N GLY D 158 0.08 -4.92 40.38
CA GLY D 158 1.02 -3.94 40.93
C GLY D 158 2.47 -4.25 40.58
N LEU D 159 2.85 -5.51 40.78
CA LEU D 159 4.22 -5.96 40.49
C LEU D 159 4.50 -6.07 39.00
N LEU D 160 3.49 -6.37 38.20
CA LEU D 160 3.70 -6.48 36.75
C LEU D 160 3.90 -5.10 36.10
N ILE D 161 3.05 -4.15 36.47
CA ILE D 161 3.24 -2.76 36.06
C ILE D 161 4.61 -2.27 36.53
N ALA D 162 4.95 -2.60 37.77
CA ALA D 162 6.24 -2.21 38.35
C ALA D 162 7.42 -2.79 37.56
N SER D 163 7.33 -4.08 37.23
CA SER D 163 8.38 -4.77 36.51
C SER D 163 8.58 -4.24 35.10
N ILE D 164 7.47 -4.02 34.41
CA ILE D 164 7.47 -3.49 33.04
C ILE D 164 8.17 -2.13 32.98
N GLU D 165 7.92 -1.29 33.98
CA GLU D 165 8.50 0.05 34.02
C GLU D 165 9.96 0.05 34.42
N CYS D 166 10.35 -0.91 35.25
CA CYS D 166 11.74 -1.04 35.70
C CYS D 166 12.66 -1.14 34.49
N ASP D 167 13.78 -0.40 34.51
CA ASP D 167 14.70 -0.38 33.38
C ASP D 167 15.67 -1.56 33.37
N ASP D 168 15.54 -2.45 34.35
CA ASP D 168 16.33 -3.67 34.39
C ASP D 168 15.49 -4.82 33.82
N PRO D 169 16.13 -5.79 33.17
CA PRO D 169 15.40 -6.95 32.68
C PRO D 169 14.74 -7.69 33.85
N VAL D 170 13.49 -8.08 33.67
CA VAL D 170 12.78 -8.75 34.75
C VAL D 170 12.17 -10.07 34.32
N ILE D 171 12.55 -11.14 35.01
CA ILE D 171 11.91 -12.43 34.87
C ILE D 171 10.66 -12.41 35.75
N PHE D 172 9.49 -12.41 35.12
CA PHE D 172 8.23 -12.35 35.84
C PHE D 172 7.54 -13.71 35.87
N LEU D 173 7.71 -14.43 36.97
CA LEU D 173 7.12 -15.75 37.13
C LEU D 173 5.70 -15.66 37.66
N GLU D 174 4.77 -16.31 36.96
CA GLU D 174 3.38 -16.33 37.39
C GLU D 174 3.01 -17.76 37.74
N PRO D 175 2.62 -17.99 38.99
CA PRO D 175 2.23 -19.32 39.44
C PRO D 175 0.84 -19.66 38.91
N LYS D 176 0.82 -20.54 37.90
CA LYS D 176 -0.41 -20.91 37.21
C LYS D 176 -1.43 -21.58 38.12
N ARG D 177 -0.93 -22.18 39.20
CA ARG D 177 -1.77 -22.76 40.24
C ARG D 177 -2.63 -21.69 40.92
N LEU D 178 -2.13 -20.46 40.94
CA LEU D 178 -2.83 -19.35 41.57
C LEU D 178 -3.64 -18.51 40.57
N TYR D 179 -3.72 -18.97 39.32
CA TYR D 179 -4.38 -18.19 38.27
C TYR D 179 -5.85 -17.87 38.56
N ASN D 180 -6.63 -18.88 38.91
CA ASN D 180 -8.07 -18.71 39.09
C ASN D 180 -8.49 -18.46 40.54
N GLY D 181 -7.62 -18.83 41.48
CA GLY D 181 -7.92 -18.69 42.90
C GLY D 181 -6.70 -19.04 43.75
N PRO D 182 -6.77 -18.75 45.05
CA PRO D 182 -5.73 -19.19 45.97
C PRO D 182 -5.81 -20.69 46.15
N PHE D 183 -4.66 -21.31 46.45
CA PHE D 183 -4.58 -22.76 46.57
C PHE D 183 -3.68 -23.10 47.74
N ASP D 184 -4.25 -23.74 48.76
CA ASP D 184 -3.52 -24.01 49.99
C ASP D 184 -2.80 -25.36 49.99
N GLY D 185 -3.07 -26.18 48.99
CA GLY D 185 -2.41 -27.49 48.90
C GLY D 185 -3.35 -28.65 49.18
N HIS D 186 -4.55 -28.32 49.65
CA HIS D 186 -5.58 -29.33 49.88
C HIS D 186 -6.35 -29.57 48.57
N HIS D 187 -6.08 -30.69 47.91
CA HIS D 187 -6.80 -31.10 46.69
C HIS D 187 -8.12 -31.75 47.05
N ASP D 188 -8.24 -32.22 48.29
CA ASP D 188 -9.48 -32.79 48.79
C ASP D 188 -10.61 -31.76 48.73
N ARG D 189 -10.31 -30.56 49.22
CA ARG D 189 -11.26 -29.45 49.22
C ARG D 189 -11.22 -28.75 47.86
N PRO D 190 -12.29 -28.83 47.06
CA PRO D 190 -12.34 -28.14 45.77
C PRO D 190 -12.05 -26.64 45.93
N VAL D 191 -11.34 -26.08 44.97
CA VAL D 191 -10.78 -24.73 45.09
C VAL D 191 -11.79 -23.63 44.79
N THR D 192 -11.76 -22.56 45.59
CA THR D 192 -12.64 -21.41 45.42
C THR D 192 -11.99 -20.36 44.51
N PRO D 193 -12.81 -19.55 43.83
CA PRO D 193 -12.29 -18.48 42.96
C PRO D 193 -11.76 -17.31 43.78
N TRP D 194 -11.13 -16.35 43.13
CA TRP D 194 -10.57 -15.20 43.82
C TRP D 194 -11.64 -14.30 44.41
N SER D 195 -12.77 -14.22 43.73
CA SER D 195 -13.85 -13.32 44.12
C SER D 195 -14.29 -13.49 45.57
N LYS D 196 -14.07 -14.70 46.12
CA LYS D 196 -14.44 -15.00 47.49
C LYS D 196 -13.27 -14.79 48.46
N HIS D 197 -12.20 -14.18 47.98
CA HIS D 197 -10.97 -14.13 48.77
C HIS D 197 -10.35 -12.74 48.83
N PRO D 198 -9.60 -12.47 49.91
CA PRO D 198 -8.97 -11.16 50.10
C PRO D 198 -7.88 -10.94 49.06
N HIS D 199 -7.79 -9.70 48.57
CA HIS D 199 -6.85 -9.26 47.52
C HIS D 199 -7.31 -9.51 46.09
N SER D 200 -8.63 -9.61 45.90
CA SER D 200 -9.18 -9.71 44.55
C SER D 200 -9.67 -8.35 44.08
N ALA D 201 -9.65 -7.39 45.00
CA ALA D 201 -10.05 -6.02 44.72
C ALA D 201 -8.93 -5.31 43.98
N VAL D 202 -9.00 -5.31 42.65
CA VAL D 202 -7.95 -4.72 41.83
C VAL D 202 -8.40 -3.36 41.29
N PRO D 203 -7.61 -2.32 41.55
CA PRO D 203 -7.83 -1.02 40.91
C PRO D 203 -7.80 -1.12 39.39
N ASP D 204 -8.74 -0.42 38.74
CA ASP D 204 -8.84 -0.42 37.27
C ASP D 204 -7.66 0.27 36.61
N GLY D 205 -7.20 1.37 37.21
CA GLY D 205 -6.19 2.21 36.58
C GLY D 205 -4.77 1.82 36.88
N TYR D 206 -3.87 2.81 36.82
CA TYR D 206 -2.46 2.58 37.05
C TYR D 206 -2.09 2.64 38.53
N TYR D 207 -1.24 1.71 38.95
CA TYR D 207 -0.67 1.70 40.30
C TYR D 207 0.48 0.70 40.34
N THR D 208 1.33 0.78 41.35
CA THR D 208 2.44 -0.18 41.46
C THR D 208 2.48 -0.88 42.81
N VAL D 209 3.30 -1.92 42.87
CA VAL D 209 3.75 -2.51 44.12
C VAL D 209 5.26 -2.51 44.04
N PRO D 210 5.93 -1.77 44.93
CA PRO D 210 7.37 -1.57 44.82
C PRO D 210 8.14 -2.89 44.73
N LEU D 211 9.18 -2.90 43.90
CA LEU D 211 10.09 -4.03 43.86
C LEU D 211 10.94 -4.00 45.14
N ASP D 212 11.70 -5.06 45.36
CA ASP D 212 12.56 -5.15 46.55
C ASP D 212 11.80 -5.08 47.88
N LYS D 213 10.49 -5.31 47.86
CA LYS D 213 9.74 -5.23 49.11
C LYS D 213 8.85 -6.41 49.42
N ALA D 214 9.25 -7.14 50.45
CA ALA D 214 8.51 -8.31 50.92
C ALA D 214 7.21 -7.87 51.58
N ALA D 215 6.45 -8.83 52.09
CA ALA D 215 5.21 -8.55 52.78
C ALA D 215 4.88 -9.66 53.76
N ILE D 216 4.65 -9.28 55.01
CA ILE D 216 4.20 -10.23 56.03
C ILE D 216 2.76 -10.59 55.74
N THR D 217 2.48 -11.86 55.54
CA THR D 217 1.12 -12.31 55.26
C THR D 217 0.42 -12.73 56.54
N ARG D 218 1.16 -13.42 57.40
CA ARG D 218 0.66 -13.79 58.71
C ARG D 218 1.68 -13.40 59.77
N PRO D 219 1.36 -12.35 60.53
CA PRO D 219 2.22 -11.87 61.61
C PRO D 219 2.36 -12.93 62.69
N GLY D 220 3.59 -13.26 63.04
CA GLY D 220 3.86 -14.30 64.03
C GLY D 220 5.09 -14.03 64.87
N ASN D 221 5.27 -14.85 65.90
CA ASN D 221 6.38 -14.68 66.85
C ASN D 221 7.24 -15.92 66.98
N ASP D 222 6.66 -17.09 66.69
CA ASP D 222 7.33 -18.37 66.88
C ASP D 222 8.39 -18.66 65.82
N VAL D 223 8.03 -18.59 64.54
CA VAL D 223 8.94 -18.89 63.42
C VAL D 223 8.80 -17.91 62.27
N SER D 224 9.90 -17.62 61.58
CA SER D 224 9.87 -16.85 60.35
C SER D 224 9.77 -17.81 59.16
N VAL D 225 8.68 -17.72 58.40
CA VAL D 225 8.52 -18.56 57.22
C VAL D 225 8.77 -17.74 55.96
N LEU D 226 9.85 -18.06 55.26
CA LEU D 226 10.21 -17.32 54.05
C LEU D 226 9.74 -18.09 52.82
N THR D 227 8.87 -17.46 52.03
CA THR D 227 8.27 -18.14 50.89
C THR D 227 7.74 -17.19 49.82
N TYR D 228 7.14 -17.76 48.78
CA TYR D 228 6.54 -17.03 47.68
C TYR D 228 5.61 -17.96 46.91
N GLY D 229 4.84 -17.40 45.98
CA GLY D 229 3.97 -18.20 45.12
C GLY D 229 2.90 -18.97 45.87
N THR D 230 2.63 -20.18 45.40
CA THR D 230 1.60 -21.03 45.98
C THR D 230 1.89 -21.31 47.45
N THR D 231 3.14 -21.62 47.76
CA THR D 231 3.52 -22.00 49.12
C THR D 231 3.22 -20.93 50.17
N VAL D 232 2.91 -19.71 49.73
CA VAL D 232 2.46 -18.67 50.64
C VAL D 232 1.18 -19.12 51.36
N TYR D 233 0.19 -19.53 50.58
CA TYR D 233 -1.07 -20.02 51.11
C TYR D 233 -0.92 -21.37 51.77
N VAL D 234 0.07 -22.15 51.33
CA VAL D 234 0.38 -23.42 51.96
C VAL D 234 0.90 -23.17 53.37
N ALA D 235 1.79 -22.18 53.51
CA ALA D 235 2.32 -21.82 54.82
C ALA D 235 1.25 -21.25 55.75
N GLN D 236 0.34 -20.44 55.21
CA GLN D 236 -0.72 -19.81 56.02
C GLN D 236 -1.64 -20.85 56.65
N VAL D 237 -1.95 -21.88 55.89
CA VAL D 237 -2.85 -22.94 56.33
C VAL D 237 -2.11 -23.92 57.25
N ALA D 238 -0.86 -24.24 56.91
CA ALA D 238 -0.03 -25.09 57.74
C ALA D 238 0.25 -24.44 59.09
N ALA D 239 0.41 -23.12 59.09
CA ALA D 239 0.59 -22.39 60.33
C ALA D 239 -0.63 -22.54 61.25
N GLU D 240 -1.81 -22.52 60.64
CA GLU D 240 -3.05 -22.67 61.39
C GLU D 240 -3.25 -24.09 61.87
N GLU D 241 -2.81 -25.06 61.07
CA GLU D 241 -2.98 -26.47 61.39
C GLU D 241 -2.05 -26.94 62.49
N SER D 242 -0.81 -26.48 62.45
CA SER D 242 0.20 -26.82 63.45
C SER D 242 -0.10 -26.14 64.77
N GLY D 243 -0.72 -24.96 64.70
CA GLY D 243 -0.91 -24.13 65.87
C GLY D 243 0.21 -23.12 66.02
N VAL D 244 1.40 -23.50 65.56
CA VAL D 244 2.59 -22.63 65.59
C VAL D 244 2.29 -21.22 65.07
N ASP D 245 2.70 -20.22 65.84
CA ASP D 245 2.49 -18.81 65.49
C ASP D 245 3.61 -18.31 64.58
N ALA D 246 3.59 -18.82 63.35
CA ALA D 246 4.61 -18.50 62.35
C ALA D 246 4.27 -17.24 61.57
N GLU D 247 5.30 -16.43 61.33
CA GLU D 247 5.20 -15.22 60.53
C GLU D 247 5.45 -15.62 59.07
N VAL D 248 4.42 -15.54 58.24
CA VAL D 248 4.55 -15.94 56.83
C VAL D 248 4.96 -14.75 55.98
N ILE D 249 6.12 -14.85 55.34
CA ILE D 249 6.66 -13.76 54.52
C ILE D 249 6.66 -14.12 53.04
N ASP D 250 5.88 -13.37 52.27
CA ASP D 250 5.87 -13.49 50.82
C ASP D 250 6.94 -12.53 50.31
N LEU D 251 8.04 -13.10 49.82
CA LEU D 251 9.16 -12.28 49.37
C LEU D 251 8.78 -11.38 48.21
N ARG D 252 7.90 -11.87 47.34
CA ARG D 252 7.44 -11.16 46.15
C ARG D 252 8.56 -10.92 45.13
N SER D 253 9.60 -10.22 45.55
CA SER D 253 10.81 -10.08 44.75
C SER D 253 11.81 -11.10 45.25
N LEU D 254 12.11 -12.09 44.40
CA LEU D 254 13.03 -13.15 44.78
C LEU D 254 14.45 -12.62 44.81
N TRP D 255 14.92 -12.05 43.72
CA TRP D 255 16.23 -11.39 43.71
C TRP D 255 16.32 -10.26 42.68
N PRO D 256 16.79 -9.09 43.11
CA PRO D 256 17.15 -8.79 44.50
C PRO D 256 15.96 -8.83 45.44
N LEU D 257 16.22 -9.12 46.71
CA LEU D 257 15.15 -9.27 47.68
C LEU D 257 15.16 -8.20 48.75
N ASP D 258 14.16 -8.29 49.62
CA ASP D 258 14.02 -7.41 50.77
C ASP D 258 14.75 -8.00 51.95
N LEU D 259 16.07 -7.80 51.99
CA LEU D 259 16.91 -8.37 53.03
C LEU D 259 16.47 -7.95 54.44
N ASP D 260 16.12 -6.67 54.59
CA ASP D 260 15.74 -6.11 55.89
C ASP D 260 14.52 -6.79 56.51
N THR D 261 13.42 -6.88 55.77
CA THR D 261 12.21 -7.52 56.26
C THR D 261 12.48 -8.95 56.73
N ILE D 262 13.38 -9.64 56.03
CA ILE D 262 13.74 -11.02 56.37
C ILE D 262 14.54 -11.05 57.68
N VAL D 263 15.68 -10.38 57.69
CA VAL D 263 16.56 -10.36 58.85
C VAL D 263 15.79 -9.93 60.09
N GLU D 264 14.93 -8.94 59.91
CA GLU D 264 14.14 -8.39 61.01
C GLU D 264 13.19 -9.41 61.61
N SER D 265 12.52 -10.19 60.76
CA SER D 265 11.61 -11.23 61.25
C SER D 265 12.37 -12.31 62.01
N VAL D 266 13.44 -12.81 61.41
CA VAL D 266 14.22 -13.89 61.99
C VAL D 266 14.86 -13.42 63.31
N LYS D 267 15.39 -12.20 63.28
CA LYS D 267 15.98 -11.58 64.46
C LYS D 267 14.98 -11.52 65.63
N LYS D 268 13.72 -11.19 65.35
CA LYS D 268 12.67 -11.21 66.37
C LYS D 268 12.32 -12.65 66.75
N THR D 269 12.11 -13.47 65.73
CA THR D 269 11.61 -14.82 65.90
C THR D 269 12.65 -15.73 66.54
N GLY D 270 13.80 -15.84 65.89
CA GLY D 270 14.86 -16.71 66.35
C GLY D 270 14.92 -18.02 65.59
N ARG D 271 14.09 -18.15 64.55
CA ARG D 271 14.05 -19.36 63.73
C ARG D 271 13.28 -19.15 62.46
N CYS D 272 13.74 -19.78 61.38
CA CYS D 272 13.08 -19.65 60.10
C CYS D 272 13.01 -20.93 59.29
N VAL D 273 11.93 -21.05 58.52
CA VAL D 273 11.72 -22.17 57.63
C VAL D 273 11.56 -21.60 56.23
N VAL D 274 12.30 -22.16 55.28
CA VAL D 274 12.19 -21.76 53.89
C VAL D 274 11.31 -22.76 53.16
N VAL D 275 10.32 -22.26 52.42
CA VAL D 275 9.40 -23.14 51.69
C VAL D 275 9.22 -22.70 50.26
N HIS D 276 9.48 -23.61 49.32
CA HIS D 276 9.22 -23.37 47.90
C HIS D 276 9.02 -24.66 47.10
N GLU D 277 8.43 -24.55 45.92
CA GLU D 277 8.14 -25.69 45.08
C GLU D 277 9.37 -26.33 44.44
N ALA D 278 10.33 -25.48 44.04
CA ALA D 278 11.51 -25.95 43.31
C ALA D 278 12.29 -27.00 44.08
N THR D 279 12.99 -27.85 43.34
CA THR D 279 13.81 -28.91 43.93
C THR D 279 14.76 -28.33 44.97
N ARG D 280 15.10 -29.13 45.98
CA ARG D 280 15.99 -28.70 47.07
C ARG D 280 17.35 -28.20 46.60
N THR D 281 18.14 -29.10 46.04
CA THR D 281 19.56 -28.83 45.82
C THR D 281 19.82 -27.62 44.93
N CYS D 282 20.59 -26.67 45.46
CA CYS D 282 20.97 -25.42 44.78
C CYS D 282 19.78 -24.59 44.30
N GLY D 283 18.61 -24.86 44.87
CA GLY D 283 17.43 -24.03 44.62
C GLY D 283 17.61 -22.67 45.28
N PHE D 284 16.63 -21.79 45.14
CA PHE D 284 16.69 -20.45 45.73
C PHE D 284 16.71 -20.52 47.26
N GLY D 285 16.11 -21.58 47.80
CA GLY D 285 16.12 -21.80 49.25
C GLY D 285 17.51 -21.73 49.85
N ALA D 286 18.48 -22.29 49.14
CA ALA D 286 19.87 -22.33 49.60
C ALA D 286 20.47 -20.96 49.84
N GLU D 287 20.12 -19.99 49.00
CA GLU D 287 20.60 -18.63 49.18
C GLU D 287 19.95 -17.99 50.40
N LEU D 288 18.64 -18.24 50.56
CA LEU D 288 17.90 -17.70 51.68
C LEU D 288 18.47 -18.19 53.01
N VAL D 289 18.73 -19.49 53.09
CA VAL D 289 19.33 -20.09 54.28
C VAL D 289 20.68 -19.43 54.53
N SER D 290 21.49 -19.34 53.48
CA SER D 290 22.82 -18.75 53.58
C SER D 290 22.81 -17.29 54.01
N LEU D 291 21.78 -16.54 53.59
CA LEU D 291 21.66 -15.15 54.00
C LEU D 291 21.24 -15.03 55.44
N VAL D 292 20.23 -15.82 55.81
CA VAL D 292 19.74 -15.85 57.19
C VAL D 292 20.86 -16.29 58.14
N GLN D 293 21.61 -17.30 57.73
CA GLN D 293 22.74 -17.80 58.50
C GLN D 293 23.79 -16.71 58.72
N GLU D 294 23.99 -15.86 57.71
CA GLU D 294 24.98 -14.79 57.80
C GLU D 294 24.54 -13.64 58.72
N HIS D 295 23.29 -13.23 58.60
CA HIS D 295 22.84 -12.03 59.33
C HIS D 295 22.06 -12.31 60.61
N CYS D 296 21.80 -13.58 60.90
CA CYS D 296 21.06 -13.92 62.12
C CYS D 296 21.67 -15.11 62.85
N PHE D 297 22.99 -15.22 62.81
CA PHE D 297 23.65 -16.40 63.35
C PHE D 297 23.45 -16.57 64.84
N HIS D 298 23.59 -15.46 65.57
CA HIS D 298 23.52 -15.49 67.02
C HIS D 298 22.09 -15.53 67.52
N HIS D 299 21.18 -14.87 66.81
CA HIS D 299 19.78 -14.86 67.22
C HIS D 299 19.09 -16.16 66.86
N LEU D 300 19.82 -17.03 66.19
CA LEU D 300 19.29 -18.27 65.67
C LEU D 300 19.12 -19.31 66.79
N GLU D 301 17.87 -19.63 67.13
CA GLU D 301 17.59 -20.56 68.22
C GLU D 301 17.57 -22.03 67.78
N ALA D 302 17.61 -22.26 66.46
CA ALA D 302 17.53 -23.61 65.91
C ALA D 302 17.97 -23.63 64.45
N PRO D 303 18.32 -24.80 63.92
CA PRO D 303 18.72 -24.93 62.52
C PRO D 303 17.61 -24.51 61.56
N ILE D 304 17.98 -23.75 60.54
CA ILE D 304 17.07 -23.31 59.48
C ILE D 304 16.66 -24.50 58.64
N GLU D 305 15.35 -24.76 58.61
CA GLU D 305 14.79 -25.86 57.83
C GLU D 305 14.33 -25.37 56.47
N ARG D 306 14.31 -26.25 55.49
CA ARG D 306 13.66 -25.92 54.23
C ARG D 306 12.79 -27.05 53.69
N VAL D 307 11.52 -26.72 53.47
CA VAL D 307 10.54 -27.65 52.93
C VAL D 307 10.35 -27.34 51.46
N THR D 308 10.80 -28.24 50.59
CA THR D 308 10.77 -27.98 49.16
C THR D 308 10.31 -29.19 48.38
N GLY D 309 10.26 -29.06 47.06
CA GLY D 309 10.05 -30.20 46.19
C GLY D 309 11.26 -31.10 46.24
N TRP D 310 11.02 -32.40 46.10
CA TRP D 310 12.10 -33.38 46.16
C TRP D 310 13.06 -33.16 45.00
N ASP D 311 14.30 -33.61 45.17
CA ASP D 311 15.27 -33.51 44.08
C ASP D 311 14.94 -34.54 43.01
N THR D 312 13.82 -34.32 42.33
CA THR D 312 13.33 -35.26 41.35
C THR D 312 12.54 -34.50 40.28
N PRO D 313 12.56 -34.95 39.03
CA PRO D 313 11.76 -34.29 38.00
C PRO D 313 10.29 -34.43 38.34
N TYR D 314 9.51 -33.39 38.09
CA TYR D 314 8.12 -33.33 38.54
C TYR D 314 7.26 -34.46 37.95
N PRO D 315 6.80 -35.37 38.80
CA PRO D 315 6.04 -36.52 38.36
C PRO D 315 4.59 -36.17 38.08
N HIS D 316 3.84 -37.13 37.53
CA HIS D 316 2.44 -36.90 37.21
C HIS D 316 1.47 -37.47 38.24
N ALA D 317 1.48 -38.79 38.39
CA ALA D 317 0.56 -39.47 39.30
C ALA D 317 0.85 -39.13 40.74
N GLN D 318 2.13 -39.09 41.10
CA GLN D 318 2.55 -38.80 42.47
C GLN D 318 2.57 -37.30 42.79
N GLU D 319 1.68 -36.55 42.14
CA GLU D 319 1.60 -35.11 42.30
C GLU D 319 1.65 -34.66 43.76
N TRP D 320 0.73 -35.18 44.57
CA TRP D 320 0.58 -34.74 45.95
C TRP D 320 1.60 -35.35 46.87
N ALA D 321 2.27 -36.38 46.37
CA ALA D 321 3.43 -36.91 47.04
C ALA D 321 4.61 -35.96 46.82
N TYR D 322 4.62 -35.26 45.70
CA TYR D 322 5.70 -34.34 45.39
C TYR D 322 5.52 -32.98 46.06
N PHE D 323 4.47 -32.27 45.63
CA PHE D 323 4.18 -30.91 46.08
C PHE D 323 4.19 -30.77 47.59
N PRO D 324 4.97 -29.82 48.11
CA PRO D 324 5.03 -29.57 49.54
C PRO D 324 3.70 -29.01 50.05
N GLY D 325 2.88 -29.90 50.60
CA GLY D 325 1.56 -29.52 51.08
C GLY D 325 1.57 -29.10 52.54
N PRO D 326 0.42 -28.63 53.02
CA PRO D 326 0.26 -28.20 54.41
C PRO D 326 0.78 -29.20 55.44
N SER D 327 0.51 -30.48 55.21
CA SER D 327 0.98 -31.56 56.08
C SER D 327 2.51 -31.55 56.20
N ARG D 328 3.18 -31.64 55.06
CA ARG D 328 4.65 -31.64 55.01
C ARG D 328 5.28 -30.32 55.50
N VAL D 329 4.63 -29.20 55.21
CA VAL D 329 5.11 -27.90 55.69
C VAL D 329 4.87 -27.77 57.20
N GLY D 330 3.67 -28.18 57.63
CA GLY D 330 3.32 -28.15 59.05
C GLY D 330 4.24 -28.99 59.91
N ALA D 331 4.62 -30.16 59.40
CA ALA D 331 5.56 -31.03 60.09
C ALA D 331 6.89 -30.32 60.34
N ALA D 332 7.34 -29.54 59.35
CA ALA D 332 8.56 -28.78 59.48
C ALA D 332 8.41 -27.61 60.45
N LEU D 333 7.19 -27.11 60.58
CA LEU D 333 6.91 -26.04 61.54
C LEU D 333 6.99 -26.54 62.98
N LYS D 334 6.62 -27.79 63.21
CA LYS D 334 6.76 -28.39 64.53
C LYS D 334 8.21 -28.74 64.81
N LYS D 335 8.91 -29.24 63.79
CA LYS D 335 10.30 -29.65 63.93
C LYS D 335 11.21 -28.53 64.42
N VAL D 336 11.04 -27.32 63.88
CA VAL D 336 11.87 -26.19 64.30
C VAL D 336 11.53 -25.72 65.71
N MET D 337 10.28 -25.92 66.11
CA MET D 337 9.83 -25.51 67.43
C MET D 337 10.15 -26.56 68.49
N GLU D 338 11.09 -27.46 68.17
CA GLU D 338 11.51 -28.50 69.11
C GLU D 338 12.84 -28.20 69.76
N VAL D 339 12.92 -28.53 71.05
CA VAL D 339 14.13 -28.31 71.83
C VAL D 339 14.94 -29.60 71.93
N ASN E 2 -17.97 44.27 -58.76
CA ASN E 2 -18.53 44.20 -60.14
C ASN E 2 -19.14 42.84 -60.45
N GLU E 3 -18.29 41.81 -60.51
CA GLU E 3 -18.68 40.47 -60.95
C GLU E 3 -19.61 39.71 -60.01
N TYR E 4 -19.39 39.87 -58.71
CA TYR E 4 -20.25 39.23 -57.72
C TYR E 4 -21.04 40.26 -56.93
N ALA E 5 -22.35 40.06 -56.90
CA ALA E 5 -23.25 40.88 -56.09
C ALA E 5 -22.89 40.69 -54.61
N PRO E 6 -23.08 41.74 -53.80
CA PRO E 6 -22.77 41.64 -52.37
C PRO E 6 -23.52 40.49 -51.74
N LEU E 7 -22.87 39.72 -50.87
CA LEU E 7 -23.56 38.67 -50.13
C LEU E 7 -24.51 39.28 -49.08
N ARG E 8 -25.62 38.60 -48.82
CA ARG E 8 -26.56 39.03 -47.80
C ARG E 8 -26.77 37.96 -46.75
N LEU E 9 -26.86 38.38 -45.49
CA LEU E 9 -27.18 37.46 -44.41
C LEU E 9 -28.66 37.09 -44.49
N HIS E 10 -28.95 35.79 -44.46
CA HIS E 10 -30.32 35.31 -44.48
C HIS E 10 -30.81 35.06 -43.05
N VAL E 11 -32.01 35.56 -42.74
CA VAL E 11 -32.57 35.39 -41.41
C VAL E 11 -34.03 34.98 -41.54
N PRO E 12 -34.31 33.70 -41.26
CA PRO E 12 -35.65 33.15 -41.43
C PRO E 12 -36.70 33.87 -40.59
N GLU E 13 -37.86 34.10 -41.20
CA GLU E 13 -38.99 34.75 -40.54
C GLU E 13 -40.18 33.81 -40.56
N PRO E 14 -40.95 33.76 -39.49
CA PRO E 14 -42.20 33.02 -39.51
C PRO E 14 -43.18 33.75 -40.40
N THR E 15 -43.92 33.01 -41.23
CA THR E 15 -44.86 33.61 -42.18
C THR E 15 -45.90 34.48 -41.49
N GLY E 16 -46.31 34.07 -40.29
CA GLY E 16 -47.32 34.81 -39.53
C GLY E 16 -46.77 35.53 -38.32
N ARG E 17 -47.06 36.83 -38.23
CA ARG E 17 -46.76 37.63 -37.04
C ARG E 17 -48.08 38.21 -36.50
N PRO E 18 -48.06 38.83 -35.31
CA PRO E 18 -49.26 39.45 -34.76
C PRO E 18 -49.98 40.32 -35.79
N GLY E 19 -51.26 40.03 -36.01
CA GLY E 19 -52.04 40.75 -37.01
C GLY E 19 -51.96 40.16 -38.41
N CYS E 20 -51.33 39.00 -38.53
CA CYS E 20 -51.29 38.28 -39.79
C CYS E 20 -51.81 36.87 -39.59
N GLN E 21 -51.80 36.10 -40.67
CA GLN E 21 -52.20 34.73 -40.61
C GLN E 21 -51.03 33.84 -41.01
N THR E 22 -50.70 32.87 -40.17
CA THR E 22 -49.63 31.94 -40.46
C THR E 22 -50.02 31.05 -41.66
N ASP E 23 -49.07 30.83 -42.55
CA ASP E 23 -49.25 29.89 -43.67
C ASP E 23 -48.54 28.58 -43.38
N PHE E 24 -49.29 27.61 -42.86
CA PHE E 24 -48.77 26.31 -42.47
C PHE E 24 -48.36 25.40 -43.63
N SER E 25 -48.21 25.96 -44.82
CA SER E 25 -47.74 25.19 -45.98
C SER E 25 -46.35 24.61 -45.72
N TYR E 26 -45.59 25.24 -44.83
CA TYR E 26 -44.22 24.83 -44.55
C TYR E 26 -44.09 23.44 -43.90
N LEU E 27 -45.15 22.97 -43.24
CA LEU E 27 -45.18 21.58 -42.78
C LEU E 27 -45.31 20.71 -44.01
N ARG E 28 -44.48 19.68 -44.16
CA ARG E 28 -44.63 18.77 -45.30
C ARG E 28 -45.61 17.66 -44.96
N LEU E 29 -46.89 18.00 -44.82
CA LEU E 29 -47.88 17.04 -44.35
C LEU E 29 -48.26 16.00 -45.41
N ASN E 30 -48.68 14.83 -44.94
CA ASN E 30 -49.27 13.80 -45.80
C ASN E 30 -50.69 13.52 -45.33
N ASP E 31 -51.41 12.72 -46.10
CA ASP E 31 -52.77 12.36 -45.70
C ASP E 31 -52.74 11.07 -44.90
N ALA E 32 -53.81 10.82 -44.15
CA ALA E 32 -53.92 9.60 -43.35
C ALA E 32 -53.68 8.35 -44.18
N GLY E 33 -52.81 7.48 -43.67
CA GLY E 33 -52.53 6.19 -44.28
C GLY E 33 -51.60 6.21 -45.48
N GLN E 34 -51.14 7.41 -45.87
CA GLN E 34 -50.31 7.55 -47.07
C GLN E 34 -48.89 7.00 -46.89
N ALA E 35 -48.26 7.33 -45.77
CA ALA E 35 -46.92 6.82 -45.45
C ALA E 35 -46.99 5.33 -45.11
N ARG E 36 -45.98 4.57 -45.53
CA ARG E 36 -45.92 3.13 -45.25
C ARG E 36 -45.35 2.82 -43.86
N LYS E 37 -45.58 1.59 -43.39
CA LYS E 37 -45.02 1.11 -42.12
C LYS E 37 -43.96 0.05 -42.43
N PRO E 38 -42.69 0.39 -42.18
CA PRO E 38 -41.58 -0.50 -42.50
C PRO E 38 -41.45 -1.58 -41.44
N PRO E 39 -40.63 -2.59 -41.71
CA PRO E 39 -40.37 -3.62 -40.71
C PRO E 39 -39.58 -3.00 -39.56
N VAL E 40 -39.61 -3.64 -38.39
CA VAL E 40 -38.81 -3.15 -37.27
C VAL E 40 -37.30 -3.26 -37.52
N ASP E 41 -36.89 -4.15 -38.42
CA ASP E 41 -35.46 -4.28 -38.72
C ASP E 41 -34.99 -3.48 -39.93
N VAL E 42 -35.78 -2.49 -40.32
CA VAL E 42 -35.45 -1.66 -41.49
C VAL E 42 -34.07 -0.99 -41.36
N ASP E 43 -33.35 -0.90 -42.47
CA ASP E 43 -32.10 -0.13 -42.49
C ASP E 43 -32.40 1.36 -42.40
N ALA E 44 -31.53 2.09 -41.70
CA ALA E 44 -31.72 3.52 -41.49
C ALA E 44 -31.79 4.28 -42.80
N ALA E 45 -30.87 3.98 -43.72
CA ALA E 45 -30.86 4.63 -45.04
C ALA E 45 -32.21 4.52 -45.75
N ASP E 46 -32.90 3.39 -45.58
CA ASP E 46 -34.20 3.19 -46.24
C ASP E 46 -35.31 4.05 -45.63
N THR E 47 -35.02 4.68 -44.51
CA THR E 47 -36.04 5.43 -43.80
C THR E 47 -36.05 6.89 -44.27
N ALA E 48 -35.21 7.17 -45.28
CA ALA E 48 -35.03 8.53 -45.80
C ALA E 48 -36.32 9.24 -46.20
N ASP E 49 -37.14 8.58 -47.04
CA ASP E 49 -38.41 9.16 -47.48
C ASP E 49 -39.35 9.42 -46.29
N LEU E 50 -39.42 8.45 -45.37
CA LEU E 50 -40.27 8.60 -44.20
C LEU E 50 -39.87 9.80 -43.35
N SER E 51 -38.59 10.14 -43.36
CA SER E 51 -38.11 11.29 -42.60
C SER E 51 -38.59 12.62 -43.19
N TYR E 52 -39.06 12.59 -44.42
CA TYR E 52 -39.55 13.79 -45.08
C TYR E 52 -41.03 13.73 -45.46
N SER E 53 -41.75 12.75 -44.92
CA SER E 53 -43.21 12.70 -45.11
C SER E 53 -43.89 12.72 -43.75
N LEU E 54 -45.01 12.01 -43.61
CA LEU E 54 -45.77 12.05 -42.36
C LEU E 54 -46.61 10.81 -42.08
N VAL E 55 -46.30 10.13 -40.98
CA VAL E 55 -47.12 9.02 -40.50
C VAL E 55 -48.35 9.59 -39.80
N ARG E 56 -49.52 9.20 -40.31
CA ARG E 56 -50.79 9.71 -39.83
C ARG E 56 -51.87 8.66 -40.06
N VAL E 57 -52.71 8.43 -39.06
CA VAL E 57 -53.70 7.35 -39.13
C VAL E 57 -55.11 7.88 -39.28
N LEU E 58 -55.51 8.76 -38.37
CA LEU E 58 -56.88 9.26 -38.35
C LEU E 58 -57.07 10.37 -39.38
N ASP E 59 -57.91 10.12 -40.37
CA ASP E 59 -58.22 11.11 -41.39
C ASP E 59 -59.08 12.24 -40.81
N GLU E 60 -59.44 13.20 -41.67
CA GLU E 60 -60.29 14.32 -41.29
C GLU E 60 -61.58 13.85 -40.61
N GLN E 61 -62.15 12.77 -41.13
CA GLN E 61 -63.42 12.25 -40.65
C GLN E 61 -63.24 11.31 -39.44
N GLY E 62 -62.00 11.16 -38.96
CA GLY E 62 -61.73 10.33 -37.79
C GLY E 62 -61.74 8.83 -38.06
N ASP E 63 -61.64 8.44 -39.32
CA ASP E 63 -61.47 7.03 -39.64
C ASP E 63 -60.00 6.69 -39.73
N ALA E 64 -59.62 5.56 -39.14
CA ALA E 64 -58.25 5.08 -39.20
C ALA E 64 -57.93 4.59 -40.60
N GLN E 65 -56.73 4.90 -41.08
CA GLN E 65 -56.30 4.51 -42.43
C GLN E 65 -54.94 3.84 -42.42
N GLY E 66 -54.66 3.05 -43.46
CA GLY E 66 -53.32 2.54 -43.71
C GLY E 66 -52.74 1.54 -42.72
N PRO E 67 -51.51 1.12 -42.97
CA PRO E 67 -50.85 0.09 -42.17
C PRO E 67 -50.52 0.50 -40.74
N TRP E 68 -50.55 1.79 -40.42
CA TRP E 68 -50.31 2.19 -39.04
C TRP E 68 -51.51 1.97 -38.11
N ALA E 69 -52.62 1.52 -38.70
CA ALA E 69 -53.87 1.33 -37.97
C ALA E 69 -54.09 -0.10 -37.47
N GLU E 70 -53.27 -1.05 -37.94
CA GLU E 70 -53.39 -2.44 -37.53
C GLU E 70 -53.16 -2.66 -36.04
N ASP E 71 -53.87 -3.65 -35.47
CA ASP E 71 -53.69 -4.08 -34.08
C ASP E 71 -53.64 -2.90 -33.10
N ILE E 72 -54.74 -2.18 -32.97
CA ILE E 72 -54.82 -1.10 -31.98
C ILE E 72 -55.91 -1.41 -30.96
N ASP E 73 -55.50 -1.88 -29.79
CA ASP E 73 -56.44 -2.23 -28.74
C ASP E 73 -57.13 -0.98 -28.19
N PRO E 74 -58.45 -0.91 -28.36
CA PRO E 74 -59.23 0.25 -27.92
C PRO E 74 -59.05 0.57 -26.45
N GLN E 75 -58.68 -0.42 -25.65
CA GLN E 75 -58.41 -0.20 -24.22
C GLN E 75 -57.25 0.76 -24.05
N ILE E 76 -56.25 0.65 -24.91
CA ILE E 76 -55.12 1.57 -24.88
C ILE E 76 -55.56 3.01 -25.19
N LEU E 77 -56.39 3.17 -26.20
CA LEU E 77 -56.92 4.49 -26.58
C LEU E 77 -57.77 5.10 -25.46
N ARG E 78 -58.48 4.23 -24.73
CA ARG E 78 -59.29 4.66 -23.59
C ARG E 78 -58.39 5.18 -22.49
N GLN E 79 -57.34 4.41 -22.18
CA GLN E 79 -56.34 4.85 -21.21
C GLN E 79 -55.63 6.11 -21.72
N GLY E 80 -55.47 6.18 -23.04
CA GLY E 80 -54.89 7.35 -23.69
C GLY E 80 -55.71 8.61 -23.53
N MET E 81 -57.01 8.52 -23.80
CA MET E 81 -57.92 9.65 -23.65
C MET E 81 -57.94 10.15 -22.21
N ARG E 82 -58.11 9.21 -21.27
CA ARG E 82 -58.01 9.53 -19.85
C ARG E 82 -56.72 10.30 -19.59
N ALA E 83 -55.61 9.76 -20.10
CA ALA E 83 -54.29 10.38 -19.93
C ALA E 83 -54.24 11.79 -20.51
N MET E 84 -54.71 11.95 -21.75
CA MET E 84 -54.70 13.26 -22.39
C MET E 84 -55.58 14.26 -21.63
N LEU E 85 -56.82 13.85 -21.32
CA LEU E 85 -57.73 14.71 -20.58
C LEU E 85 -57.15 15.14 -19.24
N LYS E 86 -56.70 14.16 -18.46
CA LYS E 86 -56.09 14.42 -17.15
C LYS E 86 -54.98 15.47 -17.25
N THR E 87 -54.11 15.31 -18.25
CA THR E 87 -53.00 16.24 -18.48
C THR E 87 -53.51 17.66 -18.67
N ARG E 88 -54.36 17.83 -19.69
CA ARG E 88 -54.90 19.13 -20.04
C ARG E 88 -55.59 19.79 -18.85
N ILE E 89 -56.43 19.02 -18.17
CA ILE E 89 -57.15 19.50 -17.00
C ILE E 89 -56.19 19.82 -15.86
N PHE E 90 -55.20 18.97 -15.64
CA PHE E 90 -54.19 19.29 -14.64
C PHE E 90 -53.46 20.58 -15.01
N ASP E 91 -53.13 20.72 -16.29
CA ASP E 91 -52.45 21.91 -16.79
C ASP E 91 -53.22 23.18 -16.47
N SER E 92 -54.48 23.23 -16.92
CA SER E 92 -55.34 24.40 -16.71
C SER E 92 -55.37 24.89 -15.28
N ARG E 93 -55.65 23.97 -14.36
CA ARG E 93 -55.70 24.28 -12.93
C ARG E 93 -54.42 24.89 -12.41
N MET E 94 -53.30 24.32 -12.84
CA MET E 94 -52.00 24.77 -12.40
C MET E 94 -51.71 26.20 -12.87
N VAL E 95 -52.23 26.55 -14.05
CA VAL E 95 -52.15 27.93 -14.53
C VAL E 95 -52.86 28.85 -13.54
N VAL E 96 -54.12 28.54 -13.27
CA VAL E 96 -54.95 29.31 -12.35
C VAL E 96 -54.24 29.48 -11.01
N ALA E 97 -53.81 28.37 -10.45
CA ALA E 97 -53.11 28.39 -9.16
C ALA E 97 -51.92 29.34 -9.23
N GLN E 98 -51.26 29.39 -10.39
CA GLN E 98 -50.13 30.28 -10.57
C GLN E 98 -50.56 31.74 -10.56
N ARG E 99 -51.73 32.04 -11.15
CA ARG E 99 -52.27 33.40 -11.09
C ARG E 99 -52.58 33.83 -9.66
N GLN E 100 -53.16 32.94 -8.87
CA GLN E 100 -53.51 33.25 -7.49
C GLN E 100 -52.29 33.22 -6.56
N LYS E 101 -51.11 33.33 -7.17
CA LYS E 101 -49.83 33.36 -6.47
C LYS E 101 -49.64 32.16 -5.55
N LYS E 102 -50.36 31.07 -5.84
CA LYS E 102 -50.23 29.84 -5.10
C LYS E 102 -48.95 29.13 -5.52
N MET E 103 -48.62 29.25 -6.81
CA MET E 103 -47.41 28.65 -7.37
C MET E 103 -46.59 29.75 -8.05
N SER E 104 -45.27 29.61 -8.01
CA SER E 104 -44.41 30.66 -8.55
C SER E 104 -44.29 30.64 -10.08
N PHE E 105 -44.43 29.46 -10.69
CA PHE E 105 -44.14 29.29 -12.12
C PHE E 105 -44.73 27.98 -12.65
N TYR E 106 -45.23 28.00 -13.88
CA TYR E 106 -45.72 26.76 -14.51
C TYR E 106 -45.58 26.76 -16.04
N MET E 107 -45.42 25.56 -16.60
CA MET E 107 -45.33 25.37 -18.05
C MET E 107 -46.37 24.36 -18.55
N GLN E 108 -47.28 24.82 -19.42
CA GLN E 108 -48.33 23.98 -19.98
C GLN E 108 -47.81 23.11 -21.10
N SER E 109 -48.63 22.15 -21.51
CA SER E 109 -48.31 21.33 -22.67
C SER E 109 -49.54 21.21 -23.58
N LEU E 110 -50.38 22.25 -23.55
CA LEU E 110 -51.60 22.30 -24.35
C LEU E 110 -51.32 21.98 -25.81
N GLY E 111 -52.10 21.07 -26.37
CA GLY E 111 -51.94 20.66 -27.77
C GLY E 111 -50.99 19.51 -27.98
N GLU E 112 -50.11 19.26 -27.01
CA GLU E 112 -49.09 18.21 -27.13
C GLU E 112 -49.44 16.94 -26.35
N GLU E 113 -50.51 17.00 -25.58
CA GLU E 113 -50.87 15.97 -24.59
C GLU E 113 -50.74 14.51 -25.07
N ALA E 114 -50.93 14.29 -26.37
CA ALA E 114 -50.91 12.92 -26.91
C ALA E 114 -49.52 12.29 -26.94
N ILE E 115 -48.50 13.10 -27.25
CA ILE E 115 -47.15 12.59 -27.52
C ILE E 115 -46.60 11.77 -26.34
N GLY E 116 -46.38 12.45 -25.21
CA GLY E 116 -45.86 11.76 -24.03
C GLY E 116 -46.70 10.57 -23.60
N SER E 117 -48.01 10.80 -23.46
CA SER E 117 -48.95 9.79 -22.99
C SER E 117 -48.96 8.58 -23.92
N GLY E 118 -49.04 8.86 -25.21
CA GLY E 118 -48.96 7.84 -26.25
C GLY E 118 -47.75 6.97 -26.08
N GLN E 119 -46.57 7.57 -26.08
CA GLN E 119 -45.34 6.79 -25.96
C GLN E 119 -45.24 6.09 -24.60
N ALA E 120 -45.68 6.78 -23.55
CA ALA E 120 -45.69 6.18 -22.22
C ALA E 120 -46.45 4.86 -22.19
N LEU E 121 -47.61 4.84 -22.86
CA LEU E 121 -48.42 3.63 -22.92
C LEU E 121 -47.79 2.55 -23.80
N ALA E 122 -46.87 2.94 -24.68
CA ALA E 122 -46.21 1.97 -25.54
C ALA E 122 -44.98 1.33 -24.87
N LEU E 123 -44.54 1.91 -23.77
CA LEU E 123 -43.38 1.40 -23.05
C LEU E 123 -43.80 0.62 -21.81
N ASN E 124 -42.84 -0.09 -21.22
CA ASN E 124 -43.04 -0.67 -19.91
C ASN E 124 -42.63 0.35 -18.86
N ARG E 125 -43.23 0.26 -17.70
CA ARG E 125 -42.94 1.17 -16.61
C ARG E 125 -41.44 1.28 -16.34
N THR E 126 -40.72 0.17 -16.47
CA THR E 126 -39.29 0.12 -16.17
C THR E 126 -38.39 0.77 -17.24
N ASP E 127 -38.93 1.01 -18.43
CA ASP E 127 -38.21 1.78 -19.44
C ASP E 127 -38.08 3.22 -18.94
N MET E 128 -36.86 3.71 -18.81
CA MET E 128 -36.66 5.07 -18.29
C MET E 128 -36.91 6.15 -19.35
N CYS E 129 -37.68 7.17 -18.97
CA CYS E 129 -37.90 8.33 -19.81
C CYS E 129 -36.98 9.46 -19.39
N PHE E 130 -36.38 10.13 -20.37
CA PHE E 130 -35.58 11.31 -20.10
C PHE E 130 -36.30 12.49 -20.74
N PRO E 131 -37.25 13.05 -19.99
CA PRO E 131 -38.16 14.04 -20.53
C PRO E 131 -37.62 15.45 -20.40
N THR E 132 -38.28 16.38 -21.10
CA THR E 132 -38.08 17.80 -20.88
C THR E 132 -39.12 18.25 -19.86
N TYR E 133 -39.25 19.56 -19.67
CA TYR E 133 -40.25 20.10 -18.76
C TYR E 133 -41.68 20.00 -19.30
N ARG E 134 -41.82 19.58 -20.56
CA ARG E 134 -43.12 19.56 -21.23
C ARG E 134 -43.72 18.19 -21.49
N GLN E 135 -43.26 17.19 -20.75
CA GLN E 135 -43.82 15.87 -20.96
C GLN E 135 -44.50 15.31 -19.71
N GLN E 136 -45.24 16.19 -19.04
CA GLN E 136 -46.00 15.79 -17.84
C GLN E 136 -47.09 14.79 -18.20
N SER E 137 -47.52 14.79 -19.45
CA SER E 137 -48.46 13.78 -19.95
C SER E 137 -47.98 12.36 -19.62
N ILE E 138 -46.67 12.17 -19.54
CA ILE E 138 -46.09 10.87 -19.20
C ILE E 138 -46.49 10.47 -17.78
N LEU E 139 -46.29 11.38 -16.83
CA LEU E 139 -46.63 11.13 -15.43
C LEU E 139 -48.11 10.81 -15.28
N MET E 140 -48.93 11.51 -16.07
CA MET E 140 -50.37 11.27 -16.09
C MET E 140 -50.68 9.87 -16.60
N ALA E 141 -50.11 9.51 -17.75
CA ALA E 141 -50.30 8.20 -18.34
C ALA E 141 -49.76 7.10 -17.44
N ARG E 142 -48.80 7.45 -16.59
CA ARG E 142 -48.25 6.47 -15.65
C ARG E 142 -48.88 6.55 -14.25
N ASP E 143 -49.97 7.31 -14.16
CA ASP E 143 -50.76 7.44 -12.94
C ASP E 143 -49.91 7.76 -11.70
N VAL E 144 -49.19 8.87 -11.76
CA VAL E 144 -48.42 9.35 -10.63
C VAL E 144 -49.33 10.15 -9.69
N SER E 145 -49.06 10.06 -8.39
CA SER E 145 -49.76 10.86 -7.39
C SER E 145 -49.74 12.35 -7.74
N LEU E 146 -50.92 12.94 -7.88
CA LEU E 146 -51.03 14.38 -8.12
C LEU E 146 -50.60 15.18 -6.89
N VAL E 147 -50.88 14.66 -5.70
CA VAL E 147 -50.56 15.37 -4.46
C VAL E 147 -49.07 15.63 -4.37
N GLU E 148 -48.29 14.59 -4.62
CA GLU E 148 -46.83 14.68 -4.66
C GLU E 148 -46.36 15.64 -5.75
N MET E 149 -46.96 15.55 -6.94
CA MET E 149 -46.63 16.45 -8.05
C MET E 149 -46.91 17.91 -7.64
N ILE E 150 -48.13 18.16 -7.15
CA ILE E 150 -48.51 19.51 -6.72
C ILE E 150 -47.67 20.00 -5.55
N CYS E 151 -47.34 19.11 -4.61
CA CYS E 151 -46.45 19.46 -3.52
C CYS E 151 -45.13 20.01 -4.05
N GLN E 152 -44.64 19.41 -5.13
CA GLN E 152 -43.41 19.88 -5.74
C GLN E 152 -43.63 21.23 -6.43
N LEU E 153 -44.79 21.39 -7.06
CA LEU E 153 -45.14 22.68 -7.63
C LEU E 153 -45.21 23.76 -6.57
N LEU E 154 -45.47 23.38 -5.33
CA LEU E 154 -45.56 24.35 -4.25
C LEU E 154 -44.26 24.54 -3.48
N SER E 155 -43.38 23.55 -3.50
CA SER E 155 -42.20 23.54 -2.62
C SER E 155 -42.63 23.49 -1.15
N ASN E 156 -43.50 22.52 -0.85
CA ASN E 156 -44.00 22.24 0.50
C ASN E 156 -42.98 21.68 1.46
N GLU E 157 -43.44 21.49 2.70
CA GLU E 157 -42.79 20.58 3.62
C GLU E 157 -42.94 19.16 3.08
N ARG E 158 -43.95 18.94 2.22
CA ARG E 158 -44.19 17.63 1.59
C ARG E 158 -43.54 17.48 0.21
N ASP E 159 -42.86 18.52 -0.28
CA ASP E 159 -42.16 18.45 -1.57
C ASP E 159 -41.17 17.29 -1.55
N PRO E 160 -41.27 16.41 -2.54
CA PRO E 160 -40.35 15.27 -2.67
C PRO E 160 -38.90 15.72 -2.82
N LEU E 161 -38.67 16.80 -3.56
CA LEU E 161 -37.31 17.29 -3.83
C LEU E 161 -36.88 18.35 -2.83
N LYS E 162 -37.65 18.47 -1.75
CA LYS E 162 -37.31 19.32 -0.61
C LYS E 162 -36.98 20.76 -1.00
N GLY E 163 -37.76 21.29 -1.94
CA GLY E 163 -37.70 22.70 -2.34
C GLY E 163 -36.47 23.09 -3.12
N ARG E 164 -35.56 22.13 -3.30
CA ARG E 164 -34.30 22.35 -3.99
C ARG E 164 -34.50 22.67 -5.47
N GLN E 165 -35.69 22.39 -5.99
CA GLN E 165 -35.90 22.51 -7.42
C GLN E 165 -37.09 23.38 -7.82
N LEU E 166 -36.89 24.15 -8.88
CA LEU E 166 -37.92 25.02 -9.44
C LEU E 166 -39.15 24.20 -9.84
N PRO E 167 -40.35 24.73 -9.61
CA PRO E 167 -41.60 24.09 -10.02
C PRO E 167 -41.56 23.48 -11.41
N ILE E 168 -42.15 22.29 -11.51
CA ILE E 168 -42.25 21.44 -12.73
C ILE E 168 -41.01 20.61 -13.07
N MET E 169 -39.87 20.95 -12.47
CA MET E 169 -38.65 20.15 -12.64
C MET E 169 -38.79 18.85 -11.84
N TYR E 170 -39.74 18.01 -12.22
CA TYR E 170 -40.05 16.81 -11.46
C TYR E 170 -38.94 15.76 -11.51
N SER E 171 -39.00 14.80 -10.58
CA SER E 171 -38.09 13.65 -10.55
C SER E 171 -38.80 12.43 -9.93
N VAL E 172 -39.10 11.45 -10.77
CA VAL E 172 -39.87 10.29 -10.32
C VAL E 172 -39.28 8.99 -10.85
N ARG E 173 -38.23 8.52 -10.17
CA ARG E 173 -37.53 7.29 -10.55
C ARG E 173 -38.50 6.10 -10.61
N GLU E 174 -39.39 6.06 -9.63
CA GLU E 174 -40.36 4.97 -9.49
C GLU E 174 -41.33 4.92 -10.67
N ALA E 175 -41.49 6.06 -11.36
CA ALA E 175 -42.33 6.11 -12.55
C ALA E 175 -41.49 6.03 -13.82
N GLY E 176 -40.19 5.85 -13.64
CA GLY E 176 -39.25 5.86 -14.77
C GLY E 176 -39.27 7.21 -15.46
N PHE E 177 -39.18 8.26 -14.66
CA PHE E 177 -39.26 9.62 -15.13
C PHE E 177 -38.06 10.37 -14.52
N PHE E 178 -37.02 10.55 -15.34
CA PHE E 178 -35.73 11.05 -14.90
C PHE E 178 -35.78 12.51 -14.45
N THR E 179 -35.06 12.80 -13.37
CA THR E 179 -34.96 14.16 -12.83
C THR E 179 -34.75 15.20 -13.93
N ILE E 180 -35.71 16.12 -14.04
CA ILE E 180 -35.67 17.17 -15.06
C ILE E 180 -34.64 18.24 -14.70
N SER E 181 -33.96 18.77 -15.72
CA SER E 181 -32.94 19.78 -15.50
C SER E 181 -33.26 21.03 -16.31
N GLY E 182 -32.98 22.18 -15.72
CA GLY E 182 -33.20 23.46 -16.38
C GLY E 182 -32.44 23.58 -17.70
N ASN E 183 -31.26 22.94 -17.74
CA ASN E 183 -30.42 22.95 -18.93
C ASN E 183 -31.00 22.10 -20.03
N LEU E 184 -31.14 22.71 -21.21
CA LEU E 184 -31.76 22.08 -22.38
C LEU E 184 -30.88 21.01 -23.00
N ALA E 185 -31.52 19.96 -23.51
CA ALA E 185 -30.86 18.90 -24.29
C ALA E 185 -29.96 17.93 -23.53
N THR E 186 -29.41 18.34 -22.39
CA THR E 186 -28.49 17.48 -21.65
C THR E 186 -29.06 16.08 -21.39
N GLN E 187 -30.38 16.00 -21.22
CA GLN E 187 -31.03 14.72 -20.95
C GLN E 187 -31.03 13.80 -22.18
N PHE E 188 -30.94 14.38 -23.36
CA PHE E 188 -30.96 13.60 -24.60
C PHE E 188 -29.77 12.64 -24.67
N VAL E 189 -28.59 13.14 -24.35
CA VAL E 189 -27.37 12.33 -24.32
C VAL E 189 -27.43 11.34 -23.18
N GLN E 190 -27.82 11.82 -22.01
CA GLN E 190 -27.90 11.00 -20.80
C GLN E 190 -28.76 9.76 -21.05
N ALA E 191 -29.85 9.94 -21.79
CA ALA E 191 -30.72 8.85 -22.17
C ALA E 191 -29.96 7.77 -22.94
N VAL E 192 -29.21 8.20 -23.94
CA VAL E 192 -28.39 7.29 -24.73
C VAL E 192 -27.47 6.50 -23.80
N GLY E 193 -26.82 7.21 -22.90
CA GLY E 193 -25.97 6.58 -21.90
C GLY E 193 -26.69 5.53 -21.09
N TRP E 194 -27.90 5.88 -20.63
CA TRP E 194 -28.71 4.96 -19.83
C TRP E 194 -29.01 3.70 -20.62
N ALA E 195 -29.30 3.87 -21.92
CA ALA E 195 -29.52 2.73 -22.80
C ALA E 195 -28.25 1.90 -22.99
N MET E 196 -27.12 2.60 -23.14
CA MET E 196 -25.82 1.94 -23.29
C MET E 196 -25.52 1.07 -22.08
N ALA E 197 -25.87 1.57 -20.89
CA ALA E 197 -25.72 0.79 -19.66
C ALA E 197 -26.60 -0.46 -19.69
N SER E 198 -27.85 -0.28 -20.13
CA SER E 198 -28.78 -1.40 -20.24
C SER E 198 -28.22 -2.47 -21.17
N ALA E 199 -27.62 -2.05 -22.28
CA ALA E 199 -26.97 -3.00 -23.19
C ALA E 199 -25.77 -3.68 -22.53
N ILE E 200 -24.93 -2.89 -21.87
CA ILE E 200 -23.74 -3.40 -21.20
C ILE E 200 -24.05 -4.55 -20.25
N LYS E 201 -25.23 -4.51 -19.64
CA LYS E 201 -25.59 -5.49 -18.62
C LYS E 201 -26.50 -6.64 -19.07
N GLY E 202 -26.66 -6.81 -20.38
CA GLY E 202 -27.54 -7.85 -20.91
C GLY E 202 -28.99 -7.70 -20.51
N ASP E 203 -29.39 -6.47 -20.19
CA ASP E 203 -30.74 -6.16 -19.76
C ASP E 203 -31.68 -6.03 -20.95
N THR E 204 -32.97 -5.84 -20.69
CA THR E 204 -33.96 -5.66 -21.76
C THR E 204 -34.69 -4.32 -21.67
N LYS E 205 -34.28 -3.48 -20.72
CA LYS E 205 -34.88 -2.15 -20.56
C LYS E 205 -34.38 -1.18 -21.63
N ILE E 206 -35.20 -0.23 -22.03
CA ILE E 206 -34.80 0.78 -23.02
C ILE E 206 -34.98 2.21 -22.52
N ALA E 207 -34.42 3.16 -23.25
CA ALA E 207 -34.51 4.57 -22.87
C ALA E 207 -35.37 5.38 -23.83
N SER E 208 -36.10 6.33 -23.26
CA SER E 208 -37.01 7.19 -24.00
C SER E 208 -36.59 8.65 -23.81
N ALA E 209 -35.90 9.19 -24.82
CA ALA E 209 -35.31 10.53 -24.72
C ALA E 209 -36.23 11.59 -25.31
N TRP E 210 -36.20 12.79 -24.72
CA TRP E 210 -37.07 13.87 -25.20
C TRP E 210 -36.33 15.17 -25.36
N ILE E 211 -36.69 15.88 -26.42
CA ILE E 211 -36.10 17.16 -26.77
C ILE E 211 -37.07 17.93 -27.66
N GLY E 212 -37.05 19.25 -27.53
CA GLY E 212 -37.91 20.11 -28.35
C GLY E 212 -37.16 20.62 -29.57
N ASP E 213 -37.93 21.12 -30.53
CA ASP E 213 -37.40 21.65 -31.80
C ASP E 213 -36.26 22.63 -31.62
N GLY E 214 -36.41 23.57 -30.70
CA GLY E 214 -35.38 24.59 -30.46
C GLY E 214 -34.10 24.01 -29.91
N ALA E 215 -34.23 23.10 -28.95
CA ALA E 215 -33.09 22.47 -28.28
C ALA E 215 -32.26 21.57 -29.19
N THR E 216 -32.79 21.23 -30.37
CA THR E 216 -32.02 20.42 -31.32
C THR E 216 -30.72 21.12 -31.70
N ALA E 217 -30.73 22.45 -31.67
CA ALA E 217 -29.54 23.22 -32.01
C ALA E 217 -28.47 23.08 -30.94
N GLU E 218 -28.87 22.61 -29.77
CA GLU E 218 -27.93 22.44 -28.67
C GLU E 218 -27.01 21.27 -28.96
N SER E 219 -25.74 21.43 -28.58
CA SER E 219 -24.69 20.46 -28.93
C SER E 219 -25.03 19.02 -28.52
N ASP E 220 -25.68 18.87 -27.37
CA ASP E 220 -26.06 17.56 -26.86
C ASP E 220 -26.99 16.78 -27.78
N PHE E 221 -27.77 17.48 -28.60
CA PHE E 221 -28.62 16.80 -29.57
C PHE E 221 -27.78 15.94 -30.50
N HIS E 222 -26.77 16.57 -31.09
CA HIS E 222 -25.90 15.91 -32.04
C HIS E 222 -25.09 14.83 -31.36
N THR E 223 -24.62 15.16 -30.16
CA THR E 223 -23.88 14.21 -29.35
C THR E 223 -24.71 12.95 -29.14
N ALA E 224 -26.00 13.13 -28.84
CA ALA E 224 -26.88 12.00 -28.58
C ALA E 224 -27.00 11.08 -29.79
N LEU E 225 -27.28 11.63 -30.97
CA LEU E 225 -27.41 10.80 -32.17
C LEU E 225 -26.11 10.04 -32.45
N THR E 226 -24.99 10.75 -32.47
CA THR E 226 -23.69 10.16 -32.75
C THR E 226 -23.47 8.91 -31.91
N PHE E 227 -23.59 9.07 -30.60
CA PHE E 227 -23.42 7.95 -29.66
C PHE E 227 -24.48 6.87 -29.85
N ALA E 228 -25.74 7.26 -29.98
CA ALA E 228 -26.82 6.30 -30.20
C ALA E 228 -26.57 5.43 -31.42
N HIS E 229 -26.03 6.04 -32.48
CA HIS E 229 -25.70 5.32 -33.69
C HIS E 229 -24.42 4.48 -33.53
N VAL E 230 -23.34 5.12 -33.09
CA VAL E 230 -22.05 4.43 -32.93
C VAL E 230 -22.22 3.10 -32.21
N TYR E 231 -22.89 3.13 -31.07
CA TYR E 231 -23.00 1.95 -30.23
C TYR E 231 -24.29 1.17 -30.42
N ARG E 232 -25.16 1.64 -31.33
CA ARG E 232 -26.42 0.95 -31.58
C ARG E 232 -27.19 0.75 -30.26
N ALA E 233 -27.45 1.88 -29.59
CA ALA E 233 -28.07 1.86 -28.27
C ALA E 233 -29.59 1.76 -28.38
N PRO E 234 -30.21 1.05 -27.45
CA PRO E 234 -31.68 0.92 -27.42
C PRO E 234 -32.38 2.18 -26.87
N VAL E 235 -32.41 3.24 -27.66
CA VAL E 235 -33.05 4.49 -27.28
C VAL E 235 -34.08 4.91 -28.31
N ILE E 236 -35.21 5.44 -27.84
CA ILE E 236 -36.12 6.13 -28.74
C ILE E 236 -35.81 7.62 -28.58
N LEU E 237 -35.28 8.21 -29.64
CA LEU E 237 -34.92 9.62 -29.62
C LEU E 237 -36.07 10.46 -30.14
N ASN E 238 -36.80 11.09 -29.21
CA ASN E 238 -37.97 11.86 -29.60
C ASN E 238 -37.67 13.34 -29.79
N VAL E 239 -38.09 13.86 -30.94
CA VAL E 239 -38.02 15.29 -31.22
C VAL E 239 -39.44 15.83 -31.29
N VAL E 240 -39.82 16.64 -30.30
CA VAL E 240 -41.14 17.25 -30.27
C VAL E 240 -41.05 18.59 -30.99
N ASN E 241 -41.51 18.61 -32.24
CA ASN E 241 -41.53 19.85 -33.00
C ASN E 241 -42.90 20.54 -32.91
N ASN E 242 -43.01 21.45 -31.96
CA ASN E 242 -44.23 22.23 -31.78
C ASN E 242 -44.11 23.58 -32.47
N GLN E 243 -43.20 23.66 -33.44
CA GLN E 243 -42.98 24.87 -34.25
C GLN E 243 -42.33 26.02 -33.51
N TRP E 244 -42.31 25.99 -32.18
CA TRP E 244 -41.82 27.15 -31.42
C TRP E 244 -40.84 26.84 -30.29
N ALA E 245 -39.93 27.78 -30.07
CA ALA E 245 -39.03 27.77 -28.92
C ALA E 245 -39.06 29.15 -28.28
N ILE E 246 -39.83 29.28 -27.19
CA ILE E 246 -40.27 30.58 -26.67
C ILE E 246 -40.81 31.42 -27.83
N SER E 247 -40.05 32.42 -28.25
CA SER E 247 -40.50 33.32 -29.32
C SER E 247 -39.97 32.93 -30.69
N THR E 248 -39.04 31.98 -30.72
CA THR E 248 -38.33 31.64 -31.93
C THR E 248 -39.04 30.57 -32.75
N PHE E 249 -39.29 30.89 -34.02
CA PHE E 249 -39.89 29.94 -34.95
C PHE E 249 -38.89 28.84 -35.33
N GLN E 250 -39.40 27.64 -35.60
CA GLN E 250 -38.56 26.46 -35.86
C GLN E 250 -37.60 26.57 -37.05
N ALA E 251 -37.83 27.54 -37.94
CA ALA E 251 -36.94 27.73 -39.08
C ALA E 251 -35.56 28.15 -38.64
N ILE E 252 -35.51 29.01 -37.62
CA ILE E 252 -34.27 29.50 -37.05
C ILE E 252 -33.59 28.37 -36.27
N ALA E 253 -34.34 27.32 -35.95
CA ALA E 253 -33.73 26.13 -35.37
C ALA E 253 -33.06 25.27 -36.44
N GLY E 254 -33.13 25.74 -37.69
CA GLY E 254 -32.58 25.01 -38.81
C GLY E 254 -33.66 24.22 -39.54
N GLY E 255 -34.90 24.63 -39.35
CA GLY E 255 -36.05 23.90 -39.88
C GLY E 255 -36.32 24.11 -41.35
N GLU E 256 -35.94 25.29 -41.84
CA GLU E 256 -36.25 25.72 -43.22
C GLU E 256 -35.92 24.66 -44.26
N SER E 257 -36.95 24.20 -44.96
CA SER E 257 -36.86 23.14 -45.99
C SER E 257 -36.05 21.89 -45.60
N THR E 258 -36.06 21.57 -44.31
CA THR E 258 -35.55 20.29 -43.83
C THR E 258 -36.56 19.84 -42.79
N THR E 259 -36.37 18.64 -42.27
CA THR E 259 -37.14 18.17 -41.14
C THR E 259 -36.12 17.76 -40.10
N PHE E 260 -36.57 17.53 -38.87
CA PHE E 260 -35.68 17.06 -37.82
C PHE E 260 -35.47 15.57 -37.94
N ALA E 261 -36.53 14.85 -38.33
CA ALA E 261 -36.43 13.43 -38.60
C ALA E 261 -35.23 13.16 -39.50
N GLY E 262 -35.12 13.93 -40.57
CA GLY E 262 -34.01 13.82 -41.52
C GLY E 262 -32.61 13.93 -40.93
N ARG E 263 -32.50 14.52 -39.75
CA ARG E 263 -31.20 14.58 -39.09
C ARG E 263 -30.79 13.21 -38.55
N GLY E 264 -31.78 12.39 -38.21
CA GLY E 264 -31.54 11.02 -37.77
C GLY E 264 -31.02 10.14 -38.90
N VAL E 265 -31.63 10.27 -40.07
CA VAL E 265 -31.17 9.54 -41.25
C VAL E 265 -29.71 9.90 -41.54
N GLY E 266 -29.40 11.18 -41.38
CA GLY E 266 -28.04 11.67 -41.56
C GLY E 266 -27.02 10.98 -40.68
N CYS E 267 -27.38 10.72 -39.43
CA CYS E 267 -26.46 10.03 -38.52
C CYS E 267 -26.73 8.53 -38.46
N GLY E 268 -27.30 7.98 -39.52
CA GLY E 268 -27.54 6.54 -39.63
C GLY E 268 -28.49 5.95 -38.61
N ILE E 269 -29.44 6.74 -38.16
CA ILE E 269 -30.48 6.26 -37.26
C ILE E 269 -31.82 6.24 -37.99
N ALA E 270 -32.48 5.09 -37.98
CA ALA E 270 -33.81 4.98 -38.59
C ALA E 270 -34.73 6.04 -38.00
N SER E 271 -35.47 6.72 -38.86
CA SER E 271 -36.23 7.89 -38.44
C SER E 271 -37.63 7.98 -39.04
N LEU E 272 -38.58 8.43 -38.22
CA LEU E 272 -39.96 8.62 -38.63
C LEU E 272 -40.41 10.05 -38.34
N ARG E 273 -41.28 10.58 -39.20
CA ARG E 273 -41.93 11.86 -38.96
C ARG E 273 -43.43 11.60 -38.81
N VAL E 274 -43.97 11.86 -37.63
CA VAL E 274 -45.33 11.42 -37.27
C VAL E 274 -46.21 12.57 -36.77
N ASP E 275 -47.50 12.49 -37.09
CA ASP E 275 -48.52 13.40 -36.59
C ASP E 275 -48.56 13.34 -35.07
N GLY E 276 -48.12 14.42 -34.44
CA GLY E 276 -48.06 14.47 -32.98
C GLY E 276 -49.41 14.61 -32.30
N ASN E 277 -50.46 14.81 -33.08
CA ASN E 277 -51.79 15.00 -32.50
C ASN E 277 -52.74 13.87 -32.87
N ASP E 278 -52.19 12.79 -33.41
CA ASP E 278 -52.94 11.59 -33.75
C ASP E 278 -52.52 10.51 -32.78
N PHE E 279 -53.30 10.34 -31.71
CA PHE E 279 -52.92 9.43 -30.65
C PHE E 279 -52.62 8.03 -31.17
N VAL E 280 -53.44 7.55 -32.10
CA VAL E 280 -53.21 6.25 -32.70
C VAL E 280 -51.82 6.19 -33.35
N ALA E 281 -51.50 7.20 -34.15
CA ALA E 281 -50.19 7.26 -34.81
C ALA E 281 -49.06 7.34 -33.80
N VAL E 282 -49.23 8.16 -32.76
CA VAL E 282 -48.23 8.28 -31.71
C VAL E 282 -47.96 6.93 -31.07
N TYR E 283 -49.03 6.25 -30.64
CA TYR E 283 -48.91 4.93 -30.04
C TYR E 283 -48.27 3.96 -31.03
N ALA E 284 -48.80 3.92 -32.24
CA ALA E 284 -48.35 2.96 -33.25
C ALA E 284 -46.87 3.14 -33.53
N ALA E 285 -46.46 4.39 -33.69
CA ALA E 285 -45.06 4.69 -33.98
C ALA E 285 -44.19 4.44 -32.76
N SER E 286 -44.71 4.77 -31.57
CA SER E 286 -43.95 4.55 -30.36
C SER E 286 -43.73 3.05 -30.10
N ARG E 287 -44.78 2.26 -30.30
CA ARG E 287 -44.68 0.81 -30.14
C ARG E 287 -43.57 0.24 -31.03
N TRP E 288 -43.61 0.63 -32.30
CA TRP E 288 -42.63 0.24 -33.29
C TRP E 288 -41.20 0.53 -32.83
N ALA E 289 -40.96 1.77 -32.42
CA ALA E 289 -39.64 2.22 -31.95
C ALA E 289 -39.19 1.43 -30.73
N ALA E 290 -40.11 1.17 -29.81
CA ALA E 290 -39.81 0.37 -28.63
C ALA E 290 -39.41 -1.05 -29.01
N GLU E 291 -40.17 -1.66 -29.91
CA GLU E 291 -39.89 -3.02 -30.37
C GLU E 291 -38.52 -3.09 -31.04
N ARG E 292 -38.25 -2.15 -31.95
CA ARG E 292 -36.97 -2.10 -32.64
C ARG E 292 -35.82 -2.00 -31.65
N ALA E 293 -36.00 -1.10 -30.68
CA ALA E 293 -35.03 -0.93 -29.62
C ALA E 293 -34.83 -2.21 -28.83
N ARG E 294 -35.92 -2.74 -28.26
CA ARG E 294 -35.83 -3.90 -27.34
C ARG E 294 -35.36 -5.17 -28.02
N ARG E 295 -35.56 -5.25 -29.33
CA ARG E 295 -35.07 -6.38 -30.14
C ARG E 295 -33.57 -6.27 -30.42
N GLY E 296 -32.97 -5.16 -29.99
CA GLY E 296 -31.55 -4.91 -30.20
C GLY E 296 -31.21 -4.54 -31.62
N LEU E 297 -32.19 -3.97 -32.32
CA LEU E 297 -32.04 -3.63 -33.74
C LEU E 297 -31.50 -2.22 -33.96
N GLY E 298 -31.35 -1.45 -32.88
CA GLY E 298 -30.81 -0.10 -32.95
C GLY E 298 -31.76 0.96 -32.43
N PRO E 299 -31.28 2.20 -32.34
CA PRO E 299 -32.08 3.33 -31.88
C PRO E 299 -33.04 3.82 -32.96
N SER E 300 -33.95 4.72 -32.61
CA SER E 300 -34.85 5.32 -33.59
C SER E 300 -35.02 6.79 -33.29
N LEU E 301 -35.15 7.60 -34.34
CA LEU E 301 -35.48 9.00 -34.15
C LEU E 301 -36.89 9.25 -34.62
N ILE E 302 -37.72 9.81 -33.75
CA ILE E 302 -39.06 10.21 -34.15
C ILE E 302 -39.22 11.71 -33.97
N GLU E 303 -39.57 12.39 -35.06
CA GLU E 303 -39.99 13.78 -34.99
C GLU E 303 -41.50 13.81 -34.89
N TRP E 304 -42.00 14.37 -33.79
CA TRP E 304 -43.43 14.51 -33.58
C TRP E 304 -43.86 15.89 -34.06
N VAL E 305 -44.65 15.93 -35.13
CA VAL E 305 -45.12 17.21 -35.65
C VAL E 305 -46.33 17.66 -34.84
N THR E 306 -46.17 18.72 -34.06
CA THR E 306 -47.28 19.22 -33.25
C THR E 306 -47.30 20.76 -33.18
N TYR E 307 -48.11 21.30 -32.28
CA TYR E 307 -48.20 22.73 -32.12
C TYR E 307 -48.32 23.15 -30.66
N ARG E 308 -47.38 23.99 -30.21
CA ARG E 308 -47.40 24.50 -28.84
C ARG E 308 -48.55 25.48 -28.70
N ALA E 309 -49.69 24.97 -28.24
CA ALA E 309 -50.94 25.74 -28.27
C ALA E 309 -50.94 26.93 -27.32
N GLY E 310 -50.46 26.72 -26.10
CA GLY E 310 -50.51 27.77 -25.09
C GLY E 310 -49.26 28.62 -25.10
N PRO E 311 -49.11 29.43 -24.07
CA PRO E 311 -47.90 30.24 -23.93
C PRO E 311 -46.69 29.36 -23.72
N HIS E 312 -45.50 29.90 -24.00
CA HIS E 312 -44.29 29.17 -23.68
C HIS E 312 -44.23 28.78 -22.21
N SER E 313 -44.69 29.69 -21.36
CA SER E 313 -44.80 29.45 -19.93
C SER E 313 -45.68 30.53 -19.30
N THR E 314 -45.84 30.49 -17.98
CA THR E 314 -46.65 31.52 -17.32
C THR E 314 -46.02 32.90 -17.37
N SER E 315 -44.76 32.97 -17.81
CA SER E 315 -44.09 34.24 -18.00
C SER E 315 -44.16 34.72 -19.46
N ASP E 316 -44.86 33.96 -20.30
CA ASP E 316 -44.83 34.23 -21.74
C ASP E 316 -46.13 34.87 -22.27
N ASP E 317 -45.98 35.69 -23.31
CA ASP E 317 -47.12 36.24 -24.02
C ASP E 317 -46.91 36.03 -25.51
N PRO E 318 -47.53 34.97 -26.04
CA PRO E 318 -47.34 34.56 -27.44
C PRO E 318 -47.83 35.60 -28.44
N SER E 319 -48.82 36.39 -28.02
CA SER E 319 -49.44 37.39 -28.89
C SER E 319 -48.44 38.48 -29.28
N LYS E 320 -47.28 38.50 -28.63
CA LYS E 320 -46.22 39.46 -28.96
C LYS E 320 -45.31 38.99 -30.11
N TYR E 321 -45.45 37.74 -30.55
CA TYR E 321 -44.59 37.24 -31.64
C TYR E 321 -45.27 36.34 -32.65
N ARG E 322 -46.51 35.95 -32.38
CA ARG E 322 -47.24 35.11 -33.32
C ARG E 322 -48.71 35.47 -33.36
N PRO E 323 -49.41 35.07 -34.42
CA PRO E 323 -50.85 35.29 -34.54
C PRO E 323 -51.59 34.68 -33.35
N ALA E 324 -52.64 35.36 -32.89
CA ALA E 324 -53.37 34.93 -31.71
C ALA E 324 -54.24 33.69 -31.95
N ASP E 325 -54.97 33.69 -33.06
CA ASP E 325 -55.80 32.57 -33.47
C ASP E 325 -54.96 31.47 -34.13
N ASP E 326 -53.68 31.38 -33.77
CA ASP E 326 -52.77 30.52 -34.52
C ASP E 326 -53.17 29.04 -34.46
N TRP E 327 -53.50 28.57 -33.27
CA TRP E 327 -53.79 27.15 -33.09
C TRP E 327 -55.03 26.69 -33.88
N SER E 328 -56.05 27.51 -33.90
CA SER E 328 -57.29 27.24 -34.64
C SER E 328 -57.01 26.84 -36.09
N HIS E 329 -55.87 27.28 -36.62
CA HIS E 329 -55.53 27.05 -38.02
C HIS E 329 -54.60 25.88 -38.23
N PHE E 330 -53.95 25.46 -37.15
CA PHE E 330 -52.98 24.39 -37.25
C PHE E 330 -53.64 23.13 -37.84
N PRO E 331 -53.13 22.68 -38.98
CA PRO E 331 -53.80 21.64 -39.77
C PRO E 331 -53.99 20.31 -39.04
N LEU E 332 -53.18 20.04 -38.02
CA LEU E 332 -53.31 18.77 -37.30
C LEU E 332 -54.26 18.80 -36.09
N GLY E 333 -54.99 19.90 -35.96
CA GLY E 333 -56.08 20.02 -34.98
C GLY E 333 -55.71 19.83 -33.51
N ASP E 334 -56.66 19.28 -32.76
CA ASP E 334 -56.50 19.04 -31.33
C ASP E 334 -56.50 17.53 -31.08
N PRO E 335 -55.46 17.05 -30.42
CA PRO E 335 -55.30 15.61 -30.17
C PRO E 335 -56.47 15.03 -29.38
N ILE E 336 -56.88 15.71 -28.32
CA ILE E 336 -58.04 15.28 -27.55
C ILE E 336 -59.27 15.23 -28.46
N ALA E 337 -59.52 16.31 -29.20
CA ALA E 337 -60.65 16.34 -30.12
C ALA E 337 -60.60 15.19 -31.13
N ARG E 338 -59.44 14.97 -31.72
CA ARG E 338 -59.33 14.00 -32.82
C ARG E 338 -59.58 12.57 -32.38
N LEU E 339 -59.01 12.21 -31.23
CA LEU E 339 -59.22 10.87 -30.68
C LEU E 339 -60.68 10.71 -30.26
N LYS E 340 -61.25 11.75 -29.67
CA LYS E 340 -62.66 11.74 -29.29
C LYS E 340 -63.52 11.34 -30.48
N GLN E 341 -63.44 12.13 -31.55
CA GLN E 341 -64.19 11.86 -32.76
C GLN E 341 -64.05 10.41 -33.19
N HIS E 342 -62.82 9.90 -33.18
CA HIS E 342 -62.56 8.56 -33.69
C HIS E 342 -63.06 7.45 -32.78
N LEU E 343 -62.83 7.61 -31.48
CA LEU E 343 -63.19 6.57 -30.51
C LEU E 343 -64.71 6.39 -30.36
N ILE E 344 -65.43 7.51 -30.41
CA ILE E 344 -66.89 7.47 -30.44
C ILE E 344 -67.36 6.79 -31.74
N LYS E 345 -66.72 7.15 -32.86
CA LYS E 345 -67.11 6.62 -34.16
C LYS E 345 -66.94 5.10 -34.24
N ILE E 346 -65.94 4.56 -33.56
CA ILE E 346 -65.75 3.11 -33.53
C ILE E 346 -66.47 2.45 -32.34
N GLY E 347 -67.19 3.28 -31.58
CA GLY E 347 -68.01 2.79 -30.46
C GLY E 347 -67.22 2.31 -29.25
N HIS E 348 -66.25 3.10 -28.81
CA HIS E 348 -65.52 2.81 -27.60
C HIS E 348 -65.38 4.07 -26.74
N TRP E 349 -66.28 5.02 -26.98
CA TRP E 349 -66.32 6.28 -26.23
C TRP E 349 -67.63 6.99 -26.58
N SER E 350 -68.01 7.97 -25.76
CA SER E 350 -69.30 8.66 -25.91
C SER E 350 -69.21 10.07 -25.32
N GLU E 351 -70.07 10.96 -25.79
CA GLU E 351 -70.20 12.29 -25.17
C GLU E 351 -70.45 12.14 -23.69
N GLU E 352 -71.12 11.05 -23.33
CA GLU E 352 -71.50 10.78 -21.95
C GLU E 352 -70.27 10.52 -21.09
N GLU E 353 -69.39 9.64 -21.58
CA GLU E 353 -68.14 9.34 -20.89
C GLU E 353 -67.19 10.52 -20.86
N HIS E 354 -67.07 11.20 -22.00
CA HIS E 354 -66.13 12.30 -22.13
C HIS E 354 -66.36 13.35 -21.03
N GLN E 355 -67.61 13.78 -20.87
CA GLN E 355 -67.96 14.77 -19.85
C GLN E 355 -67.93 14.20 -18.42
N ALA E 356 -68.22 12.90 -18.29
CA ALA E 356 -68.09 12.24 -17.00
C ALA E 356 -66.62 12.24 -16.54
N THR E 357 -65.75 11.73 -17.43
CA THR E 357 -64.31 11.64 -17.17
C THR E 357 -63.71 13.02 -16.87
N THR E 358 -64.09 14.02 -17.66
CA THR E 358 -63.68 15.39 -17.39
C THR E 358 -64.00 15.72 -15.94
N ALA E 359 -65.28 15.55 -15.61
CA ALA E 359 -65.81 15.96 -14.31
C ALA E 359 -65.08 15.30 -13.13
N GLU E 360 -64.67 14.04 -13.32
CA GLU E 360 -63.97 13.36 -12.24
C GLU E 360 -62.51 13.80 -12.08
N PHE E 361 -61.83 14.04 -13.20
CA PHE E 361 -60.44 14.54 -13.16
C PHE E 361 -60.42 15.94 -12.57
N GLU E 362 -61.46 16.72 -12.91
CA GLU E 362 -61.68 18.03 -12.30
C GLU E 362 -61.75 17.86 -10.79
N ALA E 363 -62.60 16.92 -10.35
CA ALA E 363 -62.73 16.64 -8.93
C ALA E 363 -61.41 16.15 -8.35
N ALA E 364 -60.74 15.27 -9.09
CA ALA E 364 -59.45 14.75 -8.68
C ALA E 364 -58.43 15.87 -8.50
N VAL E 365 -58.31 16.71 -9.52
CA VAL E 365 -57.32 17.78 -9.49
C VAL E 365 -57.57 18.71 -8.29
N ILE E 366 -58.82 19.16 -8.16
CA ILE E 366 -59.21 20.09 -7.10
C ILE E 366 -58.93 19.51 -5.72
N ALA E 367 -59.20 18.22 -5.56
CA ALA E 367 -59.03 17.52 -4.29
C ALA E 367 -57.55 17.44 -3.93
N ALA E 368 -56.77 16.91 -4.86
CA ALA E 368 -55.33 16.80 -4.71
C ALA E 368 -54.73 18.16 -4.38
N GLN E 369 -55.17 19.20 -5.10
CA GLN E 369 -54.68 20.55 -4.86
C GLN E 369 -54.91 20.95 -3.39
N LYS E 370 -56.10 20.69 -2.89
CA LYS E 370 -56.41 20.94 -1.49
C LYS E 370 -55.55 20.08 -0.56
N GLU E 371 -55.50 18.77 -0.83
CA GLU E 371 -54.69 17.85 -0.04
C GLU E 371 -53.25 18.35 0.03
N ALA E 372 -52.79 18.94 -1.09
CA ALA E 372 -51.42 19.41 -1.19
C ALA E 372 -51.16 20.73 -0.47
N GLU E 373 -52.08 21.68 -0.65
CA GLU E 373 -51.98 22.99 -0.01
C GLU E 373 -52.03 22.87 1.52
N GLN E 374 -52.52 21.73 1.99
CA GLN E 374 -52.56 21.42 3.42
C GLN E 374 -51.17 21.39 4.06
N TYR E 375 -50.13 21.26 3.23
CA TYR E 375 -48.76 21.15 3.74
C TYR E 375 -47.93 22.40 3.54
N GLY E 376 -48.50 23.41 2.90
CA GLY E 376 -47.76 24.65 2.68
C GLY E 376 -48.13 25.36 1.40
N THR E 377 -47.74 26.63 1.33
CA THR E 377 -47.96 27.47 0.15
C THR E 377 -46.75 28.38 -0.06
N LEU E 378 -46.91 29.33 -0.99
CA LEU E 378 -46.01 30.47 -1.10
C LEU E 378 -46.32 31.45 0.04
N ALA E 379 -47.61 31.63 0.34
CA ALA E 379 -48.06 32.48 1.43
C ALA E 379 -47.54 31.98 2.78
N ASN E 380 -47.93 30.76 3.13
CA ASN E 380 -47.37 30.07 4.28
C ASN E 380 -45.87 29.95 4.10
N GLY E 381 -45.12 30.24 5.16
CA GLY E 381 -43.72 29.90 5.19
C GLY E 381 -43.56 28.40 5.41
N HIS E 382 -44.66 27.66 5.43
CA HIS E 382 -44.63 26.20 5.58
C HIS E 382 -43.94 25.60 4.36
N ILE E 383 -42.63 25.42 4.50
CA ILE E 383 -41.73 24.94 3.43
C ILE E 383 -40.72 23.95 4.02
N PRO E 384 -39.83 23.37 3.18
CA PRO E 384 -38.82 22.42 3.67
C PRO E 384 -37.80 23.08 4.59
N SER E 385 -37.18 22.31 5.47
CA SER E 385 -36.22 22.84 6.45
C SER E 385 -35.00 23.49 5.79
N ALA E 386 -34.43 24.48 6.48
CA ALA E 386 -33.21 25.12 6.00
C ALA E 386 -32.00 24.21 6.20
N ALA E 387 -32.12 23.28 7.15
CA ALA E 387 -31.09 22.29 7.40
C ALA E 387 -31.04 21.25 6.28
N SER E 388 -32.17 21.02 5.61
CA SER E 388 -32.20 20.08 4.48
C SER E 388 -31.55 20.66 3.23
N MET E 389 -31.25 21.96 3.27
CA MET E 389 -30.69 22.66 2.10
C MET E 389 -29.25 22.21 1.81
N PHE E 390 -28.57 21.73 2.84
CA PHE E 390 -27.17 21.33 2.72
C PHE E 390 -27.00 19.84 2.43
N GLU E 391 -28.07 19.07 2.54
CA GLU E 391 -27.99 17.61 2.38
C GLU E 391 -28.01 17.22 0.92
N ASP E 392 -27.44 16.05 0.62
CA ASP E 392 -27.45 15.49 -0.74
C ASP E 392 -26.59 16.25 -1.76
N VAL E 393 -25.81 17.21 -1.31
CA VAL E 393 -24.82 17.81 -2.21
C VAL E 393 -23.77 16.74 -2.47
N TYR E 394 -23.36 16.07 -1.41
CA TYR E 394 -22.50 14.88 -1.50
C TYR E 394 -23.22 13.73 -0.79
N LYS E 395 -22.72 12.50 -0.94
CA LYS E 395 -23.35 11.37 -0.24
C LYS E 395 -23.33 11.59 1.27
N GLU E 396 -22.16 11.95 1.80
CA GLU E 396 -22.02 12.26 3.22
C GLU E 396 -21.65 13.73 3.37
N MET E 397 -22.37 14.43 4.25
CA MET E 397 -22.18 15.88 4.41
C MET E 397 -20.74 16.19 4.80
N PRO E 398 -20.02 16.87 3.91
CA PRO E 398 -18.62 17.17 4.11
C PRO E 398 -18.42 18.26 5.15
N ASP E 399 -17.20 18.31 5.68
CA ASP E 399 -16.80 19.22 6.74
C ASP E 399 -17.27 20.68 6.56
N HIS E 400 -16.97 21.28 5.41
CA HIS E 400 -17.36 22.67 5.14
C HIS E 400 -18.87 22.88 5.13
N LEU E 401 -19.63 21.88 4.67
CA LEU E 401 -21.08 21.99 4.71
C LEU E 401 -21.62 21.79 6.12
N ARG E 402 -20.94 20.95 6.90
CA ARG E 402 -21.25 20.84 8.32
C ARG E 402 -21.14 22.20 8.99
N ARG E 403 -20.06 22.93 8.71
CA ARG E 403 -19.85 24.25 9.30
C ARG E 403 -20.97 25.21 8.89
N GLN E 404 -21.20 25.30 7.58
CA GLN E 404 -22.17 26.24 7.05
C GLN E 404 -23.60 26.01 7.56
N ARG E 405 -23.95 24.75 7.85
CA ARG E 405 -25.25 24.46 8.45
C ARG E 405 -25.27 24.88 9.91
N GLN E 406 -24.19 24.57 10.63
CA GLN E 406 -24.01 25.01 12.03
C GLN E 406 -24.17 26.52 12.12
N GLU E 407 -23.63 27.22 11.11
CA GLU E 407 -23.55 28.68 11.08
C GLU E 407 -24.87 29.37 10.71
N LEU E 408 -25.94 28.59 10.56
CA LEU E 408 -27.22 29.13 10.11
C LEU E 408 -28.27 29.13 11.22
N ALA F 2 1.23 -9.38 -2.90
CA ALA F 2 2.66 -9.02 -3.13
C ALA F 2 2.82 -7.56 -3.58
N THR F 3 4.04 -7.19 -3.97
CA THR F 3 4.36 -5.82 -4.30
C THR F 3 5.21 -5.73 -5.57
N THR F 4 5.00 -4.68 -6.34
CA THR F 4 5.69 -4.49 -7.61
C THR F 4 6.11 -3.03 -7.78
N THR F 5 7.30 -2.82 -8.35
CA THR F 5 7.76 -1.48 -8.72
C THR F 5 7.00 -1.02 -9.97
N MET F 6 6.23 0.06 -9.80
CA MET F 6 5.38 0.56 -10.86
C MET F 6 5.67 2.04 -11.15
N THR F 7 5.35 2.47 -12.36
CA THR F 7 5.31 3.88 -12.70
C THR F 7 3.90 4.38 -12.40
N MET F 8 3.72 5.70 -12.36
CA MET F 8 2.39 6.30 -12.18
C MET F 8 1.43 5.75 -13.23
N ILE F 9 1.91 5.66 -14.48
CA ILE F 9 1.15 5.03 -15.55
C ILE F 9 0.73 3.62 -15.15
N GLN F 10 1.69 2.82 -14.71
CA GLN F 10 1.43 1.43 -14.34
C GLN F 10 0.53 1.30 -13.13
N ALA F 11 0.71 2.20 -12.16
CA ALA F 11 -0.11 2.23 -10.96
C ALA F 11 -1.58 2.54 -11.28
N LEU F 12 -1.81 3.58 -12.08
CA LEU F 12 -3.16 3.95 -12.49
C LEU F 12 -3.80 2.82 -13.29
N ARG F 13 -3.01 2.19 -14.14
CA ARG F 13 -3.46 1.04 -14.92
C ARG F 13 -3.89 -0.09 -13.99
N SER F 14 -3.11 -0.33 -12.94
CA SER F 14 -3.41 -1.37 -11.97
C SER F 14 -4.68 -1.04 -11.21
N ALA F 15 -4.80 0.20 -10.76
CA ALA F 15 -5.99 0.68 -10.07
C ALA F 15 -7.24 0.35 -10.88
N MET F 16 -7.21 0.68 -12.17
CA MET F 16 -8.33 0.38 -13.05
C MET F 16 -8.54 -1.12 -13.20
N ASP F 17 -7.45 -1.89 -13.27
CA ASP F 17 -7.51 -3.34 -13.40
C ASP F 17 -8.12 -3.98 -12.15
N VAL F 18 -7.74 -3.47 -10.98
CA VAL F 18 -8.26 -3.95 -9.71
C VAL F 18 -9.77 -3.70 -9.61
N MET F 19 -10.18 -2.45 -9.79
CA MET F 19 -11.58 -2.07 -9.66
C MET F 19 -12.46 -2.65 -10.78
N LEU F 20 -11.88 -2.80 -11.96
CA LEU F 20 -12.55 -3.43 -13.10
C LEU F 20 -12.95 -4.86 -12.75
N GLU F 21 -12.06 -5.54 -12.04
CA GLU F 21 -12.25 -6.90 -11.54
C GLU F 21 -13.23 -6.95 -10.37
N ARG F 22 -13.01 -6.07 -9.40
CA ARG F 22 -13.70 -6.11 -8.11
C ARG F 22 -15.18 -5.77 -8.19
N ASP F 23 -15.53 -4.92 -9.16
CA ASP F 23 -16.88 -4.41 -9.30
C ASP F 23 -17.34 -4.59 -10.74
N ASP F 24 -18.42 -5.36 -10.92
CA ASP F 24 -19.00 -5.65 -12.23
C ASP F 24 -19.53 -4.41 -12.94
N ASN F 25 -19.91 -3.40 -12.15
CA ASN F 25 -20.52 -2.20 -12.71
C ASN F 25 -19.50 -1.18 -13.19
N VAL F 26 -18.24 -1.37 -12.82
CA VAL F 26 -17.17 -0.49 -13.27
C VAL F 26 -16.95 -0.67 -14.77
N VAL F 27 -16.81 0.47 -15.45
CA VAL F 27 -16.60 0.49 -16.88
C VAL F 27 -15.61 1.60 -17.20
N VAL F 28 -14.70 1.32 -18.14
CA VAL F 28 -13.70 2.29 -18.55
C VAL F 28 -13.82 2.58 -20.03
N TYR F 29 -13.93 3.86 -20.37
CA TYR F 29 -13.94 4.28 -21.77
C TYR F 29 -13.54 5.73 -21.97
N GLY F 30 -13.26 6.08 -23.21
CA GLY F 30 -12.78 7.39 -23.59
C GLY F 30 -12.09 7.26 -24.92
N GLN F 31 -11.39 8.32 -25.33
CA GLN F 31 -10.70 8.35 -26.63
C GLN F 31 -9.42 7.54 -26.61
N ASP F 32 -9.35 6.56 -27.51
CA ASP F 32 -8.18 5.70 -27.69
C ASP F 32 -7.84 4.86 -26.47
N VAL F 33 -8.76 4.84 -25.51
CA VAL F 33 -8.60 4.11 -24.26
C VAL F 33 -8.60 2.59 -24.47
N GLY F 34 -9.38 2.12 -25.44
CA GLY F 34 -9.64 0.70 -25.63
C GLY F 34 -8.50 -0.15 -26.20
N TYR F 35 -8.61 -0.52 -27.48
CA TYR F 35 -7.66 -1.43 -28.11
C TYR F 35 -6.22 -0.94 -28.00
N PHE F 36 -6.02 0.34 -28.27
CA PHE F 36 -4.70 0.95 -28.28
C PHE F 36 -4.18 1.16 -26.86
N GLY F 37 -5.11 1.27 -25.92
CA GLY F 37 -4.76 1.36 -24.50
C GLY F 37 -4.39 2.74 -24.00
N GLY F 38 -4.86 3.77 -24.70
CA GLY F 38 -4.67 5.14 -24.27
C GLY F 38 -3.36 5.73 -24.74
N VAL F 39 -3.38 7.03 -25.11
CA VAL F 39 -2.18 7.71 -25.61
C VAL F 39 -1.04 7.71 -24.59
N PHE F 40 -1.35 7.43 -23.34
CA PHE F 40 -0.34 7.41 -22.29
C PHE F 40 -0.15 6.02 -21.67
N ARG F 41 -0.57 4.98 -22.39
CA ARG F 41 -0.43 3.58 -21.97
C ARG F 41 -1.27 3.19 -20.75
N CYS F 42 -2.01 4.16 -20.20
CA CYS F 42 -2.67 3.97 -18.90
C CYS F 42 -3.79 2.93 -18.85
N THR F 43 -4.23 2.44 -20.00
CA THR F 43 -5.25 1.38 -20.03
C THR F 43 -4.83 0.19 -20.88
N GLU F 44 -3.53 0.03 -21.09
CA GLU F 44 -2.99 -1.08 -21.87
C GLU F 44 -3.56 -2.40 -21.41
N GLY F 45 -3.96 -3.22 -22.37
CA GLY F 45 -4.40 -4.58 -22.08
C GLY F 45 -5.73 -4.74 -21.40
N LEU F 46 -6.29 -3.65 -20.86
CA LEU F 46 -7.55 -3.72 -20.14
C LEU F 46 -8.71 -4.24 -20.99
N GLN F 47 -8.77 -3.82 -22.24
CA GLN F 47 -9.81 -4.32 -23.14
C GLN F 47 -9.61 -5.80 -23.45
N THR F 48 -8.37 -6.19 -23.72
CA THR F 48 -8.04 -7.59 -23.97
C THR F 48 -8.50 -8.47 -22.82
N LYS F 49 -8.28 -7.98 -21.60
CA LYS F 49 -8.62 -8.74 -20.40
C LYS F 49 -10.12 -8.77 -20.14
N TYR F 50 -10.77 -7.61 -20.19
CA TYR F 50 -12.17 -7.54 -19.76
C TYR F 50 -13.21 -7.49 -20.87
N GLY F 51 -12.78 -7.29 -22.11
CA GLY F 51 -13.71 -7.28 -23.24
C GLY F 51 -14.22 -5.91 -23.62
N LYS F 52 -14.81 -5.80 -24.81
CA LYS F 52 -15.25 -4.53 -25.36
C LYS F 52 -16.37 -3.87 -24.55
N SER F 53 -17.23 -4.68 -23.95
CA SER F 53 -18.36 -4.13 -23.20
C SER F 53 -17.95 -3.52 -21.85
N ARG F 54 -16.69 -3.69 -21.46
CA ARG F 54 -16.22 -3.14 -20.19
C ARG F 54 -15.22 -2.01 -20.38
N VAL F 55 -14.38 -2.14 -21.40
CA VAL F 55 -13.37 -1.14 -21.72
C VAL F 55 -13.45 -0.93 -23.22
N PHE F 56 -13.69 0.31 -23.66
CA PHE F 56 -13.86 0.56 -25.10
C PHE F 56 -13.48 1.96 -25.60
N ASP F 57 -13.25 2.06 -26.90
CA ASP F 57 -12.93 3.32 -27.54
C ASP F 57 -14.19 4.18 -27.68
N ALA F 58 -14.04 5.49 -27.52
CA ALA F 58 -15.17 6.41 -27.62
C ALA F 58 -14.95 7.43 -28.74
N PRO F 59 -16.02 7.98 -29.30
CA PRO F 59 -15.91 9.05 -30.30
C PRO F 59 -15.34 10.32 -29.66
N ILE F 60 -14.77 11.20 -30.47
CA ILE F 60 -14.17 12.43 -29.92
C ILE F 60 -15.26 13.42 -29.51
N SER F 61 -15.89 13.17 -28.37
CA SER F 61 -16.91 14.04 -27.83
C SER F 61 -16.86 14.00 -26.31
N GLU F 62 -16.17 14.99 -25.73
CA GLU F 62 -16.00 15.04 -24.28
C GLU F 62 -17.35 15.11 -23.56
N SER F 63 -18.24 15.96 -24.06
CA SER F 63 -19.60 16.05 -23.54
C SER F 63 -20.34 14.71 -23.67
N GLY F 64 -20.19 14.05 -24.81
CA GLY F 64 -20.78 12.74 -25.03
C GLY F 64 -20.28 11.71 -24.04
N ILE F 65 -18.97 11.76 -23.81
CA ILE F 65 -18.30 10.87 -22.88
C ILE F 65 -18.86 11.03 -21.46
N VAL F 66 -18.95 12.29 -21.01
CA VAL F 66 -19.48 12.56 -19.67
C VAL F 66 -21.00 12.39 -19.64
N GLY F 67 -21.67 12.86 -20.70
CA GLY F 67 -23.12 12.76 -20.81
C GLY F 67 -23.61 11.33 -20.68
N THR F 68 -23.12 10.44 -21.54
CA THR F 68 -23.48 9.03 -21.47
C THR F 68 -23.11 8.43 -20.13
N ALA F 69 -21.95 8.82 -19.59
CA ALA F 69 -21.51 8.33 -18.30
C ALA F 69 -22.51 8.67 -17.20
N VAL F 70 -23.02 9.90 -17.22
CA VAL F 70 -24.04 10.35 -16.27
C VAL F 70 -25.26 9.43 -16.35
N GLY F 71 -25.69 9.14 -17.57
CA GLY F 71 -26.80 8.22 -17.81
C GLY F 71 -26.50 6.81 -17.35
N MET F 72 -25.25 6.38 -17.54
CA MET F 72 -24.82 5.05 -17.09
C MET F 72 -24.92 4.96 -15.57
N GLY F 73 -24.51 6.03 -14.91
CA GLY F 73 -24.59 6.12 -13.45
C GLY F 73 -26.03 6.17 -12.95
N ALA F 74 -26.87 6.86 -13.72
CA ALA F 74 -28.29 6.90 -13.43
C ALA F 74 -28.86 5.48 -13.43
N TYR F 75 -28.39 4.67 -14.37
CA TYR F 75 -28.77 3.27 -14.44
C TYR F 75 -28.19 2.47 -13.27
N GLY F 76 -26.95 2.77 -12.90
CA GLY F 76 -26.32 2.14 -11.75
C GLY F 76 -24.92 1.59 -12.01
N LEU F 77 -24.32 1.97 -13.14
CA LEU F 77 -22.93 1.60 -13.39
C LEU F 77 -22.00 2.58 -12.70
N ARG F 78 -20.72 2.23 -12.68
CA ARG F 78 -19.69 3.03 -12.05
C ARG F 78 -18.66 3.38 -13.11
N PRO F 79 -18.95 4.40 -13.92
CA PRO F 79 -18.16 4.69 -15.09
C PRO F 79 -16.86 5.41 -14.73
N VAL F 80 -15.75 4.83 -15.17
CA VAL F 80 -14.45 5.48 -15.03
C VAL F 80 -14.09 5.98 -16.42
N VAL F 81 -14.17 7.29 -16.62
CA VAL F 81 -14.09 7.83 -17.97
C VAL F 81 -12.85 8.71 -18.15
N GLU F 82 -12.35 8.83 -19.38
CA GLU F 82 -11.11 9.59 -19.61
C GLU F 82 -11.26 10.72 -20.63
N ILE F 83 -10.58 11.83 -20.36
CA ILE F 83 -10.43 12.90 -21.33
C ILE F 83 -8.94 13.07 -21.61
N GLN F 84 -8.55 12.94 -22.89
CA GLN F 84 -7.14 12.85 -23.25
C GLN F 84 -6.23 13.86 -22.59
N PHE F 85 -6.61 15.13 -22.64
CA PHE F 85 -5.88 16.16 -21.94
C PHE F 85 -6.87 16.99 -21.17
N ALA F 86 -6.53 17.33 -19.93
CA ALA F 86 -7.36 18.20 -19.10
C ALA F 86 -7.70 19.47 -19.87
N ASP F 87 -6.80 19.84 -20.78
CA ASP F 87 -6.97 20.99 -21.65
C ASP F 87 -8.22 20.88 -22.50
N TYR F 88 -8.75 19.67 -22.64
CA TYR F 88 -9.90 19.45 -23.50
C TYR F 88 -11.16 19.05 -22.73
N PHE F 89 -11.21 19.33 -21.44
CA PHE F 89 -12.41 19.01 -20.66
C PHE F 89 -13.54 19.96 -20.99
N TYR F 90 -13.19 21.15 -21.49
CA TYR F 90 -14.13 22.25 -21.66
C TYR F 90 -15.45 21.93 -22.34
N PRO F 91 -15.45 21.22 -23.46
CA PRO F 91 -16.71 20.86 -24.12
C PRO F 91 -17.62 20.00 -23.25
N ALA F 92 -17.12 19.51 -22.11
CA ALA F 92 -17.94 18.72 -21.19
C ALA F 92 -18.38 19.50 -19.96
N SER F 93 -18.00 20.78 -19.91
CA SER F 93 -18.26 21.66 -18.78
C SER F 93 -19.71 21.62 -18.32
N ASP F 94 -20.64 21.75 -19.27
CA ASP F 94 -22.08 21.71 -18.99
C ASP F 94 -22.48 20.40 -18.32
N GLN F 95 -22.10 19.27 -18.93
CA GLN F 95 -22.42 17.96 -18.34
C GLN F 95 -21.73 17.75 -16.99
N ILE F 96 -20.53 18.32 -16.84
CA ILE F 96 -19.80 18.22 -15.58
C ILE F 96 -20.46 19.04 -14.46
N VAL F 97 -20.62 20.36 -14.69
CA VAL F 97 -21.14 21.27 -13.68
C VAL F 97 -22.66 21.18 -13.51
N SER F 98 -23.38 21.28 -14.62
CA SER F 98 -24.85 21.32 -14.57
C SER F 98 -25.52 19.99 -14.25
N GLU F 99 -24.86 18.87 -14.57
CA GLU F 99 -25.49 17.56 -14.41
C GLU F 99 -24.79 16.67 -13.38
N MET F 100 -23.56 16.22 -13.71
CA MET F 100 -22.83 15.28 -12.85
C MET F 100 -22.78 15.78 -11.41
N ALA F 101 -22.39 17.05 -11.25
CA ALA F 101 -22.22 17.62 -9.92
C ALA F 101 -23.50 17.82 -9.13
N ARG F 102 -24.65 17.90 -9.82
CA ARG F 102 -25.91 18.21 -9.15
C ARG F 102 -26.97 17.10 -9.15
N LEU F 103 -26.70 16.00 -9.84
CA LEU F 103 -27.65 14.89 -9.93
C LEU F 103 -28.23 14.49 -8.59
N ARG F 104 -27.37 14.17 -7.63
CA ARG F 104 -27.78 13.70 -6.31
C ARG F 104 -28.66 14.73 -5.62
N TYR F 105 -28.19 15.98 -5.61
CA TYR F 105 -28.87 17.05 -4.94
C TYR F 105 -30.29 17.30 -5.47
N ARG F 106 -30.39 17.51 -6.78
CA ARG F 106 -31.66 17.92 -7.39
C ARG F 106 -32.70 16.80 -7.40
N SER F 107 -32.26 15.55 -7.34
CA SER F 107 -33.18 14.42 -7.32
C SER F 107 -33.43 13.98 -5.88
N ALA F 108 -32.74 14.64 -4.95
CA ALA F 108 -32.84 14.34 -3.53
C ALA F 108 -32.46 12.90 -3.24
N GLY F 109 -31.53 12.37 -4.03
CA GLY F 109 -31.00 11.04 -3.78
C GLY F 109 -31.58 9.91 -4.61
N GLU F 110 -32.59 10.20 -5.43
CA GLU F 110 -33.13 9.18 -6.32
C GLU F 110 -32.06 8.69 -7.27
N PHE F 111 -31.34 9.63 -7.88
CA PHE F 111 -30.32 9.35 -8.87
C PHE F 111 -28.96 9.85 -8.40
N ILE F 112 -27.92 9.06 -8.64
CA ILE F 112 -26.57 9.48 -8.29
C ILE F 112 -25.61 9.40 -9.47
N ALA F 113 -24.46 10.07 -9.35
CA ALA F 113 -23.44 10.01 -10.39
C ALA F 113 -22.10 9.56 -9.80
N PRO F 114 -21.92 8.25 -9.61
CA PRO F 114 -20.68 7.73 -9.05
C PRO F 114 -19.60 7.61 -10.13
N LEU F 115 -19.37 8.70 -10.85
CA LEU F 115 -18.43 8.68 -11.96
C LEU F 115 -17.07 9.16 -11.52
N THR F 116 -16.05 8.78 -12.30
CA THR F 116 -14.71 9.29 -12.11
C THR F 116 -14.20 9.71 -13.47
N LEU F 117 -13.71 10.93 -13.59
CA LEU F 117 -13.09 11.36 -14.85
C LEU F 117 -11.61 11.49 -14.62
N ARG F 118 -10.82 10.71 -15.35
CA ARG F 118 -9.38 10.90 -15.30
C ARG F 118 -8.99 11.88 -16.40
N MET F 119 -8.19 12.88 -16.03
CA MET F 119 -7.70 13.86 -16.99
C MET F 119 -6.24 14.15 -16.71
N PRO F 120 -5.35 13.75 -17.62
CA PRO F 120 -3.93 14.08 -17.52
C PRO F 120 -3.72 15.59 -17.56
N CYS F 121 -3.03 16.14 -16.56
CA CYS F 121 -2.89 17.57 -16.44
C CYS F 121 -1.45 18.01 -16.28
N GLY F 122 -1.24 19.32 -16.28
CA GLY F 122 0.04 19.91 -15.92
C GLY F 122 1.02 20.07 -17.07
N GLY F 123 2.08 20.83 -16.82
CA GLY F 123 3.05 21.15 -17.86
C GLY F 123 4.45 20.68 -17.53
N GLY F 124 5.44 21.39 -18.07
CA GLY F 124 6.84 21.01 -17.89
C GLY F 124 7.30 20.02 -18.94
N ILE F 125 6.61 20.00 -20.08
CA ILE F 125 6.87 19.01 -21.13
C ILE F 125 6.89 19.60 -22.54
N TYR F 126 7.05 20.92 -22.65
CA TYR F 126 6.90 21.61 -23.94
C TYR F 126 5.54 21.31 -24.55
N GLY F 127 4.52 21.28 -23.69
CA GLY F 127 3.17 20.94 -24.10
C GLY F 127 2.49 22.04 -24.87
N GLY F 128 2.70 23.28 -24.43
CA GLY F 128 2.08 24.43 -25.07
C GLY F 128 0.75 24.80 -24.41
N GLN F 129 -0.09 25.50 -25.15
CA GLN F 129 -1.32 26.05 -24.61
C GLN F 129 -2.40 25.01 -24.32
N THR F 130 -2.45 23.96 -25.13
CA THR F 130 -3.51 22.95 -24.98
C THR F 130 -3.01 21.53 -24.69
N HIS F 131 -1.78 21.40 -24.18
CA HIS F 131 -1.28 20.10 -23.75
C HIS F 131 -0.71 20.19 -22.33
N SER F 132 -0.99 21.29 -21.62
CA SER F 132 -0.33 21.53 -20.33
C SER F 132 -1.08 22.31 -19.24
N GLN F 133 -2.34 22.65 -19.42
CA GLN F 133 -2.98 23.47 -18.37
C GLN F 133 -3.42 22.69 -17.13
N SER F 134 -3.54 23.39 -16.01
CA SER F 134 -4.00 22.82 -14.76
C SER F 134 -5.31 23.47 -14.38
N PRO F 135 -6.41 22.86 -14.79
CA PRO F 135 -7.73 23.46 -14.61
C PRO F 135 -8.41 23.12 -13.29
N GLU F 136 -7.64 22.84 -12.25
CA GLU F 136 -8.22 22.39 -10.98
C GLU F 136 -9.23 23.38 -10.40
N ALA F 137 -9.01 24.67 -10.64
CA ALA F 137 -9.90 25.72 -10.11
C ALA F 137 -11.25 25.76 -10.81
N MET F 138 -11.30 25.26 -12.04
CA MET F 138 -12.57 25.14 -12.75
C MET F 138 -13.43 24.01 -12.16
N PHE F 139 -12.91 23.31 -11.15
CA PHE F 139 -13.66 22.22 -10.51
C PHE F 139 -13.87 22.40 -9.02
N THR F 140 -12.85 22.85 -8.31
CA THR F 140 -12.96 23.03 -6.87
C THR F 140 -14.07 24.03 -6.51
N GLN F 141 -14.47 24.85 -7.48
CA GLN F 141 -15.54 25.82 -7.25
C GLN F 141 -16.92 25.24 -7.55
N VAL F 142 -16.98 24.02 -8.06
CA VAL F 142 -18.25 23.40 -8.39
C VAL F 142 -18.78 22.62 -7.20
N CYS F 143 -19.90 23.09 -6.65
CA CYS F 143 -20.52 22.42 -5.53
C CYS F 143 -21.06 21.06 -5.97
N GLY F 144 -20.57 20.01 -5.32
CA GLY F 144 -20.98 18.65 -5.63
C GLY F 144 -19.86 17.80 -6.20
N LEU F 145 -18.74 18.43 -6.56
CA LEU F 145 -17.61 17.70 -7.13
C LEU F 145 -16.53 17.45 -6.08
N ARG F 146 -15.71 16.43 -6.36
CA ARG F 146 -14.57 16.09 -5.54
C ARG F 146 -13.35 16.05 -6.45
N THR F 147 -12.29 16.76 -6.05
CA THR F 147 -11.08 16.86 -6.87
C THR F 147 -9.88 16.23 -6.18
N VAL F 148 -9.15 15.40 -6.92
CA VAL F 148 -8.01 14.64 -6.39
C VAL F 148 -6.85 14.67 -7.38
N MET F 149 -5.64 14.83 -6.86
CA MET F 149 -4.43 14.78 -7.68
C MET F 149 -3.29 14.11 -6.91
N PRO F 150 -2.81 12.96 -7.42
CA PRO F 150 -1.70 12.26 -6.81
C PRO F 150 -0.36 12.82 -7.25
N SER F 151 0.73 12.35 -6.64
CA SER F 151 2.07 12.82 -6.99
C SER F 151 3.10 11.69 -7.07
N ASN F 152 2.68 10.46 -6.74
CA ASN F 152 3.54 9.29 -6.83
C ASN F 152 2.75 8.00 -7.08
N PRO F 153 3.40 6.95 -7.59
CA PRO F 153 2.70 5.74 -8.01
C PRO F 153 1.87 5.09 -6.93
N TYR F 154 2.36 5.09 -5.69
CA TYR F 154 1.61 4.52 -4.58
C TYR F 154 0.29 5.25 -4.42
N ASP F 155 0.38 6.54 -4.09
CA ASP F 155 -0.79 7.39 -3.92
C ASP F 155 -1.67 7.39 -5.16
N ALA F 156 -1.03 7.37 -6.34
CA ALA F 156 -1.75 7.33 -7.61
C ALA F 156 -2.75 6.19 -7.62
N LYS F 157 -2.30 4.98 -7.30
CA LYS F 157 -3.18 3.81 -7.31
C LYS F 157 -4.21 3.87 -6.19
N GLY F 158 -3.74 4.10 -4.97
CA GLY F 158 -4.61 4.13 -3.80
C GLY F 158 -5.71 5.15 -3.91
N LEU F 159 -5.37 6.36 -4.33
CA LEU F 159 -6.36 7.42 -4.50
C LEU F 159 -7.34 7.09 -5.61
N LEU F 160 -6.86 6.53 -6.71
CA LEU F 160 -7.74 6.21 -7.83
C LEU F 160 -8.77 5.14 -7.48
N ILE F 161 -8.34 4.10 -6.77
CA ILE F 161 -9.26 3.08 -6.27
C ILE F 161 -10.28 3.72 -5.34
N ALA F 162 -9.79 4.57 -4.43
CA ALA F 162 -10.64 5.30 -3.50
C ALA F 162 -11.60 6.23 -4.23
N SER F 163 -11.12 6.86 -5.30
CA SER F 163 -11.93 7.80 -6.07
C SER F 163 -13.00 7.11 -6.89
N ILE F 164 -12.70 5.93 -7.43
CA ILE F 164 -13.67 5.14 -8.19
C ILE F 164 -14.79 4.63 -7.26
N GLU F 165 -14.39 4.15 -6.09
CA GLU F 165 -15.32 3.61 -5.10
C GLU F 165 -16.23 4.65 -4.48
N CYS F 166 -15.71 5.88 -4.36
CA CYS F 166 -16.49 6.99 -3.82
C CYS F 166 -17.78 7.17 -4.60
N ASP F 167 -18.89 7.35 -3.89
CA ASP F 167 -20.17 7.51 -4.55
C ASP F 167 -20.38 8.94 -5.07
N ASP F 168 -19.47 9.85 -4.75
CA ASP F 168 -19.52 11.22 -5.24
C ASP F 168 -18.72 11.34 -6.53
N PRO F 169 -19.13 12.24 -7.42
CA PRO F 169 -18.38 12.46 -8.66
C PRO F 169 -16.97 12.96 -8.38
N VAL F 170 -15.98 12.30 -8.97
CA VAL F 170 -14.58 12.66 -8.73
C VAL F 170 -13.85 13.02 -10.01
N ILE F 171 -13.31 14.23 -10.05
CA ILE F 171 -12.38 14.66 -11.10
C ILE F 171 -10.99 14.22 -10.67
N PHE F 172 -10.42 13.26 -11.40
CA PHE F 172 -9.11 12.73 -11.06
C PHE F 172 -8.06 13.30 -12.00
N LEU F 173 -7.27 14.24 -11.49
CA LEU F 173 -6.26 14.92 -12.30
C LEU F 173 -4.91 14.24 -12.14
N GLU F 174 -4.36 13.78 -13.27
CA GLU F 174 -3.08 13.07 -13.27
C GLU F 174 -2.01 13.92 -13.90
N PRO F 175 -1.00 14.30 -13.13
CA PRO F 175 0.10 15.10 -13.63
C PRO F 175 0.98 14.28 -14.56
N LYS F 176 0.84 14.47 -15.86
CA LYS F 176 1.57 13.71 -16.87
C LYS F 176 3.09 13.85 -16.76
N ARG F 177 3.50 14.97 -16.18
CA ARG F 177 4.89 15.25 -15.88
C ARG F 177 5.46 14.20 -14.92
N LEU F 178 4.59 13.62 -14.10
CA LEU F 178 5.00 12.62 -13.13
C LEU F 178 4.67 11.20 -13.57
N TYR F 179 4.31 11.04 -14.84
CA TYR F 179 3.94 9.72 -15.37
C TYR F 179 5.07 8.71 -15.35
N ASN F 180 6.27 9.13 -15.74
CA ASN F 180 7.41 8.20 -15.84
C ASN F 180 8.35 8.25 -14.66
N GLY F 181 8.41 9.40 -13.99
CA GLY F 181 9.27 9.56 -12.82
C GLY F 181 8.97 10.87 -12.12
N PRO F 182 9.55 11.08 -10.94
CA PRO F 182 9.41 12.35 -10.25
C PRO F 182 10.15 13.43 -11.02
N PHE F 183 9.67 14.67 -10.92
CA PHE F 183 10.28 15.78 -11.63
C PHE F 183 10.34 16.98 -10.72
N ASP F 184 11.55 17.49 -10.50
CA ASP F 184 11.76 18.55 -9.53
C ASP F 184 11.78 19.94 -10.13
N GLY F 185 11.79 20.03 -11.46
CA GLY F 185 11.83 21.32 -12.13
C GLY F 185 13.16 21.62 -12.80
N HIS F 186 14.18 20.82 -12.47
CA HIS F 186 15.47 20.95 -13.10
C HIS F 186 15.51 20.14 -14.39
N HIS F 187 15.42 20.83 -15.53
CA HIS F 187 15.51 20.16 -16.84
C HIS F 187 16.96 19.95 -17.26
N ASP F 188 17.88 20.57 -16.53
CA ASP F 188 19.31 20.40 -16.78
C ASP F 188 19.74 18.97 -16.50
N ARG F 189 19.39 18.47 -15.31
CA ARG F 189 19.70 17.11 -14.89
C ARG F 189 18.64 16.17 -15.48
N PRO F 190 19.03 15.31 -16.43
CA PRO F 190 18.07 14.35 -17.01
C PRO F 190 17.31 13.56 -15.94
N VAL F 191 16.02 13.34 -16.19
CA VAL F 191 15.08 12.84 -15.18
C VAL F 191 15.22 11.34 -14.98
N THR F 192 15.06 10.92 -13.72
CA THR F 192 15.15 9.53 -13.34
C THR F 192 13.78 8.86 -13.36
N PRO F 193 13.75 7.54 -13.59
CA PRO F 193 12.52 6.78 -13.53
C PRO F 193 12.02 6.61 -12.10
N TRP F 194 10.81 6.06 -11.96
CA TRP F 194 10.26 5.83 -10.65
C TRP F 194 10.99 4.73 -9.90
N SER F 195 11.51 3.76 -10.64
CA SER F 195 12.18 2.61 -10.04
C SER F 195 13.32 3.01 -9.12
N LYS F 196 13.94 4.15 -9.40
CA LYS F 196 15.04 4.63 -8.58
C LYS F 196 14.55 5.53 -7.46
N HIS F 197 13.25 5.43 -7.16
CA HIS F 197 12.67 6.34 -6.21
C HIS F 197 11.71 5.73 -5.20
N PRO F 198 11.48 6.49 -4.13
CA PRO F 198 10.60 6.09 -3.06
C PRO F 198 9.19 6.02 -3.55
N HIS F 199 8.40 5.11 -3.01
CA HIS F 199 6.98 5.08 -3.33
C HIS F 199 6.68 4.53 -4.72
N SER F 200 7.66 3.89 -5.35
CA SER F 200 7.37 3.17 -6.58
C SER F 200 6.89 1.77 -6.20
N ALA F 201 7.07 1.42 -4.93
CA ALA F 201 6.64 0.14 -4.39
C ALA F 201 5.12 0.14 -4.25
N VAL F 202 4.45 -0.54 -5.17
CA VAL F 202 3.00 -0.56 -5.22
C VAL F 202 2.45 -1.97 -5.05
N PRO F 203 1.58 -2.16 -4.06
CA PRO F 203 0.86 -3.43 -3.88
C PRO F 203 0.10 -3.86 -5.15
N ASP F 204 0.11 -5.17 -5.43
CA ASP F 204 -0.53 -5.71 -6.62
C ASP F 204 -2.04 -5.71 -6.49
N GLY F 205 -2.50 -5.90 -5.26
CA GLY F 205 -3.91 -6.09 -4.98
C GLY F 205 -4.69 -4.81 -4.74
N TYR F 206 -5.80 -4.97 -4.03
CA TYR F 206 -6.69 -3.88 -3.67
C TYR F 206 -6.21 -3.17 -2.41
N TYR F 207 -6.21 -1.84 -2.46
CA TYR F 207 -5.96 -1.00 -1.29
C TYR F 207 -6.38 0.43 -1.62
N THR F 208 -6.47 1.28 -0.60
CA THR F 208 -6.87 2.67 -0.81
C THR F 208 -5.95 3.64 -0.09
N VAL F 209 -5.94 4.87 -0.58
CA VAL F 209 -5.43 6.00 0.19
C VAL F 209 -6.64 6.89 0.47
N PRO F 210 -6.98 7.07 1.75
CA PRO F 210 -8.18 7.80 2.14
C PRO F 210 -8.28 9.17 1.47
N LEU F 211 -9.47 9.50 0.98
CA LEU F 211 -9.73 10.84 0.46
C LEU F 211 -9.80 11.78 1.65
N ASP F 212 -9.71 13.09 1.38
CA ASP F 212 -9.72 14.11 2.44
C ASP F 212 -8.51 14.05 3.37
N LYS F 213 -7.41 13.45 2.93
CA LYS F 213 -6.23 13.39 3.78
C LYS F 213 -4.96 13.86 3.10
N ALA F 214 -4.39 14.90 3.68
CA ALA F 214 -3.12 15.46 3.23
C ALA F 214 -1.99 14.55 3.66
N ALA F 215 -0.78 14.84 3.18
CA ALA F 215 0.39 14.06 3.53
C ALA F 215 1.60 14.97 3.62
N ILE F 216 2.18 15.03 4.82
CA ILE F 216 3.39 15.81 5.06
C ILE F 216 4.52 15.10 4.34
N THR F 217 4.99 15.69 3.25
CA THR F 217 6.12 15.11 2.55
C THR F 217 7.39 15.42 3.33
N ARG F 218 7.71 16.70 3.52
CA ARG F 218 8.88 17.11 4.29
C ARG F 218 8.48 17.79 5.59
N PRO F 219 8.72 17.15 6.74
CA PRO F 219 8.48 17.78 8.03
C PRO F 219 9.38 18.98 8.25
N GLY F 220 8.80 20.10 8.62
CA GLY F 220 9.55 21.34 8.80
C GLY F 220 8.96 22.20 9.89
N ASN F 221 9.74 23.21 10.29
CA ASN F 221 9.33 24.15 11.34
C ASN F 221 9.23 25.59 10.87
N ASP F 222 9.94 25.92 9.79
CA ASP F 222 10.05 27.30 9.33
C ASP F 222 8.83 27.81 8.58
N VAL F 223 8.42 27.09 7.54
CA VAL F 223 7.30 27.49 6.69
C VAL F 223 6.41 26.29 6.36
N SER F 224 5.13 26.56 6.17
CA SER F 224 4.19 25.56 5.67
C SER F 224 4.02 25.75 4.16
N VAL F 225 4.35 24.73 3.38
CA VAL F 225 4.21 24.82 1.92
C VAL F 225 3.05 23.93 1.46
N LEU F 226 1.95 24.55 1.09
CA LEU F 226 0.79 23.82 0.62
C LEU F 226 0.87 23.68 -0.89
N THR F 227 0.92 22.44 -1.36
CA THR F 227 1.07 22.19 -2.78
C THR F 227 0.55 20.80 -3.15
N TYR F 228 0.66 20.48 -4.43
CA TYR F 228 0.19 19.22 -4.97
C TYR F 228 0.78 19.01 -6.36
N GLY F 229 0.65 17.79 -6.87
CA GLY F 229 1.16 17.46 -8.20
C GLY F 229 2.66 17.58 -8.32
N THR F 230 3.13 18.12 -9.44
CA THR F 230 4.56 18.25 -9.69
C THR F 230 5.26 19.09 -8.63
N THR F 231 4.63 20.17 -8.20
CA THR F 231 5.31 21.14 -7.33
C THR F 231 5.65 20.64 -5.93
N VAL F 232 5.14 19.46 -5.57
CA VAL F 232 5.50 18.80 -4.32
C VAL F 232 7.02 18.57 -4.31
N TYR F 233 7.49 17.94 -5.38
CA TYR F 233 8.90 17.64 -5.55
C TYR F 233 9.69 18.92 -5.80
N VAL F 234 9.03 19.91 -6.42
CA VAL F 234 9.66 21.21 -6.64
C VAL F 234 9.92 21.90 -5.31
N ALA F 235 8.90 21.94 -4.46
CA ALA F 235 9.04 22.52 -3.13
C ALA F 235 10.07 21.79 -2.28
N GLN F 236 10.07 20.46 -2.34
CA GLN F 236 11.02 19.64 -1.59
C GLN F 236 12.46 20.04 -1.91
N VAL F 237 12.80 20.02 -3.18
CA VAL F 237 14.14 20.38 -3.63
C VAL F 237 14.45 21.84 -3.32
N ALA F 238 13.47 22.71 -3.54
CA ALA F 238 13.62 24.12 -3.24
C ALA F 238 13.87 24.34 -1.76
N ALA F 239 13.24 23.53 -0.91
CA ALA F 239 13.43 23.66 0.53
C ALA F 239 14.87 23.34 0.94
N GLU F 240 15.48 22.40 0.23
CA GLU F 240 16.84 21.97 0.52
C GLU F 240 17.88 22.97 0.03
N GLU F 241 17.63 23.52 -1.16
CA GLU F 241 18.52 24.51 -1.77
C GLU F 241 18.53 25.84 -0.99
N SER F 242 17.35 26.22 -0.50
CA SER F 242 17.18 27.45 0.25
C SER F 242 17.71 27.34 1.66
N GLY F 243 17.75 26.12 2.19
CA GLY F 243 18.11 25.92 3.59
C GLY F 243 16.90 26.00 4.49
N VAL F 244 15.90 26.77 4.09
CA VAL F 244 14.65 26.91 4.84
C VAL F 244 14.06 25.55 5.21
N ASP F 245 13.83 25.35 6.50
CA ASP F 245 13.26 24.10 7.02
C ASP F 245 11.73 24.10 6.82
N ALA F 246 11.32 24.02 5.56
CA ALA F 246 9.93 24.12 5.18
C ALA F 246 9.20 22.79 5.23
N GLU F 247 7.99 22.81 5.77
CA GLU F 247 7.14 21.63 5.82
C GLU F 247 6.32 21.56 4.53
N VAL F 248 6.63 20.59 3.69
CA VAL F 248 5.92 20.43 2.42
C VAL F 248 4.70 19.54 2.62
N ILE F 249 3.52 20.06 2.29
CA ILE F 249 2.30 19.28 2.39
C ILE F 249 1.75 18.98 1.00
N ASP F 250 1.46 17.71 0.75
CA ASP F 250 0.85 17.32 -0.51
C ASP F 250 -0.63 17.10 -0.27
N LEU F 251 -1.43 18.09 -0.66
CA LEU F 251 -2.87 18.06 -0.38
C LEU F 251 -3.54 16.79 -0.83
N ARG F 252 -3.08 16.22 -1.95
CA ARG F 252 -3.68 15.02 -2.53
C ARG F 252 -5.15 15.24 -2.87
N SER F 253 -5.95 15.59 -1.86
CA SER F 253 -7.34 15.97 -2.07
C SER F 253 -7.45 17.49 -2.09
N LEU F 254 -7.78 18.02 -3.27
CA LEU F 254 -7.88 19.45 -3.48
C LEU F 254 -9.13 20.00 -2.82
N TRP F 255 -10.28 19.45 -3.20
CA TRP F 255 -11.53 19.82 -2.57
C TRP F 255 -12.57 18.71 -2.63
N PRO F 256 -13.19 18.37 -1.50
CA PRO F 256 -12.86 18.92 -0.18
C PRO F 256 -11.46 18.55 0.27
N LEU F 257 -10.92 19.32 1.20
CA LEU F 257 -9.57 19.08 1.64
C LEU F 257 -9.42 18.73 3.11
N ASP F 258 -8.20 18.32 3.46
CA ASP F 258 -7.83 18.05 4.82
C ASP F 258 -7.47 19.38 5.46
N LEU F 259 -8.49 20.06 5.99
CA LEU F 259 -8.31 21.37 6.60
C LEU F 259 -7.46 21.30 7.87
N ASP F 260 -7.64 20.23 8.66
CA ASP F 260 -6.92 20.09 9.92
C ASP F 260 -5.42 20.06 9.76
N THR F 261 -4.93 19.19 8.88
CA THR F 261 -3.49 19.04 8.64
C THR F 261 -2.85 20.37 8.23
N ILE F 262 -3.56 21.14 7.40
CA ILE F 262 -3.09 22.44 6.93
C ILE F 262 -3.02 23.43 8.08
N VAL F 263 -4.16 23.61 8.75
CA VAL F 263 -4.30 24.59 9.83
C VAL F 263 -3.29 24.30 10.93
N GLU F 264 -3.13 23.03 11.26
CA GLU F 264 -2.19 22.58 12.27
C GLU F 264 -0.75 22.94 11.90
N SER F 265 -0.40 22.81 10.63
CA SER F 265 0.96 23.10 10.16
C SER F 265 1.31 24.56 10.27
N VAL F 266 0.43 25.42 9.77
CA VAL F 266 0.63 26.86 9.80
C VAL F 266 0.66 27.30 11.26
N LYS F 267 -0.31 26.79 12.03
CA LYS F 267 -0.44 27.08 13.45
C LYS F 267 0.87 26.82 14.22
N LYS F 268 1.59 25.77 13.82
CA LYS F 268 2.91 25.45 14.37
C LYS F 268 3.98 26.37 13.79
N THR F 269 4.07 26.35 12.46
CA THR F 269 5.04 27.12 11.69
C THR F 269 4.98 28.63 11.92
N GLY F 270 3.87 29.24 11.50
CA GLY F 270 3.73 30.69 11.59
C GLY F 270 3.71 31.41 10.25
N ARG F 271 3.95 30.68 9.16
CA ARG F 271 3.95 31.26 7.82
C ARG F 271 3.73 30.18 6.77
N CYS F 272 3.13 30.56 5.64
CA CYS F 272 2.76 29.58 4.64
C CYS F 272 2.92 30.07 3.22
N VAL F 273 3.33 29.16 2.34
CA VAL F 273 3.54 29.47 0.94
C VAL F 273 2.75 28.47 0.09
N VAL F 274 1.92 29.01 -0.81
CA VAL F 274 1.12 28.16 -1.70
C VAL F 274 1.81 28.05 -3.04
N VAL F 275 1.98 26.82 -3.54
CA VAL F 275 2.64 26.59 -4.81
C VAL F 275 1.79 25.71 -5.71
N HIS F 276 1.47 26.19 -6.91
CA HIS F 276 0.84 25.35 -7.92
C HIS F 276 1.17 25.80 -9.33
N GLU F 277 0.99 24.91 -10.30
CA GLU F 277 1.30 25.22 -11.69
C GLU F 277 0.31 26.19 -12.30
N ALA F 278 -0.95 26.10 -11.87
CA ALA F 278 -2.02 26.89 -12.48
C ALA F 278 -1.78 28.38 -12.36
N THR F 279 -2.42 29.13 -13.26
CA THR F 279 -2.36 30.58 -13.29
C THR F 279 -2.76 31.18 -11.95
N ARG F 280 -2.18 32.32 -11.60
CA ARG F 280 -2.39 32.94 -10.29
C ARG F 280 -3.81 33.37 -9.96
N THR F 281 -4.41 34.21 -10.79
CA THR F 281 -5.67 34.83 -10.41
C THR F 281 -6.83 33.84 -10.38
N CYS F 282 -7.54 33.82 -9.25
CA CYS F 282 -8.70 32.94 -9.04
C CYS F 282 -8.38 31.46 -9.26
N GLY F 283 -7.10 31.12 -9.10
CA GLY F 283 -6.66 29.73 -9.07
C GLY F 283 -6.99 29.14 -7.72
N PHE F 284 -6.69 27.86 -7.55
CA PHE F 284 -6.99 27.19 -6.29
C PHE F 284 -6.19 27.76 -5.12
N GLY F 285 -5.03 28.35 -5.40
CA GLY F 285 -4.20 28.98 -4.37
C GLY F 285 -4.93 30.04 -3.55
N ALA F 286 -5.82 30.77 -4.21
CA ALA F 286 -6.60 31.84 -3.57
C ALA F 286 -7.46 31.33 -2.42
N GLU F 287 -8.16 30.22 -2.64
CA GLU F 287 -8.99 29.59 -1.62
C GLU F 287 -8.13 29.13 -0.45
N LEU F 288 -6.99 28.53 -0.77
CA LEU F 288 -6.05 28.08 0.25
C LEU F 288 -5.57 29.23 1.10
N VAL F 289 -5.20 30.33 0.45
CA VAL F 289 -4.81 31.56 1.15
C VAL F 289 -5.95 32.06 2.03
N SER F 290 -7.16 32.13 1.46
CA SER F 290 -8.34 32.54 2.22
C SER F 290 -8.55 31.69 3.46
N LEU F 291 -8.45 30.37 3.29
CA LEU F 291 -8.69 29.44 4.38
C LEU F 291 -7.64 29.53 5.48
N VAL F 292 -6.38 29.69 5.08
CA VAL F 292 -5.27 29.82 6.03
C VAL F 292 -5.42 31.10 6.84
N GLN F 293 -5.76 32.19 6.15
CA GLN F 293 -5.94 33.49 6.78
C GLN F 293 -7.14 33.48 7.72
N GLU F 294 -8.19 32.76 7.36
CA GLU F 294 -9.38 32.70 8.20
C GLU F 294 -9.09 32.00 9.52
N HIS F 295 -8.33 30.91 9.49
CA HIS F 295 -8.15 30.09 10.68
C HIS F 295 -6.83 30.30 11.43
N CYS F 296 -5.82 30.87 10.77
CA CYS F 296 -4.51 31.01 11.40
C CYS F 296 -4.04 32.46 11.49
N PHE F 297 -4.99 33.38 11.57
CA PHE F 297 -4.70 34.81 11.48
C PHE F 297 -3.69 35.28 12.52
N HIS F 298 -3.88 34.91 13.78
CA HIS F 298 -3.04 35.44 14.85
C HIS F 298 -1.70 34.72 14.97
N HIS F 299 -1.64 33.48 14.49
CA HIS F 299 -0.41 32.71 14.50
C HIS F 299 0.46 33.05 13.29
N LEU F 300 -0.06 33.91 12.42
CA LEU F 300 0.60 34.21 11.15
C LEU F 300 1.67 35.27 11.33
N GLU F 301 2.92 34.89 11.10
CA GLU F 301 4.07 35.77 11.36
C GLU F 301 4.52 36.61 10.17
N ALA F 302 3.88 36.41 9.00
CA ALA F 302 4.26 37.08 7.76
C ALA F 302 3.18 36.80 6.71
N PRO F 303 3.09 37.62 5.66
CA PRO F 303 2.05 37.45 4.64
C PRO F 303 2.19 36.12 3.92
N ILE F 304 1.08 35.42 3.74
CA ILE F 304 1.02 34.17 2.97
C ILE F 304 1.43 34.46 1.53
N GLU F 305 2.45 33.77 1.05
CA GLU F 305 2.93 33.98 -0.31
C GLU F 305 2.33 32.94 -1.23
N ARG F 306 2.32 33.22 -2.53
CA ARG F 306 1.97 32.19 -3.50
C ARG F 306 2.80 32.21 -4.78
N VAL F 307 3.39 31.05 -5.08
CA VAL F 307 4.26 30.87 -6.23
C VAL F 307 3.53 30.00 -7.23
N THR F 308 3.08 30.59 -8.33
CA THR F 308 2.33 29.85 -9.32
C THR F 308 2.81 30.15 -10.72
N GLY F 309 2.11 29.59 -11.71
CA GLY F 309 2.33 29.96 -13.09
C GLY F 309 1.73 31.32 -13.32
N TRP F 310 2.32 32.07 -14.25
CA TRP F 310 1.86 33.42 -14.53
C TRP F 310 0.47 33.43 -15.11
N ASP F 311 -0.21 34.58 -15.02
CA ASP F 311 -1.53 34.74 -15.59
C ASP F 311 -1.45 34.89 -17.10
N THR F 312 -1.07 33.81 -17.76
CA THR F 312 -0.79 33.83 -19.18
C THR F 312 -1.08 32.44 -19.74
N PRO F 313 -1.52 32.33 -20.99
CA PRO F 313 -1.68 31.02 -21.60
C PRO F 313 -0.34 30.31 -21.69
N TYR F 314 -0.32 28.98 -21.46
CA TYR F 314 0.92 28.24 -21.34
C TYR F 314 1.75 28.30 -22.62
N PRO F 315 2.93 28.92 -22.54
CA PRO F 315 3.77 29.11 -23.71
C PRO F 315 4.57 27.86 -24.02
N HIS F 316 5.07 27.78 -25.25
CA HIS F 316 5.88 26.63 -25.66
C HIS F 316 7.36 26.87 -25.38
N ALA F 317 7.95 27.80 -26.12
CA ALA F 317 9.38 28.06 -26.04
C ALA F 317 9.82 28.49 -24.65
N GLN F 318 9.04 29.37 -24.04
CA GLN F 318 9.37 29.94 -22.73
C GLN F 318 8.95 29.00 -21.59
N GLU F 319 8.98 27.70 -21.85
CA GLU F 319 8.52 26.68 -20.91
C GLU F 319 9.05 26.87 -19.48
N TRP F 320 10.35 27.05 -19.34
CA TRP F 320 10.97 27.10 -18.02
C TRP F 320 10.93 28.47 -17.40
N ALA F 321 10.61 29.47 -18.22
CA ALA F 321 10.33 30.79 -17.73
C ALA F 321 8.94 30.82 -17.09
N TYR F 322 8.03 29.98 -17.58
CA TYR F 322 6.69 29.90 -17.02
C TYR F 322 6.66 29.05 -15.75
N PHE F 323 6.97 27.77 -15.93
CA PHE F 323 6.88 26.78 -14.86
C PHE F 323 7.59 27.23 -13.58
N PRO F 324 6.86 27.23 -12.47
CA PRO F 324 7.43 27.60 -11.18
C PRO F 324 8.43 26.55 -10.72
N GLY F 325 9.71 26.80 -10.97
CA GLY F 325 10.76 25.84 -10.66
C GLY F 325 11.37 26.05 -9.28
N PRO F 326 12.34 25.21 -8.93
CA PRO F 326 12.98 25.27 -7.61
C PRO F 326 13.62 26.63 -7.31
N SER F 327 13.98 27.37 -8.36
CA SER F 327 14.51 28.71 -8.18
C SER F 327 13.41 29.68 -7.71
N ARG F 328 12.30 29.73 -8.46
CA ARG F 328 11.23 30.67 -8.16
C ARG F 328 10.44 30.33 -6.89
N VAL F 329 10.42 29.05 -6.51
CA VAL F 329 9.79 28.63 -5.27
C VAL F 329 10.72 28.94 -4.09
N GLY F 330 12.00 28.62 -4.26
CA GLY F 330 13.00 28.84 -3.23
C GLY F 330 13.13 30.29 -2.81
N ALA F 331 13.07 31.19 -3.79
CA ALA F 331 13.12 32.62 -3.55
C ALA F 331 11.97 33.06 -2.64
N ALA F 332 10.78 32.50 -2.89
CA ALA F 332 9.62 32.80 -2.07
C ALA F 332 9.76 32.23 -0.66
N LEU F 333 10.45 31.09 -0.55
CA LEU F 333 10.73 30.48 0.74
C LEU F 333 11.63 31.37 1.59
N LYS F 334 12.55 32.08 0.94
CA LYS F 334 13.38 33.06 1.63
C LYS F 334 12.59 34.31 1.99
N LYS F 335 11.78 34.79 1.05
CA LYS F 335 10.98 36.00 1.22
C LYS F 335 10.07 35.95 2.45
N VAL F 336 9.46 34.79 2.71
CA VAL F 336 8.60 34.64 3.89
C VAL F 336 9.40 34.60 5.18
N MET F 337 10.57 33.97 5.14
CA MET F 337 11.38 33.83 6.33
C MET F 337 12.09 35.14 6.66
N GLU F 338 11.67 36.21 6.01
CA GLU F 338 12.25 37.53 6.24
C GLU F 338 11.44 38.40 7.18
N VAL F 339 12.16 39.19 7.96
CA VAL F 339 11.59 40.13 8.90
C VAL F 339 11.69 41.55 8.34
N ASN G 2 -36.53 -14.57 -21.37
CA ASN G 2 -37.79 -15.15 -21.99
C ASN G 2 -38.10 -14.60 -23.39
N GLU G 3 -39.02 -13.64 -23.47
CA GLU G 3 -39.47 -13.05 -24.74
C GLU G 3 -38.37 -12.32 -25.53
N TYR G 4 -37.57 -11.53 -24.83
CA TYR G 4 -36.53 -10.74 -25.50
C TYR G 4 -35.13 -11.20 -25.13
N ALA G 5 -34.30 -11.34 -26.15
CA ALA G 5 -32.89 -11.67 -25.96
C ALA G 5 -32.17 -10.50 -25.30
N PRO G 6 -31.24 -10.80 -24.39
CA PRO G 6 -30.44 -9.76 -23.75
C PRO G 6 -29.87 -8.77 -24.75
N LEU G 7 -29.99 -7.49 -24.41
CA LEU G 7 -29.42 -6.40 -25.19
C LEU G 7 -27.90 -6.46 -25.10
N ARG G 8 -27.23 -6.21 -26.22
CA ARG G 8 -25.75 -6.18 -26.23
C ARG G 8 -25.21 -4.84 -26.69
N LEU G 9 -24.13 -4.38 -26.04
CA LEU G 9 -23.47 -3.16 -26.48
C LEU G 9 -22.72 -3.43 -27.78
N HIS G 10 -22.88 -2.53 -28.74
CA HIS G 10 -22.21 -2.65 -30.02
C HIS G 10 -20.97 -1.76 -30.07
N VAL G 11 -19.80 -2.36 -30.27
CA VAL G 11 -18.58 -1.57 -30.37
C VAL G 11 -17.85 -1.91 -31.67
N PRO G 12 -17.91 -0.99 -32.64
CA PRO G 12 -17.33 -1.20 -33.96
C PRO G 12 -15.83 -1.45 -33.91
N GLU G 13 -15.36 -2.39 -34.73
CA GLU G 13 -13.93 -2.65 -34.87
C GLU G 13 -13.55 -2.52 -36.34
N PRO G 14 -12.34 -2.05 -36.62
CA PRO G 14 -11.84 -2.04 -37.99
C PRO G 14 -11.64 -3.46 -38.47
N THR G 15 -11.88 -3.73 -39.75
CA THR G 15 -11.67 -5.08 -40.27
C THR G 15 -10.20 -5.49 -40.16
N GLY G 16 -9.32 -4.50 -40.18
CA GLY G 16 -7.89 -4.77 -40.13
C GLY G 16 -7.19 -4.29 -38.88
N ARG G 17 -6.55 -5.22 -38.19
CA ARG G 17 -5.60 -4.91 -37.11
C ARG G 17 -4.22 -5.40 -37.57
N PRO G 18 -3.17 -5.20 -36.77
CA PRO G 18 -1.82 -5.63 -37.14
C PRO G 18 -1.79 -7.13 -37.38
N GLY G 19 -1.38 -7.54 -38.57
CA GLY G 19 -1.37 -8.95 -38.92
C GLY G 19 -2.63 -9.42 -39.64
N CYS G 20 -3.55 -8.49 -39.89
CA CYS G 20 -4.71 -8.73 -40.73
C CYS G 20 -4.70 -7.75 -41.88
N GLN G 21 -5.43 -8.06 -42.94
CA GLN G 21 -5.56 -7.15 -44.06
C GLN G 21 -6.86 -6.39 -43.84
N THR G 22 -6.83 -5.07 -43.99
CA THR G 22 -8.04 -4.26 -43.96
C THR G 22 -8.88 -4.55 -45.20
N ASP G 23 -10.19 -4.68 -45.00
CA ASP G 23 -11.11 -4.89 -46.12
C ASP G 23 -11.85 -3.58 -46.46
N PHE G 24 -11.32 -2.84 -47.43
CA PHE G 24 -11.84 -1.52 -47.78
C PHE G 24 -13.19 -1.51 -48.51
N SER G 25 -13.95 -2.59 -48.37
CA SER G 25 -15.29 -2.67 -48.94
C SER G 25 -16.22 -1.68 -48.26
N TYR G 26 -15.91 -1.32 -47.02
CA TYR G 26 -16.73 -0.37 -46.26
C TYR G 26 -16.83 1.01 -46.92
N LEU G 27 -15.81 1.41 -47.68
CA LEU G 27 -15.86 2.64 -48.47
C LEU G 27 -16.89 2.40 -49.56
N ARG G 28 -17.91 3.25 -49.65
CA ARG G 28 -18.92 3.09 -50.70
C ARG G 28 -18.40 3.70 -52.00
N LEU G 29 -17.55 2.98 -52.71
CA LEU G 29 -16.84 3.61 -53.84
C LEU G 29 -17.64 3.62 -55.14
N ASN G 30 -17.36 4.61 -55.98
CA ASN G 30 -17.91 4.70 -57.33
C ASN G 30 -16.77 4.89 -58.30
N ASP G 31 -16.94 4.38 -59.52
CA ASP G 31 -15.95 4.55 -60.60
C ASP G 31 -15.90 5.99 -61.09
N ALA G 32 -14.78 6.38 -61.68
CA ALA G 32 -14.58 7.73 -62.21
C ALA G 32 -15.65 8.09 -63.23
N GLY G 33 -16.19 9.30 -63.09
CA GLY G 33 -17.20 9.82 -64.00
C GLY G 33 -18.61 9.30 -63.77
N GLN G 34 -18.78 8.38 -62.82
CA GLN G 34 -20.10 7.84 -62.55
C GLN G 34 -21.03 8.88 -61.91
N ALA G 35 -20.48 9.68 -60.99
CA ALA G 35 -21.27 10.73 -60.33
C ALA G 35 -21.42 11.96 -61.23
N ARG G 36 -22.64 12.48 -61.32
CA ARG G 36 -22.94 13.66 -62.13
C ARG G 36 -22.40 14.94 -61.49
N LYS G 37 -22.31 16.01 -62.29
CA LYS G 37 -22.01 17.33 -61.77
C LYS G 37 -23.29 18.17 -61.80
N PRO G 38 -23.85 18.47 -60.63
CA PRO G 38 -25.05 19.29 -60.56
C PRO G 38 -24.73 20.76 -60.81
N PRO G 39 -25.76 21.58 -61.01
CA PRO G 39 -25.54 23.01 -61.12
C PRO G 39 -25.34 23.64 -59.74
N VAL G 40 -24.43 24.61 -59.66
CA VAL G 40 -24.13 25.30 -58.41
C VAL G 40 -25.34 25.65 -57.56
N ASP G 41 -26.46 26.00 -58.20
CA ASP G 41 -27.66 26.41 -57.49
C ASP G 41 -28.53 25.23 -57.03
N VAL G 42 -27.98 24.02 -57.08
CA VAL G 42 -28.74 22.80 -56.74
C VAL G 42 -29.40 22.89 -55.37
N ASP G 43 -30.57 22.27 -55.23
CA ASP G 43 -31.21 22.16 -53.92
C ASP G 43 -30.45 21.19 -53.03
N ALA G 44 -30.41 21.52 -51.74
CA ALA G 44 -29.81 20.65 -50.73
C ALA G 44 -30.38 19.22 -50.79
N ALA G 45 -31.71 19.12 -50.87
CA ALA G 45 -32.37 17.82 -50.87
C ALA G 45 -32.01 16.96 -52.09
N ASP G 46 -31.70 17.59 -53.23
CA ASP G 46 -31.35 16.85 -54.43
C ASP G 46 -29.92 16.31 -54.41
N THR G 47 -29.20 16.61 -53.33
CA THR G 47 -27.79 16.25 -53.26
C THR G 47 -27.57 14.95 -52.47
N ALA G 48 -28.66 14.36 -52.00
CA ALA G 48 -28.63 13.13 -51.19
C ALA G 48 -27.86 11.95 -51.81
N ASP G 49 -28.21 11.58 -53.05
CA ASP G 49 -27.53 10.47 -53.72
C ASP G 49 -26.04 10.71 -53.78
N LEU G 50 -25.67 11.93 -54.19
CA LEU G 50 -24.28 12.34 -54.29
C LEU G 50 -23.58 12.19 -52.94
N SER G 51 -24.28 12.56 -51.86
CA SER G 51 -23.71 12.44 -50.52
C SER G 51 -23.35 11.00 -50.17
N TYR G 52 -23.86 10.05 -50.96
CA TYR G 52 -23.59 8.63 -50.75
C TYR G 52 -22.89 7.94 -51.92
N SER G 53 -22.30 8.73 -52.81
CA SER G 53 -21.46 8.15 -53.87
C SER G 53 -20.05 8.72 -53.80
N LEU G 54 -19.43 8.92 -54.95
CA LEU G 54 -18.07 9.45 -54.99
C LEU G 54 -17.84 10.27 -56.25
N VAL G 55 -17.38 11.50 -56.07
CA VAL G 55 -16.96 12.29 -57.22
C VAL G 55 -15.50 11.97 -57.55
N ARG G 56 -15.31 11.34 -58.70
CA ARG G 56 -13.98 10.90 -59.14
C ARG G 56 -13.82 11.18 -60.62
N VAL G 57 -12.72 11.83 -61.01
CA VAL G 57 -12.46 12.14 -62.42
C VAL G 57 -11.43 11.17 -63.01
N LEU G 58 -10.29 11.04 -62.34
CA LEU G 58 -9.17 10.23 -62.82
C LEU G 58 -9.39 8.72 -62.56
N ASP G 59 -9.35 7.92 -63.63
CA ASP G 59 -9.56 6.48 -63.52
C ASP G 59 -8.28 5.71 -63.21
N GLU G 60 -8.34 4.39 -63.29
CA GLU G 60 -7.18 3.52 -63.03
C GLU G 60 -6.00 3.81 -63.95
N GLN G 61 -6.33 4.16 -65.20
CA GLN G 61 -5.33 4.37 -66.23
C GLN G 61 -4.90 5.84 -66.34
N GLY G 62 -5.46 6.69 -65.47
CA GLY G 62 -5.08 8.10 -65.43
C GLY G 62 -5.82 9.00 -66.42
N ASP G 63 -6.92 8.50 -66.97
CA ASP G 63 -7.75 9.29 -67.85
C ASP G 63 -8.91 9.90 -67.09
N ALA G 64 -9.19 11.17 -67.38
CA ALA G 64 -10.28 11.92 -66.78
C ALA G 64 -11.61 11.45 -67.35
N GLN G 65 -12.58 11.19 -66.47
CA GLN G 65 -13.89 10.74 -66.91
C GLN G 65 -15.00 11.64 -66.42
N GLY G 66 -16.09 11.68 -67.18
CA GLY G 66 -17.33 12.31 -66.74
C GLY G 66 -17.34 13.82 -66.64
N PRO G 67 -18.46 14.34 -66.14
CA PRO G 67 -18.74 15.79 -66.15
C PRO G 67 -17.82 16.66 -65.30
N TRP G 68 -17.18 16.11 -64.26
CA TRP G 68 -16.29 16.93 -63.44
C TRP G 68 -14.95 17.17 -64.12
N ALA G 69 -14.82 16.66 -65.33
CA ALA G 69 -13.59 16.84 -66.10
C ALA G 69 -13.55 18.20 -66.82
N GLU G 70 -14.70 18.84 -66.99
CA GLU G 70 -14.80 20.07 -67.81
C GLU G 70 -13.93 21.22 -67.31
N ASP G 71 -13.47 22.04 -68.25
CA ASP G 71 -12.74 23.27 -67.97
C ASP G 71 -11.67 23.11 -66.87
N ILE G 72 -10.61 22.36 -67.18
CA ILE G 72 -9.51 22.19 -66.24
C ILE G 72 -8.22 22.69 -66.88
N ASP G 73 -7.72 23.81 -66.38
CA ASP G 73 -6.47 24.35 -66.92
C ASP G 73 -5.26 23.57 -66.40
N PRO G 74 -4.53 22.94 -67.32
CA PRO G 74 -3.32 22.18 -66.98
C PRO G 74 -2.31 22.97 -66.14
N GLN G 75 -2.24 24.29 -66.35
CA GLN G 75 -1.33 25.11 -65.53
C GLN G 75 -1.67 25.06 -64.04
N ILE G 76 -2.96 24.95 -63.73
CA ILE G 76 -3.39 24.77 -62.34
C ILE G 76 -2.89 23.42 -61.81
N LEU G 77 -3.13 22.37 -62.59
CA LEU G 77 -2.69 21.03 -62.24
C LEU G 77 -1.18 20.98 -61.98
N ARG G 78 -0.42 21.69 -62.82
CA ARG G 78 1.02 21.74 -62.65
C ARG G 78 1.38 22.42 -61.33
N GLN G 79 0.64 23.49 -61.00
CA GLN G 79 0.81 24.17 -59.72
C GLN G 79 0.39 23.28 -58.56
N GLY G 80 -0.62 22.44 -58.80
CA GLY G 80 -1.06 21.46 -57.81
C GLY G 80 0.01 20.42 -57.51
N MET G 81 0.57 19.82 -58.56
CA MET G 81 1.68 18.87 -58.40
C MET G 81 2.83 19.54 -57.67
N ARG G 82 3.18 20.75 -58.12
CA ARG G 82 4.17 21.55 -57.42
C ARG G 82 3.80 21.70 -55.94
N ALA G 83 2.54 22.05 -55.68
CA ALA G 83 2.06 22.18 -54.31
C ALA G 83 2.12 20.87 -53.53
N MET G 84 1.67 19.78 -54.17
CA MET G 84 1.67 18.47 -53.53
C MET G 84 3.09 18.00 -53.19
N LEU G 85 4.03 18.15 -54.11
CA LEU G 85 5.41 17.73 -53.86
C LEU G 85 6.09 18.56 -52.78
N LYS G 86 5.83 19.86 -52.78
CA LYS G 86 6.43 20.76 -51.79
C LYS G 86 5.99 20.39 -50.39
N THR G 87 4.71 20.07 -50.24
CA THR G 87 4.13 19.65 -48.96
C THR G 87 4.80 18.38 -48.46
N ARG G 88 4.85 17.36 -49.32
CA ARG G 88 5.37 16.05 -48.94
C ARG G 88 6.85 16.12 -48.57
N ILE G 89 7.65 16.78 -49.40
CA ILE G 89 9.08 16.94 -49.13
C ILE G 89 9.31 17.73 -47.85
N PHE G 90 8.56 18.82 -47.67
CA PHE G 90 8.59 19.57 -46.41
C PHE G 90 8.27 18.63 -45.25
N ASP G 91 7.16 17.91 -45.35
CA ASP G 91 6.71 17.02 -44.28
C ASP G 91 7.81 16.06 -43.84
N SER G 92 8.35 15.32 -44.82
CA SER G 92 9.43 14.35 -44.62
C SER G 92 10.64 14.96 -43.92
N ARG G 93 11.07 16.12 -44.42
CA ARG G 93 12.24 16.81 -43.88
C ARG G 93 12.04 17.20 -42.43
N MET G 94 10.81 17.56 -42.10
CA MET G 94 10.44 17.96 -40.76
C MET G 94 10.48 16.77 -39.79
N VAL G 95 10.04 15.60 -40.27
CA VAL G 95 10.05 14.38 -39.47
C VAL G 95 11.48 14.05 -39.04
N VAL G 96 12.40 14.10 -39.99
CA VAL G 96 13.82 13.89 -39.70
C VAL G 96 14.24 14.90 -38.63
N ALA G 97 13.91 16.16 -38.85
CA ALA G 97 14.28 17.23 -37.93
C ALA G 97 13.75 16.99 -36.51
N GLN G 98 12.55 16.43 -36.41
CA GLN G 98 11.94 16.12 -35.11
C GLN G 98 12.71 14.98 -34.41
N ARG G 99 13.03 13.95 -35.18
CA ARG G 99 13.87 12.84 -34.74
C ARG G 99 15.21 13.36 -34.23
N GLN G 100 15.77 14.34 -34.94
CA GLN G 100 17.05 14.95 -34.56
C GLN G 100 16.91 16.00 -33.46
N LYS G 101 15.78 15.98 -32.76
CA LYS G 101 15.53 16.83 -31.59
C LYS G 101 15.74 18.32 -31.87
N LYS G 102 15.65 18.68 -33.15
CA LYS G 102 15.74 20.08 -33.56
C LYS G 102 14.39 20.76 -33.34
N MET G 103 13.32 19.99 -33.51
CA MET G 103 11.96 20.45 -33.30
C MET G 103 11.32 19.55 -32.25
N SER G 104 10.36 20.08 -31.51
CA SER G 104 9.74 19.38 -30.40
C SER G 104 8.65 18.40 -30.83
N PHE G 105 7.99 18.67 -31.95
CA PHE G 105 6.78 17.94 -32.33
C PHE G 105 6.46 18.19 -33.80
N TYR G 106 5.88 17.21 -34.47
CA TYR G 106 5.41 17.39 -35.84
C TYR G 106 4.27 16.45 -36.23
N MET G 107 3.44 16.89 -37.17
CA MET G 107 2.36 16.08 -37.72
C MET G 107 2.39 16.10 -39.25
N GLN G 108 2.48 14.93 -39.86
CA GLN G 108 2.51 14.78 -41.31
C GLN G 108 1.12 14.85 -41.93
N SER G 109 1.08 15.05 -43.25
CA SER G 109 -0.15 14.94 -44.02
C SER G 109 0.04 14.03 -45.24
N LEU G 110 0.86 13.00 -45.05
CA LEU G 110 1.15 12.02 -46.09
C LEU G 110 -0.13 11.43 -46.66
N GLY G 111 -0.28 11.52 -47.98
CA GLY G 111 -1.47 10.98 -48.65
C GLY G 111 -2.61 11.97 -48.78
N GLU G 112 -2.54 13.06 -48.02
CA GLU G 112 -3.63 14.03 -47.99
C GLU G 112 -3.27 15.32 -48.71
N GLU G 113 -2.13 15.33 -49.40
CA GLU G 113 -1.58 16.57 -49.97
C GLU G 113 -2.46 17.27 -51.00
N ALA G 114 -3.24 16.50 -51.75
CA ALA G 114 -4.12 17.05 -52.79
C ALA G 114 -5.23 17.94 -52.25
N ILE G 115 -5.91 17.49 -51.20
CA ILE G 115 -7.09 18.18 -50.65
C ILE G 115 -6.83 19.65 -50.33
N GLY G 116 -5.92 19.91 -49.39
CA GLY G 116 -5.65 21.27 -48.95
C GLY G 116 -5.18 22.17 -50.08
N SER G 117 -4.20 21.68 -50.85
CA SER G 117 -3.65 22.41 -51.99
C SER G 117 -4.71 22.58 -53.07
N GLY G 118 -5.50 21.54 -53.27
CA GLY G 118 -6.59 21.57 -54.26
C GLY G 118 -7.55 22.70 -54.03
N GLN G 119 -8.16 22.74 -52.84
CA GLN G 119 -9.11 23.79 -52.52
C GLN G 119 -8.45 25.15 -52.57
N ALA G 120 -7.28 25.27 -51.93
CA ALA G 120 -6.58 26.54 -51.88
C ALA G 120 -6.49 27.21 -53.25
N LEU G 121 -6.17 26.41 -54.28
CA LEU G 121 -6.00 26.93 -55.63
C LEU G 121 -7.32 27.33 -56.30
N ALA G 122 -8.44 26.80 -55.79
CA ALA G 122 -9.75 27.14 -56.34
C ALA G 122 -10.35 28.35 -55.64
N LEU G 123 -9.71 28.78 -54.55
CA LEU G 123 -10.15 29.96 -53.82
C LEU G 123 -9.30 31.15 -54.22
N ASN G 124 -9.72 32.34 -53.79
CA ASN G 124 -8.91 33.53 -53.89
C ASN G 124 -8.12 33.64 -52.58
N ARG G 125 -7.02 34.40 -52.60
CA ARG G 125 -6.18 34.53 -51.42
C ARG G 125 -6.94 35.19 -50.27
N THR G 126 -7.91 36.02 -50.61
CA THR G 126 -8.73 36.70 -49.62
C THR G 126 -9.78 35.81 -48.94
N ASP G 127 -10.10 34.66 -49.54
CA ASP G 127 -11.00 33.69 -48.90
C ASP G 127 -10.28 33.07 -47.71
N MET G 128 -10.78 33.32 -46.50
CA MET G 128 -10.09 32.83 -45.31
C MET G 128 -10.32 31.34 -45.09
N CYS G 129 -9.25 30.62 -44.77
CA CYS G 129 -9.35 29.21 -44.43
C CYS G 129 -9.24 28.99 -42.94
N PHE G 130 -10.04 28.07 -42.41
CA PHE G 130 -9.94 27.67 -41.01
C PHE G 130 -9.51 26.21 -40.97
N PRO G 131 -8.20 25.99 -40.99
CA PRO G 131 -7.68 24.65 -41.11
C PRO G 131 -7.44 23.99 -39.77
N THR G 132 -7.26 22.67 -39.80
CA THR G 132 -6.77 21.94 -38.64
C THR G 132 -5.25 21.97 -38.72
N TYR G 133 -4.62 21.14 -37.91
CA TYR G 133 -3.17 21.03 -37.94
C TYR G 133 -2.66 20.27 -39.18
N ARG G 134 -3.59 19.73 -39.98
CA ARG G 134 -3.23 18.85 -41.10
C ARG G 134 -3.57 19.42 -42.48
N GLN G 135 -3.53 20.75 -42.62
CA GLN G 135 -3.79 21.38 -43.92
C GLN G 135 -2.65 22.29 -44.37
N GLN G 136 -1.43 21.95 -43.98
CA GLN G 136 -0.23 22.67 -44.39
C GLN G 136 -0.08 22.70 -45.91
N SER G 137 -0.82 21.82 -46.58
CA SER G 137 -0.89 21.83 -48.03
C SER G 137 -1.48 23.13 -48.54
N ILE G 138 -2.35 23.76 -47.75
CA ILE G 138 -2.87 25.09 -48.12
C ILE G 138 -1.74 26.12 -48.14
N LEU G 139 -0.96 26.15 -47.06
CA LEU G 139 0.18 27.05 -46.96
C LEU G 139 1.13 26.93 -48.14
N MET G 140 1.39 25.69 -48.56
CA MET G 140 2.27 25.41 -49.69
C MET G 140 1.69 25.97 -51.00
N ALA G 141 0.39 25.77 -51.21
CA ALA G 141 -0.25 26.24 -52.44
C ALA G 141 -0.27 27.76 -52.57
N ARG G 142 -0.19 28.45 -51.44
CA ARG G 142 -0.19 29.90 -51.42
C ARG G 142 1.22 30.45 -51.23
N ASP G 143 2.19 29.56 -51.35
CA ASP G 143 3.61 29.93 -51.33
C ASP G 143 3.96 30.84 -50.15
N VAL G 144 3.74 30.33 -48.94
CA VAL G 144 4.14 31.02 -47.73
C VAL G 144 5.62 30.79 -47.48
N SER G 145 6.28 31.71 -46.80
CA SER G 145 7.70 31.58 -46.47
C SER G 145 7.98 30.29 -45.71
N LEU G 146 8.83 29.46 -46.30
CA LEU G 146 9.29 28.24 -45.64
C LEU G 146 10.09 28.57 -44.38
N VAL G 147 10.93 29.60 -44.46
CA VAL G 147 11.78 30.01 -43.35
C VAL G 147 10.94 30.35 -42.13
N GLU G 148 9.88 31.11 -42.36
CA GLU G 148 9.00 31.53 -41.29
C GLU G 148 8.21 30.35 -40.74
N MET G 149 7.77 29.46 -41.63
CA MET G 149 7.07 28.25 -41.21
C MET G 149 7.97 27.43 -40.28
N ILE G 150 9.21 27.20 -40.69
CA ILE G 150 10.16 26.42 -39.90
C ILE G 150 10.53 27.11 -38.58
N CYS G 151 10.65 28.45 -38.61
CA CYS G 151 10.97 29.19 -37.39
C CYS G 151 9.91 28.99 -36.31
N GLN G 152 8.65 28.93 -36.73
CA GLN G 152 7.56 28.61 -35.82
C GLN G 152 7.77 27.20 -35.29
N LEU G 153 8.13 26.29 -36.20
CA LEU G 153 8.37 24.89 -35.83
C LEU G 153 9.46 24.74 -34.77
N LEU G 154 10.47 25.61 -34.85
CA LEU G 154 11.58 25.56 -33.91
C LEU G 154 11.35 26.40 -32.66
N SER G 155 10.35 27.28 -32.70
CA SER G 155 10.12 28.28 -31.65
C SER G 155 11.36 29.16 -31.45
N ASN G 156 11.84 29.69 -32.57
CA ASN G 156 13.01 30.55 -32.65
C ASN G 156 12.91 31.91 -32.02
N GLU G 157 14.03 32.63 -32.11
CA GLU G 157 14.07 34.07 -31.97
C GLU G 157 13.33 34.70 -33.14
N ARG G 158 13.21 33.96 -34.24
CA ARG G 158 12.52 34.44 -35.45
C ARG G 158 11.09 33.93 -35.53
N ASP G 159 10.63 33.22 -34.51
CA ASP G 159 9.26 32.71 -34.47
C ASP G 159 8.27 33.86 -34.55
N PRO G 160 7.42 33.83 -35.59
CA PRO G 160 6.39 34.84 -35.75
C PRO G 160 5.39 34.85 -34.60
N LEU G 161 5.17 33.69 -33.98
CA LEU G 161 4.26 33.57 -32.85
C LEU G 161 5.01 33.67 -31.52
N LYS G 162 6.29 34.04 -31.60
CA LYS G 162 7.13 34.30 -30.43
C LYS G 162 7.13 33.12 -29.44
N GLY G 163 7.13 31.92 -30.01
CA GLY G 163 7.23 30.68 -29.25
C GLY G 163 6.06 30.38 -28.33
N ARG G 164 4.96 31.10 -28.48
CA ARG G 164 3.82 30.97 -27.59
C ARG G 164 3.01 29.71 -27.88
N GLN G 165 3.33 29.03 -28.97
CA GLN G 165 2.45 28.01 -29.48
C GLN G 165 3.24 26.76 -29.87
N LEU G 166 2.60 25.60 -29.76
CA LEU G 166 3.21 24.31 -30.10
C LEU G 166 3.50 24.25 -31.60
N PRO G 167 4.59 23.58 -32.00
CA PRO G 167 4.93 23.41 -33.42
C PRO G 167 3.72 23.01 -34.25
N ILE G 168 3.62 23.59 -35.45
CA ILE G 168 2.53 23.36 -36.44
C ILE G 168 1.23 24.09 -36.16
N MET G 169 1.06 24.62 -34.96
CA MET G 169 -0.09 25.48 -34.69
C MET G 169 0.14 26.83 -35.39
N TYR G 170 0.18 26.79 -36.73
CA TYR G 170 0.55 27.94 -37.55
C TYR G 170 -0.45 29.09 -37.45
N SER G 171 -0.09 30.26 -37.96
CA SER G 171 -0.97 31.42 -38.03
C SER G 171 -0.50 32.39 -39.10
N VAL G 172 -1.20 32.38 -40.24
CA VAL G 172 -0.79 33.20 -41.38
C VAL G 172 -1.99 33.95 -41.97
N ARG G 173 -2.29 35.10 -41.39
CA ARG G 173 -3.42 35.92 -41.83
C ARG G 173 -3.27 36.39 -43.28
N GLU G 174 -2.05 36.80 -43.63
CA GLU G 174 -1.73 37.28 -44.97
C GLU G 174 -1.98 36.22 -46.03
N ALA G 175 -1.94 34.96 -45.64
CA ALA G 175 -2.16 33.87 -46.60
C ALA G 175 -3.55 33.27 -46.50
N GLY G 176 -4.45 33.95 -45.79
CA GLY G 176 -5.82 33.47 -45.59
C GLY G 176 -5.87 32.16 -44.81
N PHE G 177 -4.98 32.05 -43.83
CA PHE G 177 -4.77 30.85 -43.03
C PHE G 177 -4.94 31.20 -41.55
N PHE G 178 -6.12 30.90 -41.00
CA PHE G 178 -6.49 31.28 -39.64
C PHE G 178 -5.68 30.54 -38.58
N THR G 179 -5.35 31.23 -37.49
CA THR G 179 -4.58 30.66 -36.38
C THR G 179 -5.16 29.31 -35.92
N ILE G 180 -4.32 28.27 -35.94
CA ILE G 180 -4.76 26.93 -35.56
C ILE G 180 -4.80 26.78 -34.05
N SER G 181 -5.84 26.11 -33.56
CA SER G 181 -5.99 25.88 -32.15
C SER G 181 -5.73 24.40 -31.84
N GLY G 182 -5.20 24.14 -30.65
CA GLY G 182 -5.09 22.77 -30.17
C GLY G 182 -6.46 22.11 -30.07
N ASN G 183 -7.44 22.89 -29.61
CA ASN G 183 -8.80 22.39 -29.43
C ASN G 183 -9.49 22.08 -30.76
N LEU G 184 -9.85 20.80 -30.92
CA LEU G 184 -10.48 20.30 -32.14
C LEU G 184 -11.84 20.91 -32.38
N ALA G 185 -12.20 21.00 -33.66
CA ALA G 185 -13.54 21.42 -34.11
C ALA G 185 -13.89 22.90 -33.98
N THR G 186 -13.35 23.58 -32.96
CA THR G 186 -13.73 24.98 -32.68
C THR G 186 -13.71 25.87 -33.92
N GLN G 187 -12.77 25.60 -34.81
CA GLN G 187 -12.59 26.40 -36.02
C GLN G 187 -13.73 26.23 -37.02
N PHE G 188 -14.36 25.07 -37.03
CA PHE G 188 -15.42 24.78 -38.00
C PHE G 188 -16.59 25.74 -37.81
N VAL G 189 -16.92 26.03 -36.56
CA VAL G 189 -17.98 26.99 -36.26
C VAL G 189 -17.54 28.42 -36.57
N GLN G 190 -16.35 28.78 -36.09
CA GLN G 190 -15.78 30.12 -36.27
C GLN G 190 -15.68 30.50 -37.74
N ALA G 191 -15.52 29.49 -38.58
CA ALA G 191 -15.50 29.69 -40.03
C ALA G 191 -16.86 30.18 -40.52
N VAL G 192 -17.93 29.60 -40.00
CA VAL G 192 -19.28 30.06 -40.36
C VAL G 192 -19.44 31.51 -39.93
N GLY G 193 -18.94 31.82 -38.73
CA GLY G 193 -18.96 33.18 -38.21
C GLY G 193 -18.31 34.15 -39.17
N TRP G 194 -17.08 33.87 -39.55
CA TRP G 194 -16.37 34.67 -40.55
C TRP G 194 -17.19 34.87 -41.82
N ALA G 195 -17.82 33.80 -42.32
CA ALA G 195 -18.68 33.89 -43.50
C ALA G 195 -19.89 34.80 -43.24
N MET G 196 -20.50 34.61 -42.08
CA MET G 196 -21.62 35.43 -41.63
C MET G 196 -21.22 36.90 -41.68
N ALA G 197 -20.04 37.22 -41.17
CA ALA G 197 -19.53 38.59 -41.20
C ALA G 197 -19.45 39.10 -42.63
N SER G 198 -18.80 38.30 -43.49
CA SER G 198 -18.68 38.64 -44.90
C SER G 198 -20.05 38.94 -45.49
N ALA G 199 -21.02 38.08 -45.19
CA ALA G 199 -22.38 38.27 -45.66
C ALA G 199 -23.02 39.54 -45.07
N ILE G 200 -22.75 39.81 -43.79
CA ILE G 200 -23.33 40.97 -43.11
C ILE G 200 -22.81 42.27 -43.70
N LYS G 201 -21.54 42.27 -44.11
CA LYS G 201 -20.91 43.47 -44.66
C LYS G 201 -21.09 43.60 -46.17
N GLY G 202 -21.92 42.73 -46.75
CA GLY G 202 -22.13 42.72 -48.20
C GLY G 202 -20.84 42.55 -48.97
N ASP G 203 -19.94 41.74 -48.42
CA ASP G 203 -18.64 41.46 -49.02
C ASP G 203 -18.81 40.37 -50.07
N THR G 204 -17.70 39.93 -50.66
CA THR G 204 -17.71 38.79 -51.60
C THR G 204 -16.70 37.72 -51.21
N LYS G 205 -16.12 37.87 -50.03
CA LYS G 205 -15.17 36.90 -49.51
C LYS G 205 -15.93 35.70 -48.93
N ILE G 206 -15.33 34.51 -49.02
CA ILE G 206 -15.95 33.31 -48.42
C ILE G 206 -14.98 32.62 -47.46
N ALA G 207 -15.52 31.72 -46.64
CA ALA G 207 -14.71 30.97 -45.68
C ALA G 207 -14.58 29.51 -46.10
N SER G 208 -13.40 28.95 -45.83
CA SER G 208 -13.09 27.55 -46.09
C SER G 208 -12.84 26.85 -44.76
N ALA G 209 -13.79 26.02 -44.35
CA ALA G 209 -13.73 25.35 -43.05
C ALA G 209 -13.17 23.94 -43.17
N TRP G 210 -12.40 23.52 -42.17
CA TRP G 210 -11.76 22.19 -42.18
C TRP G 210 -11.95 21.42 -40.87
N ILE G 211 -12.17 20.12 -41.00
CA ILE G 211 -12.35 19.24 -39.87
C ILE G 211 -12.05 17.80 -40.28
N GLY G 212 -11.49 17.02 -39.36
CA GLY G 212 -11.19 15.61 -39.63
C GLY G 212 -12.38 14.73 -39.31
N ASP G 213 -12.30 13.48 -39.73
CA ASP G 213 -13.36 12.49 -39.52
C ASP G 213 -13.74 12.36 -38.06
N GLY G 214 -12.72 12.30 -37.19
CA GLY G 214 -12.94 12.12 -35.76
C GLY G 214 -13.53 13.35 -35.09
N ALA G 215 -13.16 14.52 -35.58
CA ALA G 215 -13.60 15.77 -34.97
C ALA G 215 -15.04 16.13 -35.30
N THR G 216 -15.64 15.43 -36.25
CA THR G 216 -17.05 15.65 -36.57
C THR G 216 -17.93 15.26 -35.40
N ALA G 217 -17.45 14.32 -34.58
CA ALA G 217 -18.20 13.86 -33.40
C ALA G 217 -18.30 14.95 -32.34
N GLU G 218 -17.37 15.89 -32.38
CA GLU G 218 -17.34 17.00 -31.44
C GLU G 218 -18.52 17.92 -31.72
N SER G 219 -19.01 18.60 -30.68
CA SER G 219 -20.25 19.35 -30.75
C SER G 219 -20.23 20.52 -31.74
N ASP G 220 -19.08 21.18 -31.85
CA ASP G 220 -18.93 22.33 -32.74
C ASP G 220 -19.21 22.00 -34.20
N PHE G 221 -18.91 20.76 -34.62
CA PHE G 221 -19.24 20.32 -35.98
C PHE G 221 -20.71 20.55 -36.25
N HIS G 222 -21.54 20.06 -35.34
CA HIS G 222 -22.98 20.20 -35.44
C HIS G 222 -23.42 21.65 -35.41
N THR G 223 -22.90 22.37 -34.42
CA THR G 223 -23.14 23.78 -34.32
C THR G 223 -22.88 24.45 -35.66
N ALA G 224 -21.74 24.11 -36.27
CA ALA G 224 -21.33 24.70 -37.53
C ALA G 224 -22.35 24.50 -38.63
N LEU G 225 -22.76 23.25 -38.86
CA LEU G 225 -23.72 22.94 -39.92
C LEU G 225 -25.05 23.65 -39.70
N THR G 226 -25.50 23.68 -38.45
CA THR G 226 -26.76 24.35 -38.12
C THR G 226 -26.71 25.82 -38.51
N PHE G 227 -25.75 26.55 -37.96
CA PHE G 227 -25.65 27.98 -38.25
C PHE G 227 -25.45 28.24 -39.73
N ALA G 228 -24.61 27.42 -40.37
CA ALA G 228 -24.35 27.56 -41.81
C ALA G 228 -25.65 27.43 -42.61
N HIS G 229 -26.55 26.58 -42.14
CA HIS G 229 -27.81 26.39 -42.83
C HIS G 229 -28.79 27.54 -42.58
N VAL G 230 -29.07 27.78 -41.30
CA VAL G 230 -30.01 28.83 -40.88
C VAL G 230 -29.71 30.13 -41.59
N TYR G 231 -28.47 30.57 -41.52
CA TYR G 231 -28.10 31.86 -42.04
C TYR G 231 -27.67 31.82 -43.50
N ARG G 232 -27.67 30.61 -44.08
CA ARG G 232 -27.30 30.43 -45.48
C ARG G 232 -25.94 31.11 -45.72
N ALA G 233 -25.00 30.82 -44.83
CA ALA G 233 -23.69 31.46 -44.80
C ALA G 233 -22.79 30.98 -45.95
N PRO G 234 -21.99 31.87 -46.52
CA PRO G 234 -21.05 31.52 -47.59
C PRO G 234 -19.79 30.81 -47.08
N VAL G 235 -19.92 29.56 -46.67
CA VAL G 235 -18.78 28.75 -46.22
C VAL G 235 -18.71 27.45 -46.99
N ILE G 236 -17.49 27.01 -47.31
CA ILE G 236 -17.27 25.63 -47.72
C ILE G 236 -16.90 24.82 -46.49
N LEU G 237 -17.77 23.88 -46.12
CA LEU G 237 -17.54 23.03 -44.96
C LEU G 237 -16.88 21.73 -45.40
N ASN G 238 -15.60 21.58 -45.12
CA ASN G 238 -14.84 20.41 -45.56
C ASN G 238 -14.62 19.39 -44.46
N VAL G 239 -14.92 18.14 -44.75
CA VAL G 239 -14.63 17.05 -43.84
C VAL G 239 -13.57 16.16 -44.48
N VAL G 240 -12.38 16.15 -43.89
CA VAL G 240 -11.32 15.28 -44.38
C VAL G 240 -11.46 13.94 -43.68
N ASN G 241 -12.03 12.97 -44.38
CA ASN G 241 -12.15 11.62 -43.86
C ASN G 241 -10.95 10.78 -44.26
N ASN G 242 -9.95 10.74 -43.39
CA ASN G 242 -8.77 9.92 -43.62
C ASN G 242 -8.87 8.57 -42.92
N GLN G 243 -10.11 8.17 -42.63
CA GLN G 243 -10.43 6.88 -42.02
C GLN G 243 -9.95 6.73 -40.58
N TRP G 244 -9.14 7.66 -40.09
CA TRP G 244 -8.57 7.53 -38.75
C TRP G 244 -8.50 8.81 -37.93
N ALA G 245 -8.49 8.59 -36.62
CA ALA G 245 -8.37 9.64 -35.60
C ALA G 245 -7.50 9.07 -34.48
N ILE G 246 -6.20 9.35 -34.57
CA ILE G 246 -5.17 8.66 -33.78
C ILE G 246 -5.29 7.15 -34.00
N SER G 247 -5.91 6.44 -33.06
CA SER G 247 -6.04 4.99 -33.21
C SER G 247 -7.48 4.57 -33.46
N THR G 248 -8.35 5.56 -33.60
CA THR G 248 -9.78 5.28 -33.70
C THR G 248 -10.25 5.33 -35.14
N PHE G 249 -10.75 4.18 -35.60
CA PHE G 249 -11.28 4.01 -36.94
C PHE G 249 -12.59 4.78 -37.10
N GLN G 250 -12.80 5.34 -38.29
CA GLN G 250 -13.92 6.27 -38.53
C GLN G 250 -15.31 5.69 -38.25
N ALA G 251 -15.41 4.36 -38.11
CA ALA G 251 -16.68 3.75 -37.70
C ALA G 251 -17.07 4.15 -36.28
N ILE G 252 -16.07 4.37 -35.41
CA ILE G 252 -16.35 4.86 -34.07
C ILE G 252 -16.66 6.35 -34.08
N ALA G 253 -16.43 7.01 -35.22
CA ALA G 253 -16.85 8.40 -35.38
C ALA G 253 -18.31 8.51 -35.83
N GLY G 254 -18.93 7.35 -36.10
CA GLY G 254 -20.30 7.32 -36.58
C GLY G 254 -20.34 7.11 -38.07
N GLY G 255 -19.23 6.63 -38.62
CA GLY G 255 -19.11 6.41 -40.06
C GLY G 255 -19.73 5.11 -40.52
N GLU G 256 -20.00 4.21 -39.58
CA GLU G 256 -20.53 2.89 -39.91
C GLU G 256 -21.86 2.99 -40.66
N SER G 257 -21.91 2.35 -41.81
CA SER G 257 -23.09 2.32 -42.69
C SER G 257 -23.57 3.69 -43.18
N THR G 258 -22.79 4.73 -42.91
CA THR G 258 -23.16 6.10 -43.30
C THR G 258 -21.99 6.83 -43.93
N THR G 259 -22.23 8.08 -44.32
CA THR G 259 -21.18 8.97 -44.83
C THR G 259 -21.26 10.30 -44.10
N PHE G 260 -20.15 11.02 -44.04
CA PHE G 260 -20.14 12.32 -43.37
C PHE G 260 -20.82 13.39 -44.22
N ALA G 261 -20.69 13.26 -45.54
CA ALA G 261 -21.47 14.07 -46.47
C ALA G 261 -22.95 13.95 -46.17
N GLY G 262 -23.39 12.76 -45.76
CA GLY G 262 -24.78 12.51 -45.44
C GLY G 262 -25.31 13.46 -44.39
N ARG G 263 -24.47 13.79 -43.41
CA ARG G 263 -24.88 14.67 -42.33
C ARG G 263 -25.24 16.05 -42.83
N GLY G 264 -24.58 16.50 -43.89
CA GLY G 264 -24.84 17.80 -44.50
C GLY G 264 -26.24 17.91 -45.08
N VAL G 265 -26.60 16.93 -45.93
CA VAL G 265 -27.95 16.83 -46.48
C VAL G 265 -28.95 16.88 -45.36
N GLY G 266 -28.64 16.16 -44.27
CA GLY G 266 -29.49 16.08 -43.09
C GLY G 266 -29.76 17.44 -42.47
N CYS G 267 -28.76 18.30 -42.45
CA CYS G 267 -28.96 19.65 -41.94
C CYS G 267 -29.33 20.63 -43.06
N GLY G 268 -29.80 20.09 -44.19
CA GLY G 268 -30.19 20.94 -45.32
C GLY G 268 -29.06 21.69 -45.99
N ILE G 269 -27.91 21.04 -46.12
CA ILE G 269 -26.77 21.63 -46.82
C ILE G 269 -26.38 20.77 -48.03
N ALA G 270 -26.23 21.42 -49.20
CA ALA G 270 -25.79 20.71 -50.41
C ALA G 270 -24.46 20.01 -50.14
N SER G 271 -24.41 18.72 -50.43
CA SER G 271 -23.29 17.91 -49.98
C SER G 271 -22.70 17.03 -51.07
N LEU G 272 -21.38 16.95 -51.08
CA LEU G 272 -20.65 16.16 -52.06
C LEU G 272 -19.71 15.21 -51.32
N ARG G 273 -19.50 14.04 -51.89
CA ARG G 273 -18.50 13.09 -51.39
C ARG G 273 -17.49 12.88 -52.50
N VAL G 274 -16.23 13.25 -52.26
CA VAL G 274 -15.25 13.33 -53.34
C VAL G 274 -13.99 12.52 -53.05
N ASP G 275 -13.46 11.91 -54.11
CA ASP G 275 -12.17 11.24 -54.06
C ASP G 275 -11.11 12.25 -53.63
N GLY G 276 -10.67 12.13 -52.38
CA GLY G 276 -9.68 13.04 -51.80
C GLY G 276 -8.30 12.99 -52.41
N ASN G 277 -8.00 11.91 -53.14
CA ASN G 277 -6.70 11.74 -53.77
C ASN G 277 -6.75 11.92 -55.29
N ASP G 278 -7.87 12.48 -55.77
CA ASP G 278 -8.00 12.86 -57.17
C ASP G 278 -7.95 14.38 -57.27
N PHE G 279 -6.75 14.91 -57.54
CA PHE G 279 -6.55 16.36 -57.53
C PHE G 279 -7.50 17.08 -58.47
N VAL G 280 -7.68 16.54 -59.66
CA VAL G 280 -8.62 17.09 -60.63
C VAL G 280 -10.00 17.19 -60.00
N ALA G 281 -10.47 16.10 -59.40
CA ALA G 281 -11.75 16.12 -58.70
C ALA G 281 -11.71 17.05 -57.49
N VAL G 282 -10.59 17.07 -56.77
CA VAL G 282 -10.46 17.98 -55.62
C VAL G 282 -10.64 19.41 -56.07
N TYR G 283 -9.90 19.82 -57.10
CA TYR G 283 -10.03 21.16 -57.65
C TYR G 283 -11.44 21.40 -58.16
N ALA G 284 -11.94 20.47 -58.98
CA ALA G 284 -13.25 20.63 -59.58
C ALA G 284 -14.35 20.91 -58.54
N ALA G 285 -14.45 20.02 -57.55
CA ALA G 285 -15.48 20.13 -56.52
C ALA G 285 -15.32 21.37 -55.65
N SER G 286 -14.09 21.68 -55.24
CA SER G 286 -13.83 22.88 -54.47
C SER G 286 -14.28 24.11 -55.25
N ARG G 287 -13.89 24.19 -56.53
CA ARG G 287 -14.28 25.29 -57.40
C ARG G 287 -15.80 25.46 -57.44
N TRP G 288 -16.49 24.33 -57.59
CA TRP G 288 -17.95 24.31 -57.61
C TRP G 288 -18.50 24.84 -56.28
N ALA G 289 -17.94 24.36 -55.17
CA ALA G 289 -18.35 24.78 -53.84
C ALA G 289 -18.18 26.28 -53.63
N ALA G 290 -17.03 26.80 -54.07
CA ALA G 290 -16.73 28.23 -53.93
C ALA G 290 -17.69 29.08 -54.75
N GLU G 291 -18.04 28.62 -55.95
CA GLU G 291 -18.98 29.34 -56.80
C GLU G 291 -20.34 29.44 -56.12
N ARG G 292 -20.84 28.31 -55.64
CA ARG G 292 -22.11 28.26 -54.92
C ARG G 292 -22.11 29.29 -53.80
N ALA G 293 -21.05 29.28 -53.00
CA ALA G 293 -20.90 30.20 -51.88
C ALA G 293 -20.87 31.65 -52.34
N ARG G 294 -19.98 31.95 -53.30
CA ARG G 294 -19.75 33.33 -53.73
C ARG G 294 -20.95 33.96 -54.45
N ARG G 295 -21.77 33.12 -55.10
CA ARG G 295 -22.99 33.59 -55.73
C ARG G 295 -24.10 33.80 -54.71
N GLY G 296 -23.84 33.46 -53.46
CA GLY G 296 -24.84 33.56 -52.40
C GLY G 296 -25.93 32.50 -52.46
N LEU G 297 -25.59 31.37 -53.08
CA LEU G 297 -26.53 30.25 -53.15
C LEU G 297 -26.50 29.39 -51.88
N GLY G 298 -25.48 29.60 -51.04
CA GLY G 298 -25.43 28.92 -49.75
C GLY G 298 -24.15 28.14 -49.49
N PRO G 299 -24.05 27.53 -48.31
CA PRO G 299 -22.88 26.75 -47.93
C PRO G 299 -22.85 25.41 -48.62
N SER G 300 -21.69 24.76 -48.57
CA SER G 300 -21.51 23.43 -49.13
C SER G 300 -20.81 22.57 -48.10
N LEU G 301 -21.12 21.27 -48.11
CA LEU G 301 -20.37 20.30 -47.34
C LEU G 301 -19.74 19.29 -48.28
N ILE G 302 -18.42 19.17 -48.18
CA ILE G 302 -17.73 18.14 -48.93
C ILE G 302 -17.04 17.21 -47.96
N GLU G 303 -17.30 15.92 -48.09
CA GLU G 303 -16.54 14.90 -47.39
C GLU G 303 -15.46 14.46 -48.35
N TRP G 304 -14.20 14.62 -47.96
CA TRP G 304 -13.10 14.13 -48.78
C TRP G 304 -12.67 12.74 -48.30
N VAL G 305 -12.89 11.74 -49.14
CA VAL G 305 -12.50 10.37 -48.83
C VAL G 305 -11.03 10.19 -49.14
N THR G 306 -10.23 9.95 -48.12
CA THR G 306 -8.80 9.77 -48.31
C THR G 306 -8.26 8.79 -47.25
N TYR G 307 -6.94 8.62 -47.22
CA TYR G 307 -6.33 7.76 -46.21
C TYR G 307 -5.18 8.48 -45.48
N ARG G 308 -5.12 8.32 -44.16
CA ARG G 308 -4.02 8.89 -43.38
C ARG G 308 -2.81 7.97 -43.43
N ALA G 309 -1.98 8.20 -44.44
CA ALA G 309 -0.86 7.32 -44.80
C ALA G 309 0.20 7.18 -43.70
N GLY G 310 0.60 8.30 -43.13
CA GLY G 310 1.63 8.27 -42.10
C GLY G 310 1.07 8.16 -40.70
N PRO G 311 1.96 8.30 -39.72
CA PRO G 311 1.57 8.28 -38.31
C PRO G 311 0.64 9.44 -38.01
N HIS G 312 -0.10 9.33 -36.92
CA HIS G 312 -0.92 10.43 -36.48
C HIS G 312 -0.04 11.62 -36.17
N SER G 313 1.11 11.35 -35.57
CA SER G 313 2.10 12.36 -35.25
C SER G 313 3.41 11.69 -34.94
N THR G 314 4.45 12.48 -34.70
CA THR G 314 5.76 11.92 -34.38
C THR G 314 5.76 11.13 -33.06
N SER G 315 4.71 11.30 -32.25
CA SER G 315 4.57 10.55 -31.01
C SER G 315 3.87 9.21 -31.23
N ASP G 316 3.09 9.12 -32.30
CA ASP G 316 2.22 7.98 -32.53
C ASP G 316 2.90 6.88 -33.34
N ASP G 317 2.34 5.67 -33.24
CA ASP G 317 2.89 4.50 -33.90
C ASP G 317 1.72 3.65 -34.40
N PRO G 318 1.43 3.75 -35.70
CA PRO G 318 0.26 3.09 -36.29
C PRO G 318 0.35 1.57 -36.27
N SER G 319 1.58 1.07 -36.11
CA SER G 319 1.84 -0.36 -36.09
C SER G 319 1.13 -1.04 -34.93
N LYS G 320 0.76 -0.26 -33.92
CA LYS G 320 0.13 -0.82 -32.74
C LYS G 320 -1.38 -1.02 -32.88
N TYR G 321 -2.00 -0.45 -33.91
CA TYR G 321 -3.47 -0.56 -34.03
C TYR G 321 -4.05 -0.83 -35.43
N ARG G 322 -3.19 -0.82 -36.45
CA ARG G 322 -3.64 -1.07 -37.82
C ARG G 322 -2.53 -1.69 -38.66
N PRO G 323 -2.91 -2.37 -39.75
CA PRO G 323 -1.95 -2.96 -40.69
C PRO G 323 -0.90 -1.97 -41.18
N ALA G 324 0.35 -2.42 -41.20
CA ALA G 324 1.46 -1.58 -41.66
C ALA G 324 1.45 -1.39 -43.19
N ASP G 325 0.62 -2.17 -43.86
CA ASP G 325 0.61 -2.26 -45.31
C ASP G 325 -0.62 -1.61 -45.94
N ASP G 326 -1.48 -1.05 -45.09
CA ASP G 326 -2.77 -0.49 -45.51
C ASP G 326 -2.74 0.42 -46.73
N TRP G 327 -1.83 1.40 -46.76
CA TRP G 327 -1.83 2.39 -47.84
C TRP G 327 -1.68 1.77 -49.24
N SER G 328 -0.94 0.67 -49.33
CA SER G 328 -0.75 -0.08 -50.57
C SER G 328 -2.07 -0.58 -51.17
N HIS G 329 -3.00 -0.99 -50.30
CA HIS G 329 -4.31 -1.50 -50.72
C HIS G 329 -5.34 -0.42 -50.94
N PHE G 330 -5.21 0.70 -50.21
CA PHE G 330 -6.21 1.76 -50.28
C PHE G 330 -6.58 2.07 -51.72
N PRO G 331 -7.85 1.85 -52.05
CA PRO G 331 -8.29 1.85 -53.45
C PRO G 331 -8.15 3.19 -54.17
N LEU G 332 -7.83 4.25 -53.42
CA LEU G 332 -7.68 5.55 -54.05
C LEU G 332 -6.22 5.98 -54.21
N GLY G 333 -5.29 5.09 -53.87
CA GLY G 333 -3.86 5.28 -54.17
C GLY G 333 -3.19 6.54 -53.64
N ASP G 334 -2.17 7.01 -54.35
CA ASP G 334 -1.41 8.19 -53.96
C ASP G 334 -1.81 9.38 -54.85
N PRO G 335 -2.24 10.47 -54.22
CA PRO G 335 -2.61 11.67 -54.95
C PRO G 335 -1.50 12.15 -55.88
N ILE G 336 -0.27 12.17 -55.38
CA ILE G 336 0.87 12.57 -56.20
C ILE G 336 1.04 11.63 -57.38
N ALA G 337 1.09 10.33 -57.12
CA ALA G 337 1.26 9.35 -58.20
C ALA G 337 0.18 9.46 -59.27
N ARG G 338 -1.07 9.63 -58.84
CA ARG G 338 -2.20 9.62 -59.75
C ARG G 338 -2.23 10.82 -60.67
N LEU G 339 -1.94 11.99 -60.11
CA LEU G 339 -1.86 13.21 -60.89
C LEU G 339 -0.63 13.12 -61.79
N LYS G 340 0.44 12.51 -61.29
CA LYS G 340 1.65 12.32 -62.09
C LYS G 340 1.32 11.53 -63.35
N GLN G 341 0.63 10.40 -63.17
CA GLN G 341 0.25 9.56 -64.29
C GLN G 341 -0.58 10.33 -65.31
N HIS G 342 -1.59 11.03 -64.83
CA HIS G 342 -2.51 11.76 -65.69
C HIS G 342 -1.82 12.93 -66.39
N LEU G 343 -1.04 13.68 -65.62
CA LEU G 343 -0.43 14.88 -66.13
C LEU G 343 0.61 14.55 -67.20
N ILE G 344 1.29 13.41 -67.03
CA ILE G 344 2.18 12.91 -68.07
C ILE G 344 1.36 12.47 -69.27
N LYS G 345 0.28 11.75 -69.02
CA LYS G 345 -0.51 11.17 -70.11
C LYS G 345 -1.07 12.24 -71.05
N ILE G 346 -1.37 13.43 -70.54
CA ILE G 346 -1.90 14.49 -71.41
C ILE G 346 -0.82 15.43 -71.96
N GLY G 347 0.42 15.20 -71.57
CA GLY G 347 1.55 15.98 -72.09
C GLY G 347 1.80 17.32 -71.41
N HIS G 348 1.85 17.30 -70.08
CA HIS G 348 2.13 18.52 -69.29
C HIS G 348 3.01 18.26 -68.09
N TRP G 349 3.68 17.13 -68.11
CA TRP G 349 4.57 16.72 -67.04
C TRP G 349 5.42 15.60 -67.63
N SER G 350 6.59 15.39 -67.05
CA SER G 350 7.46 14.32 -67.49
C SER G 350 8.21 13.80 -66.30
N GLU G 351 8.83 12.62 -66.45
CA GLU G 351 9.74 12.13 -65.41
C GLU G 351 10.85 13.15 -65.14
N GLU G 352 11.11 14.00 -66.12
CA GLU G 352 12.17 15.00 -66.01
C GLU G 352 11.76 16.11 -65.06
N GLU G 353 10.59 16.71 -65.28
CA GLU G 353 10.11 17.78 -64.40
C GLU G 353 9.90 17.28 -63.00
N HIS G 354 9.31 16.09 -62.89
CA HIS G 354 9.11 15.43 -61.62
C HIS G 354 10.39 15.34 -60.81
N GLN G 355 11.42 14.73 -61.40
CA GLN G 355 12.72 14.63 -60.75
C GLN G 355 13.34 15.99 -60.43
N ALA G 356 13.28 16.91 -61.39
CA ALA G 356 13.81 18.26 -61.22
C ALA G 356 13.04 19.05 -60.16
N THR G 357 11.71 18.97 -60.21
CA THR G 357 10.84 19.64 -59.24
C THR G 357 11.12 19.08 -57.86
N THR G 358 11.21 17.75 -57.77
CA THR G 358 11.57 17.09 -56.53
C THR G 358 12.88 17.66 -56.02
N ALA G 359 13.86 17.73 -56.92
CA ALA G 359 15.17 18.23 -56.58
C ALA G 359 15.13 19.68 -56.08
N GLU G 360 14.34 20.53 -56.74
CA GLU G 360 14.35 21.94 -56.37
C GLU G 360 13.78 22.19 -54.97
N PHE G 361 12.76 21.42 -54.59
CA PHE G 361 12.14 21.54 -53.29
C PHE G 361 13.03 21.03 -52.17
N GLU G 362 13.76 19.95 -52.46
CA GLU G 362 14.71 19.39 -51.51
C GLU G 362 15.74 20.46 -51.13
N ALA G 363 16.29 21.12 -52.16
CA ALA G 363 17.23 22.21 -51.95
C ALA G 363 16.55 23.38 -51.24
N ALA G 364 15.31 23.67 -51.67
CA ALA G 364 14.54 24.75 -51.07
C ALA G 364 14.30 24.54 -49.58
N VAL G 365 13.83 23.35 -49.21
CA VAL G 365 13.55 23.03 -47.81
C VAL G 365 14.84 22.96 -46.99
N ILE G 366 15.90 22.41 -47.59
CA ILE G 366 17.18 22.28 -46.89
C ILE G 366 17.79 23.65 -46.60
N ALA G 367 17.69 24.55 -47.58
CA ALA G 367 18.23 25.91 -47.44
C ALA G 367 17.46 26.66 -46.39
N ALA G 368 16.13 26.61 -46.50
CA ALA G 368 15.23 27.23 -45.54
C ALA G 368 15.51 26.76 -44.13
N GLN G 369 15.68 25.44 -43.97
CA GLN G 369 15.96 24.87 -42.66
C GLN G 369 17.29 25.37 -42.11
N LYS G 370 18.29 25.52 -42.98
CA LYS G 370 19.55 26.14 -42.59
C LYS G 370 19.32 27.60 -42.21
N GLU G 371 18.55 28.30 -43.06
CA GLU G 371 18.25 29.71 -42.86
C GLU G 371 17.55 29.90 -41.52
N ALA G 372 16.57 29.03 -41.23
CA ALA G 372 15.81 29.09 -39.99
C ALA G 372 16.63 28.72 -38.76
N GLU G 373 17.41 27.64 -38.85
CA GLU G 373 18.23 27.18 -37.72
C GLU G 373 19.23 28.22 -37.20
N GLN G 374 19.65 29.14 -38.08
CA GLN G 374 20.54 30.25 -37.72
C GLN G 374 20.03 31.00 -36.49
N TYR G 375 18.71 31.02 -36.34
CA TYR G 375 18.05 31.83 -35.33
C TYR G 375 17.69 31.06 -34.08
N GLY G 376 18.22 29.85 -33.96
CA GLY G 376 17.99 29.05 -32.77
C GLY G 376 17.36 27.72 -33.06
N THR G 377 17.32 26.88 -32.03
CA THR G 377 16.85 25.51 -32.12
C THR G 377 16.37 25.16 -30.73
N LEU G 378 16.18 23.87 -30.46
CA LEU G 378 15.93 23.38 -29.10
C LEU G 378 17.19 23.44 -28.25
N ALA G 379 18.29 22.89 -28.79
CA ALA G 379 19.58 22.88 -28.11
C ALA G 379 20.01 24.32 -27.76
N ASN G 380 20.10 25.16 -28.80
CA ASN G 380 20.30 26.58 -28.58
C ASN G 380 19.24 27.09 -27.62
N GLY G 381 19.66 27.83 -26.60
CA GLY G 381 18.72 28.56 -25.78
C GLY G 381 18.10 29.68 -26.60
N HIS G 382 18.57 29.87 -27.83
CA HIS G 382 18.13 30.97 -28.67
C HIS G 382 16.63 30.89 -28.97
N ILE G 383 15.84 31.42 -28.05
CA ILE G 383 14.38 31.43 -28.14
C ILE G 383 13.87 32.86 -28.00
N PRO G 384 12.57 33.08 -28.19
CA PRO G 384 12.00 34.40 -28.01
C PRO G 384 12.17 34.86 -26.58
N SER G 385 12.17 36.16 -26.36
CA SER G 385 12.43 36.69 -25.04
C SER G 385 11.42 36.19 -24.02
N ALA G 386 11.89 36.05 -22.79
CA ALA G 386 11.06 35.62 -21.69
C ALA G 386 9.97 36.65 -21.43
N ALA G 387 10.31 37.93 -21.54
CA ALA G 387 9.34 38.97 -21.21
C ALA G 387 8.26 39.17 -22.29
N SER G 388 8.50 38.65 -23.49
CA SER G 388 7.49 38.70 -24.53
C SER G 388 6.39 37.67 -24.29
N MET G 389 6.52 36.89 -23.21
CA MET G 389 5.50 35.90 -22.86
C MET G 389 4.28 36.54 -22.19
N PHE G 390 4.43 37.79 -21.72
CA PHE G 390 3.31 38.50 -21.09
C PHE G 390 2.60 39.45 -22.04
N GLU G 391 3.08 39.53 -23.28
CA GLU G 391 2.48 40.42 -24.27
C GLU G 391 1.31 39.75 -24.99
N ASP G 392 0.32 40.55 -25.40
CA ASP G 392 -0.83 40.08 -26.19
C ASP G 392 -1.85 39.19 -25.47
N VAL G 393 -1.74 39.07 -24.16
CA VAL G 393 -2.79 38.41 -23.39
C VAL G 393 -4.02 39.28 -23.52
N TYR G 394 -3.84 40.57 -23.25
CA TYR G 394 -4.82 41.61 -23.56
C TYR G 394 -4.17 42.58 -24.53
N LYS G 395 -4.93 43.55 -25.03
CA LYS G 395 -4.38 44.56 -25.93
C LYS G 395 -3.27 45.35 -25.26
N GLU G 396 -3.55 45.88 -24.07
CA GLU G 396 -2.53 46.59 -23.31
C GLU G 396 -2.24 45.81 -22.04
N MET G 397 -0.95 45.56 -21.79
CA MET G 397 -0.52 44.79 -20.62
C MET G 397 -1.06 45.43 -19.35
N PRO G 398 -1.94 44.73 -18.65
CA PRO G 398 -2.54 45.23 -17.43
C PRO G 398 -1.57 45.18 -16.28
N ASP G 399 -1.89 45.95 -15.25
CA ASP G 399 -1.11 46.04 -14.03
C ASP G 399 -0.61 44.69 -13.53
N HIS G 400 -1.54 43.74 -13.34
CA HIS G 400 -1.15 42.44 -12.80
C HIS G 400 -0.06 41.77 -13.62
N LEU G 401 -0.13 41.91 -14.93
CA LEU G 401 0.90 41.33 -15.79
C LEU G 401 2.20 42.11 -15.71
N ARG G 402 2.12 43.44 -15.74
CA ARG G 402 3.32 44.27 -15.56
C ARG G 402 4.04 43.83 -14.30
N ARG G 403 3.27 43.62 -13.23
CA ARG G 403 3.83 43.17 -11.96
C ARG G 403 4.54 41.84 -12.13
N GLN G 404 3.89 40.92 -12.85
CA GLN G 404 4.44 39.59 -13.06
C GLN G 404 5.67 39.61 -13.96
N ARG G 405 5.74 40.55 -14.90
CA ARG G 405 6.92 40.68 -15.74
C ARG G 405 8.11 41.20 -14.96
N GLN G 406 7.89 42.25 -14.16
CA GLN G 406 8.95 42.87 -13.36
C GLN G 406 9.49 41.88 -12.33
N GLU G 407 8.66 40.94 -11.93
CA GLU G 407 9.03 39.92 -10.96
C GLU G 407 9.98 38.87 -11.55
N LEU G 408 10.13 38.86 -12.87
CA LEU G 408 10.90 37.83 -13.55
C LEU G 408 12.25 38.34 -14.05
N ALA H 2 -29.11 64.89 -23.90
CA ALA H 2 -29.80 65.20 -22.62
C ALA H 2 -29.73 64.02 -21.63
N THR H 3 -30.77 63.86 -20.82
CA THR H 3 -30.81 62.83 -19.80
C THR H 3 -32.21 62.24 -19.75
N THR H 4 -32.31 60.94 -19.51
CA THR H 4 -33.58 60.27 -19.36
C THR H 4 -33.51 59.32 -18.18
N THR H 5 -34.63 59.20 -17.47
CA THR H 5 -34.73 58.25 -16.37
C THR H 5 -34.95 56.85 -16.94
N MET H 6 -33.97 55.97 -16.74
CA MET H 6 -34.02 54.63 -17.29
C MET H 6 -33.89 53.59 -16.18
N THR H 7 -34.39 52.39 -16.45
CA THR H 7 -34.08 51.23 -15.62
C THR H 7 -32.77 50.66 -16.14
N MET H 8 -32.20 49.66 -15.45
CA MET H 8 -31.03 48.96 -15.94
C MET H 8 -31.31 48.36 -17.32
N ILE H 9 -32.46 47.69 -17.44
CA ILE H 9 -32.91 47.12 -18.71
C ILE H 9 -32.81 48.18 -19.79
N GLN H 10 -33.41 49.34 -19.53
CA GLN H 10 -33.41 50.44 -20.48
C GLN H 10 -32.00 50.95 -20.73
N ALA H 11 -31.22 51.10 -19.65
CA ALA H 11 -29.85 51.60 -19.75
C ALA H 11 -29.01 50.72 -20.66
N LEU H 12 -29.11 49.40 -20.48
CA LEU H 12 -28.36 48.45 -21.30
C LEU H 12 -28.78 48.55 -22.75
N ARG H 13 -30.10 48.56 -22.97
CA ARG H 13 -30.67 48.73 -24.30
C ARG H 13 -30.17 50.00 -24.96
N SER H 14 -30.04 51.07 -24.17
CA SER H 14 -29.56 52.34 -24.68
C SER H 14 -28.10 52.23 -25.12
N ALA H 15 -27.29 51.55 -24.33
CA ALA H 15 -25.86 51.36 -24.62
C ALA H 15 -25.66 50.64 -25.94
N MET H 16 -26.44 49.57 -26.14
CA MET H 16 -26.40 48.84 -27.40
C MET H 16 -26.91 49.69 -28.56
N ASP H 17 -27.89 50.55 -28.28
CA ASP H 17 -28.44 51.47 -29.29
C ASP H 17 -27.38 52.46 -29.76
N VAL H 18 -26.70 53.06 -28.78
CA VAL H 18 -25.65 54.04 -29.04
C VAL H 18 -24.52 53.43 -29.86
N MET H 19 -24.00 52.30 -29.40
CA MET H 19 -22.87 51.63 -30.04
C MET H 19 -23.26 51.03 -31.39
N LEU H 20 -24.48 50.47 -31.48
CA LEU H 20 -25.01 49.98 -32.75
C LEU H 20 -24.91 51.08 -33.81
N GLU H 21 -25.11 52.32 -33.35
CA GLU H 21 -25.09 53.50 -34.19
C GLU H 21 -23.67 54.04 -34.37
N ARG H 22 -22.93 54.12 -33.27
CA ARG H 22 -21.58 54.67 -33.27
C ARG H 22 -20.62 53.89 -34.19
N ASP H 23 -20.82 52.58 -34.26
CA ASP H 23 -19.89 51.67 -34.95
C ASP H 23 -20.64 50.71 -35.87
N ASP H 24 -20.27 50.73 -37.15
CA ASP H 24 -20.89 49.88 -38.17
C ASP H 24 -20.64 48.40 -37.95
N ASN H 25 -19.46 48.09 -37.41
CA ASN H 25 -19.03 46.72 -37.21
C ASN H 25 -19.72 46.06 -36.03
N VAL H 26 -20.38 46.86 -35.20
CA VAL H 26 -21.09 46.33 -34.04
C VAL H 26 -22.32 45.57 -34.48
N VAL H 27 -22.54 44.43 -33.83
CA VAL H 27 -23.62 43.51 -34.18
C VAL H 27 -24.16 42.93 -32.87
N VAL H 28 -25.48 42.78 -32.78
CA VAL H 28 -26.10 42.19 -31.59
C VAL H 28 -26.96 41.00 -31.98
N TYR H 29 -26.73 39.86 -31.35
CA TYR H 29 -27.59 38.69 -31.57
C TYR H 29 -27.54 37.67 -30.45
N GLY H 30 -28.50 36.76 -30.47
CA GLY H 30 -28.64 35.76 -29.41
C GLY H 30 -30.05 35.19 -29.42
N GLN H 31 -30.34 34.35 -28.42
CA GLN H 31 -31.64 33.70 -28.32
C GLN H 31 -32.73 34.70 -27.98
N ASP H 32 -33.71 34.77 -28.88
CA ASP H 32 -34.87 35.66 -28.76
C ASP H 32 -34.49 37.15 -28.69
N VAL H 33 -33.30 37.47 -29.16
CA VAL H 33 -32.78 38.83 -29.07
C VAL H 33 -33.35 39.74 -30.17
N GLY H 34 -33.70 39.14 -31.30
CA GLY H 34 -34.11 39.88 -32.50
C GLY H 34 -35.49 40.50 -32.44
N TYR H 35 -36.43 39.91 -33.17
CA TYR H 35 -37.80 40.40 -33.27
C TYR H 35 -38.40 40.77 -31.92
N PHE H 36 -38.39 39.80 -31.02
CA PHE H 36 -39.04 39.90 -29.72
C PHE H 36 -38.32 40.87 -28.78
N GLY H 37 -37.07 41.18 -29.09
CA GLY H 37 -36.29 42.12 -28.30
C GLY H 37 -35.81 41.60 -26.96
N GLY H 38 -35.71 40.28 -26.83
CA GLY H 38 -35.14 39.65 -25.64
C GLY H 38 -36.15 39.36 -24.55
N VAL H 39 -35.98 38.23 -23.86
CA VAL H 39 -36.89 37.81 -22.79
C VAL H 39 -36.92 38.81 -21.64
N PHE H 40 -35.90 39.66 -21.55
CA PHE H 40 -35.85 40.68 -20.51
C PHE H 40 -36.04 42.08 -21.06
N ARG H 41 -36.53 42.16 -22.30
CA ARG H 41 -36.75 43.45 -22.98
C ARG H 41 -35.47 44.23 -23.30
N CYS H 42 -34.31 43.65 -23.00
CA CYS H 42 -33.04 44.37 -23.14
C CYS H 42 -32.67 44.79 -24.56
N THR H 43 -33.26 44.15 -25.57
CA THR H 43 -32.94 44.53 -26.95
C THR H 43 -34.14 45.01 -27.77
N GLU H 44 -35.21 45.44 -27.08
CA GLU H 44 -36.45 45.87 -27.73
C GLU H 44 -36.22 46.92 -28.82
N GLY H 45 -36.85 46.69 -29.97
CA GLY H 45 -36.84 47.67 -31.05
C GLY H 45 -35.54 47.85 -31.80
N LEU H 46 -34.45 47.27 -31.30
CA LEU H 46 -33.13 47.42 -31.95
C LEU H 46 -33.11 46.82 -33.35
N GLN H 47 -33.74 45.65 -33.52
CA GLN H 47 -33.82 45.03 -34.83
C GLN H 47 -34.61 45.93 -35.77
N THR H 48 -35.80 46.34 -35.35
CA THR H 48 -36.65 47.23 -36.14
C THR H 48 -35.85 48.44 -36.60
N LYS H 49 -35.04 48.99 -35.70
CA LYS H 49 -34.30 50.22 -35.97
C LYS H 49 -33.12 50.03 -36.91
N TYR H 50 -32.36 48.94 -36.73
CA TYR H 50 -31.11 48.76 -37.47
C TYR H 50 -31.12 47.65 -38.51
N GLY H 51 -32.10 46.75 -38.44
CA GLY H 51 -32.24 45.68 -39.42
C GLY H 51 -31.81 44.30 -38.96
N LYS H 52 -32.29 43.28 -39.66
CA LYS H 52 -31.95 41.88 -39.41
C LYS H 52 -30.44 41.63 -39.44
N SER H 53 -29.75 42.29 -40.38
CA SER H 53 -28.32 42.09 -40.56
C SER H 53 -27.46 42.56 -39.39
N ARG H 54 -28.03 43.35 -38.49
CA ARG H 54 -27.25 43.89 -37.39
C ARG H 54 -27.71 43.39 -36.03
N VAL H 55 -29.00 43.08 -35.95
CA VAL H 55 -29.60 42.57 -34.72
C VAL H 55 -30.53 41.45 -35.13
N PHE H 56 -30.30 40.24 -34.63
CA PHE H 56 -31.12 39.10 -35.07
C PHE H 56 -31.19 37.96 -34.07
N ASP H 57 -32.20 37.12 -34.28
CA ASP H 57 -32.43 35.95 -33.43
C ASP H 57 -31.42 34.85 -33.77
N ALA H 58 -31.05 34.06 -32.77
CA ALA H 58 -30.11 32.97 -32.92
C ALA H 58 -30.75 31.62 -32.57
N PRO H 59 -30.17 30.51 -33.03
CA PRO H 59 -30.62 29.19 -32.59
C PRO H 59 -30.21 28.95 -31.13
N ILE H 60 -30.75 27.91 -30.49
CA ILE H 60 -30.35 27.63 -29.11
C ILE H 60 -29.04 26.85 -29.07
N SER H 61 -27.94 27.59 -29.22
CA SER H 61 -26.60 27.04 -29.15
C SER H 61 -25.64 28.12 -28.67
N GLU H 62 -25.35 28.07 -27.38
CA GLU H 62 -24.37 28.97 -26.78
C GLU H 62 -23.04 28.88 -27.52
N SER H 63 -22.56 27.65 -27.75
CA SER H 63 -21.29 27.44 -28.44
C SER H 63 -21.36 27.89 -29.90
N GLY H 64 -22.56 27.83 -30.48
CA GLY H 64 -22.78 28.38 -31.81
C GLY H 64 -22.68 29.90 -31.82
N ILE H 65 -23.32 30.51 -30.84
CA ILE H 65 -23.35 31.96 -30.69
C ILE H 65 -21.94 32.52 -30.48
N VAL H 66 -21.26 32.05 -29.43
CA VAL H 66 -19.92 32.55 -29.08
C VAL H 66 -18.89 32.15 -30.13
N GLY H 67 -19.06 30.97 -30.71
CA GLY H 67 -18.16 30.47 -31.75
C GLY H 67 -18.16 31.34 -32.97
N THR H 68 -19.34 31.46 -33.59
CA THR H 68 -19.52 32.33 -34.76
C THR H 68 -19.07 33.76 -34.46
N ALA H 69 -19.34 34.22 -33.24
CA ALA H 69 -18.92 35.54 -32.81
C ALA H 69 -17.40 35.72 -32.92
N VAL H 70 -16.65 34.69 -32.49
CA VAL H 70 -15.19 34.71 -32.56
C VAL H 70 -14.74 34.83 -34.03
N GLY H 71 -15.40 34.09 -34.89
CA GLY H 71 -15.17 34.15 -36.33
C GLY H 71 -15.52 35.51 -36.92
N MET H 72 -16.63 36.08 -36.46
CA MET H 72 -17.06 37.40 -36.91
C MET H 72 -16.01 38.45 -36.51
N GLY H 73 -15.49 38.31 -35.29
CA GLY H 73 -14.49 39.23 -34.77
C GLY H 73 -13.18 39.13 -35.50
N ALA H 74 -12.82 37.91 -35.90
CA ALA H 74 -11.63 37.64 -36.68
C ALA H 74 -11.71 38.32 -38.04
N TYR H 75 -12.89 38.34 -38.64
CA TYR H 75 -13.16 39.10 -39.85
C TYR H 75 -12.95 40.60 -39.58
N GLY H 76 -13.40 41.07 -38.42
CA GLY H 76 -13.21 42.47 -38.04
C GLY H 76 -14.47 43.15 -37.53
N LEU H 77 -15.48 42.35 -37.18
CA LEU H 77 -16.69 42.88 -36.57
C LEU H 77 -16.55 42.97 -35.06
N ARG H 78 -17.56 43.54 -34.42
CA ARG H 78 -17.56 43.81 -32.99
C ARG H 78 -18.84 43.23 -32.37
N PRO H 79 -18.87 41.92 -32.18
CA PRO H 79 -20.08 41.22 -31.76
C PRO H 79 -20.42 41.41 -30.29
N VAL H 80 -21.63 41.89 -30.05
CA VAL H 80 -22.20 41.94 -28.70
C VAL H 80 -23.24 40.84 -28.64
N VAL H 81 -22.92 39.77 -27.92
CA VAL H 81 -23.70 38.56 -28.01
C VAL H 81 -24.30 38.22 -26.65
N GLU H 82 -25.49 37.62 -26.65
CA GLU H 82 -26.23 37.36 -25.42
C GLU H 82 -26.46 35.86 -25.17
N ILE H 83 -26.32 35.46 -23.90
CA ILE H 83 -26.73 34.14 -23.45
C ILE H 83 -27.84 34.36 -22.43
N GLN H 84 -29.03 33.82 -22.70
CA GLN H 84 -30.23 34.10 -21.91
C GLN H 84 -30.01 34.14 -20.40
N PHE H 85 -29.35 33.12 -19.86
CA PHE H 85 -29.03 33.11 -18.45
C PHE H 85 -27.57 32.72 -18.27
N ALA H 86 -26.89 33.40 -17.35
CA ALA H 86 -25.52 33.05 -17.02
C ALA H 86 -25.43 31.58 -16.66
N ASP H 87 -26.54 31.06 -16.14
CA ASP H 87 -26.69 29.63 -15.85
C ASP H 87 -26.40 28.73 -17.05
N TYR H 88 -26.54 29.26 -18.26
CA TYR H 88 -26.40 28.42 -19.46
C TYR H 88 -25.18 28.73 -20.33
N PHE H 89 -24.19 29.42 -19.78
CA PHE H 89 -22.98 29.71 -20.55
C PHE H 89 -22.18 28.45 -20.81
N TYR H 90 -22.20 27.53 -19.87
CA TYR H 90 -21.36 26.33 -19.89
C TYR H 90 -21.14 25.67 -21.24
N PRO H 91 -22.19 25.42 -22.03
CA PRO H 91 -22.02 24.88 -23.37
C PRO H 91 -21.03 25.67 -24.22
N ALA H 92 -20.82 26.93 -23.88
CA ALA H 92 -19.87 27.78 -24.60
C ALA H 92 -18.50 27.84 -23.94
N SER H 93 -18.34 27.11 -22.84
CA SER H 93 -17.09 27.13 -22.07
C SER H 93 -15.86 27.01 -22.95
N ASP H 94 -15.90 26.06 -23.89
CA ASP H 94 -14.77 25.79 -24.79
C ASP H 94 -14.48 26.97 -25.69
N GLN H 95 -15.53 27.56 -26.28
CA GLN H 95 -15.36 28.72 -27.14
C GLN H 95 -14.87 29.94 -26.36
N ILE H 96 -15.35 30.08 -25.12
CA ILE H 96 -14.93 31.21 -24.30
C ILE H 96 -13.47 31.07 -23.88
N VAL H 97 -13.14 29.98 -23.20
CA VAL H 97 -11.81 29.77 -22.64
C VAL H 97 -10.77 29.43 -23.71
N SER H 98 -11.02 28.38 -24.47
CA SER H 98 -10.02 27.89 -25.41
C SER H 98 -9.80 28.79 -26.61
N GLU H 99 -10.83 29.55 -27.01
CA GLU H 99 -10.74 30.37 -28.21
C GLU H 99 -10.76 31.88 -27.96
N MET H 100 -11.90 32.39 -27.50
CA MET H 100 -12.10 33.83 -27.35
C MET H 100 -11.02 34.50 -26.50
N ALA H 101 -10.65 33.88 -25.38
CA ALA H 101 -9.65 34.44 -24.48
C ALA H 101 -8.24 34.46 -25.05
N ARG H 102 -7.89 33.42 -25.82
CA ARG H 102 -6.51 33.22 -26.23
C ARG H 102 -6.21 33.63 -27.67
N LEU H 103 -7.22 34.12 -28.38
CA LEU H 103 -7.07 34.46 -29.80
C LEU H 103 -5.91 35.43 -30.05
N ARG H 104 -5.88 36.53 -29.31
CA ARG H 104 -4.84 37.54 -29.49
C ARG H 104 -3.46 36.99 -29.17
N TYR H 105 -3.34 36.31 -28.04
CA TYR H 105 -2.05 35.80 -27.59
C TYR H 105 -1.43 34.84 -28.59
N ARG H 106 -2.21 33.85 -29.00
CA ARG H 106 -1.67 32.76 -29.80
C ARG H 106 -1.36 33.16 -31.25
N SER H 107 -2.00 34.21 -31.74
CA SER H 107 -1.73 34.68 -33.10
C SER H 107 -0.77 35.85 -33.09
N ALA H 108 -0.27 36.16 -31.89
CA ALA H 108 0.63 37.29 -31.65
C ALA H 108 0.04 38.59 -32.20
N GLY H 109 -1.27 38.73 -32.09
CA GLY H 109 -1.95 39.93 -32.53
C GLY H 109 -2.57 39.90 -33.92
N GLU H 110 -2.35 38.83 -34.68
CA GLU H 110 -2.90 38.74 -36.03
C GLU H 110 -4.42 38.79 -36.03
N PHE H 111 -5.03 37.97 -35.16
CA PHE H 111 -6.47 37.97 -34.99
C PHE H 111 -6.83 38.34 -33.57
N ILE H 112 -7.90 39.10 -33.42
CA ILE H 112 -8.36 39.55 -32.12
C ILE H 112 -9.84 39.23 -31.96
N ALA H 113 -10.30 39.14 -30.71
CA ALA H 113 -11.70 38.88 -30.46
C ALA H 113 -12.28 39.97 -29.57
N PRO H 114 -12.68 41.08 -30.18
CA PRO H 114 -13.26 42.19 -29.44
C PRO H 114 -14.75 41.97 -29.18
N LEU H 115 -15.08 40.84 -28.56
CA LEU H 115 -16.49 40.52 -28.34
C LEU H 115 -16.93 40.90 -26.96
N THR H 116 -18.25 41.01 -26.79
CA THR H 116 -18.84 41.24 -25.50
C THR H 116 -19.95 40.21 -25.28
N LEU H 117 -19.85 39.45 -24.19
CA LEU H 117 -20.91 38.51 -23.86
C LEU H 117 -21.72 39.04 -22.71
N ARG H 118 -23.00 39.28 -22.94
CA ARG H 118 -23.90 39.68 -21.88
C ARG H 118 -24.60 38.45 -21.31
N MET H 119 -24.50 38.27 -20.00
CA MET H 119 -25.22 37.19 -19.33
C MET H 119 -25.88 37.71 -18.05
N PRO H 120 -27.20 37.70 -18.01
CA PRO H 120 -27.94 38.05 -16.80
C PRO H 120 -27.67 37.04 -15.71
N CYS H 121 -27.25 37.51 -14.54
CA CYS H 121 -26.83 36.63 -13.47
C CYS H 121 -27.55 36.97 -12.18
N GLY H 122 -27.19 36.23 -11.13
CA GLY H 122 -27.65 36.54 -9.78
C GLY H 122 -28.97 35.94 -9.40
N GLY H 123 -29.25 35.93 -8.10
CA GLY H 123 -30.44 35.30 -7.56
C GLY H 123 -31.40 36.27 -6.90
N GLY H 124 -32.08 35.79 -5.86
CA GLY H 124 -33.03 36.59 -5.12
C GLY H 124 -34.37 36.70 -5.83
N ILE H 125 -34.66 35.76 -6.74
CA ILE H 125 -35.91 35.84 -7.50
C ILE H 125 -36.70 34.52 -7.60
N TYR H 126 -36.45 33.58 -6.68
CA TYR H 126 -37.01 32.23 -6.77
C TYR H 126 -36.67 31.62 -8.12
N GLY H 127 -35.43 31.86 -8.55
CA GLY H 127 -34.95 31.41 -9.85
C GLY H 127 -34.73 29.91 -9.89
N GLY H 128 -34.22 29.36 -8.78
CA GLY H 128 -33.91 27.94 -8.75
C GLY H 128 -32.46 27.70 -9.09
N GLN H 129 -32.14 26.49 -9.52
CA GLN H 129 -30.74 26.11 -9.74
C GLN H 129 -30.18 26.63 -11.05
N THR H 130 -31.03 26.74 -12.07
CA THR H 130 -30.58 27.15 -13.40
C THR H 130 -31.18 28.47 -13.88
N HIS H 131 -31.66 29.30 -12.95
CA HIS H 131 -32.10 30.64 -13.32
C HIS H 131 -31.45 31.70 -12.43
N SER H 132 -30.38 31.36 -11.72
CA SER H 132 -29.85 32.32 -10.74
C SER H 132 -28.42 32.16 -10.19
N GLN H 133 -27.55 31.45 -10.87
CA GLN H 133 -26.17 31.33 -10.36
C GLN H 133 -25.29 32.52 -10.74
N SER H 134 -24.16 32.64 -10.05
CA SER H 134 -23.22 33.74 -10.29
C SER H 134 -21.85 33.17 -10.63
N PRO H 135 -21.64 32.87 -11.91
CA PRO H 135 -20.46 32.15 -12.36
C PRO H 135 -19.24 33.03 -12.64
N GLU H 136 -19.10 34.16 -11.94
CA GLU H 136 -18.00 35.08 -12.24
C GLU H 136 -16.61 34.45 -12.02
N ALA H 137 -16.52 33.49 -11.11
CA ALA H 137 -15.27 32.79 -10.86
C ALA H 137 -14.88 31.88 -12.01
N MET H 138 -15.85 31.49 -12.84
CA MET H 138 -15.56 30.71 -14.02
C MET H 138 -14.94 31.54 -15.15
N PHE H 139 -14.79 32.84 -14.93
CA PHE H 139 -14.21 33.73 -15.95
C PHE H 139 -13.00 34.48 -15.47
N THR H 140 -13.06 35.03 -14.27
CA THR H 140 -11.94 35.81 -13.75
C THR H 140 -10.65 34.99 -13.76
N GLN H 141 -10.79 33.66 -13.68
CA GLN H 141 -9.63 32.78 -13.67
C GLN H 141 -9.12 32.46 -15.08
N VAL H 142 -9.84 32.92 -16.10
CA VAL H 142 -9.41 32.68 -17.47
C VAL H 142 -8.56 33.83 -17.96
N CYS H 143 -7.28 33.56 -18.20
CA CYS H 143 -6.34 34.59 -18.65
C CYS H 143 -6.69 35.04 -20.04
N GLY H 144 -6.90 36.34 -20.20
CA GLY H 144 -7.24 36.91 -21.51
C GLY H 144 -8.65 37.46 -21.57
N LEU H 145 -9.41 37.23 -20.50
CA LEU H 145 -10.78 37.70 -20.41
C LEU H 145 -10.87 38.90 -19.48
N ARG H 146 -11.96 39.65 -19.64
CA ARG H 146 -12.26 40.81 -18.82
C ARG H 146 -13.69 40.63 -18.32
N THR H 147 -13.89 40.72 -17.01
CA THR H 147 -15.24 40.49 -16.45
C THR H 147 -15.81 41.74 -15.78
N VAL H 148 -17.04 42.09 -16.17
CA VAL H 148 -17.70 43.30 -15.65
C VAL H 148 -19.10 43.01 -15.13
N MET H 149 -19.46 43.66 -14.02
CA MET H 149 -20.82 43.60 -13.47
C MET H 149 -21.25 44.95 -12.90
N PRO H 150 -22.18 45.63 -13.56
CA PRO H 150 -22.72 46.91 -13.08
C PRO H 150 -23.72 46.73 -11.94
N SER H 151 -24.01 47.82 -11.22
CA SER H 151 -24.97 47.74 -10.11
C SER H 151 -26.07 48.80 -10.15
N ASN H 152 -26.09 49.62 -11.21
CA ASN H 152 -27.09 50.67 -11.37
C ASN H 152 -27.18 51.16 -12.82
N PRO H 153 -28.30 51.78 -13.21
CA PRO H 153 -28.53 52.12 -14.62
C PRO H 153 -27.45 52.98 -15.27
N TYR H 154 -26.92 53.95 -14.53
CA TYR H 154 -25.84 54.79 -15.06
C TYR H 154 -24.64 53.92 -15.40
N ASP H 155 -24.12 53.24 -14.39
CA ASP H 155 -22.96 52.37 -14.57
C ASP H 155 -23.22 51.30 -15.63
N ALA H 156 -24.45 50.79 -15.67
CA ALA H 156 -24.82 49.76 -16.63
C ALA H 156 -24.54 50.18 -18.08
N LYS H 157 -25.04 51.35 -18.46
CA LYS H 157 -24.84 51.85 -19.82
C LYS H 157 -23.38 52.23 -20.06
N GLY H 158 -22.82 53.01 -19.14
CA GLY H 158 -21.44 53.47 -19.25
C GLY H 158 -20.42 52.36 -19.33
N LEU H 159 -20.58 51.35 -18.48
CA LEU H 159 -19.69 50.20 -18.48
C LEU H 159 -19.92 49.30 -19.69
N LEU H 160 -21.17 49.15 -20.09
CA LEU H 160 -21.46 48.33 -21.28
C LEU H 160 -20.84 48.96 -22.52
N ILE H 161 -21.01 50.27 -22.69
CA ILE H 161 -20.38 50.97 -23.80
C ILE H 161 -18.86 50.82 -23.77
N ALA H 162 -18.28 51.00 -22.59
CA ALA H 162 -16.84 50.82 -22.40
C ALA H 162 -16.41 49.40 -22.73
N SER H 163 -17.21 48.43 -22.29
CA SER H 163 -16.95 47.02 -22.56
C SER H 163 -17.00 46.71 -24.05
N ILE H 164 -18.06 47.14 -24.72
CA ILE H 164 -18.22 46.92 -26.17
C ILE H 164 -17.02 47.47 -26.95
N GLU H 165 -16.54 48.63 -26.52
CA GLU H 165 -15.42 49.29 -27.20
C GLU H 165 -14.07 48.67 -26.88
N CYS H 166 -13.95 48.11 -25.69
CA CYS H 166 -12.71 47.44 -25.29
C CYS H 166 -12.34 46.40 -26.33
N ASP H 167 -11.06 46.35 -26.69
CA ASP H 167 -10.60 45.42 -27.71
C ASP H 167 -10.26 44.04 -27.13
N ASP H 168 -10.57 43.83 -25.86
CA ASP H 168 -10.40 42.54 -25.22
C ASP H 168 -11.77 41.91 -25.07
N PRO H 169 -11.85 40.57 -25.05
CA PRO H 169 -13.14 39.91 -24.84
C PRO H 169 -13.69 40.23 -23.47
N VAL H 170 -14.93 40.71 -23.43
CA VAL H 170 -15.52 41.11 -22.16
C VAL H 170 -16.73 40.25 -21.82
N ILE H 171 -16.68 39.62 -20.65
CA ILE H 171 -17.83 38.96 -20.07
C ILE H 171 -18.59 40.01 -19.27
N PHE H 172 -19.81 40.33 -19.72
CA PHE H 172 -20.60 41.37 -19.08
C PHE H 172 -21.78 40.77 -18.32
N LEU H 173 -21.64 40.68 -17.00
CA LEU H 173 -22.68 40.06 -16.17
C LEU H 173 -23.68 41.09 -15.69
N GLU H 174 -24.96 40.83 -15.92
CA GLU H 174 -26.01 41.75 -15.49
C GLU H 174 -26.87 41.11 -14.41
N PRO H 175 -26.89 41.71 -13.22
CA PRO H 175 -27.73 41.21 -12.13
C PRO H 175 -29.20 41.42 -12.44
N LYS H 176 -29.90 40.34 -12.80
CA LYS H 176 -31.32 40.42 -13.18
C LYS H 176 -32.20 40.87 -12.03
N ARG H 177 -31.69 40.71 -10.82
CA ARG H 177 -32.32 41.17 -9.60
C ARG H 177 -32.42 42.70 -9.59
N LEU H 178 -31.42 43.37 -10.16
CA LEU H 178 -31.37 44.83 -10.17
C LEU H 178 -31.95 45.44 -11.46
N TYR H 179 -32.55 44.60 -12.30
CA TYR H 179 -33.06 45.03 -13.61
C TYR H 179 -34.07 46.17 -13.54
N ASN H 180 -35.11 46.02 -12.73
CA ASN H 180 -36.18 47.01 -12.64
C ASN H 180 -35.99 48.04 -11.52
N GLY H 181 -35.14 47.69 -10.55
CA GLY H 181 -34.86 48.58 -9.41
C GLY H 181 -33.83 47.97 -8.48
N PRO H 182 -33.29 48.78 -7.57
CA PRO H 182 -32.31 48.32 -6.59
C PRO H 182 -32.97 47.38 -5.59
N PHE H 183 -32.19 46.51 -4.97
CA PHE H 183 -32.75 45.49 -4.09
C PHE H 183 -31.78 45.27 -2.95
N ASP H 184 -32.25 45.46 -1.72
CA ASP H 184 -31.37 45.40 -0.57
C ASP H 184 -31.36 44.04 0.09
N GLY H 185 -32.25 43.15 -0.37
CA GLY H 185 -32.37 41.83 0.22
C GLY H 185 -33.58 41.69 1.11
N HIS H 186 -34.32 42.78 1.29
CA HIS H 186 -35.54 42.79 2.09
C HIS H 186 -36.75 42.48 1.21
N HIS H 187 -37.12 41.21 1.15
CA HIS H 187 -38.27 40.77 0.36
C HIS H 187 -39.58 41.11 1.04
N ASP H 188 -39.52 41.42 2.33
CA ASP H 188 -40.69 41.85 3.09
C ASP H 188 -41.23 43.14 2.49
N ARG H 189 -40.36 44.15 2.40
CA ARG H 189 -40.68 45.45 1.81
C ARG H 189 -40.72 45.32 0.29
N PRO H 190 -41.89 45.52 -0.34
CA PRO H 190 -42.00 45.50 -1.80
C PRO H 190 -40.99 46.45 -2.47
N VAL H 191 -40.42 46.01 -3.58
CA VAL H 191 -39.30 46.69 -4.21
C VAL H 191 -39.75 47.88 -5.06
N THR H 192 -38.97 48.96 -4.98
CA THR H 192 -39.23 50.18 -5.71
C THR H 192 -38.55 50.15 -7.07
N PRO H 193 -39.03 50.96 -8.01
CA PRO H 193 -38.39 51.08 -9.31
C PRO H 193 -37.15 51.97 -9.25
N TRP H 194 -36.43 52.05 -10.37
CA TRP H 194 -35.26 52.91 -10.44
C TRP H 194 -35.61 54.37 -10.44
N SER H 195 -36.76 54.70 -10.99
CA SER H 195 -37.19 56.08 -11.11
C SER H 195 -37.23 56.84 -9.78
N LYS H 196 -37.31 56.12 -8.67
CA LYS H 196 -37.33 56.77 -7.36
C LYS H 196 -35.98 56.76 -6.67
N HIS H 197 -34.92 56.57 -7.44
CA HIS H 197 -33.63 56.29 -6.82
C HIS H 197 -32.45 57.04 -7.44
N PRO H 198 -31.38 57.19 -6.66
CA PRO H 198 -30.16 57.79 -7.20
C PRO H 198 -29.52 56.86 -8.24
N HIS H 199 -29.11 57.45 -9.36
CA HIS H 199 -28.40 56.80 -10.48
C HIS H 199 -29.26 56.37 -11.67
N SER H 200 -30.56 56.62 -11.64
CA SER H 200 -31.41 56.25 -12.78
C SER H 200 -31.38 57.33 -13.87
N ALA H 201 -30.71 58.43 -13.55
CA ALA H 201 -30.53 59.54 -14.47
C ALA H 201 -29.45 59.19 -15.49
N VAL H 202 -29.89 58.68 -16.63
CA VAL H 202 -28.96 58.19 -17.65
C VAL H 202 -28.92 59.13 -18.86
N PRO H 203 -27.72 59.57 -19.24
CA PRO H 203 -27.53 60.36 -20.45
C PRO H 203 -28.00 59.62 -21.69
N ASP H 204 -28.65 60.33 -22.60
CA ASP H 204 -29.22 59.72 -23.81
C ASP H 204 -28.17 59.26 -24.80
N GLY H 205 -27.09 60.03 -24.91
CA GLY H 205 -26.07 59.80 -25.92
C GLY H 205 -24.92 58.90 -25.50
N TYR H 206 -23.78 59.07 -26.16
CA TYR H 206 -22.58 58.30 -25.87
C TYR H 206 -21.81 58.83 -24.67
N TYR H 207 -21.38 57.90 -23.82
CA TYR H 207 -20.50 58.18 -22.69
C TYR H 207 -19.98 56.86 -22.14
N THR H 208 -18.99 56.92 -21.26
CA THR H 208 -18.40 55.70 -20.70
C THR H 208 -18.16 55.81 -19.20
N VAL H 209 -18.02 54.64 -18.56
CA VAL H 209 -17.50 54.56 -17.21
C VAL H 209 -16.24 53.72 -17.31
N PRO H 210 -15.09 54.32 -17.03
CA PRO H 210 -13.80 53.68 -17.27
C PRO H 210 -13.72 52.30 -16.64
N LEU H 211 -13.21 51.33 -17.38
CA LEU H 211 -12.96 50.00 -16.84
C LEU H 211 -11.82 50.10 -15.82
N ASP H 212 -11.62 49.04 -15.05
CA ASP H 212 -10.58 48.99 -14.03
C ASP H 212 -10.76 50.06 -12.96
N LYS H 213 -11.99 50.51 -12.74
CA LYS H 213 -12.21 51.52 -11.71
C LYS H 213 -13.40 51.26 -10.80
N ALA H 214 -13.08 51.01 -9.53
CA ALA H 214 -14.06 50.77 -8.50
C ALA H 214 -14.79 52.06 -8.14
N ALA H 215 -15.80 51.96 -7.28
CA ALA H 215 -16.52 53.12 -6.80
C ALA H 215 -16.88 52.97 -5.33
N ILE H 216 -16.49 53.95 -4.53
CA ILE H 216 -16.86 53.99 -3.13
C ILE H 216 -18.33 54.39 -3.04
N THR H 217 -19.19 53.46 -2.64
CA THR H 217 -20.63 53.74 -2.59
C THR H 217 -21.03 54.44 -1.30
N ARG H 218 -20.44 53.99 -0.18
CA ARG H 218 -20.69 54.58 1.13
C ARG H 218 -19.36 54.70 1.88
N PRO H 219 -18.81 55.91 1.92
CA PRO H 219 -17.54 56.16 2.61
C PRO H 219 -17.62 55.74 4.05
N GLY H 220 -16.55 55.13 4.56
CA GLY H 220 -16.53 54.67 5.94
C GLY H 220 -15.13 54.66 6.48
N ASN H 221 -15.02 54.32 7.76
CA ASN H 221 -13.71 54.25 8.41
C ASN H 221 -13.52 52.95 9.18
N ASP H 222 -14.63 52.28 9.48
CA ASP H 222 -14.57 51.09 10.32
C ASP H 222 -14.11 49.85 9.56
N VAL H 223 -14.75 49.57 8.42
CA VAL H 223 -14.49 48.36 7.65
C VAL H 223 -14.56 48.64 6.16
N SER H 224 -13.68 47.99 5.39
CA SER H 224 -13.82 48.00 3.93
C SER H 224 -14.72 46.86 3.51
N VAL H 225 -15.76 47.16 2.74
CA VAL H 225 -16.63 46.10 2.21
C VAL H 225 -16.41 46.01 0.71
N LEU H 226 -15.86 44.89 0.26
CA LEU H 226 -15.61 44.69 -1.15
C LEU H 226 -16.74 43.85 -1.74
N THR H 227 -17.44 44.42 -2.71
CA THR H 227 -18.58 43.74 -3.29
C THR H 227 -18.94 44.26 -4.69
N TYR H 228 -20.00 43.69 -5.25
CA TYR H 228 -20.45 43.99 -6.60
C TYR H 228 -21.81 43.35 -6.80
N GLY H 229 -22.53 43.77 -7.84
CA GLY H 229 -23.86 43.24 -8.12
C GLY H 229 -24.89 43.66 -7.09
N THR H 230 -25.88 42.80 -6.86
CA THR H 230 -26.95 43.10 -5.91
C THR H 230 -26.44 43.36 -4.50
N THR H 231 -25.36 42.70 -4.10
CA THR H 231 -24.87 42.84 -2.73
C THR H 231 -24.28 44.21 -2.39
N VAL H 232 -24.11 45.06 -3.40
CA VAL H 232 -23.72 46.45 -3.16
C VAL H 232 -24.75 47.11 -2.24
N TYR H 233 -26.02 47.01 -2.63
CA TYR H 233 -27.15 47.53 -1.89
C TYR H 233 -27.39 46.79 -0.59
N VAL H 234 -27.09 45.49 -0.60
CA VAL H 234 -27.19 44.68 0.61
C VAL H 234 -26.19 45.20 1.64
N ALA H 235 -24.95 45.42 1.21
CA ALA H 235 -23.91 45.95 2.08
C ALA H 235 -24.29 47.31 2.65
N GLN H 236 -24.88 48.16 1.81
CA GLN H 236 -25.24 49.52 2.20
C GLN H 236 -26.25 49.54 3.34
N VAL H 237 -27.39 48.91 3.13
CA VAL H 237 -28.42 48.79 4.15
C VAL H 237 -27.87 48.06 5.38
N ALA H 238 -27.11 46.99 5.14
CA ALA H 238 -26.47 46.27 6.24
C ALA H 238 -25.63 47.21 7.10
N ALA H 239 -24.78 48.01 6.45
CA ALA H 239 -23.93 48.94 7.16
C ALA H 239 -24.76 49.85 8.06
N GLU H 240 -25.92 50.25 7.57
CA GLU H 240 -26.78 51.18 8.29
C GLU H 240 -27.43 50.51 9.49
N GLU H 241 -27.93 49.29 9.28
CA GLU H 241 -28.58 48.52 10.33
C GLU H 241 -27.61 48.13 11.44
N SER H 242 -26.37 47.81 11.06
CA SER H 242 -25.33 47.42 12.01
C SER H 242 -24.87 48.59 12.86
N GLY H 243 -24.91 49.78 12.27
CA GLY H 243 -24.28 50.95 12.88
C GLY H 243 -22.85 51.12 12.40
N VAL H 244 -22.20 50.01 12.06
CA VAL H 244 -20.79 50.01 11.62
C VAL H 244 -20.54 50.97 10.44
N ASP H 245 -19.52 51.82 10.59
CA ASP H 245 -19.16 52.80 9.57
C ASP H 245 -18.36 52.13 8.46
N ALA H 246 -19.08 51.35 7.66
CA ALA H 246 -18.49 50.52 6.62
C ALA H 246 -18.40 51.23 5.27
N GLU H 247 -17.19 51.21 4.71
CA GLU H 247 -16.94 51.77 3.38
C GLU H 247 -17.31 50.73 2.34
N VAL H 248 -18.37 50.98 1.59
CA VAL H 248 -18.83 50.00 0.61
C VAL H 248 -18.21 50.28 -0.77
N ILE H 249 -17.41 49.32 -1.25
CA ILE H 249 -16.76 49.45 -2.56
C ILE H 249 -17.42 48.55 -3.59
N ASP H 250 -17.99 49.15 -4.62
CA ASP H 250 -18.53 48.41 -5.75
C ASP H 250 -17.41 48.27 -6.78
N LEU H 251 -16.83 47.08 -6.85
CA LEU H 251 -15.67 46.85 -7.70
C LEU H 251 -15.95 47.20 -9.16
N ARG H 252 -17.19 46.98 -9.60
CA ARG H 252 -17.60 47.21 -10.99
C ARG H 252 -16.84 46.29 -11.95
N SER H 253 -15.52 46.47 -12.03
CA SER H 253 -14.67 45.56 -12.79
C SER H 253 -14.17 44.47 -11.87
N LEU H 254 -14.56 43.23 -12.14
CA LEU H 254 -14.17 42.11 -11.29
C LEU H 254 -12.71 41.75 -11.51
N TRP H 255 -12.37 41.46 -12.76
CA TRP H 255 -10.99 41.21 -13.14
C TRP H 255 -10.75 41.55 -14.62
N PRO H 256 -9.72 42.33 -14.90
CA PRO H 256 -8.83 42.95 -13.91
C PRO H 256 -9.56 43.99 -13.07
N LEU H 257 -9.06 44.24 -11.88
CA LEU H 257 -9.73 45.14 -10.97
C LEU H 257 -8.92 46.38 -10.62
N ASP H 258 -9.57 47.28 -9.89
CA ASP H 258 -8.94 48.50 -9.41
C ASP H 258 -8.25 48.18 -8.09
N LEU H 259 -7.05 47.62 -8.16
CA LEU H 259 -6.34 47.15 -6.98
C LEU H 259 -6.08 48.26 -5.98
N ASP H 260 -5.76 49.46 -6.48
CA ASP H 260 -5.42 50.60 -5.63
C ASP H 260 -6.57 51.04 -4.74
N THR H 261 -7.73 51.31 -5.32
CA THR H 261 -8.91 51.73 -4.54
C THR H 261 -9.20 50.78 -3.38
N ILE H 262 -9.05 49.47 -3.65
CA ILE H 262 -9.20 48.44 -2.63
C ILE H 262 -8.09 48.53 -1.60
N VAL H 263 -6.84 48.37 -2.05
CA VAL H 263 -5.71 48.38 -1.14
C VAL H 263 -5.75 49.63 -0.27
N GLU H 264 -6.11 50.75 -0.88
CA GLU H 264 -6.15 52.05 -0.21
C GLU H 264 -7.21 52.11 0.89
N SER H 265 -8.38 51.53 0.64
CA SER H 265 -9.44 51.49 1.64
C SER H 265 -9.08 50.65 2.83
N VAL H 266 -8.53 49.46 2.59
CA VAL H 266 -8.19 48.54 3.66
C VAL H 266 -7.04 49.09 4.51
N LYS H 267 -6.08 49.70 3.83
CA LYS H 267 -4.93 50.34 4.44
C LYS H 267 -5.37 51.38 5.48
N LYS H 268 -6.41 52.14 5.15
CA LYS H 268 -7.02 53.12 6.03
C LYS H 268 -7.78 52.41 7.15
N THR H 269 -8.86 51.75 6.73
CA THR H 269 -9.75 50.94 7.57
C THR H 269 -9.07 50.00 8.57
N GLY H 270 -8.37 49.02 8.06
CA GLY H 270 -7.76 48.00 8.90
C GLY H 270 -8.58 46.72 9.03
N ARG H 271 -9.57 46.53 8.16
CA ARG H 271 -10.36 45.30 8.17
C ARG H 271 -11.32 45.28 6.99
N CYS H 272 -11.57 44.10 6.48
CA CYS H 272 -12.29 43.97 5.24
C CYS H 272 -13.26 42.81 5.23
N VAL H 273 -14.39 42.98 4.54
CA VAL H 273 -15.39 41.94 4.43
C VAL H 273 -15.75 41.77 2.96
N VAL H 274 -15.57 40.56 2.44
CA VAL H 274 -15.94 40.30 1.06
C VAL H 274 -17.35 39.77 1.00
N VAL H 275 -18.16 40.32 0.09
CA VAL H 275 -19.56 39.91 -0.04
C VAL H 275 -19.96 39.70 -1.50
N HIS H 276 -20.45 38.50 -1.81
CA HIS H 276 -21.05 38.19 -3.12
C HIS H 276 -22.04 37.03 -3.00
N GLU H 277 -22.92 36.88 -3.98
CA GLU H 277 -23.91 35.80 -3.95
C GLU H 277 -23.31 34.43 -4.30
N ALA H 278 -22.26 34.43 -5.10
CA ALA H 278 -21.64 33.18 -5.56
C ALA H 278 -21.22 32.30 -4.40
N THR H 279 -21.17 30.99 -4.65
CA THR H 279 -20.79 30.02 -3.63
C THR H 279 -19.45 30.37 -2.99
N ARG H 280 -19.27 29.99 -1.74
CA ARG H 280 -18.07 30.32 -0.97
C ARG H 280 -16.79 29.81 -1.61
N THR H 281 -16.65 28.48 -1.75
CA THR H 281 -15.36 27.88 -2.11
C THR H 281 -14.88 28.20 -3.54
N CYS H 282 -13.64 28.68 -3.63
CA CYS H 282 -12.98 29.02 -4.89
C CYS H 282 -13.75 30.07 -5.71
N GLY H 283 -14.68 30.75 -5.05
CA GLY H 283 -15.37 31.88 -5.66
C GLY H 283 -14.42 33.05 -5.82
N PHE H 284 -14.95 34.16 -6.33
CA PHE H 284 -14.13 35.35 -6.57
C PHE H 284 -13.63 36.00 -5.28
N GLY H 285 -14.39 35.83 -4.20
CA GLY H 285 -13.99 36.34 -2.89
C GLY H 285 -12.61 35.87 -2.47
N ALA H 286 -12.28 34.63 -2.85
CA ALA H 286 -11.01 34.01 -2.50
C ALA H 286 -9.79 34.75 -3.04
N GLU H 287 -9.91 35.26 -4.26
CA GLU H 287 -8.85 36.06 -4.86
C GLU H 287 -8.75 37.41 -4.16
N LEU H 288 -9.91 38.01 -3.92
CA LEU H 288 -9.99 39.29 -3.23
C LEU H 288 -9.33 39.23 -1.86
N VAL H 289 -9.67 38.21 -1.08
CA VAL H 289 -9.07 38.00 0.22
C VAL H 289 -7.55 37.85 0.08
N SER H 290 -7.13 37.05 -0.90
CA SER H 290 -5.71 36.82 -1.15
C SER H 290 -4.95 38.10 -1.48
N LEU H 291 -5.56 38.95 -2.30
CA LEU H 291 -4.94 40.22 -2.70
C LEU H 291 -4.82 41.17 -1.54
N VAL H 292 -5.89 41.28 -0.76
CA VAL H 292 -5.92 42.14 0.42
C VAL H 292 -4.88 41.65 1.42
N GLN H 293 -4.86 40.34 1.65
CA GLN H 293 -3.93 39.72 2.57
C GLN H 293 -2.47 40.01 2.18
N GLU H 294 -2.19 39.99 0.87
CA GLU H 294 -0.84 40.23 0.36
C GLU H 294 -0.39 41.67 0.56
N HIS H 295 -1.29 42.62 0.32
CA HIS H 295 -0.91 44.02 0.24
C HIS H 295 -1.21 44.83 1.49
N CYS H 296 -2.02 44.28 2.39
CA CYS H 296 -2.42 45.02 3.59
C CYS H 296 -2.20 44.21 4.87
N PHE H 297 -1.21 43.31 4.84
CA PHE H 297 -1.03 42.35 5.91
C PHE H 297 -0.79 42.99 7.26
N HIS H 298 0.14 43.94 7.30
CA HIS H 298 0.48 44.63 8.53
C HIS H 298 -0.58 45.63 8.97
N HIS H 299 -1.35 46.18 8.02
CA HIS H 299 -2.43 47.09 8.39
C HIS H 299 -3.69 46.39 8.85
N LEU H 300 -3.68 45.07 8.79
CA LEU H 300 -4.88 44.27 9.04
C LEU H 300 -5.12 44.09 10.53
N GLU H 301 -6.23 44.65 11.03
CA GLU H 301 -6.52 44.60 12.46
C GLU H 301 -7.41 43.43 12.88
N ALA H 302 -7.75 42.55 11.93
CA ALA H 302 -8.61 41.40 12.16
C ALA H 302 -8.63 40.49 10.91
N PRO H 303 -9.07 39.23 11.04
CA PRO H 303 -9.17 38.35 9.88
C PRO H 303 -10.22 38.85 8.89
N ILE H 304 -9.91 38.75 7.60
CA ILE H 304 -10.82 39.13 6.52
C ILE H 304 -11.94 38.11 6.44
N GLU H 305 -13.17 38.60 6.53
CA GLU H 305 -14.33 37.72 6.49
C GLU H 305 -14.90 37.71 5.09
N ARG H 306 -15.67 36.68 4.77
CA ARG H 306 -16.43 36.70 3.52
C ARG H 306 -17.83 36.15 3.66
N VAL H 307 -18.81 36.98 3.31
CA VAL H 307 -20.21 36.60 3.42
C VAL H 307 -20.74 36.33 2.03
N THR H 308 -21.01 35.07 1.75
CA THR H 308 -21.37 34.64 0.41
C THR H 308 -22.55 33.68 0.40
N GLY H 309 -22.86 33.14 -0.76
CA GLY H 309 -23.81 32.04 -0.86
C GLY H 309 -23.19 30.77 -0.30
N TRP H 310 -24.01 29.86 0.20
CA TRP H 310 -23.52 28.61 0.73
C TRP H 310 -22.99 27.73 -0.40
N ASP H 311 -22.10 26.80 -0.07
CA ASP H 311 -21.58 25.87 -1.06
C ASP H 311 -22.63 24.83 -1.43
N THR H 312 -23.67 25.32 -2.09
CA THR H 312 -24.81 24.49 -2.42
C THR H 312 -25.41 25.01 -3.73
N PRO H 313 -26.04 24.15 -4.53
CA PRO H 313 -26.79 24.62 -5.69
C PRO H 313 -27.95 25.50 -5.21
N TYR H 314 -28.25 26.55 -5.98
CA TYR H 314 -29.24 27.54 -5.60
C TYR H 314 -30.64 26.95 -5.50
N PRO H 315 -31.19 26.93 -4.28
CA PRO H 315 -32.48 26.32 -4.04
C PRO H 315 -33.63 27.28 -4.36
N HIS H 316 -34.83 26.73 -4.43
CA HIS H 316 -36.02 27.50 -4.75
C HIS H 316 -36.72 28.01 -3.50
N ALA H 317 -37.26 27.08 -2.70
CA ALA H 317 -38.02 27.44 -1.51
C ALA H 317 -37.17 28.12 -0.46
N GLN H 318 -35.93 27.66 -0.34
CA GLN H 318 -35.01 28.20 0.67
C GLN H 318 -34.34 29.49 0.21
N GLU H 319 -34.92 30.11 -0.82
CA GLU H 319 -34.38 31.32 -1.45
C GLU H 319 -33.71 32.30 -0.48
N TRP H 320 -34.43 32.72 0.56
CA TRP H 320 -33.97 33.77 1.46
C TRP H 320 -33.07 33.27 2.58
N ALA H 321 -33.03 31.95 2.74
CA ALA H 321 -32.10 31.33 3.66
C ALA H 321 -30.74 31.21 2.98
N TYR H 322 -30.74 31.15 1.65
CA TYR H 322 -29.49 31.08 0.91
C TYR H 322 -28.87 32.46 0.71
N PHE H 323 -29.62 33.33 0.04
CA PHE H 323 -29.15 34.66 -0.36
C PHE H 323 -28.58 35.45 0.80
N PRO H 324 -27.36 35.97 0.64
CA PRO H 324 -26.74 36.80 1.67
C PRO H 324 -27.45 38.15 1.79
N GLY H 325 -28.42 38.22 2.68
CA GLY H 325 -29.19 39.44 2.93
C GLY H 325 -28.57 40.32 4.00
N PRO H 326 -29.25 41.42 4.31
CA PRO H 326 -28.75 42.43 5.25
C PRO H 326 -28.48 41.89 6.65
N SER H 327 -29.18 40.84 7.04
CA SER H 327 -28.97 40.25 8.36
C SER H 327 -27.63 39.51 8.46
N ARG H 328 -27.36 38.68 7.46
CA ARG H 328 -26.14 37.86 7.43
C ARG H 328 -24.87 38.67 7.13
N VAL H 329 -25.02 39.72 6.33
CA VAL H 329 -23.92 40.65 6.03
C VAL H 329 -23.67 41.55 7.24
N GLY H 330 -24.75 42.03 7.85
CA GLY H 330 -24.67 42.86 9.05
C GLY H 330 -23.94 42.19 10.20
N ALA H 331 -24.27 40.92 10.44
CA ALA H 331 -23.64 40.14 11.50
C ALA H 331 -22.13 40.01 11.30
N ALA H 332 -21.72 39.89 10.04
CA ALA H 332 -20.30 39.84 9.70
C ALA H 332 -19.63 41.18 9.99
N LEU H 333 -20.36 42.27 9.78
CA LEU H 333 -19.82 43.62 10.02
C LEU H 333 -19.54 43.85 11.49
N LYS H 334 -20.29 43.17 12.36
CA LYS H 334 -20.02 43.23 13.79
C LYS H 334 -18.90 42.28 14.18
N LYS H 335 -18.91 41.09 13.59
CA LYS H 335 -17.89 40.09 13.88
C LYS H 335 -16.49 40.62 13.62
N VAL H 336 -16.31 41.37 12.53
CA VAL H 336 -15.00 41.95 12.25
C VAL H 336 -14.63 43.05 13.23
N MET H 337 -15.61 43.85 13.63
CA MET H 337 -15.34 44.96 14.53
C MET H 337 -15.18 44.50 15.98
N GLU H 338 -15.02 43.20 16.19
CA GLU H 338 -14.84 42.66 17.53
C GLU H 338 -13.38 42.53 17.92
N VAL H 339 -13.10 42.80 19.19
CA VAL H 339 -11.75 42.66 19.72
C VAL H 339 -11.57 41.27 20.34
#